data_1W88
#
_entry.id   1W88
#
_cell.length_a   92.180
_cell.length_b   133.690
_cell.length_c   245.610
_cell.angle_alpha   90.00
_cell.angle_beta   90.00
_cell.angle_gamma   90.00
#
_symmetry.space_group_name_H-M   'P 21 21 21'
#
loop_
_entity.id
_entity.type
_entity.pdbx_description
1 polymer 'PYRUVATE DEHYDROGENASE E1 COMPONENT, ALPHA SUBUNIT'
2 polymer 'PYRUVATE DEHYDROGENASE E1 COMPONENT, BETA SUBUNIT'
3 polymer 'DIHYDROLIPOYLLYSINE-RESIDUE ACETYLTRANSFERASE COMPONENT OF PYRUVATE'
4 non-polymer 'MAGNESIUM ION'
5 non-polymer 'THIAMINE DIPHOSPHATE'
6 water water
#
loop_
_entity_poly.entity_id
_entity_poly.type
_entity_poly.pdbx_seq_one_letter_code
_entity_poly.pdbx_strand_id
1 'polypeptide(L)'
;GVKTFQFPFAEQLEKVAEQFPTFQILNEEGEVVNEEAMPELSDEQLKELMRRMVYTRILDQRSISLNRQGRLGFYAPTAG
QEASQIASHFALEKEDFILPGYRDVPQIIWHGLPLYQAFLFSRGHFHGNQIPEGVNVLPPQIIIGAQYIQAAGVALGLKM
RGKKAVAITYTGDGGTSQGNFYQGINFAGAFKAPAIFVVQNNRFAISTPVEKQTVAKTLAQKAVAAGIPGIQVDGMDPLA
VYAAVKAARERAINGEGPTLIETLCFRYGPHTMSGDDPTRYRSKELENEWAKKDPLVRFRKFLEAKGLWSEEEENNVIEQ
AKEEIKEAIKKADETPKQKVTDLISIMFEELPFNLKEQYEIYKEKESK
;
A,C,E,G
2 'polypeptide(L)'
;AQMTMVQAITDALRIELKNDPNVLIFGEDVGVNGGVFRATEGLQAEFGEDRVFDTPLAESGIGGLAIGLALQGFRPVPEI
QFFGFVYEVMDSICGQMARIRYRTGGRYHMPITIRSPFGGGVHTPELHSDSLEGLVAQQPGLKVVIPSTPYDAKGLLISA
IRDNDPVIFLEHLKLYRSFRQEVPEGEYTIPIGKADIKREGKDITIIAYGAMVHESLKAAAELEKEGISAEVVDLRTVQP
LDIETIIGSVEKTGRAIVVQEAQRQAGIAANVVAEINERAILSLEAPVLRVAAPDTVYPFAQAESVWLPNFKDVIETAKK
VMNF
;
B,D,F,H
3 'polypeptide(L)' AGPNRRVIAMPSVRKYAREKGVDIRLVQGTGKNGRVLKEDIDAFLAGGA I,J
#
loop_
_chem_comp.id
_chem_comp.type
_chem_comp.name
_chem_comp.formula
MG non-polymer 'MAGNESIUM ION' 'Mg 2'
TPP non-polymer 'THIAMINE DIPHOSPHATE' 'C12 H19 N4 O7 P2 S 1'
#
# COMPACT_ATOMS: atom_id res chain seq x y z
N PHE A 5 -38.60 34.52 18.39
CA PHE A 5 -38.73 34.20 16.94
C PHE A 5 -37.62 33.25 16.48
N GLN A 6 -37.99 32.35 15.57
CA GLN A 6 -37.07 31.41 14.92
C GLN A 6 -37.45 31.27 13.45
N PHE A 7 -36.49 31.42 12.55
CA PHE A 7 -36.73 31.12 11.13
C PHE A 7 -37.08 29.64 10.97
N PRO A 8 -38.03 29.32 10.07
CA PRO A 8 -38.48 27.94 9.93
C PRO A 8 -37.52 27.10 9.08
N PHE A 9 -36.26 27.00 9.50
CA PHE A 9 -35.22 26.36 8.70
C PHE A 9 -35.42 24.85 8.47
N ALA A 10 -35.82 24.14 9.52
CA ALA A 10 -36.05 22.70 9.46
C ALA A 10 -37.18 22.39 8.50
N GLU A 11 -38.26 23.17 8.62
CA GLU A 11 -39.41 23.11 7.71
C GLU A 11 -38.99 23.30 6.26
N GLN A 12 -38.17 24.32 6.00
CA GLN A 12 -37.60 24.59 4.69
C GLN A 12 -36.93 23.38 4.05
N LEU A 13 -36.07 22.74 4.83
CA LEU A 13 -35.34 21.53 4.43
C LEU A 13 -36.30 20.39 4.11
N GLU A 14 -37.30 20.19 4.98
CA GLU A 14 -38.33 19.18 4.79
C GLU A 14 -39.20 19.47 3.57
N LYS A 15 -39.54 20.74 3.39
CA LYS A 15 -40.39 21.14 2.29
C LYS A 15 -39.74 20.88 0.94
N VAL A 16 -38.44 21.16 0.85
CA VAL A 16 -37.69 20.96 -0.40
C VAL A 16 -37.47 19.47 -0.68
N ALA A 17 -37.23 18.69 0.37
CA ALA A 17 -37.10 17.24 0.27
C ALA A 17 -38.35 16.60 -0.33
N GLU A 18 -39.52 17.07 0.10
CA GLU A 18 -40.80 16.56 -0.38
C GLU A 18 -40.99 16.72 -1.89
N GLN A 19 -40.22 17.64 -2.49
CA GLN A 19 -40.29 17.91 -3.92
C GLN A 19 -39.41 16.97 -4.73
N PHE A 20 -38.59 16.18 -4.05
CA PHE A 20 -37.67 15.26 -4.74
C PHE A 20 -37.76 13.81 -4.25
N PRO A 21 -38.94 13.17 -4.46
CA PRO A 21 -39.10 11.78 -4.11
C PRO A 21 -38.57 10.91 -5.24
N THR A 22 -38.11 9.71 -4.91
CA THR A 22 -37.56 8.81 -5.90
C THR A 22 -38.66 8.30 -6.84
N PHE A 23 -38.45 8.50 -8.13
CA PHE A 23 -39.34 8.02 -9.18
C PHE A 23 -39.02 6.56 -9.46
N GLN A 24 -40.04 5.71 -9.41
CA GLN A 24 -39.89 4.27 -9.69
C GLN A 24 -41.11 3.68 -10.37
N ILE A 25 -40.87 2.81 -11.36
CA ILE A 25 -41.94 2.10 -12.06
C ILE A 25 -41.93 0.59 -11.78
N LEU A 26 -40.76 -0.04 -11.87
CA LEU A 26 -40.58 -1.45 -11.51
C LEU A 26 -39.81 -1.64 -10.21
N ASN A 27 -40.34 -2.48 -9.33
CA ASN A 27 -39.62 -2.89 -8.13
C ASN A 27 -38.64 -4.02 -8.45
N GLU A 28 -37.87 -4.44 -7.45
CA GLU A 28 -36.86 -5.49 -7.61
C GLU A 28 -37.41 -6.83 -8.11
N GLU A 29 -38.71 -7.05 -7.92
CA GLU A 29 -39.39 -8.27 -8.35
C GLU A 29 -39.94 -8.20 -9.78
N GLY A 30 -39.74 -7.06 -10.44
CA GLY A 30 -40.17 -6.89 -11.82
C GLY A 30 -41.66 -6.63 -11.95
N GLU A 31 -42.27 -6.23 -10.84
CA GLU A 31 -43.68 -5.86 -10.81
C GLU A 31 -43.86 -4.36 -11.00
N VAL A 32 -44.94 -3.97 -11.66
CA VAL A 32 -45.22 -2.57 -11.95
C VAL A 32 -45.87 -1.90 -10.72
N VAL A 33 -45.15 -0.95 -10.12
CA VAL A 33 -45.65 -0.22 -8.94
C VAL A 33 -46.23 1.15 -9.29
N ASN A 34 -46.19 1.50 -10.58
CA ASN A 34 -46.70 2.78 -11.05
C ASN A 34 -47.23 2.72 -12.50
N GLU A 35 -48.47 2.25 -12.65
CA GLU A 35 -49.10 2.11 -13.97
C GLU A 35 -49.28 3.45 -14.68
N GLU A 36 -49.72 4.46 -13.93
CA GLU A 36 -49.94 5.82 -14.44
C GLU A 36 -48.73 6.38 -15.19
N ALA A 37 -47.52 6.05 -14.72
CA ALA A 37 -46.27 6.57 -15.30
C ALA A 37 -45.57 5.63 -16.28
N MET A 38 -46.13 4.43 -16.47
CA MET A 38 -45.58 3.44 -17.42
C MET A 38 -45.44 4.04 -18.81
N PRO A 39 -44.22 3.99 -19.39
CA PRO A 39 -44.02 4.54 -20.73
C PRO A 39 -44.55 3.63 -21.83
N GLU A 40 -44.95 4.24 -22.95
CA GLU A 40 -45.51 3.52 -24.10
C GLU A 40 -44.39 2.98 -24.98
N LEU A 41 -44.12 1.69 -24.84
CA LEU A 41 -43.09 1.02 -25.65
C LEU A 41 -43.63 -0.28 -26.22
N SER A 42 -43.35 -0.52 -27.49
CA SER A 42 -43.76 -1.76 -28.14
C SER A 42 -43.00 -2.93 -27.55
N ASP A 43 -43.57 -4.13 -27.72
CA ASP A 43 -42.96 -5.36 -27.22
C ASP A 43 -41.55 -5.59 -27.77
N GLU A 44 -41.28 -5.10 -28.97
CA GLU A 44 -39.95 -5.22 -29.58
C GLU A 44 -38.95 -4.19 -29.03
N GLN A 45 -39.47 -3.02 -28.67
CA GLN A 45 -38.67 -1.99 -28.01
C GLN A 45 -38.24 -2.48 -26.62
N LEU A 46 -39.20 -3.06 -25.89
CA LEU A 46 -38.94 -3.70 -24.60
C LEU A 46 -37.91 -4.83 -24.67
N LYS A 47 -37.90 -5.58 -25.78
CA LYS A 47 -36.93 -6.65 -25.99
C LYS A 47 -35.55 -6.12 -26.40
N GLU A 48 -35.54 -5.06 -27.20
CA GLU A 48 -34.31 -4.40 -27.61
C GLU A 48 -33.57 -3.80 -26.41
N LEU A 49 -34.33 -3.16 -25.52
CA LEU A 49 -33.75 -2.53 -24.35
C LEU A 49 -33.04 -3.59 -23.51
N MET A 50 -33.68 -4.74 -23.34
CA MET A 50 -33.08 -5.89 -22.64
C MET A 50 -31.89 -6.47 -23.40
N ARG A 51 -31.95 -6.48 -24.73
CA ARG A 51 -30.82 -6.98 -25.49
C ARG A 51 -29.59 -6.10 -25.22
N ARG A 52 -29.77 -4.79 -25.32
CA ARG A 52 -28.68 -3.84 -25.17
C ARG A 52 -28.08 -3.85 -23.75
N MET A 53 -28.93 -3.93 -22.73
CA MET A 53 -28.48 -4.04 -21.34
C MET A 53 -27.70 -5.32 -21.06
N VAL A 54 -28.21 -6.47 -21.56
CA VAL A 54 -27.47 -7.74 -21.48
C VAL A 54 -26.15 -7.65 -22.25
N TYR A 55 -26.19 -7.04 -23.43
CA TYR A 55 -24.99 -6.83 -24.25
C TYR A 55 -23.94 -6.03 -23.45
N THR A 56 -24.40 -4.94 -22.81
CA THR A 56 -23.54 -4.04 -22.04
C THR A 56 -22.88 -4.72 -20.84
N ARG A 57 -23.66 -5.55 -20.14
CA ARG A 57 -23.14 -6.35 -19.02
C ARG A 57 -21.96 -7.21 -19.47
N ILE A 58 -22.11 -7.86 -20.63
CA ILE A 58 -21.10 -8.75 -21.17
C ILE A 58 -19.90 -7.93 -21.63
N LEU A 59 -20.18 -6.78 -22.22
CA LEU A 59 -19.13 -5.83 -22.62
C LEU A 59 -18.26 -5.43 -21.42
N ASP A 60 -18.91 -5.19 -20.29
CA ASP A 60 -18.19 -4.86 -19.08
C ASP A 60 -17.32 -6.02 -18.60
N GLN A 61 -17.90 -7.22 -18.52
CA GLN A 61 -17.17 -8.43 -18.13
C GLN A 61 -15.95 -8.66 -19.02
N ARG A 62 -16.15 -8.61 -20.35
CA ARG A 62 -15.06 -8.78 -21.31
C ARG A 62 -14.00 -7.67 -21.20
N SER A 63 -14.42 -6.41 -21.07
CA SER A 63 -13.48 -5.27 -20.92
C SER A 63 -12.60 -5.37 -19.67
N ILE A 64 -13.21 -5.69 -18.53
CA ILE A 64 -12.47 -5.98 -17.29
C ILE A 64 -11.41 -7.07 -17.53
N SER A 65 -11.86 -8.20 -18.09
CA SER A 65 -10.97 -9.29 -18.45
C SER A 65 -9.82 -8.79 -19.32
N LEU A 66 -10.16 -8.15 -20.44
CA LEU A 66 -9.19 -7.68 -21.43
C LEU A 66 -8.17 -6.71 -20.85
N ASN A 67 -8.61 -5.87 -19.92
CA ASN A 67 -7.72 -4.93 -19.24
C ASN A 67 -6.67 -5.65 -18.38
N ARG A 68 -7.14 -6.61 -17.59
CA ARG A 68 -6.27 -7.47 -16.79
C ARG A 68 -5.25 -8.24 -17.63
N GLN A 69 -5.64 -8.61 -18.86
CA GLN A 69 -4.75 -9.32 -19.78
C GLN A 69 -3.78 -8.35 -20.46
N GLY A 70 -4.00 -7.05 -20.27
CA GLY A 70 -3.21 -6.02 -20.92
C GLY A 70 -3.67 -5.69 -22.34
N ARG A 71 -4.87 -6.16 -22.70
CA ARG A 71 -5.44 -5.97 -24.05
C ARG A 71 -6.20 -4.65 -24.20
N LEU A 72 -6.58 -4.06 -23.07
CA LEU A 72 -7.16 -2.72 -23.00
C LEU A 72 -6.36 -1.89 -21.99
N GLY A 73 -6.50 -0.57 -22.05
CA GLY A 73 -5.83 0.33 -21.11
C GLY A 73 -6.78 0.82 -20.04
N PHE A 74 -6.95 2.13 -19.95
CA PHE A 74 -7.92 2.74 -19.05
C PHE A 74 -9.32 2.17 -19.30
N TYR A 75 -9.95 1.68 -18.24
CA TYR A 75 -11.31 1.20 -18.32
C TYR A 75 -12.05 1.45 -17.01
N ALA A 76 -13.18 2.16 -17.13
CA ALA A 76 -14.07 2.44 -16.00
C ALA A 76 -15.30 1.51 -16.08
N PRO A 77 -15.37 0.52 -15.17
CA PRO A 77 -16.47 -0.47 -15.16
C PRO A 77 -17.87 0.13 -15.06
N THR A 78 -18.83 -0.50 -15.76
CA THR A 78 -20.19 0.01 -15.86
C THR A 78 -21.26 -0.97 -15.34
N ALA A 79 -20.86 -2.15 -14.88
CA ALA A 79 -21.82 -3.20 -14.48
C ALA A 79 -22.66 -2.75 -13.32
N GLY A 80 -23.98 -2.87 -13.49
CA GLY A 80 -24.94 -2.41 -12.51
C GLY A 80 -25.63 -1.12 -12.94
N GLN A 81 -25.03 -0.40 -13.87
CA GLN A 81 -25.55 0.90 -14.30
C GLN A 81 -26.33 0.84 -15.59
N GLU A 82 -26.50 -0.37 -16.14
CA GLU A 82 -27.15 -0.59 -17.45
C GLU A 82 -28.46 0.20 -17.63
N ALA A 83 -29.38 0.11 -16.67
CA ALA A 83 -30.60 0.93 -16.74
C ALA A 83 -30.31 2.42 -16.91
N SER A 84 -29.48 2.97 -16.04
CA SER A 84 -29.08 4.39 -16.09
C SER A 84 -28.40 4.76 -17.40
N GLN A 85 -27.49 3.93 -17.88
CA GLN A 85 -26.77 4.22 -19.12
C GLN A 85 -27.57 3.88 -20.41
N ILE A 86 -28.18 2.70 -20.43
CA ILE A 86 -28.78 2.16 -21.65
C ILE A 86 -30.21 2.65 -21.87
N ALA A 87 -31.03 2.60 -20.82
CA ALA A 87 -32.42 3.03 -20.88
C ALA A 87 -32.52 4.53 -21.09
N SER A 88 -31.47 5.26 -20.70
CA SER A 88 -31.44 6.70 -20.88
C SER A 88 -31.07 6.98 -22.33
N HIS A 89 -30.11 6.25 -22.86
CA HIS A 89 -29.77 6.39 -24.28
C HIS A 89 -30.95 6.03 -25.20
N PHE A 90 -31.78 5.10 -24.74
CA PHE A 90 -32.90 4.59 -25.52
C PHE A 90 -33.95 5.66 -25.80
N ALA A 91 -34.03 6.66 -24.92
CA ALA A 91 -35.03 7.71 -25.05
C ALA A 91 -34.60 8.81 -26.04
N LEU A 92 -33.43 8.63 -26.64
CA LEU A 92 -32.85 9.61 -27.55
C LEU A 92 -33.09 9.26 -29.02
N GLU A 93 -32.78 10.21 -29.90
CA GLU A 93 -32.84 10.05 -31.35
C GLU A 93 -31.44 10.30 -31.89
N LYS A 94 -31.19 9.95 -33.15
CA LYS A 94 -29.85 10.11 -33.74
C LYS A 94 -29.38 11.58 -33.85
N GLU A 95 -30.35 12.48 -33.91
CA GLU A 95 -30.11 13.92 -34.02
C GLU A 95 -29.49 14.48 -32.73
N ASP A 96 -29.81 13.82 -31.62
CA ASP A 96 -29.34 14.20 -30.30
C ASP A 96 -27.83 14.05 -30.18
N PHE A 97 -27.23 15.02 -29.49
CA PHE A 97 -25.77 15.07 -29.28
C PHE A 97 -25.44 14.62 -27.85
N ILE A 98 -24.57 13.61 -27.74
CA ILE A 98 -24.12 13.11 -26.42
C ILE A 98 -22.73 13.63 -26.05
N LEU A 99 -22.61 14.15 -24.84
CA LEU A 99 -21.32 14.54 -24.30
C LEU A 99 -21.03 13.63 -23.12
N PRO A 100 -20.31 12.50 -23.36
CA PRO A 100 -20.08 11.51 -22.32
C PRO A 100 -18.95 11.89 -21.36
N GLY A 101 -19.06 11.43 -20.11
CA GLY A 101 -17.90 11.36 -19.22
C GLY A 101 -17.07 10.10 -19.48
N TYR A 102 -15.99 9.92 -18.72
CA TYR A 102 -15.03 8.80 -18.95
C TYR A 102 -15.64 7.38 -18.90
N ARG A 103 -16.75 7.24 -18.18
CA ARG A 103 -17.37 5.94 -17.89
C ARG A 103 -18.57 5.67 -18.80
N ASP A 104 -18.89 6.65 -19.64
CA ASP A 104 -20.12 6.60 -20.47
C ASP A 104 -19.84 6.20 -21.94
N VAL A 105 -18.97 5.21 -22.11
CA VAL A 105 -18.63 4.65 -23.42
C VAL A 105 -19.82 3.87 -24.07
N PRO A 106 -20.59 3.07 -23.28
CA PRO A 106 -21.75 2.34 -23.80
C PRO A 106 -22.78 3.21 -24.54
N GLN A 107 -23.17 4.34 -23.95
CA GLN A 107 -24.09 5.29 -24.59
C GLN A 107 -23.62 5.73 -25.97
N ILE A 108 -22.32 5.96 -26.14
CA ILE A 108 -21.81 6.41 -27.43
C ILE A 108 -21.58 5.27 -28.42
N ILE A 109 -21.39 4.05 -27.91
CA ILE A 109 -21.33 2.87 -28.76
C ILE A 109 -22.71 2.67 -29.40
N TRP A 110 -23.75 2.67 -28.58
CA TRP A 110 -25.11 2.51 -29.06
C TRP A 110 -25.59 3.65 -29.94
N HIS A 111 -24.97 4.83 -29.78
CA HIS A 111 -25.28 5.98 -30.59
C HIS A 111 -24.52 5.93 -31.91
N GLY A 112 -23.64 4.94 -32.05
CA GLY A 112 -23.06 4.66 -33.35
C GLY A 112 -21.55 4.69 -33.43
N LEU A 113 -20.86 4.91 -32.30
CA LEU A 113 -19.40 4.75 -32.32
C LEU A 113 -19.07 3.26 -32.47
N PRO A 114 -18.30 2.89 -33.51
CA PRO A 114 -17.93 1.48 -33.66
C PRO A 114 -17.17 0.95 -32.44
N LEU A 115 -17.48 -0.28 -32.05
CA LEU A 115 -16.90 -0.91 -30.87
C LEU A 115 -15.38 -0.85 -30.85
N TYR A 116 -14.74 -1.15 -31.98
CA TYR A 116 -13.29 -1.20 -32.01
C TYR A 116 -12.68 0.19 -31.73
N GLN A 117 -13.39 1.25 -32.12
CA GLN A 117 -12.93 2.62 -31.84
C GLN A 117 -13.05 2.92 -30.34
N ALA A 118 -14.08 2.37 -29.69
CA ALA A 118 -14.22 2.46 -28.24
C ALA A 118 -13.06 1.78 -27.52
N PHE A 119 -12.59 0.67 -28.06
CA PHE A 119 -11.43 -0.02 -27.51
C PHE A 119 -10.12 0.73 -27.76
N LEU A 120 -10.04 1.43 -28.88
CA LEU A 120 -8.88 2.24 -29.19
C LEU A 120 -8.82 3.50 -28.32
N PHE A 121 -9.99 3.94 -27.82
CA PHE A 121 -10.02 5.01 -26.83
C PHE A 121 -9.37 4.49 -25.55
N SER A 122 -9.86 3.36 -25.05
CA SER A 122 -9.33 2.73 -23.86
C SER A 122 -7.82 2.55 -23.89
N ARG A 123 -7.30 2.11 -25.02
CA ARG A 123 -5.85 1.86 -25.17
C ARG A 123 -5.06 3.15 -25.28
N GLY A 124 -5.70 4.19 -25.80
CA GLY A 124 -5.03 5.46 -25.97
C GLY A 124 -4.45 5.61 -27.35
N HIS A 125 -5.36 5.70 -28.33
CA HIS A 125 -5.02 5.82 -29.75
C HIS A 125 -5.90 6.93 -30.31
N PHE A 126 -5.34 7.83 -31.11
CA PHE A 126 -6.10 8.98 -31.63
C PHE A 126 -7.27 8.58 -32.50
N HIS A 127 -7.16 7.39 -33.10
CA HIS A 127 -8.19 6.91 -34.02
C HIS A 127 -9.49 6.52 -33.34
N GLY A 128 -9.39 6.12 -32.06
CA GLY A 128 -10.58 5.84 -31.24
C GLY A 128 -11.47 7.05 -31.03
N ASN A 129 -10.87 8.24 -31.17
CA ASN A 129 -11.63 9.49 -31.06
C ASN A 129 -12.03 10.12 -32.41
N GLN A 130 -11.67 9.46 -33.51
CA GLN A 130 -12.08 9.90 -34.84
C GLN A 130 -13.52 9.46 -35.16
N ILE A 131 -14.47 10.04 -34.43
CA ILE A 131 -15.91 9.77 -34.56
C ILE A 131 -16.37 9.83 -36.04
N PRO A 132 -17.28 8.92 -36.46
CA PRO A 132 -17.85 8.98 -37.80
C PRO A 132 -18.80 10.17 -37.99
N GLU A 133 -18.88 10.66 -39.22
CA GLU A 133 -19.82 11.72 -39.56
C GLU A 133 -21.23 11.21 -39.38
N GLY A 134 -22.10 12.07 -38.86
CA GLY A 134 -23.50 11.71 -38.58
C GLY A 134 -23.72 11.15 -37.19
N VAL A 135 -22.64 10.69 -36.55
CA VAL A 135 -22.69 10.23 -35.15
C VAL A 135 -22.42 11.42 -34.22
N ASN A 136 -23.44 11.80 -33.46
CA ASN A 136 -23.41 13.05 -32.69
C ASN A 136 -22.94 12.82 -31.25
N VAL A 137 -21.63 12.59 -31.12
CA VAL A 137 -21.03 12.32 -29.82
C VAL A 137 -19.63 12.94 -29.77
N LEU A 138 -19.15 13.19 -28.56
CA LEU A 138 -17.75 13.52 -28.31
C LEU A 138 -17.07 12.29 -27.72
N PRO A 139 -15.73 12.20 -27.84
CA PRO A 139 -14.94 11.23 -27.06
C PRO A 139 -15.20 11.37 -25.54
N PRO A 140 -15.07 10.27 -24.77
CA PRO A 140 -15.33 10.42 -23.33
C PRO A 140 -14.49 11.56 -22.71
N GLN A 141 -15.10 12.33 -21.81
CA GLN A 141 -14.44 13.48 -21.15
C GLN A 141 -13.74 13.08 -19.86
N ILE A 142 -12.42 13.23 -19.81
CA ILE A 142 -11.70 12.84 -18.60
C ILE A 142 -11.73 13.93 -17.50
N ILE A 143 -11.78 15.21 -17.89
CA ILE A 143 -11.95 16.29 -16.91
C ILE A 143 -13.38 16.41 -16.37
N ILE A 144 -13.54 16.10 -15.09
CA ILE A 144 -14.85 16.01 -14.49
C ILE A 144 -15.55 17.36 -14.48
N GLY A 145 -16.70 17.42 -15.15
CA GLY A 145 -17.54 18.61 -15.17
C GLY A 145 -17.43 19.43 -16.44
N ALA A 146 -16.33 19.26 -17.17
CA ALA A 146 -16.08 20.03 -18.39
C ALA A 146 -17.19 19.79 -19.44
N GLN A 147 -17.73 18.57 -19.46
CA GLN A 147 -18.77 18.22 -20.40
C GLN A 147 -20.09 18.96 -20.11
N TYR A 148 -20.30 19.34 -18.84
CA TYR A 148 -21.51 20.03 -18.44
C TYR A 148 -21.65 21.44 -18.99
N ILE A 149 -20.57 22.23 -18.93
CA ILE A 149 -20.57 23.58 -19.56
C ILE A 149 -20.53 23.47 -21.07
N GLN A 150 -19.91 22.42 -21.59
CA GLN A 150 -19.86 22.24 -23.04
C GLN A 150 -21.25 21.86 -23.59
N ALA A 151 -22.00 21.06 -22.81
CA ALA A 151 -23.37 20.66 -23.17
C ALA A 151 -24.32 21.83 -23.24
N ALA A 152 -24.12 22.84 -22.37
CA ALA A 152 -24.93 24.04 -22.39
C ALA A 152 -24.75 24.76 -23.73
N GLY A 153 -23.52 24.82 -24.21
CA GLY A 153 -23.22 25.43 -25.48
C GLY A 153 -23.73 24.66 -26.68
N VAL A 154 -23.75 23.33 -26.59
CA VAL A 154 -24.25 22.49 -27.69
C VAL A 154 -25.75 22.70 -27.82
N ALA A 155 -26.44 22.57 -26.69
CA ALA A 155 -27.86 22.84 -26.55
C ALA A 155 -28.22 24.23 -27.09
N LEU A 156 -27.49 25.26 -26.67
CA LEU A 156 -27.70 26.61 -27.18
C LEU A 156 -27.59 26.63 -28.70
N GLY A 157 -26.56 25.96 -29.22
CA GLY A 157 -26.30 25.90 -30.66
C GLY A 157 -27.40 25.14 -31.39
N LEU A 158 -28.07 24.24 -30.68
CA LEU A 158 -29.12 23.44 -31.28
C LEU A 158 -30.35 24.31 -31.45
N LYS A 159 -30.67 25.05 -30.39
CA LYS A 159 -31.76 26.01 -30.31
C LYS A 159 -31.61 27.13 -31.33
N MET A 160 -30.37 27.57 -31.53
CA MET A 160 -30.06 28.61 -32.51
C MET A 160 -30.28 28.19 -33.96
N ARG A 161 -29.98 26.94 -34.28
CA ARG A 161 -30.17 26.45 -35.64
C ARG A 161 -31.60 25.95 -35.87
N GLY A 162 -32.41 25.98 -34.80
CA GLY A 162 -33.79 25.57 -34.85
C GLY A 162 -34.08 24.08 -34.79
N LYS A 163 -33.03 23.26 -34.69
CA LYS A 163 -33.14 21.78 -34.72
C LYS A 163 -33.96 21.15 -33.58
N LYS A 164 -34.59 20.01 -33.87
CA LYS A 164 -35.49 19.34 -32.92
C LYS A 164 -34.77 18.26 -32.10
N ALA A 165 -33.52 18.56 -31.75
CA ALA A 165 -32.64 17.65 -31.04
C ALA A 165 -32.28 18.20 -29.67
N VAL A 166 -31.82 17.32 -28.77
CA VAL A 166 -31.26 17.76 -27.50
C VAL A 166 -29.77 17.43 -27.39
N ALA A 167 -29.07 18.17 -26.53
CA ALA A 167 -27.78 17.75 -25.99
C ALA A 167 -28.05 17.01 -24.69
N ILE A 168 -27.36 15.90 -24.48
CA ILE A 168 -27.47 15.17 -23.22
C ILE A 168 -26.06 14.90 -22.69
N THR A 169 -25.88 15.02 -21.39
CA THR A 169 -24.58 14.76 -20.81
C THR A 169 -24.70 14.03 -19.47
N TYR A 170 -23.62 13.39 -19.07
CA TYR A 170 -23.58 12.51 -17.92
C TYR A 170 -22.43 12.87 -16.98
N THR A 171 -22.69 12.82 -15.68
CA THR A 171 -21.61 12.91 -14.68
C THR A 171 -21.95 12.04 -13.46
N GLY A 172 -20.97 11.78 -12.60
CA GLY A 172 -21.18 10.96 -11.39
C GLY A 172 -21.58 11.83 -10.21
N ASP A 173 -21.85 11.20 -9.07
CA ASP A 173 -22.19 11.89 -7.82
C ASP A 173 -21.08 12.83 -7.35
N GLY A 174 -19.82 12.44 -7.57
CA GLY A 174 -18.66 13.26 -7.24
C GLY A 174 -18.63 14.55 -8.05
N GLY A 175 -18.87 14.42 -9.36
CA GLY A 175 -18.90 15.57 -10.28
C GLY A 175 -19.89 16.69 -9.96
N THR A 176 -20.89 16.40 -9.12
CA THR A 176 -21.85 17.43 -8.74
C THR A 176 -21.21 18.49 -7.81
N SER A 177 -20.03 18.18 -7.27
CA SER A 177 -19.27 19.13 -6.46
C SER A 177 -18.48 20.16 -7.30
N GLN A 178 -18.26 19.88 -8.57
CA GLN A 178 -17.53 20.81 -9.44
C GLN A 178 -18.27 22.13 -9.65
N GLY A 179 -17.52 23.20 -9.86
CA GLY A 179 -18.07 24.50 -10.25
C GLY A 179 -18.75 24.44 -11.61
N ASN A 180 -18.15 23.68 -12.54
CA ASN A 180 -18.67 23.54 -13.91
C ASN A 180 -20.02 22.79 -14.04
N PHE A 181 -20.32 21.89 -13.11
CA PHE A 181 -21.63 21.24 -13.01
C PHE A 181 -22.70 22.30 -12.80
N TYR A 182 -22.46 23.17 -11.81
CA TYR A 182 -23.31 24.33 -11.52
C TYR A 182 -23.42 25.33 -12.69
N GLN A 183 -22.29 25.70 -13.29
CA GLN A 183 -22.32 26.60 -14.43
C GLN A 183 -23.02 26.02 -15.66
N GLY A 184 -22.88 24.70 -15.87
CA GLY A 184 -23.53 24.01 -16.99
C GLY A 184 -25.03 24.10 -16.93
N ILE A 185 -25.60 23.78 -15.77
CA ILE A 185 -27.04 23.82 -15.58
C ILE A 185 -27.59 25.27 -15.48
N ASN A 186 -26.79 26.19 -14.96
CA ASN A 186 -27.23 27.59 -14.83
C ASN A 186 -27.13 28.33 -16.16
N PHE A 187 -26.15 28.01 -16.99
CA PHE A 187 -26.10 28.62 -18.33
C PHE A 187 -27.28 28.11 -19.18
N ALA A 188 -27.50 26.80 -19.16
CA ALA A 188 -28.59 26.17 -19.94
C ALA A 188 -29.97 26.70 -19.48
N GLY A 189 -30.17 26.79 -18.17
CA GLY A 189 -31.39 27.37 -17.61
C GLY A 189 -31.58 28.84 -17.97
N ALA A 190 -30.52 29.63 -17.90
CA ALA A 190 -30.59 31.05 -18.27
C ALA A 190 -30.93 31.22 -19.73
N PHE A 191 -30.39 30.36 -20.59
CA PHE A 191 -30.67 30.44 -22.03
C PHE A 191 -31.85 29.56 -22.47
N LYS A 192 -32.58 28.99 -21.51
CA LYS A 192 -33.63 28.00 -21.80
C LYS A 192 -33.21 27.01 -22.90
N ALA A 193 -31.95 26.55 -22.84
CA ALA A 193 -31.39 25.69 -23.89
C ALA A 193 -31.83 24.23 -23.75
N PRO A 194 -31.94 23.48 -24.87
CA PRO A 194 -32.37 22.06 -24.83
C PRO A 194 -31.29 21.07 -24.37
N ALA A 195 -31.05 20.99 -23.06
CA ALA A 195 -30.05 20.05 -22.52
C ALA A 195 -30.63 19.16 -21.44
N ILE A 196 -30.26 17.87 -21.50
CA ILE A 196 -30.59 16.94 -20.43
C ILE A 196 -29.31 16.68 -19.62
N PHE A 197 -29.41 16.79 -18.30
CA PHE A 197 -28.22 16.64 -17.45
C PHE A 197 -28.44 15.47 -16.56
N VAL A 198 -27.62 14.44 -16.73
CA VAL A 198 -27.76 13.23 -15.94
C VAL A 198 -26.62 13.13 -14.92
N VAL A 199 -26.99 12.87 -13.67
CA VAL A 199 -26.06 12.62 -12.60
C VAL A 199 -26.26 11.19 -12.12
N GLN A 200 -25.29 10.33 -12.36
CA GLN A 200 -25.36 8.92 -11.96
C GLN A 200 -24.79 8.72 -10.57
N ASN A 201 -25.67 8.50 -9.59
CA ASN A 201 -25.26 8.51 -8.19
C ASN A 201 -25.10 7.10 -7.61
N ASN A 202 -23.85 6.67 -7.51
CA ASN A 202 -23.57 5.37 -6.90
C ASN A 202 -22.99 5.50 -5.47
N ARG A 203 -23.11 6.70 -4.90
CA ARG A 203 -22.84 6.96 -3.48
C ARG A 203 -21.35 7.08 -3.10
N PHE A 204 -20.46 6.67 -3.99
CA PHE A 204 -19.02 6.81 -3.76
C PHE A 204 -18.29 7.47 -4.95
N ALA A 205 -17.42 8.42 -4.65
CA ALA A 205 -16.48 8.96 -5.65
C ALA A 205 -15.09 8.49 -5.25
N ILE A 206 -14.54 7.56 -6.04
CA ILE A 206 -13.40 6.73 -5.62
C ILE A 206 -13.64 6.11 -4.22
N SER A 207 -13.05 6.69 -3.17
CA SER A 207 -13.24 6.19 -1.78
C SER A 207 -14.22 7.07 -0.98
N THR A 208 -14.69 8.14 -1.60
CA THR A 208 -15.40 9.22 -0.91
C THR A 208 -16.93 9.06 -0.95
N PRO A 209 -17.55 8.91 0.24
CA PRO A 209 -19.02 8.84 0.33
C PRO A 209 -19.65 10.13 -0.16
N VAL A 210 -20.84 10.01 -0.77
CA VAL A 210 -21.61 11.19 -1.21
C VAL A 210 -21.88 12.16 -0.05
N GLU A 211 -22.00 11.61 1.16
CA GLU A 211 -22.13 12.39 2.40
C GLU A 211 -20.96 13.33 2.69
N LYS A 212 -19.77 12.98 2.21
CA LYS A 212 -18.64 13.91 2.24
C LYS A 212 -18.69 15.00 1.15
N GLN A 213 -19.46 14.77 0.08
CA GLN A 213 -19.55 15.77 -0.99
C GLN A 213 -20.41 16.97 -0.63
N THR A 214 -21.46 16.75 0.17
CA THR A 214 -22.59 17.67 0.25
C THR A 214 -23.51 17.25 1.38
N VAL A 215 -24.16 18.24 2.00
CA VAL A 215 -25.19 17.97 3.03
C VAL A 215 -26.60 17.91 2.40
N ALA A 216 -26.69 18.22 1.11
CA ALA A 216 -27.93 18.10 0.32
C ALA A 216 -28.42 16.65 0.30
N LYS A 217 -29.68 16.46 0.66
CA LYS A 217 -30.22 15.12 0.89
C LYS A 217 -30.53 14.36 -0.41
N THR A 218 -30.60 15.08 -1.53
CA THR A 218 -30.66 14.50 -2.89
C THR A 218 -29.73 15.33 -3.75
N LEU A 219 -29.22 14.77 -4.84
CA LEU A 219 -28.44 15.59 -5.78
C LEU A 219 -29.36 16.33 -6.75
N ALA A 220 -30.57 15.80 -6.93
CA ALA A 220 -31.50 16.30 -7.95
C ALA A 220 -31.94 17.73 -7.62
N GLN A 221 -32.10 18.01 -6.33
CA GLN A 221 -32.42 19.35 -5.84
C GLN A 221 -31.39 20.43 -6.21
N LYS A 222 -30.17 20.02 -6.57
CA LYS A 222 -29.18 20.99 -7.04
C LYS A 222 -29.70 21.76 -8.26
N ALA A 223 -30.72 21.21 -8.91
CA ALA A 223 -31.44 21.84 -10.01
C ALA A 223 -32.06 23.18 -9.58
N VAL A 224 -32.55 23.21 -8.35
CA VAL A 224 -33.16 24.42 -7.78
C VAL A 224 -32.29 25.68 -7.89
N ALA A 225 -30.98 25.51 -7.78
CA ALA A 225 -30.03 26.64 -7.85
C ALA A 225 -29.98 27.26 -9.24
N ALA A 226 -30.30 26.44 -10.25
CA ALA A 226 -30.39 26.88 -11.65
C ALA A 226 -31.77 27.45 -12.04
N GLY A 227 -32.77 27.12 -11.22
CA GLY A 227 -34.17 27.43 -11.52
C GLY A 227 -34.86 26.38 -12.39
N ILE A 228 -34.15 25.30 -12.71
CA ILE A 228 -34.69 24.22 -13.55
C ILE A 228 -35.18 23.01 -12.74
N PRO A 229 -36.02 22.15 -13.36
CA PRO A 229 -36.47 20.95 -12.65
C PRO A 229 -35.44 19.84 -12.47
N GLY A 230 -35.56 19.11 -11.37
CA GLY A 230 -34.82 17.89 -11.16
C GLY A 230 -35.74 16.72 -10.86
N ILE A 231 -35.30 15.54 -11.29
CA ILE A 231 -35.96 14.29 -10.93
C ILE A 231 -34.93 13.32 -10.36
N GLN A 232 -35.23 12.73 -9.21
CA GLN A 232 -34.49 11.61 -8.68
C GLN A 232 -35.18 10.31 -9.06
N VAL A 233 -34.42 9.43 -9.72
CA VAL A 233 -34.96 8.20 -10.28
C VAL A 233 -34.25 7.00 -9.68
N ASP A 234 -34.98 5.90 -9.51
CA ASP A 234 -34.37 4.59 -9.26
C ASP A 234 -33.54 4.24 -10.49
N GLY A 235 -32.22 4.38 -10.37
CA GLY A 235 -31.31 4.11 -11.50
C GLY A 235 -31.12 2.64 -11.81
N MET A 236 -31.76 1.78 -11.01
CA MET A 236 -31.77 0.34 -11.28
C MET A 236 -33.08 -0.07 -11.99
N ASP A 237 -33.85 0.93 -12.42
CA ASP A 237 -35.13 0.70 -13.08
C ASP A 237 -35.16 1.27 -14.51
N PRO A 238 -35.08 0.37 -15.52
CA PRO A 238 -35.06 0.77 -16.92
C PRO A 238 -36.29 1.56 -17.38
N LEU A 239 -37.45 1.33 -16.76
CA LEU A 239 -38.67 2.01 -17.22
C LEU A 239 -38.76 3.41 -16.65
N ALA A 240 -38.43 3.52 -15.36
CA ALA A 240 -38.34 4.82 -14.67
C ALA A 240 -37.26 5.72 -15.30
N VAL A 241 -36.14 5.13 -15.71
CA VAL A 241 -35.05 5.91 -16.31
C VAL A 241 -35.44 6.32 -17.70
N TYR A 242 -36.10 5.41 -18.43
CA TYR A 242 -36.59 5.73 -19.77
C TYR A 242 -37.56 6.90 -19.71
N ALA A 243 -38.59 6.77 -18.87
CA ALA A 243 -39.65 7.76 -18.75
C ALA A 243 -39.17 9.14 -18.31
N ALA A 244 -38.07 9.18 -17.56
CA ALA A 244 -37.55 10.46 -17.08
C ALA A 244 -36.81 11.21 -18.19
N VAL A 245 -35.92 10.52 -18.89
CA VAL A 245 -35.17 11.12 -20.01
C VAL A 245 -36.10 11.53 -21.18
N LYS A 246 -37.15 10.74 -21.40
CA LYS A 246 -38.14 11.00 -22.45
C LYS A 246 -38.97 12.25 -22.08
N ALA A 247 -39.39 12.37 -20.82
CA ALA A 247 -40.07 13.57 -20.35
C ALA A 247 -39.19 14.82 -20.45
N ALA A 248 -37.90 14.68 -20.09
CA ALA A 248 -36.91 15.77 -20.23
C ALA A 248 -36.62 16.13 -21.69
N ARG A 249 -36.61 15.13 -22.56
CA ARG A 249 -36.41 15.39 -23.99
C ARG A 249 -37.58 16.17 -24.59
N GLU A 250 -38.81 15.81 -24.19
CA GLU A 250 -40.04 16.50 -24.62
C GLU A 250 -40.05 17.94 -24.12
N ARG A 251 -39.90 18.10 -22.81
CA ARG A 251 -39.76 19.41 -22.18
C ARG A 251 -38.75 20.32 -22.92
N ALA A 252 -37.62 19.75 -23.36
CA ALA A 252 -36.53 20.52 -24.01
C ALA A 252 -36.78 20.95 -25.46
N ILE A 253 -37.33 20.05 -26.27
CA ILE A 253 -37.78 20.39 -27.62
C ILE A 253 -38.92 21.41 -27.58
N ASN A 254 -39.82 21.30 -26.61
CA ASN A 254 -40.90 22.27 -26.44
C ASN A 254 -40.40 23.59 -25.83
N GLY A 255 -39.14 23.91 -26.03
CA GLY A 255 -38.52 25.17 -25.59
C GLY A 255 -38.72 25.53 -24.14
N GLU A 256 -38.99 24.53 -23.29
CA GLU A 256 -39.16 24.76 -21.86
C GLU A 256 -37.82 24.73 -21.09
N GLY A 257 -36.72 24.43 -21.78
CA GLY A 257 -35.41 24.43 -21.13
C GLY A 257 -34.91 23.05 -20.71
N PRO A 258 -33.82 23.02 -19.91
CA PRO A 258 -33.18 21.80 -19.43
C PRO A 258 -33.81 21.08 -18.23
N THR A 259 -33.38 19.84 -18.00
CA THR A 259 -33.74 19.12 -16.78
C THR A 259 -32.50 18.43 -16.22
N LEU A 260 -32.46 18.30 -14.90
CA LEU A 260 -31.43 17.56 -14.22
C LEU A 260 -32.06 16.25 -13.79
N ILE A 261 -31.43 15.14 -14.13
CA ILE A 261 -31.92 13.83 -13.71
C ILE A 261 -30.87 13.08 -12.87
N GLU A 262 -31.22 12.76 -11.62
CA GLU A 262 -30.32 11.99 -10.76
C GLU A 262 -30.74 10.54 -10.75
N THR A 263 -29.84 9.65 -11.20
CA THR A 263 -30.15 8.23 -11.13
C THR A 263 -29.39 7.62 -9.96
N LEU A 264 -30.12 6.94 -9.09
CA LEU A 264 -29.55 6.22 -7.96
C LEU A 264 -29.23 4.78 -8.34
N CYS A 265 -27.94 4.46 -8.51
CA CYS A 265 -27.54 3.10 -8.85
C CYS A 265 -26.51 2.46 -7.94
N PHE A 266 -26.11 1.25 -8.32
CA PHE A 266 -25.03 0.50 -7.67
C PHE A 266 -24.18 -0.15 -8.77
N ARG A 267 -22.87 0.12 -8.73
CA ARG A 267 -21.92 -0.54 -9.61
C ARG A 267 -21.23 -1.67 -8.83
N TYR A 268 -20.87 -2.75 -9.52
CA TYR A 268 -20.27 -3.93 -8.90
C TYR A 268 -18.75 -3.94 -8.97
N LYS A 292 -29.88 -8.80 -6.84
CA LYS A 292 -31.32 -8.65 -6.57
C LYS A 292 -31.86 -7.28 -6.96
N LYS A 293 -31.05 -6.24 -6.79
CA LYS A 293 -31.39 -4.89 -7.24
C LYS A 293 -31.00 -4.66 -8.71
N ASP A 294 -30.17 -5.55 -9.23
CA ASP A 294 -29.73 -5.60 -10.63
C ASP A 294 -30.85 -5.24 -11.61
N PRO A 295 -30.60 -4.28 -12.52
CA PRO A 295 -31.61 -3.92 -13.52
C PRO A 295 -32.02 -5.12 -14.38
N LEU A 296 -31.06 -5.99 -14.73
CA LEU A 296 -31.34 -7.21 -15.49
C LEU A 296 -32.31 -8.12 -14.77
N VAL A 297 -32.12 -8.28 -13.46
CA VAL A 297 -32.95 -9.15 -12.65
C VAL A 297 -34.42 -8.78 -12.78
N ARG A 298 -34.77 -7.54 -12.42
CA ARG A 298 -36.17 -7.11 -12.40
C ARG A 298 -36.75 -6.94 -13.80
N PHE A 299 -35.91 -6.62 -14.78
CA PHE A 299 -36.43 -6.46 -16.13
C PHE A 299 -36.72 -7.81 -16.78
N ARG A 300 -35.89 -8.81 -16.47
CA ARG A 300 -36.09 -10.16 -16.98
C ARG A 300 -37.44 -10.67 -16.50
N LYS A 301 -37.70 -10.51 -15.21
CA LYS A 301 -38.96 -10.92 -14.59
C LYS A 301 -40.16 -10.18 -15.17
N PHE A 302 -39.98 -8.88 -15.43
CA PHE A 302 -41.01 -8.07 -16.07
C PHE A 302 -41.40 -8.66 -17.43
N LEU A 303 -40.39 -8.98 -18.22
CA LEU A 303 -40.60 -9.44 -19.59
C LEU A 303 -41.14 -10.88 -19.63
N GLU A 304 -40.59 -11.73 -18.77
CA GLU A 304 -40.98 -13.14 -18.69
C GLU A 304 -42.44 -13.32 -18.30
N ALA A 305 -42.93 -12.45 -17.41
CA ALA A 305 -44.35 -12.41 -17.04
C ALA A 305 -45.24 -12.11 -18.24
N LYS A 306 -44.65 -11.55 -19.29
CA LYS A 306 -45.40 -11.16 -20.49
C LYS A 306 -45.02 -12.04 -21.68
N GLY A 307 -44.30 -13.13 -21.41
CA GLY A 307 -43.83 -14.05 -22.45
C GLY A 307 -43.01 -13.34 -23.52
N LEU A 308 -42.15 -12.40 -23.10
CA LEU A 308 -41.38 -11.60 -24.04
C LEU A 308 -39.88 -11.89 -23.96
N TRP A 309 -39.49 -12.75 -23.02
CA TRP A 309 -38.08 -13.09 -22.84
C TRP A 309 -37.87 -14.56 -22.45
N SER A 310 -36.82 -15.14 -23.02
CA SER A 310 -36.49 -16.55 -22.81
C SER A 310 -34.98 -16.73 -22.69
N GLU A 311 -34.57 -17.83 -22.07
CA GLU A 311 -33.15 -18.13 -21.84
C GLU A 311 -32.33 -18.18 -23.13
N GLU A 312 -32.94 -18.63 -24.22
CA GLU A 312 -32.25 -18.80 -25.49
C GLU A 312 -32.05 -17.48 -26.24
N GLU A 313 -33.01 -16.57 -26.11
CA GLU A 313 -32.85 -15.22 -26.65
C GLU A 313 -31.72 -14.50 -25.92
N GLU A 314 -31.68 -14.64 -24.59
CA GLU A 314 -30.62 -14.05 -23.78
C GLU A 314 -29.24 -14.65 -24.08
N ASN A 315 -29.18 -15.98 -24.21
CA ASN A 315 -27.93 -16.67 -24.52
C ASN A 315 -27.42 -16.33 -25.92
N ASN A 316 -28.33 -15.88 -26.78
CA ASN A 316 -27.99 -15.47 -28.14
C ASN A 316 -27.27 -14.13 -28.16
N VAL A 317 -27.80 -13.16 -27.39
CA VAL A 317 -27.19 -11.84 -27.24
C VAL A 317 -25.78 -11.96 -26.66
N ILE A 318 -25.66 -12.76 -25.59
CA ILE A 318 -24.37 -13.04 -24.98
C ILE A 318 -23.32 -13.49 -26.01
N GLU A 319 -23.66 -14.50 -26.82
CA GLU A 319 -22.77 -14.98 -27.90
C GLU A 319 -22.47 -13.90 -28.94
N GLN A 320 -23.51 -13.21 -29.37
CA GLN A 320 -23.39 -12.09 -30.31
C GLN A 320 -22.35 -11.06 -29.81
N ALA A 321 -22.49 -10.66 -28.54
CA ALA A 321 -21.54 -9.78 -27.85
C ALA A 321 -20.10 -10.29 -27.87
N LYS A 322 -19.87 -11.50 -27.34
CA LYS A 322 -18.53 -12.12 -27.32
C LYS A 322 -17.85 -12.17 -28.71
N GLU A 323 -18.64 -12.49 -29.73
CA GLU A 323 -18.16 -12.52 -31.10
C GLU A 323 -17.77 -11.13 -31.56
N GLU A 324 -18.67 -10.16 -31.37
CA GLU A 324 -18.42 -8.77 -31.76
C GLU A 324 -17.22 -8.15 -31.04
N ILE A 325 -17.13 -8.40 -29.73
CA ILE A 325 -15.99 -7.94 -28.92
C ILE A 325 -14.67 -8.52 -29.43
N LYS A 326 -14.64 -9.83 -29.69
CA LYS A 326 -13.45 -10.49 -30.25
C LYS A 326 -13.00 -9.86 -31.59
N GLU A 327 -13.96 -9.66 -32.50
CA GLU A 327 -13.68 -9.00 -33.78
C GLU A 327 -13.12 -7.58 -33.60
N ALA A 328 -13.80 -6.79 -32.76
CA ALA A 328 -13.38 -5.41 -32.46
C ALA A 328 -11.98 -5.32 -31.88
N ILE A 329 -11.65 -6.25 -30.99
CA ILE A 329 -10.31 -6.34 -30.39
C ILE A 329 -9.23 -6.60 -31.45
N LYS A 330 -9.59 -7.42 -32.45
CA LYS A 330 -8.69 -7.71 -33.56
C LYS A 330 -8.57 -6.50 -34.50
N LYS A 331 -9.69 -5.86 -34.80
CA LYS A 331 -9.63 -4.67 -35.64
C LYS A 331 -8.80 -3.57 -34.95
N ALA A 332 -8.96 -3.43 -33.63
CA ALA A 332 -8.08 -2.52 -32.87
C ALA A 332 -6.61 -2.93 -33.01
N ASP A 333 -6.32 -4.23 -32.84
CA ASP A 333 -4.94 -4.75 -32.97
C ASP A 333 -4.27 -4.48 -34.33
N GLU A 334 -5.05 -4.35 -35.39
CA GLU A 334 -4.51 -4.14 -36.73
C GLU A 334 -4.40 -2.67 -37.14
N THR A 335 -4.79 -1.77 -36.23
CA THR A 335 -4.62 -0.32 -36.43
C THR A 335 -3.13 0.00 -36.34
N PRO A 336 -2.57 0.67 -37.38
CA PRO A 336 -1.14 0.95 -37.34
C PRO A 336 -0.78 1.87 -36.17
N LYS A 337 0.42 1.71 -35.63
CA LYS A 337 0.89 2.50 -34.50
C LYS A 337 0.91 4.00 -34.84
N GLN A 338 0.82 4.84 -33.81
CA GLN A 338 0.87 6.28 -34.00
C GLN A 338 2.32 6.69 -34.15
N LYS A 339 2.55 7.64 -35.03
CA LYS A 339 3.86 8.27 -35.14
C LYS A 339 3.76 9.68 -34.57
N VAL A 340 4.89 10.25 -34.16
CA VAL A 340 4.95 11.65 -33.78
C VAL A 340 4.41 12.58 -34.88
N THR A 341 4.80 12.37 -36.14
CA THR A 341 4.25 13.16 -37.27
C THR A 341 2.71 13.17 -37.28
N ASP A 342 2.07 12.03 -37.07
CA ASP A 342 0.60 11.99 -36.95
C ASP A 342 0.06 12.96 -35.88
N LEU A 343 0.73 12.97 -34.74
CA LEU A 343 0.32 13.79 -33.61
C LEU A 343 0.47 15.27 -33.98
N ILE A 344 1.59 15.64 -34.58
CA ILE A 344 1.81 16.98 -35.09
C ILE A 344 0.73 17.40 -36.13
N SER A 345 0.45 16.51 -37.08
CA SER A 345 -0.50 16.77 -38.17
C SER A 345 -1.90 17.16 -37.69
N ILE A 346 -2.36 16.55 -36.60
CA ILE A 346 -3.69 16.83 -36.06
C ILE A 346 -3.79 18.01 -35.06
N MET A 347 -2.69 18.75 -34.86
CA MET A 347 -2.71 19.88 -33.91
C MET A 347 -3.47 21.12 -34.43
N PHE A 348 -3.07 21.58 -35.63
CA PHE A 348 -3.70 22.69 -36.35
C PHE A 348 -4.09 22.27 -37.79
N GLU A 349 -5.00 23.02 -38.42
CA GLU A 349 -5.26 22.92 -39.86
C GLU A 349 -4.00 23.32 -40.61
N GLU A 350 -3.51 24.53 -40.33
CA GLU A 350 -2.22 24.99 -40.85
C GLU A 350 -1.22 25.04 -39.69
N LEU A 351 -0.09 24.37 -39.89
CA LEU A 351 0.91 24.20 -38.85
C LEU A 351 1.74 25.46 -38.68
N PRO A 352 2.01 25.85 -37.41
CA PRO A 352 2.92 26.96 -37.13
C PRO A 352 4.38 26.62 -37.41
N PHE A 353 5.23 27.63 -37.53
CA PHE A 353 6.65 27.45 -37.86
C PHE A 353 7.32 26.34 -37.04
N ASN A 354 7.17 26.40 -35.71
CA ASN A 354 7.75 25.39 -34.81
C ASN A 354 7.34 23.95 -35.12
N LEU A 355 6.06 23.72 -35.42
CA LEU A 355 5.56 22.40 -35.74
C LEU A 355 5.91 21.94 -37.17
N LYS A 356 6.08 22.91 -38.08
CA LYS A 356 6.68 22.63 -39.39
C LYS A 356 8.11 22.09 -39.24
N GLU A 357 8.96 22.82 -38.50
CA GLU A 357 10.31 22.39 -38.16
C GLU A 357 10.38 21.00 -37.54
N GLN A 358 9.42 20.70 -36.66
CA GLN A 358 9.43 19.45 -35.87
C GLN A 358 8.87 18.28 -36.65
N TYR A 359 7.88 18.55 -37.50
CA TYR A 359 7.42 17.57 -38.48
C TYR A 359 8.62 17.02 -39.24
N GLU A 360 9.46 17.92 -39.76
CA GLU A 360 10.64 17.55 -40.53
C GLU A 360 11.63 16.72 -39.72
N ILE A 361 11.85 17.13 -38.46
CA ILE A 361 12.78 16.42 -37.58
C ILE A 361 12.28 15.00 -37.32
N TYR A 362 10.97 14.84 -37.17
CA TYR A 362 10.39 13.52 -36.85
C TYR A 362 10.11 12.66 -38.08
N LYS A 363 9.85 13.31 -39.21
CA LYS A 363 9.80 12.64 -40.52
C LYS A 363 11.16 11.97 -40.86
N GLU A 364 12.24 12.73 -40.70
CA GLU A 364 13.60 12.17 -40.84
C GLU A 364 13.81 11.00 -39.88
N LYS A 365 13.48 11.21 -38.59
CA LYS A 365 13.52 10.16 -37.57
C LYS A 365 12.78 8.88 -37.99
N GLU A 366 11.58 9.05 -38.54
CA GLU A 366 10.71 7.93 -38.90
C GLU A 366 11.11 7.18 -40.16
N SER A 367 11.96 7.80 -40.98
CA SER A 367 12.37 7.23 -42.27
C SER A 367 13.30 6.02 -42.10
N LYS A 368 14.15 5.97 -41.20
N ALA B 1 -9.09 55.42 -43.22
CA ALA B 1 -9.56 56.37 -42.16
C ALA B 1 -8.61 56.36 -40.95
N GLN B 2 -8.34 57.54 -40.40
CA GLN B 2 -7.67 57.65 -39.11
C GLN B 2 -8.53 56.93 -38.06
N MET B 3 -7.93 55.93 -37.42
CA MET B 3 -8.60 55.09 -36.43
C MET B 3 -7.77 55.01 -35.15
N THR B 4 -8.46 54.84 -34.03
CA THR B 4 -7.85 54.38 -32.79
C THR B 4 -7.92 52.85 -32.80
N MET B 5 -7.04 52.20 -32.04
CA MET B 5 -7.03 50.73 -31.98
C MET B 5 -8.41 50.11 -31.66
N VAL B 6 -9.11 50.66 -30.66
CA VAL B 6 -10.45 50.14 -30.33
C VAL B 6 -11.40 50.22 -31.52
N GLN B 7 -11.26 51.28 -32.33
CA GLN B 7 -12.10 51.47 -33.53
C GLN B 7 -11.76 50.47 -34.61
N ALA B 8 -10.47 50.32 -34.89
CA ALA B 8 -9.98 49.28 -35.80
C ALA B 8 -10.44 47.84 -35.43
N ILE B 9 -10.42 47.50 -34.12
CA ILE B 9 -11.00 46.24 -33.58
C ILE B 9 -12.52 46.13 -33.85
N THR B 10 -13.25 47.20 -33.58
CA THR B 10 -14.70 47.22 -33.80
C THR B 10 -15.02 47.05 -35.30
N ASP B 11 -14.16 47.63 -36.15
CA ASP B 11 -14.29 47.57 -37.60
C ASP B 11 -14.00 46.17 -38.13
N ALA B 12 -12.88 45.59 -37.67
CA ALA B 12 -12.58 44.17 -37.88
C ALA B 12 -13.81 43.33 -37.59
N LEU B 13 -14.44 43.58 -36.43
CA LEU B 13 -15.53 42.74 -35.92
C LEU B 13 -16.85 42.91 -36.69
N ARG B 14 -17.10 44.12 -37.20
CA ARG B 14 -18.27 44.37 -38.05
C ARG B 14 -18.12 43.66 -39.40
N ILE B 15 -16.93 43.79 -39.98
CA ILE B 15 -16.59 43.20 -41.27
C ILE B 15 -16.70 41.66 -41.26
N GLU B 16 -16.37 41.03 -40.12
CA GLU B 16 -16.50 39.57 -39.98
C GLU B 16 -17.91 39.14 -39.67
N LEU B 17 -18.65 39.97 -38.93
CA LEU B 17 -20.07 39.69 -38.69
C LEU B 17 -20.87 39.76 -39.99
N LYS B 18 -20.49 40.71 -40.87
CA LYS B 18 -21.18 40.90 -42.15
C LYS B 18 -20.82 39.81 -43.16
N ASN B 19 -19.54 39.48 -43.23
CA ASN B 19 -19.02 38.45 -44.11
C ASN B 19 -19.41 36.99 -43.75
N ASP B 20 -19.63 36.73 -42.46
CA ASP B 20 -19.75 35.34 -41.97
C ASP B 20 -20.92 35.18 -41.01
N PRO B 21 -22.01 34.52 -41.46
CA PRO B 21 -23.22 34.43 -40.65
C PRO B 21 -23.03 33.60 -39.38
N ASN B 22 -21.93 32.85 -39.36
CA ASN B 22 -21.63 31.98 -38.22
C ASN B 22 -20.90 32.69 -37.07
N VAL B 23 -20.24 33.80 -37.38
CA VAL B 23 -19.59 34.64 -36.37
C VAL B 23 -20.59 35.00 -35.27
N LEU B 24 -20.27 34.65 -34.04
CA LEU B 24 -21.02 35.10 -32.87
C LEU B 24 -20.11 35.91 -31.99
N ILE B 25 -20.70 36.80 -31.19
CA ILE B 25 -19.94 37.61 -30.25
C ILE B 25 -20.72 37.62 -28.94
N PHE B 26 -20.04 37.26 -27.85
CA PHE B 26 -20.68 37.19 -26.54
C PHE B 26 -19.67 37.35 -25.42
N GLY B 27 -20.16 37.68 -24.23
CA GLY B 27 -19.34 37.94 -23.06
C GLY B 27 -20.17 38.77 -22.11
N GLU B 28 -19.57 39.21 -21.01
CA GLU B 28 -20.30 40.03 -20.05
C GLU B 28 -20.41 41.46 -20.58
N ASP B 29 -21.64 41.96 -20.66
CA ASP B 29 -21.92 43.35 -21.00
C ASP B 29 -21.39 43.77 -22.38
N VAL B 30 -21.42 42.86 -23.35
CA VAL B 30 -21.01 43.18 -24.74
C VAL B 30 -22.17 43.55 -25.68
N GLY B 31 -23.41 43.30 -25.26
CA GLY B 31 -24.59 43.52 -26.10
C GLY B 31 -25.09 44.96 -26.13
N VAL B 32 -26.19 45.19 -25.41
CA VAL B 32 -26.83 46.53 -25.33
C VAL B 32 -25.86 47.63 -24.83
N ASN B 33 -24.98 47.26 -23.90
CA ASN B 33 -23.97 48.17 -23.34
C ASN B 33 -22.90 48.55 -24.36
N GLY B 34 -22.63 47.65 -25.30
CA GLY B 34 -21.61 47.87 -26.32
C GLY B 34 -20.19 47.66 -25.83
N GLY B 35 -20.04 46.97 -24.70
CA GLY B 35 -18.73 46.62 -24.16
C GLY B 35 -18.13 47.63 -23.21
N VAL B 36 -17.51 47.14 -22.14
CA VAL B 36 -16.96 48.01 -21.09
C VAL B 36 -16.00 49.10 -21.62
N PHE B 37 -15.35 48.81 -22.76
CA PHE B 37 -14.48 49.77 -23.45
C PHE B 37 -15.02 50.15 -24.83
N ARG B 38 -16.31 49.91 -25.05
CA ARG B 38 -17.04 50.24 -26.31
C ARG B 38 -16.61 49.42 -27.53
N ALA B 39 -15.75 48.41 -27.35
CA ALA B 39 -15.22 47.62 -28.49
C ALA B 39 -16.27 46.88 -29.35
N THR B 40 -17.45 46.64 -28.78
CA THR B 40 -18.57 46.01 -29.49
C THR B 40 -19.74 47.01 -29.70
N GLU B 41 -19.44 48.30 -29.65
CA GLU B 41 -20.45 49.37 -29.75
C GLU B 41 -21.18 49.32 -31.10
N GLY B 42 -22.51 49.32 -31.03
CA GLY B 42 -23.35 49.33 -32.23
C GLY B 42 -23.59 47.97 -32.87
N LEU B 43 -22.82 46.96 -32.45
CA LEU B 43 -22.84 45.66 -33.10
C LEU B 43 -24.15 44.89 -32.92
N GLN B 44 -24.70 44.90 -31.71
CA GLN B 44 -26.00 44.27 -31.45
C GLN B 44 -27.18 45.04 -32.09
N ALA B 45 -27.06 46.37 -32.14
CA ALA B 45 -28.06 47.22 -32.79
C ALA B 45 -28.16 46.89 -34.28
N GLU B 46 -26.99 46.81 -34.93
CA GLU B 46 -26.92 46.48 -36.35
C GLU B 46 -27.24 45.01 -36.69
N PHE B 47 -26.66 44.06 -35.94
CA PHE B 47 -26.67 42.65 -36.36
C PHE B 47 -27.64 41.73 -35.63
N GLY B 48 -28.20 42.18 -34.51
CA GLY B 48 -29.21 41.42 -33.78
C GLY B 48 -28.73 40.83 -32.47
N GLU B 49 -29.69 40.56 -31.58
CA GLU B 49 -29.40 39.98 -30.26
C GLU B 49 -29.06 38.49 -30.33
N ASP B 50 -29.20 37.92 -31.52
CA ASP B 50 -28.94 36.51 -31.78
C ASP B 50 -27.55 36.27 -32.39
N ARG B 51 -26.79 37.35 -32.60
CA ARG B 51 -25.43 37.26 -33.13
C ARG B 51 -24.44 37.89 -32.15
N VAL B 52 -24.94 38.78 -31.30
CA VAL B 52 -24.13 39.55 -30.35
C VAL B 52 -24.93 39.63 -29.05
N PHE B 53 -24.49 38.90 -28.01
CA PHE B 53 -25.31 38.74 -26.80
C PHE B 53 -24.54 38.76 -25.46
N ASP B 54 -25.23 39.11 -24.39
CA ASP B 54 -24.67 39.05 -23.04
C ASP B 54 -24.81 37.64 -22.46
N THR B 55 -23.87 37.27 -21.58
CA THR B 55 -23.89 35.96 -20.92
C THR B 55 -24.02 36.19 -19.43
N PRO B 56 -24.39 35.13 -18.66
CA PRO B 56 -24.22 35.28 -17.20
C PRO B 56 -22.75 35.58 -16.82
N LEU B 57 -22.53 36.13 -15.61
CA LEU B 57 -21.18 36.49 -15.13
C LEU B 57 -20.43 35.24 -14.67
N ALA B 58 -19.83 34.55 -15.63
CA ALA B 58 -19.10 33.32 -15.36
C ALA B 58 -18.20 32.99 -16.54
N GLU B 59 -16.91 33.29 -16.35
CA GLU B 59 -15.89 33.18 -17.41
C GLU B 59 -15.70 31.75 -17.92
N SER B 60 -15.73 30.78 -17.00
CA SER B 60 -15.61 29.36 -17.32
C SER B 60 -16.78 28.90 -18.20
N GLY B 61 -18.00 29.27 -17.78
CA GLY B 61 -19.21 29.12 -18.58
C GLY B 61 -19.05 29.68 -19.98
N ILE B 62 -18.53 30.89 -20.10
CA ILE B 62 -18.32 31.52 -21.41
C ILE B 62 -17.42 30.68 -22.33
N GLY B 63 -16.30 30.20 -21.79
CA GLY B 63 -15.39 29.28 -22.50
C GLY B 63 -16.07 28.01 -23.02
N GLY B 64 -16.85 27.36 -22.16
CA GLY B 64 -17.60 26.16 -22.51
C GLY B 64 -18.75 26.43 -23.48
N LEU B 65 -19.37 27.59 -23.34
CA LEU B 65 -20.36 28.04 -24.31
C LEU B 65 -19.71 28.13 -25.69
N ALA B 66 -18.55 28.77 -25.79
CA ALA B 66 -17.85 28.87 -27.07
C ALA B 66 -17.50 27.50 -27.68
N ILE B 67 -17.13 26.54 -26.83
CA ILE B 67 -16.81 25.18 -27.31
C ILE B 67 -18.08 24.53 -27.89
N GLY B 68 -19.15 24.51 -27.11
CA GLY B 68 -20.42 23.93 -27.58
C GLY B 68 -20.88 24.53 -28.91
N LEU B 69 -20.92 25.85 -28.94
CA LEU B 69 -21.31 26.58 -30.15
C LEU B 69 -20.47 26.21 -31.36
N ALA B 70 -19.16 26.09 -31.17
CA ALA B 70 -18.24 25.69 -32.23
C ALA B 70 -18.44 24.24 -32.68
N LEU B 71 -18.98 23.39 -31.80
CA LEU B 71 -19.29 22.01 -32.18
C LEU B 71 -20.54 21.98 -33.06
N GLN B 72 -21.25 23.11 -33.08
CA GLN B 72 -22.51 23.26 -33.76
C GLN B 72 -22.42 24.25 -34.93
N GLY B 73 -21.22 24.41 -35.49
CA GLY B 73 -21.06 25.14 -36.72
C GLY B 73 -20.64 26.58 -36.60
N PHE B 74 -20.95 27.22 -35.48
CA PHE B 74 -20.62 28.64 -35.36
C PHE B 74 -19.12 28.86 -35.22
N ARG B 75 -18.73 30.13 -35.34
CA ARG B 75 -17.37 30.58 -35.33
C ARG B 75 -17.31 31.61 -34.18
N PRO B 76 -17.21 31.12 -32.93
CA PRO B 76 -17.42 32.01 -31.78
C PRO B 76 -16.30 33.02 -31.54
N VAL B 77 -16.69 34.25 -31.20
CA VAL B 77 -15.74 35.27 -30.78
C VAL B 77 -16.17 35.79 -29.39
N PRO B 78 -15.92 34.99 -28.33
CA PRO B 78 -16.25 35.43 -26.97
C PRO B 78 -15.25 36.46 -26.48
N GLU B 79 -15.60 37.11 -25.37
CA GLU B 79 -14.74 38.09 -24.74
C GLU B 79 -14.62 37.77 -23.24
N ILE B 80 -13.40 37.83 -22.71
CA ILE B 80 -13.16 37.71 -21.27
C ILE B 80 -12.85 39.13 -20.76
N GLN B 81 -13.69 39.65 -19.85
CA GLN B 81 -13.71 41.11 -19.56
C GLN B 81 -12.33 41.76 -19.30
N PHE B 82 -11.49 41.10 -18.51
CA PHE B 82 -10.08 41.51 -18.37
C PHE B 82 -9.28 40.21 -18.31
N PHE B 83 -8.04 40.22 -18.82
CA PHE B 83 -7.31 38.95 -18.91
C PHE B 83 -6.87 38.37 -17.59
N GLY B 84 -6.75 39.24 -16.58
CA GLY B 84 -6.54 38.80 -15.21
C GLY B 84 -7.60 37.82 -14.72
N PHE B 85 -8.70 37.69 -15.48
CA PHE B 85 -9.76 36.74 -15.13
C PHE B 85 -9.65 35.40 -15.87
N VAL B 86 -8.56 35.22 -16.62
CA VAL B 86 -8.29 33.96 -17.36
C VAL B 86 -8.08 32.72 -16.45
N TYR B 87 -7.71 32.95 -15.19
CA TYR B 87 -7.44 31.85 -14.26
C TYR B 87 -8.63 30.88 -14.19
N GLU B 88 -9.83 31.45 -14.08
CA GLU B 88 -11.06 30.65 -14.00
C GLU B 88 -11.47 30.05 -15.35
N VAL B 89 -10.80 30.46 -16.44
CA VAL B 89 -11.15 30.04 -17.80
C VAL B 89 -10.08 29.14 -18.43
N MET B 90 -9.05 28.79 -17.67
CA MET B 90 -7.90 28.08 -18.24
C MET B 90 -8.24 26.68 -18.76
N ASP B 91 -9.09 25.92 -18.06
CA ASP B 91 -9.39 24.56 -18.54
C ASP B 91 -10.08 24.59 -19.89
N SER B 92 -11.08 25.44 -20.05
CA SER B 92 -11.82 25.46 -21.31
C SER B 92 -10.95 25.90 -22.49
N ILE B 93 -10.04 26.84 -22.26
CA ILE B 93 -9.14 27.33 -23.30
C ILE B 93 -7.95 26.41 -23.58
N CYS B 94 -7.23 26.05 -22.51
CA CYS B 94 -5.98 25.33 -22.63
C CYS B 94 -6.19 23.83 -22.49
N GLY B 95 -7.11 23.44 -21.61
CA GLY B 95 -7.36 22.03 -21.36
C GLY B 95 -8.34 21.42 -22.34
N GLN B 96 -9.13 22.28 -23.00
CA GLN B 96 -10.23 21.85 -23.86
C GLN B 96 -10.07 22.41 -25.28
N MET B 97 -10.50 23.64 -25.55
CA MET B 97 -10.48 24.14 -26.94
C MET B 97 -9.14 23.96 -27.67
N ALA B 98 -8.02 24.19 -26.99
CA ALA B 98 -6.69 23.98 -27.60
C ALA B 98 -6.46 22.52 -28.06
N ARG B 99 -7.27 21.60 -27.57
CA ARG B 99 -6.96 20.16 -27.63
C ARG B 99 -7.96 19.35 -28.44
N ILE B 100 -9.08 19.97 -28.79
CA ILE B 100 -10.17 19.26 -29.46
C ILE B 100 -9.79 18.71 -30.84
N ARG B 101 -9.09 19.50 -31.67
CA ARG B 101 -8.67 18.99 -32.97
C ARG B 101 -7.77 17.77 -32.81
N TYR B 102 -6.65 17.94 -32.11
CA TYR B 102 -5.80 16.82 -31.71
C TYR B 102 -6.62 15.69 -31.09
N ARG B 103 -7.44 16.01 -30.09
CA ARG B 103 -8.18 14.99 -29.33
C ARG B 103 -9.19 14.20 -30.15
N THR B 104 -9.73 14.81 -31.21
CA THR B 104 -10.73 14.15 -32.05
C THR B 104 -10.15 13.66 -33.37
N GLY B 105 -8.82 13.70 -33.49
CA GLY B 105 -8.13 13.35 -34.74
C GLY B 105 -8.62 14.15 -35.94
N GLY B 106 -8.97 15.40 -35.71
CA GLY B 106 -9.36 16.33 -36.78
C GLY B 106 -10.82 16.28 -37.15
N ARG B 107 -11.58 15.41 -36.47
CA ARG B 107 -13.02 15.26 -36.68
C ARG B 107 -13.80 16.50 -36.27
N TYR B 108 -13.40 17.13 -35.16
CA TYR B 108 -13.98 18.40 -34.74
C TYR B 108 -12.86 19.43 -34.72
N HIS B 109 -13.22 20.71 -34.63
CA HIS B 109 -12.24 21.76 -34.52
C HIS B 109 -12.80 23.01 -33.82
N MET B 110 -11.93 23.97 -33.56
CA MET B 110 -12.33 25.11 -32.71
C MET B 110 -11.95 26.43 -33.33
N PRO B 111 -12.82 26.93 -34.22
CA PRO B 111 -12.56 28.19 -34.89
C PRO B 111 -13.02 29.31 -33.95
N ILE B 112 -12.29 29.46 -32.83
CA ILE B 112 -12.64 30.39 -31.75
C ILE B 112 -11.56 31.45 -31.66
N THR B 113 -11.98 32.68 -31.41
CA THR B 113 -11.06 33.78 -31.12
C THR B 113 -11.53 34.34 -29.79
N ILE B 114 -10.63 34.35 -28.80
CA ILE B 114 -10.94 34.89 -27.48
C ILE B 114 -10.34 36.29 -27.43
N ARG B 115 -11.19 37.28 -27.23
CA ARG B 115 -10.75 38.67 -27.16
C ARG B 115 -10.61 39.04 -25.70
N SER B 116 -9.45 39.56 -25.30
CA SER B 116 -9.31 40.00 -23.92
C SER B 116 -8.40 41.20 -23.71
N PRO B 117 -8.93 42.27 -23.11
CA PRO B 117 -8.10 43.40 -22.68
C PRO B 117 -7.12 43.06 -21.56
N PHE B 118 -5.96 43.72 -21.55
CA PHE B 118 -4.96 43.59 -20.51
C PHE B 118 -4.14 44.86 -20.53
N GLY B 119 -3.13 44.95 -19.66
CA GLY B 119 -2.11 45.97 -19.77
C GLY B 119 -2.21 47.10 -18.79
N GLY B 120 -1.07 47.78 -18.57
CA GLY B 120 -0.95 48.85 -17.57
C GLY B 120 -0.80 50.27 -18.07
N GLY B 121 -0.62 51.18 -17.11
CA GLY B 121 -0.42 52.61 -17.39
C GLY B 121 -1.67 53.47 -17.25
N VAL B 122 -2.76 52.87 -16.80
CA VAL B 122 -4.05 53.60 -16.64
C VAL B 122 -4.71 53.42 -15.25
N HIS B 123 -3.88 53.09 -14.25
CA HIS B 123 -4.29 53.02 -12.83
C HIS B 123 -5.54 52.16 -12.54
N THR B 124 -5.72 51.09 -13.32
CA THR B 124 -6.82 50.13 -13.10
C THR B 124 -6.73 49.45 -11.72
N PRO B 125 -7.86 48.91 -11.24
CA PRO B 125 -7.86 48.09 -10.02
C PRO B 125 -7.08 46.78 -10.17
N GLU B 126 -6.91 46.09 -9.04
CA GLU B 126 -6.18 44.82 -8.96
C GLU B 126 -6.64 43.78 -9.99
N LEU B 127 -5.66 43.04 -10.53
CA LEU B 127 -5.90 41.92 -11.45
C LEU B 127 -6.65 42.34 -12.74
N HIS B 128 -6.50 43.60 -13.12
CA HIS B 128 -7.06 44.13 -14.36
C HIS B 128 -5.94 44.25 -15.40
N SER B 129 -4.78 44.70 -14.96
CA SER B 129 -3.66 45.00 -15.86
C SER B 129 -2.58 43.92 -16.01
N ASP B 130 -2.77 42.75 -15.38
CA ASP B 130 -1.75 41.67 -15.40
C ASP B 130 -1.41 41.17 -16.79
N SER B 131 -0.11 41.03 -17.08
CA SER B 131 0.34 40.48 -18.35
C SER B 131 0.49 38.95 -18.30
N LEU B 132 -0.51 38.23 -18.84
CA LEU B 132 -0.57 36.76 -18.68
C LEU B 132 -0.38 35.93 -19.96
N GLU B 133 0.14 36.59 -21.00
CA GLU B 133 0.43 35.96 -22.30
C GLU B 133 1.45 34.79 -22.18
N GLY B 134 2.34 34.87 -21.21
CA GLY B 134 3.33 33.82 -20.98
C GLY B 134 2.72 32.46 -20.71
N LEU B 135 1.54 32.46 -20.09
CA LEU B 135 0.86 31.23 -19.72
C LEU B 135 0.22 30.56 -20.95
N VAL B 136 -0.56 31.33 -21.70
CA VAL B 136 -1.26 30.78 -22.86
C VAL B 136 -0.27 30.37 -23.97
N ALA B 137 0.86 31.07 -24.05
CA ALA B 137 1.93 30.76 -25.01
C ALA B 137 2.61 29.42 -24.77
N GLN B 138 2.34 28.80 -23.62
CA GLN B 138 2.93 27.50 -23.30
C GLN B 138 2.00 26.35 -23.68
N GLN B 139 0.84 26.66 -24.25
CA GLN B 139 -0.13 25.65 -24.59
C GLN B 139 -0.17 25.28 -26.09
N PRO B 140 0.27 24.06 -26.42
CA PRO B 140 0.15 23.53 -27.78
C PRO B 140 -1.27 23.63 -28.35
N GLY B 141 -1.38 24.16 -29.57
CA GLY B 141 -2.67 24.21 -30.25
C GLY B 141 -3.44 25.51 -30.06
N LEU B 142 -2.74 26.53 -29.56
CA LEU B 142 -3.27 27.90 -29.46
C LEU B 142 -2.32 28.79 -30.20
N LYS B 143 -2.85 29.88 -30.77
CA LYS B 143 -1.99 30.94 -31.24
C LYS B 143 -2.26 32.20 -30.41
N VAL B 144 -1.23 33.01 -30.16
CA VAL B 144 -1.41 34.16 -29.25
C VAL B 144 -0.98 35.47 -29.90
N VAL B 145 -1.95 36.38 -30.05
CA VAL B 145 -1.75 37.58 -30.85
C VAL B 145 -1.89 38.88 -30.01
N ILE B 146 -0.90 39.77 -30.12
CA ILE B 146 -0.88 41.03 -29.36
C ILE B 146 -0.53 42.21 -30.27
N PRO B 147 -1.56 42.91 -30.81
CA PRO B 147 -1.32 44.11 -31.65
C PRO B 147 -0.85 45.35 -30.89
N SER B 148 -0.05 46.20 -31.54
CA SER B 148 0.39 47.47 -30.93
C SER B 148 -0.13 48.73 -31.64
N THR B 149 -0.69 48.57 -32.84
CA THR B 149 -1.18 49.72 -33.61
C THR B 149 -2.54 49.38 -34.14
N PRO B 150 -3.39 50.42 -34.42
CA PRO B 150 -4.71 50.24 -35.07
C PRO B 150 -4.69 49.43 -36.37
N TYR B 151 -3.68 49.65 -37.21
CA TYR B 151 -3.56 48.92 -38.47
C TYR B 151 -3.36 47.43 -38.24
N ASP B 152 -2.34 47.08 -37.46
CA ASP B 152 -2.06 45.68 -37.07
C ASP B 152 -3.32 45.09 -36.48
N ALA B 153 -3.88 45.78 -35.48
CA ALA B 153 -5.03 45.28 -34.75
C ALA B 153 -6.15 44.80 -35.65
N LYS B 154 -6.45 45.54 -36.72
CA LYS B 154 -7.56 45.17 -37.60
C LYS B 154 -7.25 43.97 -38.49
N GLY B 155 -6.08 43.93 -39.13
CA GLY B 155 -5.71 42.81 -40.00
C GLY B 155 -5.57 41.48 -39.25
N LEU B 156 -4.81 41.53 -38.14
CA LEU B 156 -4.64 40.39 -37.22
C LEU B 156 -5.95 39.86 -36.70
N LEU B 157 -6.92 40.74 -36.44
CA LEU B 157 -8.22 40.25 -35.93
C LEU B 157 -9.08 39.54 -36.97
N ILE B 158 -9.04 40.02 -38.21
CA ILE B 158 -9.77 39.37 -39.31
C ILE B 158 -9.16 37.98 -39.53
N SER B 159 -7.83 37.94 -39.70
CA SER B 159 -7.07 36.68 -39.71
C SER B 159 -7.43 35.74 -38.55
N ALA B 160 -7.37 36.28 -37.33
CA ALA B 160 -7.63 35.53 -36.10
C ALA B 160 -9.02 34.90 -36.16
N ILE B 161 -10.02 35.69 -36.57
CA ILE B 161 -11.41 35.17 -36.67
C ILE B 161 -11.60 34.14 -37.84
N ARG B 162 -10.76 34.24 -38.86
CA ARG B 162 -10.82 33.31 -40.00
C ARG B 162 -10.13 31.99 -39.68
N ASP B 163 -9.07 32.08 -38.86
CA ASP B 163 -8.35 30.92 -38.37
C ASP B 163 -9.30 29.86 -37.84
N ASN B 164 -9.08 28.62 -38.25
CA ASN B 164 -9.96 27.51 -37.87
C ASN B 164 -9.49 26.77 -36.62
N ASP B 165 -8.59 27.41 -35.87
CA ASP B 165 -8.10 26.91 -34.58
C ASP B 165 -8.08 28.07 -33.59
N PRO B 166 -7.95 27.78 -32.28
CA PRO B 166 -8.13 28.83 -31.29
C PRO B 166 -7.07 29.92 -31.31
N VAL B 167 -7.53 31.17 -31.24
CA VAL B 167 -6.58 32.28 -31.19
C VAL B 167 -6.89 33.13 -29.98
N ILE B 168 -5.85 33.54 -29.26
CA ILE B 168 -6.03 34.47 -28.14
C ILE B 168 -5.58 35.84 -28.61
N PHE B 169 -6.55 36.76 -28.68
CA PHE B 169 -6.31 38.10 -29.16
C PHE B 169 -6.31 39.07 -27.96
N LEU B 170 -5.13 39.54 -27.58
CA LEU B 170 -4.93 40.34 -26.36
C LEU B 170 -4.79 41.82 -26.68
N GLU B 171 -5.64 42.63 -26.03
CA GLU B 171 -5.80 44.03 -26.41
C GLU B 171 -5.33 44.92 -25.29
N HIS B 172 -4.24 45.62 -25.52
CA HIS B 172 -3.68 46.45 -24.46
C HIS B 172 -4.52 47.72 -24.21
N LEU B 173 -5.05 47.85 -22.98
CA LEU B 173 -5.89 48.98 -22.54
C LEU B 173 -5.30 50.37 -22.81
N LYS B 174 -4.03 50.53 -22.48
CA LYS B 174 -3.34 51.79 -22.74
C LYS B 174 -3.34 52.10 -24.23
N LEU B 175 -3.24 51.06 -25.06
CA LEU B 175 -3.17 51.26 -26.52
C LEU B 175 -4.51 51.46 -27.19
N TYR B 176 -5.61 51.23 -26.47
CA TYR B 176 -6.96 51.31 -27.03
C TYR B 176 -7.31 52.64 -27.75
N ARG B 177 -6.84 53.76 -27.17
CA ARG B 177 -7.10 55.12 -27.67
C ARG B 177 -5.90 56.05 -27.46
N SER B 178 -4.70 55.48 -27.39
CA SER B 178 -3.48 56.25 -27.06
C SER B 178 -2.90 56.98 -28.27
N PHE B 179 -3.25 56.49 -29.47
CA PHE B 179 -2.68 56.97 -30.71
C PHE B 179 -3.69 56.78 -31.84
N ARG B 180 -3.63 57.68 -32.82
CA ARG B 180 -4.45 57.59 -34.02
C ARG B 180 -3.57 57.19 -35.18
N GLN B 181 -4.12 56.39 -36.11
CA GLN B 181 -3.34 55.91 -37.24
C GLN B 181 -4.23 55.63 -38.42
N GLU B 182 -3.70 55.89 -39.61
CA GLU B 182 -4.41 55.57 -40.85
C GLU B 182 -4.50 54.07 -41.01
N VAL B 183 -5.71 53.56 -40.85
CA VAL B 183 -6.02 52.18 -41.14
C VAL B 183 -6.98 52.20 -42.33
N PRO B 184 -6.64 51.45 -43.39
CA PRO B 184 -7.54 51.20 -44.51
C PRO B 184 -9.00 51.01 -44.09
N GLU B 185 -9.93 51.39 -44.96
CA GLU B 185 -11.32 50.95 -44.86
C GLU B 185 -11.41 49.59 -45.52
N GLY B 186 -12.52 48.88 -45.32
CA GLY B 186 -12.74 47.58 -45.96
C GLY B 186 -11.87 46.46 -45.39
N GLU B 187 -11.88 45.31 -46.04
CA GLU B 187 -11.20 44.16 -45.50
C GLU B 187 -9.73 44.07 -45.95
N TYR B 188 -8.87 43.65 -45.00
CA TYR B 188 -7.48 43.23 -45.26
C TYR B 188 -7.05 42.30 -44.11
N THR B 189 -5.91 41.62 -44.28
CA THR B 189 -5.42 40.67 -43.29
C THR B 189 -3.92 40.82 -43.13
N ILE B 190 -3.43 40.46 -41.96
CA ILE B 190 -2.00 40.34 -41.68
C ILE B 190 -1.80 38.89 -41.23
N PRO B 191 -0.72 38.23 -41.69
CA PRO B 191 -0.60 36.82 -41.30
C PRO B 191 -0.22 36.67 -39.83
N ILE B 192 -0.82 35.71 -39.15
CA ILE B 192 -0.45 35.32 -37.78
C ILE B 192 0.87 34.56 -37.83
N GLY B 193 1.83 35.04 -37.07
CA GLY B 193 3.14 34.44 -37.00
C GLY B 193 4.15 35.30 -37.70
N LYS B 194 3.74 36.51 -38.09
CA LYS B 194 4.61 37.43 -38.82
C LYS B 194 4.87 38.74 -38.06
N ALA B 195 6.14 38.97 -37.71
CA ALA B 195 6.56 40.24 -37.11
C ALA B 195 6.75 41.27 -38.21
N ASP B 196 7.07 42.50 -37.83
CA ASP B 196 7.58 43.48 -38.78
C ASP B 196 8.55 44.47 -38.15
N ILE B 197 9.42 45.01 -38.98
CA ILE B 197 10.38 46.03 -38.58
C ILE B 197 9.61 47.36 -38.52
N LYS B 198 9.58 47.98 -37.34
CA LYS B 198 8.92 49.28 -37.16
C LYS B 198 9.93 50.46 -37.30
N ARG B 199 11.20 50.15 -37.15
CA ARG B 199 12.27 51.11 -37.42
C ARG B 199 13.52 50.32 -37.82
N GLU B 200 14.07 50.64 -39.00
CA GLU B 200 15.27 49.96 -39.51
C GLU B 200 16.51 50.51 -38.82
N GLY B 201 17.46 49.61 -38.52
CA GLY B 201 18.68 50.00 -37.82
C GLY B 201 19.79 48.99 -38.06
N LYS B 202 20.96 49.24 -37.47
CA LYS B 202 22.15 48.48 -37.84
C LYS B 202 23.06 48.19 -36.67
N ASP B 203 22.83 48.86 -35.54
CA ASP B 203 23.68 48.67 -34.38
C ASP B 203 23.08 47.72 -33.32
N ILE B 204 21.76 47.72 -33.19
CA ILE B 204 21.13 46.86 -32.19
C ILE B 204 19.71 46.55 -32.57
N THR B 205 19.33 45.28 -32.47
CA THR B 205 17.94 44.85 -32.60
C THR B 205 17.23 44.95 -31.23
N ILE B 206 16.07 45.61 -31.23
CA ILE B 206 15.21 45.68 -30.08
C ILE B 206 13.94 44.98 -30.45
N ILE B 207 13.66 43.87 -29.76
CA ILE B 207 12.48 43.06 -30.02
C ILE B 207 11.42 43.36 -28.94
N ALA B 208 10.18 43.58 -29.37
CA ALA B 208 9.17 44.07 -28.46
C ALA B 208 7.78 43.64 -28.85
N TYR B 209 6.85 43.80 -27.91
CA TYR B 209 5.42 43.62 -28.18
C TYR B 209 4.60 44.43 -27.20
N GLY B 210 3.33 44.60 -27.52
CA GLY B 210 2.41 45.38 -26.69
C GLY B 210 2.82 46.84 -26.55
N ALA B 211 2.54 47.42 -25.39
CA ALA B 211 2.92 48.81 -25.06
C ALA B 211 4.42 49.06 -25.15
N MET B 212 5.21 47.98 -25.14
CA MET B 212 6.66 48.14 -25.15
C MET B 212 7.24 48.47 -26.52
N VAL B 213 6.46 48.27 -27.59
CA VAL B 213 6.89 48.69 -28.91
C VAL B 213 7.04 50.24 -28.98
N HIS B 214 6.04 50.97 -28.50
CA HIS B 214 6.14 52.42 -28.44
C HIS B 214 7.31 52.83 -27.55
N GLU B 215 7.40 52.24 -26.36
CA GLU B 215 8.53 52.52 -25.47
C GLU B 215 9.85 52.28 -26.18
N SER B 216 9.85 51.31 -27.10
CA SER B 216 11.07 50.93 -27.82
C SER B 216 11.40 51.91 -28.94
N LEU B 217 10.36 52.31 -29.69
CA LEU B 217 10.48 53.33 -30.74
C LEU B 217 10.93 54.67 -30.14
N LYS B 218 10.32 55.05 -29.03
CA LYS B 218 10.69 56.25 -28.29
C LYS B 218 12.14 56.17 -27.81
N ALA B 219 12.60 54.96 -27.49
CA ALA B 219 13.99 54.78 -27.05
C ALA B 219 14.93 54.83 -28.24
N ALA B 220 14.50 54.26 -29.36
CA ALA B 220 15.30 54.26 -30.59
C ALA B 220 15.62 55.72 -31.00
N ALA B 221 14.61 56.60 -30.92
CA ALA B 221 14.76 58.03 -31.21
C ALA B 221 15.76 58.75 -30.31
N GLU B 222 15.79 58.41 -29.02
CA GLU B 222 16.74 59.02 -28.11
C GLU B 222 18.14 58.44 -28.29
N LEU B 223 18.20 57.22 -28.82
CA LEU B 223 19.47 56.52 -29.10
C LEU B 223 20.11 57.01 -30.38
N GLU B 224 19.30 57.39 -31.37
CA GLU B 224 19.81 57.97 -32.62
C GLU B 224 20.68 59.19 -32.35
N LYS B 225 20.22 60.08 -31.47
CA LYS B 225 20.96 61.28 -31.05
C LYS B 225 22.32 60.96 -30.43
N GLU B 226 22.46 59.71 -29.97
CA GLU B 226 23.71 59.23 -29.39
C GLU B 226 24.52 58.41 -30.40
N GLY B 227 24.01 58.35 -31.63
CA GLY B 227 24.67 57.63 -32.72
C GLY B 227 24.46 56.11 -32.71
N ILE B 228 23.46 55.65 -31.97
CA ILE B 228 23.12 54.22 -31.93
C ILE B 228 21.85 53.98 -32.75
N SER B 229 22.02 53.26 -33.87
CA SER B 229 20.92 52.92 -34.75
C SER B 229 20.29 51.59 -34.30
N ALA B 230 19.09 51.70 -33.75
CA ALA B 230 18.40 50.54 -33.21
C ALA B 230 17.26 50.15 -34.13
N GLU B 231 17.19 48.85 -34.45
CA GLU B 231 16.14 48.30 -35.29
C GLU B 231 15.06 47.74 -34.38
N VAL B 232 13.80 48.09 -34.64
CA VAL B 232 12.71 47.72 -33.75
C VAL B 232 11.78 46.71 -34.40
N VAL B 233 11.79 45.49 -33.83
CA VAL B 233 10.93 44.42 -34.29
C VAL B 233 9.75 44.28 -33.33
N ASP B 234 8.57 44.48 -33.87
CA ASP B 234 7.32 44.27 -33.16
C ASP B 234 6.88 42.85 -33.52
N LEU B 235 6.92 41.98 -32.51
CA LEU B 235 6.57 40.57 -32.66
C LEU B 235 5.20 40.31 -33.26
N ARG B 236 4.22 41.10 -32.83
CA ARG B 236 2.82 40.99 -33.27
C ARG B 236 2.12 39.71 -32.81
N THR B 237 2.76 38.58 -33.10
CA THR B 237 2.34 37.26 -32.61
C THR B 237 3.45 36.77 -31.71
N VAL B 238 3.09 36.33 -30.50
CA VAL B 238 4.12 35.89 -29.56
C VAL B 238 4.23 34.37 -29.48
N GLN B 239 3.25 33.70 -30.10
CA GLN B 239 3.25 32.25 -30.25
C GLN B 239 2.34 31.91 -31.43
N PRO B 240 2.91 31.43 -32.56
CA PRO B 240 4.34 31.22 -32.88
C PRO B 240 5.12 32.51 -33.11
N LEU B 241 6.39 32.53 -32.71
CA LEU B 241 7.27 33.61 -33.04
C LEU B 241 7.69 33.52 -34.51
N ASP B 242 7.96 34.69 -35.11
CA ASP B 242 8.46 34.80 -36.48
C ASP B 242 9.97 34.70 -36.42
N ILE B 243 10.47 33.46 -36.44
CA ILE B 243 11.90 33.18 -36.31
C ILE B 243 12.75 33.83 -37.41
N GLU B 244 12.28 33.76 -38.66
CA GLU B 244 13.04 34.35 -39.80
C GLU B 244 13.34 35.85 -39.59
N THR B 245 12.29 36.63 -39.33
CA THR B 245 12.41 38.09 -39.09
C THR B 245 13.30 38.40 -37.89
N ILE B 246 13.12 37.67 -36.78
CA ILE B 246 13.92 37.91 -35.58
C ILE B 246 15.37 37.59 -35.90
N ILE B 247 15.61 36.43 -36.53
CA ILE B 247 17.00 35.97 -36.75
C ILE B 247 17.71 36.82 -37.83
N GLY B 248 17.04 37.04 -38.97
CA GLY B 248 17.53 37.99 -39.98
C GLY B 248 18.08 39.27 -39.37
N SER B 249 17.28 39.91 -38.52
CA SER B 249 17.67 41.17 -37.86
C SER B 249 18.88 41.08 -36.95
N VAL B 250 18.91 40.07 -36.09
CA VAL B 250 20.08 39.85 -35.21
C VAL B 250 21.33 39.51 -36.05
N GLU B 251 21.13 38.77 -37.13
CA GLU B 251 22.22 38.47 -38.06
C GLU B 251 22.79 39.74 -38.67
N LYS B 252 21.90 40.65 -39.07
CA LYS B 252 22.28 41.95 -39.58
C LYS B 252 23.01 42.82 -38.55
N THR B 253 22.46 42.91 -37.32
CA THR B 253 22.96 43.87 -36.32
C THR B 253 24.02 43.31 -35.40
N GLY B 254 23.91 42.03 -35.08
CA GLY B 254 24.83 41.38 -34.13
C GLY B 254 24.63 41.68 -32.64
N ARG B 255 23.59 42.43 -32.29
CA ARG B 255 23.28 42.77 -30.88
C ARG B 255 21.76 42.78 -30.66
N ALA B 256 21.28 42.24 -29.54
CA ALA B 256 19.82 42.28 -29.27
C ALA B 256 19.42 42.47 -27.82
N ILE B 257 18.22 43.02 -27.64
CA ILE B 257 17.56 43.03 -26.34
C ILE B 257 16.10 42.70 -26.61
N VAL B 258 15.42 42.13 -25.61
CA VAL B 258 14.02 41.80 -25.72
C VAL B 258 13.28 42.58 -24.65
N VAL B 259 12.18 43.21 -25.04
CA VAL B 259 11.47 44.13 -24.17
C VAL B 259 10.04 43.65 -23.95
N GLN B 260 9.67 43.48 -22.69
CA GLN B 260 8.28 43.11 -22.35
C GLN B 260 7.80 43.88 -21.11
N GLU B 261 6.49 44.02 -20.98
CA GLU B 261 5.87 44.70 -19.83
C GLU B 261 5.75 43.76 -18.61
N ALA B 262 5.58 42.45 -18.89
CA ALA B 262 5.42 41.43 -17.85
C ALA B 262 6.65 41.31 -16.94
N GLN B 263 6.45 40.74 -15.76
CA GLN B 263 7.57 40.42 -14.87
C GLN B 263 8.61 39.56 -15.59
N ARG B 264 9.86 39.73 -15.19
CA ARG B 264 10.96 39.00 -15.76
C ARG B 264 10.73 37.49 -15.84
N GLN B 265 10.07 36.91 -14.82
CA GLN B 265 9.82 35.44 -14.77
C GLN B 265 8.62 35.02 -15.60
N ALA B 266 7.97 35.98 -16.25
CA ALA B 266 6.75 35.73 -16.97
C ALA B 266 6.94 36.23 -18.41
N GLY B 267 5.87 36.45 -19.16
CA GLY B 267 6.02 36.96 -20.54
C GLY B 267 6.55 35.88 -21.49
N ILE B 268 7.13 36.30 -22.62
CA ILE B 268 7.73 35.37 -23.60
C ILE B 268 9.18 35.71 -23.98
N ALA B 269 9.78 36.68 -23.28
CA ALA B 269 11.15 37.12 -23.59
C ALA B 269 12.21 36.03 -23.48
N ALA B 270 12.07 35.12 -22.52
CA ALA B 270 13.11 34.10 -22.35
C ALA B 270 13.09 33.14 -23.54
N ASN B 271 11.89 32.84 -24.03
CA ASN B 271 11.71 32.10 -25.28
C ASN B 271 12.44 32.75 -26.44
N VAL B 272 12.25 34.06 -26.59
CA VAL B 272 12.89 34.79 -27.69
C VAL B 272 14.40 34.67 -27.53
N VAL B 273 14.91 34.93 -26.32
CA VAL B 273 16.36 34.86 -26.01
C VAL B 273 16.99 33.49 -26.25
N ALA B 274 16.26 32.43 -25.90
CA ALA B 274 16.66 31.04 -26.16
C ALA B 274 16.71 30.71 -27.67
N GLU B 275 15.80 31.31 -28.42
CA GLU B 275 15.74 31.06 -29.87
C GLU B 275 16.93 31.71 -30.56
N ILE B 276 17.27 32.92 -30.11
CA ILE B 276 18.39 33.65 -30.65
C ILE B 276 19.72 32.96 -30.34
N ASN B 277 19.88 32.52 -29.09
CA ASN B 277 21.06 31.76 -28.65
CA ASN B 277 21.08 31.80 -28.71
C ASN B 277 21.25 30.48 -29.48
N GLU B 278 20.14 29.86 -29.84
CA GLU B 278 20.14 28.59 -30.54
C GLU B 278 20.40 28.74 -32.04
N ARG B 279 19.94 29.85 -32.64
CA ARG B 279 19.95 30.00 -34.09
C ARG B 279 20.93 31.06 -34.65
N ALA B 280 21.56 31.85 -33.78
CA ALA B 280 22.37 32.98 -34.22
C ALA B 280 23.48 33.41 -33.27
N ILE B 281 23.96 32.49 -32.44
CA ILE B 281 25.04 32.83 -31.49
C ILE B 281 26.35 33.21 -32.21
N LEU B 282 26.53 32.72 -33.42
CA LEU B 282 27.75 33.04 -34.19
C LEU B 282 27.76 34.50 -34.68
N SER B 283 26.59 35.15 -34.65
CA SER B 283 26.45 36.56 -35.01
C SER B 283 26.51 37.49 -33.81
N LEU B 284 26.38 36.94 -32.59
CA LEU B 284 26.27 37.76 -31.39
C LEU B 284 27.55 38.38 -30.92
N GLU B 285 27.51 39.71 -30.76
CA GLU B 285 28.63 40.49 -30.21
C GLU B 285 28.55 40.58 -28.69
N ALA B 286 27.35 40.37 -28.16
CA ALA B 286 27.05 40.58 -26.73
C ALA B 286 25.88 39.70 -26.28
N PRO B 287 25.76 39.45 -24.96
CA PRO B 287 24.54 38.74 -24.51
C PRO B 287 23.26 39.46 -24.92
N VAL B 288 22.24 38.69 -25.33
CA VAL B 288 20.90 39.25 -25.55
C VAL B 288 20.29 39.54 -24.17
N LEU B 289 20.05 40.82 -23.88
CA LEU B 289 19.50 41.20 -22.57
C LEU B 289 17.99 41.44 -22.60
N ARG B 290 17.37 41.45 -21.44
CA ARG B 290 15.91 41.56 -21.35
C ARG B 290 15.55 42.78 -20.54
N VAL B 291 14.56 43.52 -21.05
CA VAL B 291 13.92 44.56 -20.24
C VAL B 291 12.57 43.97 -19.84
N ALA B 292 12.30 44.01 -18.53
CA ALA B 292 11.10 43.42 -17.95
C ALA B 292 10.80 44.04 -16.60
N ALA B 293 9.55 43.90 -16.19
CA ALA B 293 9.13 44.34 -14.88
C ALA B 293 9.81 43.54 -13.75
N PRO B 294 9.88 44.12 -12.55
CA PRO B 294 10.35 43.36 -11.40
C PRO B 294 9.49 42.12 -11.12
N ASP B 295 10.08 41.09 -10.52
CA ASP B 295 9.39 39.83 -10.25
C ASP B 295 8.50 39.93 -8.99
N THR B 296 7.61 40.93 -8.97
CA THR B 296 6.60 41.06 -7.92
C THR B 296 5.22 40.93 -8.55
N VAL B 297 4.20 40.78 -7.71
CA VAL B 297 2.81 40.96 -8.14
C VAL B 297 2.72 42.36 -8.81
N TYR B 298 1.81 42.47 -9.78
CA TYR B 298 1.51 43.72 -10.46
C TYR B 298 1.31 44.87 -9.44
N PRO B 299 1.88 46.06 -9.71
CA PRO B 299 1.96 47.08 -8.66
C PRO B 299 0.60 47.59 -8.23
N PHE B 300 0.43 47.81 -6.92
CA PHE B 300 -0.64 48.68 -6.44
C PHE B 300 -0.63 49.92 -7.34
N ALA B 301 -1.81 50.33 -7.82
CA ALA B 301 -1.95 51.37 -8.83
C ALA B 301 -0.99 52.56 -8.76
N GLN B 302 -0.76 53.11 -7.56
CA GLN B 302 0.10 54.30 -7.41
C GLN B 302 1.58 54.06 -7.69
N ALA B 303 2.00 52.80 -7.55
CA ALA B 303 3.37 52.42 -7.82
C ALA B 303 3.64 52.09 -9.29
N GLU B 304 2.63 52.23 -10.15
CA GLU B 304 2.79 51.83 -11.55
C GLU B 304 3.99 52.46 -12.28
N SER B 305 4.16 53.77 -12.12
CA SER B 305 5.12 54.49 -12.94
C SER B 305 6.57 54.14 -12.59
N VAL B 306 6.84 53.84 -11.32
CA VAL B 306 8.19 53.41 -10.90
C VAL B 306 8.46 51.93 -11.20
N TRP B 307 7.39 51.15 -11.42
CA TRP B 307 7.47 49.69 -11.58
C TRP B 307 7.49 49.23 -13.03
N LEU B 308 6.58 49.75 -13.84
CA LEU B 308 6.51 49.41 -15.25
C LEU B 308 7.77 49.80 -16.03
N PRO B 309 8.24 48.88 -16.91
CA PRO B 309 9.36 49.20 -17.80
C PRO B 309 8.94 50.32 -18.77
N ASN B 310 9.85 51.22 -19.08
CA ASN B 310 9.54 52.31 -20.04
C ASN B 310 10.74 52.61 -20.91
N PHE B 311 10.63 53.65 -21.74
CA PHE B 311 11.67 53.98 -22.72
C PHE B 311 13.06 54.15 -22.12
N LYS B 312 13.11 54.61 -20.88
CA LYS B 312 14.36 54.87 -20.19
C LYS B 312 15.10 53.58 -19.77
N ASP B 313 14.34 52.52 -19.50
CA ASP B 313 14.95 51.22 -19.18
C ASP B 313 15.47 50.60 -20.47
N VAL B 314 14.72 50.77 -21.55
CA VAL B 314 15.15 50.30 -22.86
C VAL B 314 16.49 50.95 -23.25
N ILE B 315 16.56 52.28 -23.14
CA ILE B 315 17.78 53.05 -23.44
C ILE B 315 18.96 52.55 -22.61
N GLU B 316 18.74 52.37 -21.31
CA GLU B 316 19.81 51.98 -20.40
C GLU B 316 20.32 50.58 -20.74
N THR B 317 19.40 49.69 -21.08
CA THR B 317 19.75 48.31 -21.37
C THR B 317 20.46 48.18 -22.72
N ALA B 318 19.90 48.80 -23.76
CA ALA B 318 20.57 48.88 -25.07
C ALA B 318 22.01 49.39 -24.97
N LYS B 319 22.20 50.50 -24.28
CA LYS B 319 23.54 51.03 -24.02
C LYS B 319 24.43 50.03 -23.27
N LYS B 320 23.85 49.27 -22.34
CA LYS B 320 24.60 48.21 -21.65
C LYS B 320 25.10 47.19 -22.68
N VAL B 321 24.28 46.89 -23.67
CA VAL B 321 24.64 45.95 -24.71
C VAL B 321 25.72 46.55 -25.63
N MET B 322 25.56 47.82 -26.00
CA MET B 322 26.52 48.50 -26.90
C MET B 322 27.92 48.60 -26.30
N ASN B 323 27.97 48.79 -24.99
CA ASN B 323 29.21 48.93 -24.24
C ASN B 323 29.78 47.63 -23.69
N PHE B 324 29.21 46.50 -24.08
CA PHE B 324 29.67 45.21 -23.55
C PHE B 324 31.12 44.89 -23.94
N PHE C 5 -48.71 11.55 -19.25
CA PHE C 5 -47.86 11.57 -18.03
C PHE C 5 -46.92 12.78 -18.08
N GLN C 6 -47.36 13.83 -17.39
CA GLN C 6 -46.49 14.95 -17.06
C GLN C 6 -45.87 14.67 -15.69
N PHE C 7 -44.59 15.00 -15.55
CA PHE C 7 -44.02 15.20 -14.21
C PHE C 7 -44.51 16.56 -13.73
N PRO C 8 -44.78 16.69 -12.41
CA PRO C 8 -45.19 17.99 -11.85
C PRO C 8 -44.06 19.04 -11.80
N PHE C 9 -43.49 19.36 -12.95
CA PHE C 9 -42.37 20.31 -13.04
C PHE C 9 -42.76 21.73 -12.63
N ALA C 10 -43.83 22.24 -13.26
CA ALA C 10 -44.40 23.55 -12.94
C ALA C 10 -44.68 23.73 -11.45
N GLU C 11 -45.28 22.72 -10.83
CA GLU C 11 -45.54 22.75 -9.39
C GLU C 11 -44.24 22.79 -8.59
N GLN C 12 -43.26 21.98 -9.01
CA GLN C 12 -41.98 21.88 -8.29
C GLN C 12 -41.27 23.22 -8.22
N LEU C 13 -41.17 23.92 -9.35
CA LEU C 13 -40.55 25.24 -9.42
C LEU C 13 -41.24 26.25 -8.51
N GLU C 14 -42.58 26.20 -8.49
CA GLU C 14 -43.38 27.09 -7.66
C GLU C 14 -43.24 26.80 -6.17
N LYS C 15 -43.43 25.53 -5.79
CA LYS C 15 -43.41 25.11 -4.39
C LYS C 15 -42.06 25.38 -3.72
N VAL C 16 -40.98 25.19 -4.48
CA VAL C 16 -39.62 25.49 -4.04
C VAL C 16 -39.43 27.00 -3.85
N ALA C 17 -39.78 27.78 -4.88
CA ALA C 17 -39.67 29.23 -4.81
C ALA C 17 -40.47 29.80 -3.64
N GLU C 18 -41.60 29.14 -3.34
CA GLU C 18 -42.48 29.48 -2.21
C GLU C 18 -41.84 29.34 -0.84
N GLN C 19 -40.73 28.61 -0.78
CA GLN C 19 -40.01 28.44 0.47
C GLN C 19 -39.13 29.65 0.78
N PHE C 20 -39.07 30.58 -0.16
CA PHE C 20 -38.20 31.73 -0.08
C PHE C 20 -38.93 33.08 -0.27
N PRO C 21 -39.90 33.39 0.63
CA PRO C 21 -40.60 34.66 0.50
C PRO C 21 -39.78 35.78 1.16
N THR C 22 -40.01 37.02 0.74
CA THR C 22 -39.22 38.14 1.23
C THR C 22 -39.54 38.43 2.69
N PHE C 23 -38.50 38.38 3.51
CA PHE C 23 -38.58 38.69 4.93
C PHE C 23 -38.46 40.21 5.07
N GLN C 24 -39.37 40.80 5.82
CA GLN C 24 -39.44 42.25 6.00
C GLN C 24 -40.02 42.56 7.38
N ILE C 25 -39.42 43.53 8.06
CA ILE C 25 -39.97 44.02 9.33
C ILE C 25 -40.44 45.47 9.20
N LEU C 26 -39.67 46.27 8.47
CA LEU C 26 -40.05 47.65 8.21
C LEU C 26 -40.43 47.87 6.75
N ASN C 27 -41.65 48.37 6.54
CA ASN C 27 -42.03 48.88 5.23
C ASN C 27 -41.53 50.30 4.99
N GLU C 28 -41.81 50.83 3.81
CA GLU C 28 -41.23 52.12 3.38
C GLU C 28 -41.54 53.30 4.28
N GLU C 29 -42.58 53.18 5.10
CA GLU C 29 -43.05 54.28 5.93
C GLU C 29 -42.50 54.23 7.35
N GLY C 30 -41.72 53.18 7.64
CA GLY C 30 -41.20 52.98 8.99
C GLY C 30 -42.20 52.28 9.88
N GLU C 31 -43.14 51.58 9.26
CA GLU C 31 -44.16 50.83 10.00
C GLU C 31 -43.74 49.37 10.15
N VAL C 32 -43.89 48.86 11.37
CA VAL C 32 -43.56 47.47 11.70
C VAL C 32 -44.63 46.53 11.15
N VAL C 33 -44.34 45.92 9.99
CA VAL C 33 -45.25 44.99 9.31
C VAL C 33 -45.04 43.52 9.72
N ASN C 34 -44.12 43.28 10.65
CA ASN C 34 -43.80 41.93 11.12
C ASN C 34 -43.17 42.05 12.50
N GLU C 35 -44.04 42.13 13.50
CA GLU C 35 -43.65 42.40 14.87
C GLU C 35 -43.11 41.17 15.61
N GLU C 36 -43.57 39.99 15.24
CA GLU C 36 -43.06 38.75 15.86
C GLU C 36 -41.56 38.57 15.61
N ALA C 37 -41.13 38.89 14.39
CA ALA C 37 -39.72 38.75 13.98
C ALA C 37 -38.81 39.90 14.46
N MET C 38 -39.40 40.86 15.15
CA MET C 38 -38.72 42.04 15.69
C MET C 38 -37.47 41.69 16.53
N PRO C 39 -36.27 42.15 16.11
CA PRO C 39 -35.06 41.89 16.89
C PRO C 39 -34.96 42.76 18.15
N GLU C 40 -34.32 42.20 19.19
CA GLU C 40 -34.14 42.90 20.45
C GLU C 40 -32.94 43.85 20.36
N LEU C 41 -33.24 45.12 20.11
CA LEU C 41 -32.24 46.16 20.09
C LEU C 41 -32.63 47.24 21.08
N SER C 42 -31.65 47.67 21.88
CA SER C 42 -31.83 48.76 22.82
C SER C 42 -32.01 50.07 22.06
N ASP C 43 -32.46 51.10 22.75
CA ASP C 43 -32.60 52.45 22.20
C ASP C 43 -31.27 52.94 21.64
N GLU C 44 -30.20 52.67 22.37
CA GLU C 44 -28.87 53.11 22.02
C GLU C 44 -28.33 52.35 20.79
N GLN C 45 -28.68 51.07 20.68
CA GLN C 45 -28.27 50.27 19.51
C GLN C 45 -28.96 50.76 18.25
N LEU C 46 -30.22 51.15 18.39
CA LEU C 46 -30.99 51.65 17.26
C LEU C 46 -30.44 52.98 16.74
N LYS C 47 -30.06 53.86 17.66
CA LYS C 47 -29.40 55.14 17.32
C LYS C 47 -28.06 54.90 16.64
N GLU C 48 -27.29 53.97 17.19
CA GLU C 48 -25.94 53.67 16.71
C GLU C 48 -25.97 53.12 15.29
N LEU C 49 -26.94 52.25 15.02
CA LEU C 49 -27.18 51.73 13.69
C LEU C 49 -27.53 52.87 12.75
N MET C 50 -28.35 53.82 13.20
CA MET C 50 -28.69 54.97 12.38
C MET C 50 -27.52 55.91 12.17
N ARG C 51 -26.74 56.18 13.21
CA ARG C 51 -25.53 56.98 13.07
C ARG C 51 -24.58 56.39 12.02
N ARG C 52 -24.38 55.07 12.08
CA ARG C 52 -23.52 54.37 11.13
C ARG C 52 -24.01 54.46 9.71
N MET C 53 -25.32 54.24 9.51
CA MET C 53 -25.89 54.34 8.17
C MET C 53 -25.80 55.74 7.57
N VAL C 54 -26.09 56.78 8.38
CA VAL C 54 -26.00 58.18 7.95
C VAL C 54 -24.57 58.52 7.53
N TYR C 55 -23.61 58.15 8.39
CA TYR C 55 -22.18 58.35 8.18
C TYR C 55 -21.73 57.68 6.86
N THR C 56 -22.25 56.49 6.62
CA THR C 56 -21.89 55.74 5.40
C THR C 56 -22.45 56.40 4.15
N ARG C 57 -23.67 56.92 4.22
CA ARG C 57 -24.20 57.77 3.15
C ARG C 57 -23.28 58.96 2.86
N ILE C 58 -22.86 59.67 3.91
CA ILE C 58 -21.95 60.80 3.72
C ILE C 58 -20.64 60.34 3.07
N LEU C 59 -20.12 59.21 3.54
CA LEU C 59 -18.88 58.63 3.00
C LEU C 59 -18.96 58.36 1.49
N ASP C 60 -20.11 57.84 1.05
CA ASP C 60 -20.34 57.64 -0.37
C ASP C 60 -20.35 58.95 -1.17
N GLN C 61 -21.04 59.97 -0.65
CA GLN C 61 -21.12 61.28 -1.32
C GLN C 61 -19.76 61.96 -1.41
N ARG C 62 -19.02 61.90 -0.32
CA ARG C 62 -17.67 62.50 -0.27
C ARG C 62 -16.67 61.70 -1.11
N SER C 63 -16.78 60.38 -1.08
CA SER C 63 -15.91 59.52 -1.91
C SER C 63 -16.14 59.71 -3.41
N ILE C 64 -17.39 59.81 -3.83
CA ILE C 64 -17.69 60.10 -5.25
C ILE C 64 -17.06 61.44 -5.66
N SER C 65 -17.27 62.45 -4.83
CA SER C 65 -16.68 63.77 -5.02
C SER C 65 -15.14 63.75 -5.05
N LEU C 66 -14.50 63.10 -4.08
CA LEU C 66 -13.04 63.03 -4.03
C LEU C 66 -12.45 62.29 -5.25
N ASN C 67 -13.13 61.22 -5.66
CA ASN C 67 -12.78 60.43 -6.84
C ASN C 67 -12.83 61.28 -8.12
N ARG C 68 -13.86 62.13 -8.24
CA ARG C 68 -14.00 63.06 -9.35
C ARG C 68 -12.82 64.06 -9.42
N GLN C 69 -12.38 64.52 -8.25
CA GLN C 69 -11.24 65.43 -8.13
C GLN C 69 -9.85 64.75 -8.30
N GLY C 70 -9.87 63.42 -8.47
CA GLY C 70 -8.63 62.65 -8.61
C GLY C 70 -7.87 62.40 -7.30
N ARG C 71 -8.52 62.61 -6.16
CA ARG C 71 -7.92 62.36 -4.84
C ARG C 71 -8.30 60.98 -4.28
N LEU C 72 -9.09 60.23 -5.04
CA LEU C 72 -9.27 58.79 -4.83
C LEU C 72 -9.19 58.10 -6.18
N GLY C 73 -8.85 56.82 -6.18
CA GLY C 73 -8.76 56.02 -7.40
C GLY C 73 -10.02 55.20 -7.54
N PHE C 74 -9.87 53.87 -7.46
CA PHE C 74 -11.00 52.94 -7.55
C PHE C 74 -12.04 53.18 -6.47
N TYR C 75 -13.28 53.40 -6.87
CA TYR C 75 -14.38 53.54 -5.92
C TYR C 75 -15.71 52.98 -6.42
N ALA C 76 -16.24 52.02 -5.67
CA ALA C 76 -17.49 51.36 -6.02
C ALA C 76 -18.59 51.84 -5.09
N PRO C 77 -19.50 52.69 -5.61
CA PRO C 77 -20.54 53.40 -4.84
C PRO C 77 -21.42 52.48 -4.00
N THR C 78 -21.88 53.00 -2.86
CA THR C 78 -22.60 52.20 -1.86
C THR C 78 -24.00 52.72 -1.50
N ALA C 79 -24.30 53.97 -1.86
CA ALA C 79 -25.57 54.62 -1.49
C ALA C 79 -26.81 53.77 -1.84
N GLY C 80 -27.66 53.56 -0.84
CA GLY C 80 -28.81 52.68 -1.00
C GLY C 80 -28.61 51.32 -0.35
N GLN C 81 -27.35 50.90 -0.20
CA GLN C 81 -27.05 49.57 0.36
C GLN C 81 -26.70 49.60 1.85
N GLU C 82 -27.10 50.67 2.54
CA GLU C 82 -26.72 50.90 3.94
C GLU C 82 -27.32 49.90 4.90
N ALA C 83 -28.58 49.52 4.70
CA ALA C 83 -29.19 48.48 5.53
C ALA C 83 -28.42 47.14 5.34
N SER C 84 -28.27 46.76 4.09
CA SER C 84 -27.62 45.51 3.72
C SER C 84 -26.17 45.42 4.22
N GLN C 85 -25.39 46.48 4.01
CA GLN C 85 -23.99 46.50 4.47
C GLN C 85 -23.83 46.79 5.97
N ILE C 86 -24.54 47.80 6.45
CA ILE C 86 -24.34 48.26 7.84
C ILE C 86 -25.13 47.47 8.89
N ALA C 87 -26.38 47.16 8.60
CA ALA C 87 -27.19 46.34 9.55
C ALA C 87 -26.67 44.91 9.72
N SER C 88 -26.17 44.30 8.63
CA SER C 88 -25.56 42.96 8.67
C SER C 88 -24.29 42.95 9.52
N HIS C 89 -23.43 43.95 9.30
CA HIS C 89 -22.25 44.13 10.13
C HIS C 89 -22.63 44.27 11.60
N PHE C 90 -23.69 45.03 11.87
CA PHE C 90 -24.13 45.32 13.24
C PHE C 90 -24.42 44.05 14.06
N ALA C 91 -24.84 43.00 13.36
CA ALA C 91 -25.14 41.72 13.95
C ALA C 91 -23.87 40.93 14.33
N LEU C 92 -22.71 41.42 13.92
CA LEU C 92 -21.44 40.71 14.14
C LEU C 92 -20.75 41.07 15.46
N GLU C 93 -19.84 40.19 15.87
CA GLU C 93 -18.96 40.42 17.00
C GLU C 93 -17.53 40.55 16.49
N LYS C 94 -16.63 41.10 17.31
CA LYS C 94 -15.24 41.35 16.89
C LYS C 94 -14.43 40.08 16.61
N GLU C 95 -14.91 38.96 17.15
CA GLU C 95 -14.32 37.65 16.92
C GLU C 95 -14.56 37.17 15.50
N ASP C 96 -15.58 37.73 14.85
CA ASP C 96 -15.99 37.31 13.51
C ASP C 96 -15.07 37.90 12.46
N PHE C 97 -14.85 37.12 11.40
CA PHE C 97 -13.90 37.44 10.36
C PHE C 97 -14.65 37.80 9.09
N ILE C 98 -14.32 38.95 8.50
CA ILE C 98 -15.04 39.42 7.31
C ILE C 98 -14.21 39.27 6.06
N LEU C 99 -14.84 38.71 5.02
CA LEU C 99 -14.22 38.57 3.71
C LEU C 99 -15.02 39.36 2.69
N PRO C 100 -14.71 40.68 2.56
CA PRO C 100 -15.49 41.57 1.74
C PRO C 100 -15.16 41.46 0.24
N GLY C 101 -16.13 41.84 -0.59
CA GLY C 101 -15.89 42.09 -2.00
C GLY C 101 -15.42 43.52 -2.21
N TYR C 102 -15.15 43.88 -3.47
CA TYR C 102 -14.63 45.19 -3.84
C TYR C 102 -15.53 46.34 -3.35
N ARG C 103 -16.84 46.07 -3.19
CA ARG C 103 -17.81 47.10 -2.79
C ARG C 103 -18.04 47.18 -1.26
N ASP C 104 -17.44 46.27 -0.50
CA ASP C 104 -17.78 46.09 0.91
C ASP C 104 -16.77 46.72 1.88
N VAL C 105 -16.28 47.90 1.50
CA VAL C 105 -15.39 48.73 2.32
C VAL C 105 -16.05 49.20 3.64
N PRO C 106 -17.33 49.68 3.60
CA PRO C 106 -17.96 50.14 4.85
C PRO C 106 -17.96 49.11 5.97
N GLN C 107 -18.33 47.86 5.64
CA GLN C 107 -18.27 46.77 6.60
C GLN C 107 -16.90 46.61 7.29
N ILE C 108 -15.80 46.71 6.54
CA ILE C 108 -14.48 46.56 7.15
C ILE C 108 -14.03 47.81 7.92
N ILE C 109 -14.49 48.99 7.48
CA ILE C 109 -14.30 50.25 8.22
C ILE C 109 -14.97 50.15 9.60
N TRP C 110 -16.24 49.73 9.65
CA TRP C 110 -16.96 49.59 10.91
C TRP C 110 -16.43 48.45 11.80
N HIS C 111 -15.75 47.47 11.20
CA HIS C 111 -15.16 46.36 11.94
C HIS C 111 -13.81 46.79 12.53
N GLY C 112 -13.26 47.91 12.04
CA GLY C 112 -12.06 48.49 12.64
C GLY C 112 -10.95 48.93 11.71
N LEU C 113 -11.17 48.89 10.39
CA LEU C 113 -10.15 49.43 9.48
C LEU C 113 -10.17 50.95 9.54
N PRO C 114 -9.02 51.58 9.89
CA PRO C 114 -8.95 53.04 9.91
C PRO C 114 -9.30 53.62 8.55
N LEU C 115 -10.03 54.73 8.56
CA LEU C 115 -10.57 55.33 7.35
C LEU C 115 -9.48 55.73 6.33
N TYR C 116 -8.35 56.22 6.83
CA TYR C 116 -7.28 56.64 5.91
C TYR C 116 -6.68 55.45 5.14
N GLN C 117 -6.70 54.26 5.77
CA GLN C 117 -6.30 52.99 5.13
C GLN C 117 -7.33 52.52 4.09
N ALA C 118 -8.62 52.74 4.36
CA ALA C 118 -9.63 52.55 3.30
C ALA C 118 -9.37 53.42 2.06
N PHE C 119 -8.90 54.65 2.29
CA PHE C 119 -8.61 55.58 1.21
C PHE C 119 -7.32 55.22 0.47
N LEU C 120 -6.35 54.71 1.20
CA LEU C 120 -5.12 54.24 0.59
C LEU C 120 -5.41 53.02 -0.31
N PHE C 121 -6.34 52.16 0.13
CA PHE C 121 -6.81 51.06 -0.71
C PHE C 121 -7.36 51.58 -2.05
N SER C 122 -8.19 52.62 -1.97
CA SER C 122 -8.81 53.18 -3.16
C SER C 122 -7.78 53.74 -4.14
N ARG C 123 -6.73 54.38 -3.61
CA ARG C 123 -5.70 54.99 -4.44
C ARG C 123 -4.74 53.97 -5.05
N GLY C 124 -4.51 52.87 -4.34
CA GLY C 124 -3.60 51.82 -4.79
C GLY C 124 -2.29 51.95 -4.06
N HIS C 125 -2.35 51.78 -2.73
CA HIS C 125 -1.17 51.85 -1.86
C HIS C 125 -1.22 50.66 -0.90
N PHE C 126 -0.12 49.92 -0.79
CA PHE C 126 -0.07 48.70 0.02
C PHE C 126 -0.44 48.90 1.50
N HIS C 127 -0.14 50.07 2.06
CA HIS C 127 -0.45 50.36 3.47
C HIS C 127 -1.95 50.30 3.76
N GLY C 128 -2.76 50.59 2.75
CA GLY C 128 -4.22 50.51 2.87
C GLY C 128 -4.72 49.11 3.17
N ASN C 129 -3.93 48.12 2.76
CA ASN C 129 -4.24 46.70 2.97
C ASN C 129 -3.50 46.13 4.17
N GLN C 130 -2.78 46.98 4.92
CA GLN C 130 -2.09 46.54 6.14
C GLN C 130 -3.03 46.55 7.35
N ILE C 131 -4.00 45.65 7.32
CA ILE C 131 -5.03 45.48 8.35
C ILE C 131 -4.44 45.44 9.79
N PRO C 132 -4.91 46.34 10.67
CA PRO C 132 -4.45 46.28 12.07
C PRO C 132 -4.76 44.93 12.70
N GLU C 133 -3.82 44.42 13.49
CA GLU C 133 -3.98 43.13 14.13
C GLU C 133 -5.18 43.15 15.07
N GLY C 134 -5.95 42.06 15.06
CA GLY C 134 -7.15 41.99 15.86
C GLY C 134 -8.38 42.53 15.15
N VAL C 135 -8.19 43.20 14.01
CA VAL C 135 -9.30 43.59 13.14
C VAL C 135 -9.40 42.47 12.12
N ASN C 136 -10.38 41.59 12.32
CA ASN C 136 -10.46 40.34 11.55
C ASN C 136 -11.14 40.53 10.22
N VAL C 137 -10.41 41.14 9.29
CA VAL C 137 -10.88 41.32 7.92
C VAL C 137 -9.76 41.08 6.93
N LEU C 138 -10.15 40.88 5.67
CA LEU C 138 -9.25 40.90 4.55
C LEU C 138 -9.52 42.19 3.77
N PRO C 139 -8.51 42.70 3.03
CA PRO C 139 -8.79 43.76 2.06
C PRO C 139 -9.90 43.36 1.08
N PRO C 140 -10.59 44.34 0.48
CA PRO C 140 -11.66 44.00 -0.48
C PRO C 140 -11.17 43.14 -1.65
N GLN C 141 -11.95 42.12 -2.00
CA GLN C 141 -11.56 41.13 -3.02
C GLN C 141 -12.03 41.54 -4.41
N ILE C 142 -11.07 41.72 -5.31
CA ILE C 142 -11.37 42.04 -6.73
C ILE C 142 -11.92 40.85 -7.58
N ILE C 143 -11.48 39.62 -7.29
CA ILE C 143 -11.92 38.45 -8.07
C ILE C 143 -13.27 37.94 -7.58
N ILE C 144 -14.33 38.30 -8.31
CA ILE C 144 -15.70 37.98 -7.94
C ILE C 144 -15.92 36.47 -7.72
N GLY C 145 -16.12 36.10 -6.45
CA GLY C 145 -16.40 34.72 -6.08
C GLY C 145 -15.29 34.11 -5.24
N ALA C 146 -14.09 34.68 -5.29
CA ALA C 146 -12.92 34.12 -4.59
C ALA C 146 -13.13 34.13 -3.09
N GLN C 147 -13.79 35.17 -2.60
CA GLN C 147 -14.04 35.34 -1.17
C GLN C 147 -14.91 34.22 -0.62
N TYR C 148 -15.73 33.61 -1.47
CA TYR C 148 -16.68 32.55 -1.03
C TYR C 148 -16.02 31.24 -0.59
N ILE C 149 -15.08 30.73 -1.39
CA ILE C 149 -14.30 29.55 -1.00
C ILE C 149 -13.31 29.83 0.14
N GLN C 150 -12.68 31.01 0.14
CA GLN C 150 -11.80 31.40 1.26
C GLN C 150 -12.54 31.41 2.63
N ALA C 151 -13.76 31.95 2.64
CA ALA C 151 -14.65 31.98 3.82
C ALA C 151 -15.00 30.59 4.36
N ALA C 152 -15.36 29.66 3.47
CA ALA C 152 -15.53 28.24 3.86
C ALA C 152 -14.31 27.74 4.63
N GLY C 153 -13.10 28.04 4.15
CA GLY C 153 -11.87 27.69 4.90
C GLY C 153 -11.68 28.46 6.21
N VAL C 154 -11.98 29.76 6.22
CA VAL C 154 -11.90 30.51 7.49
C VAL C 154 -12.84 29.90 8.53
N ALA C 155 -14.10 29.71 8.14
CA ALA C 155 -15.08 29.13 9.02
C ALA C 155 -14.63 27.76 9.54
N LEU C 156 -14.11 26.91 8.65
CA LEU C 156 -13.55 25.64 9.10
C LEU C 156 -12.38 25.85 10.07
N GLY C 157 -11.51 26.83 9.79
CA GLY C 157 -10.45 27.20 10.73
C GLY C 157 -11.00 27.51 12.12
N LEU C 158 -12.02 28.36 12.16
CA LEU C 158 -12.69 28.76 13.41
C LEU C 158 -13.29 27.59 14.17
N LYS C 159 -13.96 26.70 13.43
CA LYS C 159 -14.55 25.50 13.99
C LYS C 159 -13.50 24.56 14.59
N MET C 160 -12.39 24.39 13.87
CA MET C 160 -11.29 23.51 14.33
C MET C 160 -10.59 24.05 15.58
N ARG C 161 -10.58 25.36 15.75
CA ARG C 161 -10.02 25.95 16.97
C ARG C 161 -11.06 26.07 18.08
N GLY C 162 -12.31 25.70 17.78
CA GLY C 162 -13.42 25.80 18.74
C GLY C 162 -13.75 27.23 19.14
N LYS C 163 -13.59 28.15 18.22
CA LYS C 163 -13.89 29.54 18.52
C LYS C 163 -15.37 29.79 18.27
N LYS C 164 -16.03 30.44 19.23
CA LYS C 164 -17.43 30.82 19.07
C LYS C 164 -17.48 32.08 18.21
N ALA C 165 -17.31 31.88 16.91
CA ALA C 165 -17.22 32.97 15.96
C ALA C 165 -17.60 32.47 14.58
N VAL C 166 -17.83 33.41 13.67
CA VAL C 166 -18.20 33.04 12.32
C VAL C 166 -17.33 33.75 11.28
N ALA C 167 -17.30 33.21 10.07
CA ALA C 167 -16.80 33.95 8.94
C ALA C 167 -18.00 34.47 8.15
N ILE C 168 -17.90 35.70 7.64
CA ILE C 168 -18.97 36.22 6.82
C ILE C 168 -18.37 36.80 5.57
N THR C 169 -19.11 36.67 4.49
CA THR C 169 -18.62 37.17 3.22
C THR C 169 -19.76 37.72 2.40
N TYR C 170 -19.46 38.58 1.43
CA TYR C 170 -20.49 39.24 0.66
C TYR C 170 -20.18 39.12 -0.83
N THR C 171 -21.21 38.88 -1.62
CA THR C 171 -21.11 39.03 -3.09
C THR C 171 -22.37 39.64 -3.70
N GLY C 172 -22.31 40.01 -4.98
CA GLY C 172 -23.45 40.59 -5.70
C GLY C 172 -24.33 39.54 -6.38
N ASP C 173 -25.44 39.98 -6.97
CA ASP C 173 -26.33 39.11 -7.78
C ASP C 173 -25.62 38.44 -8.98
N GLY C 174 -24.75 39.17 -9.65
CA GLY C 174 -23.92 38.61 -10.74
C GLY C 174 -23.04 37.46 -10.25
N GLY C 175 -22.25 37.72 -9.21
CA GLY C 175 -21.38 36.74 -8.56
C GLY C 175 -21.98 35.41 -8.09
N THR C 176 -23.31 35.32 -8.03
CA THR C 176 -23.99 34.04 -7.76
C THR C 176 -23.88 33.08 -8.96
N SER C 177 -23.42 33.60 -10.11
CA SER C 177 -23.24 32.82 -11.34
C SER C 177 -21.90 32.08 -11.40
N GLN C 178 -20.97 32.45 -10.51
CA GLN C 178 -19.64 31.84 -10.45
C GLN C 178 -19.63 30.43 -9.87
N GLY C 179 -18.70 29.62 -10.33
CA GLY C 179 -18.51 28.28 -9.79
C GLY C 179 -18.13 28.33 -8.32
N ASN C 180 -17.23 29.23 -7.97
CA ASN C 180 -16.73 29.34 -6.60
C ASN C 180 -17.80 29.79 -5.58
N PHE C 181 -18.81 30.51 -6.06
CA PHE C 181 -19.92 30.86 -5.20
C PHE C 181 -20.53 29.55 -4.70
N TYR C 182 -20.81 28.67 -5.66
CA TYR C 182 -21.39 27.35 -5.40
C TYR C 182 -20.47 26.45 -4.58
N GLN C 183 -19.19 26.43 -4.90
CA GLN C 183 -18.20 25.64 -4.14
C GLN C 183 -18.02 26.10 -2.69
N GLY C 184 -18.03 27.42 -2.47
CA GLY C 184 -17.99 27.98 -1.11
C GLY C 184 -19.12 27.52 -0.23
N ILE C 185 -20.36 27.67 -0.71
CA ILE C 185 -21.51 27.25 0.07
C ILE C 185 -21.59 25.73 0.23
N ASN C 186 -21.18 25.00 -0.80
CA ASN C 186 -21.26 23.53 -0.72
C ASN C 186 -20.18 22.95 0.21
N PHE C 187 -18.96 23.49 0.17
CA PHE C 187 -17.91 23.13 1.15
C PHE C 187 -18.27 23.47 2.58
N ALA C 188 -18.85 24.66 2.80
CA ALA C 188 -19.25 25.06 4.15
C ALA C 188 -20.35 24.12 4.65
N GLY C 189 -21.28 23.77 3.76
CA GLY C 189 -22.33 22.83 4.09
C GLY C 189 -21.79 21.45 4.41
N ALA C 190 -20.91 20.94 3.54
CA ALA C 190 -20.31 19.63 3.74
C ALA C 190 -19.54 19.50 5.05
N PHE C 191 -18.85 20.56 5.46
CA PHE C 191 -18.09 20.55 6.71
C PHE C 191 -18.87 21.09 7.91
N LYS C 192 -20.14 21.47 7.68
CA LYS C 192 -20.96 22.07 8.75
C LYS C 192 -20.23 23.27 9.42
N ALA C 193 -19.63 24.13 8.59
CA ALA C 193 -18.76 25.21 9.08
C ALA C 193 -19.53 26.51 9.37
N PRO C 194 -19.10 27.26 10.41
CA PRO C 194 -19.74 28.51 10.82
C PRO C 194 -19.53 29.64 9.83
N ALA C 195 -20.24 29.59 8.70
CA ALA C 195 -20.10 30.59 7.67
C ALA C 195 -21.44 31.28 7.38
N ILE C 196 -21.43 32.60 7.17
CA ILE C 196 -22.61 33.31 6.71
C ILE C 196 -22.28 33.89 5.36
N PHE C 197 -23.07 33.54 4.35
CA PHE C 197 -22.85 34.02 2.99
C PHE C 197 -23.92 35.05 2.64
N VAL C 198 -23.50 36.27 2.28
CA VAL C 198 -24.48 37.29 1.89
C VAL C 198 -24.43 37.59 0.39
N VAL C 199 -25.61 37.62 -0.23
CA VAL C 199 -25.73 37.98 -1.64
C VAL C 199 -26.51 39.26 -1.74
N GLN C 200 -25.90 40.29 -2.30
CA GLN C 200 -26.53 41.59 -2.35
C GLN C 200 -27.07 41.83 -3.77
N ASN C 201 -28.38 41.68 -3.92
CA ASN C 201 -29.05 41.71 -5.21
C ASN C 201 -29.71 43.07 -5.47
N ASN C 202 -29.08 43.88 -6.33
CA ASN C 202 -29.69 45.12 -6.80
C ASN C 202 -30.13 44.99 -8.25
N ARG C 203 -30.28 43.76 -8.73
CA ARG C 203 -30.89 43.47 -10.03
C ARG C 203 -30.00 43.69 -11.25
N PHE C 204 -28.87 44.37 -11.06
CA PHE C 204 -27.94 44.60 -12.16
C PHE C 204 -26.51 44.26 -11.81
N ALA C 205 -25.85 43.62 -12.77
CA ALA C 205 -24.41 43.45 -12.73
C ALA C 205 -23.87 44.23 -13.92
N ILE C 206 -23.32 45.43 -13.63
CA ILE C 206 -22.99 46.44 -14.64
C ILE C 206 -24.23 46.79 -15.49
N SER C 207 -24.47 46.05 -16.58
CA SER C 207 -25.63 46.28 -17.44
C SER C 207 -26.49 45.03 -17.62
N THR C 208 -26.16 43.98 -16.89
CA THR C 208 -26.83 42.68 -17.02
C THR C 208 -27.85 42.51 -15.88
N PRO C 209 -29.16 42.44 -16.22
CA PRO C 209 -30.20 42.17 -15.23
C PRO C 209 -30.04 40.77 -14.62
N VAL C 210 -30.59 40.57 -13.43
CA VAL C 210 -30.59 39.26 -12.76
C VAL C 210 -31.17 38.19 -13.69
N GLU C 211 -32.18 38.55 -14.47
CA GLU C 211 -32.87 37.61 -15.36
C GLU C 211 -31.97 37.01 -16.44
N LYS C 212 -30.85 37.67 -16.71
CA LYS C 212 -29.85 37.14 -17.65
C LYS C 212 -28.80 36.28 -16.94
N GLN C 213 -28.75 36.37 -15.61
CA GLN C 213 -27.87 35.52 -14.80
C GLN C 213 -28.41 34.10 -14.71
N THR C 214 -29.68 33.99 -14.31
CA THR C 214 -30.32 32.72 -13.97
C THR C 214 -31.82 32.83 -14.23
N VAL C 215 -32.51 31.69 -14.38
CA VAL C 215 -33.96 31.71 -14.43
C VAL C 215 -34.57 31.34 -13.08
N ALA C 216 -33.69 31.16 -12.08
CA ALA C 216 -34.15 30.96 -10.71
C ALA C 216 -34.89 32.22 -10.27
N LYS C 217 -36.03 32.02 -9.60
CA LYS C 217 -36.89 33.14 -9.19
C LYS C 217 -36.33 33.87 -7.96
N THR C 218 -35.52 33.19 -7.15
CA THR C 218 -34.76 33.84 -6.08
C THR C 218 -33.28 33.44 -6.17
N LEU C 219 -32.41 34.22 -5.56
CA LEU C 219 -31.01 33.84 -5.42
C LEU C 219 -30.81 33.07 -4.12
N ALA C 220 -31.64 33.36 -3.12
CA ALA C 220 -31.61 32.62 -1.86
C ALA C 220 -31.75 31.11 -2.05
N GLN C 221 -32.56 30.70 -3.02
CA GLN C 221 -32.86 29.27 -3.27
C GLN C 221 -31.65 28.49 -3.76
N LYS C 222 -30.60 29.22 -4.17
CA LYS C 222 -29.38 28.55 -4.60
C LYS C 222 -28.78 27.75 -3.46
N ALA C 223 -29.13 28.13 -2.22
CA ALA C 223 -28.80 27.41 -0.98
C ALA C 223 -29.18 25.94 -1.04
N VAL C 224 -30.27 25.64 -1.73
CA VAL C 224 -30.80 24.28 -1.86
C VAL C 224 -29.76 23.34 -2.49
N ALA C 225 -29.03 23.82 -3.49
CA ALA C 225 -27.91 23.07 -4.09
C ALA C 225 -26.85 22.56 -3.08
N ALA C 226 -26.73 23.26 -1.95
CA ALA C 226 -25.75 22.94 -0.91
C ALA C 226 -26.42 22.23 0.25
N GLY C 227 -27.75 22.24 0.23
CA GLY C 227 -28.56 21.68 1.31
C GLY C 227 -28.52 22.50 2.59
N ILE C 228 -28.33 23.81 2.46
CA ILE C 228 -28.25 24.70 3.63
C ILE C 228 -29.41 25.69 3.58
N PRO C 229 -29.82 26.23 4.74
CA PRO C 229 -30.86 27.26 4.80
C PRO C 229 -30.53 28.46 3.93
N GLY C 230 -31.58 29.02 3.33
CA GLY C 230 -31.49 30.24 2.56
C GLY C 230 -32.60 31.17 3.00
N ILE C 231 -32.33 32.48 2.97
CA ILE C 231 -33.29 33.50 3.38
C ILE C 231 -33.21 34.62 2.36
N GLN C 232 -34.36 35.10 1.91
CA GLN C 232 -34.44 36.31 1.10
C GLN C 232 -35.02 37.42 1.98
N VAL C 233 -34.32 38.55 2.04
CA VAL C 233 -34.71 39.69 2.89
C VAL C 233 -34.77 40.99 2.12
N ASP C 234 -35.65 41.89 2.54
CA ASP C 234 -35.65 43.28 2.04
C ASP C 234 -34.35 43.90 2.50
N GLY C 235 -33.45 44.18 1.55
CA GLY C 235 -32.13 44.73 1.86
C GLY C 235 -32.10 46.22 2.07
N MET C 236 -33.25 46.87 1.87
CA MET C 236 -33.46 48.28 2.25
C MET C 236 -34.01 48.40 3.69
N ASP C 237 -34.11 47.28 4.39
CA ASP C 237 -34.70 47.23 5.72
C ASP C 237 -33.65 46.85 6.75
N PRO C 238 -33.17 47.84 7.53
CA PRO C 238 -32.11 47.60 8.52
C PRO C 238 -32.48 46.54 9.52
N LEU C 239 -33.75 46.48 9.92
CA LEU C 239 -34.15 45.55 10.96
C LEU C 239 -34.27 44.10 10.47
N ALA C 240 -34.67 43.91 9.22
CA ALA C 240 -34.76 42.59 8.65
C ALA C 240 -33.35 42.02 8.41
N VAL C 241 -32.48 42.84 7.85
CA VAL C 241 -31.11 42.45 7.60
C VAL C 241 -30.42 42.03 8.90
N TYR C 242 -30.57 42.86 9.94
CA TYR C 242 -29.99 42.53 11.23
C TYR C 242 -30.54 41.21 11.77
N ALA C 243 -31.85 41.01 11.67
CA ALA C 243 -32.51 39.85 12.25
C ALA C 243 -32.08 38.54 11.60
N ALA C 244 -31.94 38.57 10.27
CA ALA C 244 -31.54 37.41 9.49
C ALA C 244 -30.08 37.03 9.76
N VAL C 245 -29.20 38.03 9.78
CA VAL C 245 -27.77 37.79 10.07
C VAL C 245 -27.58 37.33 11.51
N LYS C 246 -28.32 37.90 12.45
CA LYS C 246 -28.20 37.47 13.84
C LYS C 246 -28.65 36.02 13.97
N ALA C 247 -29.72 35.68 13.24
CA ALA C 247 -30.21 34.30 13.27
C ALA C 247 -29.24 33.30 12.59
N ALA C 248 -28.57 33.74 11.54
CA ALA C 248 -27.56 32.92 10.85
C ALA C 248 -26.34 32.73 11.74
N ARG C 249 -25.95 33.81 12.42
CA ARG C 249 -24.84 33.77 13.35
C ARG C 249 -25.09 32.78 14.48
N GLU C 250 -26.25 32.88 15.12
CA GLU C 250 -26.60 31.98 16.23
C GLU C 250 -26.65 30.50 15.82
N ARG C 251 -27.20 30.20 14.65
CA ARG C 251 -27.20 28.83 14.13
C ARG C 251 -25.76 28.32 13.93
N ALA C 252 -24.91 29.18 13.35
CA ALA C 252 -23.50 28.89 13.10
C ALA C 252 -22.68 28.63 14.37
N ILE C 253 -22.70 29.59 15.31
CA ILE C 253 -21.89 29.49 16.51
C ILE C 253 -22.37 28.35 17.41
N ASN C 254 -23.59 27.88 17.16
CA ASN C 254 -24.12 26.72 17.86
C ASN C 254 -23.95 25.43 17.04
N GLY C 255 -23.23 25.53 15.94
CA GLY C 255 -22.59 24.37 15.34
C GLY C 255 -23.47 23.70 14.31
N GLU C 256 -24.45 24.44 13.79
CA GLU C 256 -25.44 23.87 12.85
C GLU C 256 -25.16 24.20 11.38
N GLY C 257 -24.00 24.79 11.12
CA GLY C 257 -23.59 25.09 9.76
C GLY C 257 -23.95 26.47 9.25
N PRO C 258 -23.76 26.69 7.93
CA PRO C 258 -23.85 27.98 7.27
C PRO C 258 -25.28 28.36 6.88
N THR C 259 -25.46 29.63 6.49
CA THR C 259 -26.72 30.14 5.94
C THR C 259 -26.37 31.06 4.79
N LEU C 260 -27.20 31.03 3.75
CA LEU C 260 -27.15 31.99 2.65
C LEU C 260 -28.26 33.05 2.81
N ILE C 261 -27.89 34.33 2.84
CA ILE C 261 -28.84 35.43 2.97
C ILE C 261 -28.78 36.28 1.71
N GLU C 262 -29.91 36.37 0.99
CA GLU C 262 -30.03 37.27 -0.16
C GLU C 262 -30.69 38.58 0.29
N THR C 263 -30.05 39.70 0.01
CA THR C 263 -30.66 41.00 0.29
C THR C 263 -31.12 41.67 -1.02
N LEU C 264 -32.39 42.08 -1.06
CA LEU C 264 -32.93 42.84 -2.19
C LEU C 264 -32.73 44.34 -1.97
N CYS C 265 -31.89 44.94 -2.81
CA CYS C 265 -31.47 46.34 -2.66
C CYS C 265 -31.66 47.12 -3.97
N PHE C 266 -31.28 48.41 -3.93
CA PHE C 266 -31.29 49.30 -5.08
C PHE C 266 -30.24 50.40 -4.81
N ARG C 267 -29.35 50.63 -5.78
CA ARG C 267 -28.30 51.64 -5.63
C ARG C 267 -28.63 52.95 -6.37
N TYR C 268 -28.25 54.08 -5.78
CA TYR C 268 -28.48 55.39 -6.37
C TYR C 268 -27.28 55.85 -7.19
N TRP C 290 -38.85 55.28 -5.64
CA TRP C 290 -37.52 54.71 -5.37
C TRP C 290 -36.79 55.45 -4.25
N ALA C 291 -36.96 56.77 -4.19
CA ALA C 291 -36.45 57.59 -3.09
C ALA C 291 -37.15 57.26 -1.77
N LYS C 292 -38.36 56.74 -1.88
CA LYS C 292 -39.13 56.26 -0.72
C LYS C 292 -38.51 55.01 -0.09
N LYS C 293 -37.93 54.17 -0.95
CA LYS C 293 -37.37 52.87 -0.54
C LYS C 293 -36.12 52.98 0.35
N ASP C 294 -35.34 54.06 0.15
CA ASP C 294 -34.14 54.40 0.95
C ASP C 294 -34.19 53.95 2.42
N PRO C 295 -33.19 53.14 2.85
CA PRO C 295 -33.16 52.59 4.21
C PRO C 295 -33.12 53.68 5.30
N LEU C 296 -32.55 54.84 4.97
CA LEU C 296 -32.52 55.97 5.89
C LEU C 296 -33.91 56.55 6.10
N VAL C 297 -34.67 56.72 5.02
CA VAL C 297 -36.03 57.27 5.06
C VAL C 297 -36.93 56.51 6.04
N ARG C 298 -37.08 55.20 5.86
CA ARG C 298 -37.90 54.38 6.75
C ARG C 298 -37.33 54.26 8.17
N PHE C 299 -36.02 54.31 8.32
CA PHE C 299 -35.45 54.11 9.65
C PHE C 299 -35.51 55.39 10.48
N ARG C 300 -35.39 56.53 9.80
CA ARG C 300 -35.60 57.85 10.38
C ARG C 300 -37.04 57.98 10.92
N LYS C 301 -38.03 57.62 10.10
CA LYS C 301 -39.42 57.63 10.52
C LYS C 301 -39.68 56.70 11.70
N PHE C 302 -39.13 55.50 11.67
CA PHE C 302 -39.33 54.52 12.73
C PHE C 302 -38.77 55.03 14.06
N LEU C 303 -37.61 55.70 13.99
CA LEU C 303 -36.94 56.20 15.19
C LEU C 303 -37.51 57.53 15.67
N GLU C 304 -37.96 58.36 14.74
CA GLU C 304 -38.59 59.64 15.09
C GLU C 304 -39.95 59.42 15.75
N ALA C 305 -40.76 58.54 15.16
CA ALA C 305 -42.02 58.10 15.76
C ALA C 305 -41.84 57.42 17.12
N LYS C 306 -40.59 57.12 17.47
CA LYS C 306 -40.23 56.57 18.79
C LYS C 306 -39.52 57.62 19.63
N GLY C 307 -39.35 58.82 19.08
CA GLY C 307 -38.57 59.87 19.72
C GLY C 307 -37.16 59.45 20.07
N LEU C 308 -36.45 58.85 19.10
CA LEU C 308 -35.07 58.45 19.32
C LEU C 308 -34.15 59.04 18.26
N TRP C 309 -34.72 59.76 17.30
CA TRP C 309 -33.92 60.45 16.29
C TRP C 309 -34.38 61.89 16.04
N SER C 310 -33.40 62.79 15.93
CA SER C 310 -33.68 64.18 15.62
C SER C 310 -32.73 64.72 14.57
N GLU C 311 -33.07 65.89 14.02
CA GLU C 311 -32.27 66.58 13.01
C GLU C 311 -30.88 66.97 13.50
N GLU C 312 -30.80 67.33 14.78
CA GLU C 312 -29.56 67.68 15.47
C GLU C 312 -28.61 66.49 15.48
N GLU C 313 -29.10 65.34 15.93
CA GLU C 313 -28.34 64.10 15.95
C GLU C 313 -27.86 63.72 14.55
N GLU C 314 -28.74 63.87 13.56
CA GLU C 314 -28.38 63.64 12.16
C GLU C 314 -27.25 64.56 11.71
N ASN C 315 -27.39 65.86 11.99
CA ASN C 315 -26.35 66.82 11.63
C ASN C 315 -25.08 66.76 12.46
N ASN C 316 -25.15 66.18 13.65
CA ASN C 316 -23.91 65.90 14.36
C ASN C 316 -23.13 64.76 13.70
N VAL C 317 -23.83 63.69 13.29
CA VAL C 317 -23.19 62.57 12.57
C VAL C 317 -22.57 63.05 11.25
N ILE C 318 -23.37 63.80 10.47
CA ILE C 318 -22.96 64.34 9.18
C ILE C 318 -21.66 65.14 9.29
N GLU C 319 -21.61 66.06 10.24
CA GLU C 319 -20.46 66.94 10.37
C GLU C 319 -19.24 66.20 10.91
N GLN C 320 -19.49 65.25 11.82
CA GLN C 320 -18.43 64.36 12.30
C GLN C 320 -17.81 63.57 11.14
N ALA C 321 -18.65 62.98 10.29
CA ALA C 321 -18.19 62.24 9.12
C ALA C 321 -17.28 63.10 8.27
N LYS C 322 -17.76 64.29 7.91
CA LYS C 322 -17.01 65.22 7.05
C LYS C 322 -15.65 65.62 7.62
N GLU C 323 -15.60 65.86 8.92
CA GLU C 323 -14.35 66.14 9.63
C GLU C 323 -13.39 64.95 9.56
N GLU C 324 -13.88 63.76 9.93
CA GLU C 324 -13.07 62.54 9.94
C GLU C 324 -12.55 62.15 8.54
N ILE C 325 -13.41 62.29 7.53
CA ILE C 325 -13.07 62.06 6.13
C ILE C 325 -11.96 63.01 5.65
N LYS C 326 -12.08 64.29 6.02
CA LYS C 326 -11.05 65.30 5.71
C LYS C 326 -9.72 65.02 6.41
N GLU C 327 -9.79 64.54 7.65
CA GLU C 327 -8.61 64.12 8.38
C GLU C 327 -7.98 62.84 7.76
N ALA C 328 -8.84 61.88 7.38
CA ALA C 328 -8.40 60.65 6.72
C ALA C 328 -7.68 60.93 5.41
N ILE C 329 -8.27 61.81 4.60
CA ILE C 329 -7.69 62.14 3.30
C ILE C 329 -6.32 62.82 3.45
N LYS C 330 -6.16 63.69 4.46
CA LYS C 330 -4.85 64.29 4.77
C LYS C 330 -3.83 63.25 5.24
N LYS C 331 -4.23 62.38 6.16
CA LYS C 331 -3.35 61.28 6.62
C LYS C 331 -2.89 60.36 5.47
N ALA C 332 -3.80 60.07 4.53
CA ALA C 332 -3.46 59.33 3.31
C ALA C 332 -2.45 60.10 2.46
N ASP C 333 -2.68 61.40 2.30
CA ASP C 333 -1.78 62.30 1.56
C ASP C 333 -0.38 62.33 2.16
N GLU C 334 -0.27 62.11 3.46
CA GLU C 334 1.02 62.17 4.17
C GLU C 334 1.76 60.82 4.27
N THR C 335 1.17 59.76 3.69
CA THR C 335 1.82 58.46 3.61
C THR C 335 2.91 58.54 2.54
N PRO C 336 4.14 58.14 2.90
CA PRO C 336 5.25 58.14 1.95
C PRO C 336 4.94 57.27 0.74
N LYS C 337 5.35 57.76 -0.44
CA LYS C 337 5.11 57.08 -1.69
C LYS C 337 5.80 55.71 -1.73
N GLN C 338 5.12 54.74 -2.34
CA GLN C 338 5.68 53.41 -2.54
C GLN C 338 6.94 53.43 -3.42
N LYS C 339 7.90 52.60 -3.05
CA LYS C 339 9.06 52.32 -3.90
C LYS C 339 9.00 50.86 -4.31
N VAL C 340 9.62 50.54 -5.45
CA VAL C 340 9.81 49.15 -5.88
C VAL C 340 10.47 48.25 -4.81
N THR C 341 11.53 48.73 -4.14
CA THR C 341 12.09 48.01 -2.98
C THR C 341 11.05 47.62 -1.93
N ASP C 342 10.03 48.46 -1.70
CA ASP C 342 8.91 48.13 -0.79
C ASP C 342 8.11 46.96 -1.31
N LEU C 343 7.81 46.99 -2.61
CA LEU C 343 7.02 45.95 -3.24
C LEU C 343 7.74 44.61 -3.28
N ILE C 344 9.07 44.63 -3.38
CA ILE C 344 9.88 43.41 -3.42
C ILE C 344 9.90 42.79 -2.02
N SER C 345 10.15 43.62 -1.00
CA SER C 345 10.32 43.12 0.38
C SER C 345 9.05 42.49 0.96
N ILE C 346 7.89 42.82 0.42
CA ILE C 346 6.62 42.23 0.90
C ILE C 346 6.17 40.97 0.15
N MET C 347 6.97 40.51 -0.83
CA MET C 347 6.69 39.30 -1.63
C MET C 347 6.83 37.98 -0.85
N PHE C 348 7.90 37.89 -0.07
CA PHE C 348 8.23 36.71 0.73
C PHE C 348 8.82 37.13 2.07
N GLU C 349 8.79 36.22 3.04
CA GLU C 349 9.52 36.45 4.29
C GLU C 349 11.02 36.64 4.05
N GLU C 350 11.62 35.66 3.36
CA GLU C 350 13.00 35.73 2.89
C GLU C 350 13.01 35.70 1.36
N LEU C 351 13.76 36.62 0.76
CA LEU C 351 13.75 36.79 -0.68
C LEU C 351 14.46 35.67 -1.45
N PRO C 352 13.83 35.18 -2.54
CA PRO C 352 14.48 34.24 -3.45
C PRO C 352 15.60 35.00 -4.17
N PHE C 353 16.59 34.28 -4.68
CA PHE C 353 17.74 34.87 -5.36
C PHE C 353 17.39 35.98 -6.38
N ASN C 354 16.43 35.74 -7.28
CA ASN C 354 16.09 36.76 -8.29
C ASN C 354 15.72 38.12 -7.64
N LEU C 355 14.96 38.04 -6.55
CA LEU C 355 14.50 39.24 -5.86
C LEU C 355 15.58 39.91 -5.01
N LYS C 356 16.52 39.12 -4.48
CA LYS C 356 17.72 39.69 -3.85
C LYS C 356 18.48 40.56 -4.85
N GLU C 357 18.71 40.01 -6.04
CA GLU C 357 19.33 40.74 -7.15
C GLU C 357 18.58 42.02 -7.49
N GLN C 358 17.27 41.90 -7.68
CA GLN C 358 16.45 43.05 -8.12
C GLN C 358 16.31 44.10 -7.03
N TYR C 359 16.28 43.66 -5.78
CA TYR C 359 16.26 44.58 -4.66
C TYR C 359 17.50 45.49 -4.69
N GLU C 360 18.68 44.91 -4.97
CA GLU C 360 19.91 45.70 -5.05
C GLU C 360 19.87 46.68 -6.21
N ILE C 361 19.32 46.25 -7.33
CA ILE C 361 19.21 47.09 -8.52
C ILE C 361 18.32 48.30 -8.26
N TYR C 362 17.22 48.09 -7.56
CA TYR C 362 16.27 49.17 -7.30
C TYR C 362 16.67 50.01 -6.11
N LYS C 363 17.43 49.43 -5.19
CA LYS C 363 18.02 50.18 -4.07
C LYS C 363 18.99 51.25 -4.60
N GLU C 364 19.83 50.86 -5.56
CA GLU C 364 20.74 51.76 -6.27
C GLU C 364 19.99 52.84 -7.05
N LYS C 365 18.99 52.42 -7.83
CA LYS C 365 18.09 53.34 -8.55
C LYS C 365 17.40 54.38 -7.63
N GLU C 366 17.13 53.97 -6.40
CA GLU C 366 16.38 54.82 -5.47
C GLU C 366 17.32 55.78 -4.73
N SER C 367 18.62 55.64 -4.98
CA SER C 367 19.62 56.01 -3.99
C SER C 367 20.09 57.45 -4.19
N LYS C 368 20.38 57.81 -5.43
CA LYS C 368 19.38 57.74 -6.49
C LYS C 368 20.03 57.93 -7.87
N ALA D 1 17.67 4.69 6.00
CA ALA D 1 16.99 3.46 5.52
C ALA D 1 16.76 3.51 4.02
N GLN D 2 16.71 2.36 3.37
CA GLN D 2 16.40 2.27 1.95
C GLN D 2 14.92 2.59 1.69
N MET D 3 14.67 3.75 1.09
CA MET D 3 13.31 4.24 0.83
C MET D 3 13.09 4.49 -0.65
N THR D 4 11.87 4.26 -1.11
CA THR D 4 11.41 4.78 -2.41
C THR D 4 11.10 6.26 -2.23
N MET D 5 10.81 6.97 -3.33
CA MET D 5 10.48 8.39 -3.21
C MET D 5 9.14 8.60 -2.47
N VAL D 6 8.14 7.78 -2.80
CA VAL D 6 6.87 7.88 -2.10
C VAL D 6 7.03 7.63 -0.58
N GLN D 7 7.88 6.68 -0.18
CA GLN D 7 8.11 6.43 1.25
C GLN D 7 8.78 7.61 1.93
N ALA D 8 9.74 8.24 1.25
CA ALA D 8 10.42 9.44 1.80
C ALA D 8 9.48 10.65 1.96
N ILE D 9 8.57 10.83 1.00
CA ILE D 9 7.50 11.82 1.11
C ILE D 9 6.58 11.49 2.32
N THR D 10 6.11 10.25 2.42
CA THR D 10 5.26 9.82 3.54
C THR D 10 6.00 10.07 4.85
N ASP D 11 7.29 9.76 4.85
CA ASP D 11 8.13 9.96 6.01
C ASP D 11 8.28 11.44 6.34
N ALA D 12 8.41 12.29 5.33
CA ALA D 12 8.47 13.74 5.55
C ALA D 12 7.14 14.27 6.09
N LEU D 13 6.04 13.79 5.53
CA LEU D 13 4.71 14.21 5.96
C LEU D 13 4.43 13.77 7.40
N ARG D 14 4.82 12.53 7.72
CA ARG D 14 4.72 12.03 9.10
C ARG D 14 5.53 12.89 10.10
N ILE D 15 6.76 13.23 9.73
CA ILE D 15 7.64 14.05 10.58
C ILE D 15 7.08 15.45 10.84
N GLU D 16 6.47 16.04 9.82
CA GLU D 16 5.94 17.38 9.95
C GLU D 16 4.65 17.43 10.78
N LEU D 17 3.80 16.43 10.60
CA LEU D 17 2.60 16.27 11.41
C LEU D 17 2.91 16.15 12.89
N LYS D 18 3.92 15.36 13.24
CA LYS D 18 4.35 15.18 14.64
C LYS D 18 4.94 16.46 15.18
N ASN D 19 5.83 17.07 14.40
CA ASN D 19 6.57 18.27 14.79
C ASN D 19 5.74 19.55 14.97
N ASP D 20 4.69 19.69 14.16
CA ASP D 20 3.91 20.94 14.14
C ASP D 20 2.41 20.67 14.14
N PRO D 21 1.75 20.96 15.27
CA PRO D 21 0.31 20.71 15.40
C PRO D 21 -0.54 21.50 14.42
N ASN D 22 0.01 22.55 13.82
CA ASN D 22 -0.72 23.30 12.79
C ASN D 22 -0.76 22.67 11.41
N VAL D 23 0.13 21.71 11.15
CA VAL D 23 0.19 21.06 9.85
C VAL D 23 -1.11 20.31 9.62
N LEU D 24 -1.70 20.47 8.44
CA LEU D 24 -2.89 19.75 8.04
C LEU D 24 -2.73 19.20 6.62
N ILE D 25 -3.15 17.96 6.40
CA ILE D 25 -3.14 17.36 5.07
C ILE D 25 -4.56 17.08 4.59
N PHE D 26 -4.90 17.51 3.39
CA PHE D 26 -6.25 17.26 2.91
C PHE D 26 -6.33 17.21 1.40
N GLY D 27 -7.32 16.49 0.90
CA GLY D 27 -7.55 16.42 -0.55
C GLY D 27 -8.51 15.31 -0.93
N GLU D 28 -8.74 15.14 -2.23
CA GLU D 28 -9.54 14.01 -2.72
C GLU D 28 -8.86 12.68 -2.40
N ASP D 29 -9.46 11.93 -1.46
CA ASP D 29 -9.07 10.53 -1.17
C ASP D 29 -7.73 10.36 -0.41
N VAL D 30 -7.32 11.37 0.35
CA VAL D 30 -6.04 11.32 1.09
C VAL D 30 -6.15 10.80 2.53
N GLY D 31 -7.36 10.71 3.04
CA GLY D 31 -7.58 10.36 4.45
C GLY D 31 -7.61 8.86 4.65
N VAL D 32 -8.82 8.30 4.72
CA VAL D 32 -8.98 6.87 5.01
C VAL D 32 -8.22 6.01 3.99
N ASN D 33 -8.38 6.35 2.71
CA ASN D 33 -7.81 5.66 1.54
C ASN D 33 -6.28 5.72 1.51
N GLY D 34 -5.71 6.76 2.12
CA GLY D 34 -4.26 6.95 2.17
C GLY D 34 -3.65 7.45 0.88
N GLY D 35 -4.48 7.87 -0.07
CA GLY D 35 -3.97 8.42 -1.31
C GLY D 35 -4.04 7.47 -2.49
N VAL D 36 -4.30 8.05 -3.66
CA VAL D 36 -4.32 7.33 -4.91
C VAL D 36 -2.98 6.61 -5.13
N PHE D 37 -1.90 7.16 -4.57
CA PHE D 37 -0.56 6.54 -4.69
C PHE D 37 0.06 6.15 -3.34
N ARG D 38 -0.77 6.06 -2.32
CA ARG D 38 -0.34 5.68 -0.95
C ARG D 38 0.63 6.66 -0.29
N ALA D 39 0.72 7.87 -0.82
CA ALA D 39 1.61 8.90 -0.31
C ALA D 39 1.27 9.33 1.11
N THR D 40 -0.02 9.26 1.46
CA THR D 40 -0.48 9.63 2.79
C THR D 40 -0.96 8.41 3.55
N GLU D 41 -0.60 7.22 3.07
CA GLU D 41 -0.89 5.96 3.75
C GLU D 41 -0.46 5.98 5.23
N GLY D 42 -1.42 5.63 6.08
CA GLY D 42 -1.18 5.51 7.51
C GLY D 42 -1.25 6.80 8.30
N LEU D 43 -1.37 7.94 7.62
CA LEU D 43 -1.28 9.22 8.29
C LEU D 43 -2.53 9.60 9.11
N GLN D 44 -3.72 9.39 8.55
CA GLN D 44 -4.98 9.60 9.28
C GLN D 44 -5.08 8.64 10.46
N ALA D 45 -4.78 7.36 10.22
CA ALA D 45 -4.76 6.35 11.29
C ALA D 45 -3.87 6.70 12.48
N GLU D 46 -2.73 7.34 12.25
CA GLU D 46 -1.79 7.74 13.33
C GLU D 46 -2.12 9.09 13.99
N PHE D 47 -2.65 10.01 13.18
CA PHE D 47 -2.77 11.42 13.60
C PHE D 47 -4.20 11.95 13.76
N GLY D 48 -5.16 11.33 13.10
CA GLY D 48 -6.58 11.66 13.27
C GLY D 48 -7.26 12.28 12.06
N GLU D 49 -8.60 12.27 12.08
CA GLU D 49 -9.41 12.89 11.03
C GLU D 49 -9.37 14.41 11.11
N ASP D 50 -8.81 14.95 12.19
CA ASP D 50 -8.67 16.40 12.34
C ASP D 50 -7.34 16.94 11.78
N ARG D 51 -6.46 16.03 11.39
CA ARG D 51 -5.15 16.39 10.84
C ARG D 51 -5.05 16.00 9.38
N VAL D 52 -5.68 14.86 9.05
CA VAL D 52 -5.60 14.27 7.72
C VAL D 52 -7.02 13.90 7.28
N PHE D 53 -7.59 14.66 6.33
CA PHE D 53 -9.01 14.52 6.01
C PHE D 53 -9.34 14.65 4.53
N ASP D 54 -10.46 14.04 4.10
CA ASP D 54 -10.93 14.10 2.70
C ASP D 54 -11.81 15.32 2.43
N THR D 55 -11.99 15.63 1.14
CA THR D 55 -12.72 16.81 0.73
C THR D 55 -13.70 16.42 -0.39
N PRO D 56 -14.74 17.25 -0.61
CA PRO D 56 -15.54 17.14 -1.84
C PRO D 56 -14.67 17.17 -3.10
N LEU D 57 -15.21 16.64 -4.20
CA LEU D 57 -14.50 16.60 -5.47
C LEU D 57 -14.52 17.97 -6.16
N ALA D 58 -13.59 18.86 -5.76
CA ALA D 58 -13.50 20.20 -6.32
C ALA D 58 -12.15 20.85 -6.00
N GLU D 59 -11.27 20.84 -7.00
CA GLU D 59 -9.91 21.38 -6.90
C GLU D 59 -9.91 22.84 -6.42
N SER D 60 -10.76 23.64 -7.03
CA SER D 60 -10.91 25.06 -6.72
C SER D 60 -11.17 25.27 -5.24
N GLY D 61 -12.13 24.52 -4.70
CA GLY D 61 -12.51 24.57 -3.28
C GLY D 61 -11.41 24.20 -2.31
N ILE D 62 -10.56 23.26 -2.72
CA ILE D 62 -9.42 22.83 -1.90
C ILE D 62 -8.42 23.97 -1.68
N GLY D 63 -8.06 24.65 -2.77
CA GLY D 63 -7.22 25.85 -2.72
C GLY D 63 -7.78 26.92 -1.79
N GLY D 64 -9.06 27.22 -1.93
CA GLY D 64 -9.73 28.23 -1.10
C GLY D 64 -9.76 27.81 0.36
N LEU D 65 -10.02 26.52 0.58
CA LEU D 65 -9.98 25.96 1.91
C LEU D 65 -8.60 26.15 2.52
N ALA D 66 -7.56 25.85 1.76
CA ALA D 66 -6.19 26.02 2.24
C ALA D 66 -5.90 27.49 2.63
N ILE D 67 -6.38 28.42 1.82
CA ILE D 67 -6.24 29.85 2.10
C ILE D 67 -6.92 30.26 3.42
N GLY D 68 -8.19 29.92 3.58
CA GLY D 68 -8.91 30.21 4.83
C GLY D 68 -8.28 29.59 6.08
N LEU D 69 -7.85 28.34 5.94
CA LEU D 69 -7.14 27.63 7.02
C LEU D 69 -5.85 28.34 7.42
N ALA D 70 -5.13 28.87 6.44
CA ALA D 70 -3.90 29.63 6.68
C ALA D 70 -4.21 30.95 7.38
N LEU D 71 -5.29 31.62 6.97
CA LEU D 71 -5.76 32.82 7.69
C LEU D 71 -6.10 32.55 9.14
N GLN D 72 -6.44 31.30 9.45
CA GLN D 72 -6.72 30.90 10.82
C GLN D 72 -5.53 30.24 11.56
N GLY D 73 -4.31 30.48 11.05
CA GLY D 73 -3.08 30.05 11.74
C GLY D 73 -2.63 28.59 11.54
N PHE D 74 -3.22 27.88 10.57
CA PHE D 74 -2.79 26.51 10.25
C PHE D 74 -1.72 26.52 9.16
N ARG D 75 -1.04 25.39 8.99
CA ARG D 75 0.00 25.21 7.95
C ARG D 75 -0.52 24.13 6.98
N PRO D 76 -1.33 24.55 6.00
CA PRO D 76 -1.96 23.55 5.11
C PRO D 76 -1.02 22.91 4.08
N VAL D 77 -1.12 21.59 3.99
CA VAL D 77 -0.46 20.82 2.97
C VAL D 77 -1.54 20.11 2.15
N PRO D 78 -2.23 20.85 1.26
CA PRO D 78 -3.21 20.21 0.36
C PRO D 78 -2.61 19.34 -0.76
N GLU D 79 -3.44 18.48 -1.35
CA GLU D 79 -3.08 17.68 -2.50
C GLU D 79 -4.04 17.94 -3.65
N ILE D 80 -3.49 18.07 -4.86
CA ILE D 80 -4.29 18.07 -6.08
C ILE D 80 -4.02 16.76 -6.89
N GLN D 81 -5.06 15.98 -7.15
CA GLN D 81 -4.92 14.54 -7.50
C GLN D 81 -4.00 14.23 -8.66
N PHE D 82 -4.11 15.02 -9.73
CA PHE D 82 -3.12 15.02 -10.82
C PHE D 82 -2.95 16.48 -11.24
N PHE D 83 -1.75 16.86 -11.68
CA PHE D 83 -1.50 18.29 -11.93
C PHE D 83 -2.18 18.83 -13.19
N GLY D 84 -2.55 17.92 -14.10
CA GLY D 84 -3.39 18.26 -15.24
C GLY D 84 -4.68 18.89 -14.75
N PHE D 85 -5.03 18.63 -13.48
CA PHE D 85 -6.23 19.22 -12.88
C PHE D 85 -6.01 20.61 -12.24
N VAL D 86 -4.83 21.18 -12.43
CA VAL D 86 -4.52 22.51 -11.90
C VAL D 86 -5.32 23.65 -12.55
N TYR D 87 -5.75 23.46 -13.81
CA TYR D 87 -6.44 24.53 -14.49
C TYR D 87 -7.62 25.03 -13.63
N GLU D 88 -8.31 24.09 -13.00
CA GLU D 88 -9.47 24.38 -12.14
C GLU D 88 -9.17 25.32 -10.98
N VAL D 89 -7.92 25.30 -10.53
CA VAL D 89 -7.53 25.88 -9.24
C VAL D 89 -6.38 26.90 -9.42
N MET D 90 -6.34 27.50 -10.61
CA MET D 90 -5.30 28.45 -10.99
C MET D 90 -5.51 29.76 -10.23
N ASP D 91 -6.76 30.20 -10.14
CA ASP D 91 -7.03 31.43 -9.43
C ASP D 91 -6.53 31.37 -8.01
N SER D 92 -6.76 30.26 -7.31
CA SER D 92 -6.50 30.26 -5.87
C SER D 92 -5.02 30.13 -5.57
N ILE D 93 -4.32 29.36 -6.39
CA ILE D 93 -2.87 29.23 -6.26
C ILE D 93 -2.14 30.50 -6.72
N CYS D 94 -2.44 30.94 -7.94
CA CYS D 94 -1.72 32.01 -8.60
C CYS D 94 -2.34 33.38 -8.38
N GLY D 95 -3.67 33.44 -8.50
CA GLY D 95 -4.41 34.67 -8.33
C GLY D 95 -4.60 35.10 -6.87
N GLN D 96 -4.48 34.16 -5.94
CA GLN D 96 -4.74 34.41 -4.52
C GLN D 96 -3.56 34.11 -3.60
N MET D 97 -3.23 32.83 -3.39
CA MET D 97 -2.25 32.49 -2.36
C MET D 97 -0.84 33.07 -2.57
N ALA D 98 -0.39 33.10 -3.82
CA ALA D 98 0.92 33.68 -4.15
C ALA D 98 0.99 35.20 -3.89
N ARG D 99 -0.17 35.84 -3.70
CA ARG D 99 -0.25 37.31 -3.70
C ARG D 99 -0.64 37.90 -2.37
N ILE D 100 -1.06 37.06 -1.45
CA ILE D 100 -1.63 37.51 -0.18
C ILE D 100 -0.66 38.26 0.73
N ARG D 101 0.60 37.84 0.80
CA ARG D 101 1.56 38.58 1.61
C ARG D 101 1.75 40.00 1.07
N TYR D 102 1.91 40.11 -0.24
CA TYR D 102 2.08 41.35 -0.96
C TYR D 102 0.82 42.21 -0.86
N ARG D 103 -0.31 41.59 -1.18
CA ARG D 103 -1.62 42.21 -1.17
C ARG D 103 -1.98 42.79 0.19
N THR D 104 -1.49 42.18 1.27
CA THR D 104 -1.81 42.64 2.62
C THR D 104 -0.60 43.34 3.25
N GLY D 105 0.43 43.62 2.45
CA GLY D 105 1.65 44.27 2.92
C GLY D 105 2.32 43.57 4.09
N GLY D 106 2.31 42.24 4.06
CA GLY D 106 2.94 41.43 5.08
C GLY D 106 2.11 41.12 6.31
N ARG D 107 0.92 41.71 6.40
CA ARG D 107 0.00 41.43 7.51
C ARG D 107 -0.43 39.96 7.59
N TYR D 108 -0.74 39.35 6.46
CA TYR D 108 -1.07 37.94 6.40
C TYR D 108 -0.11 37.21 5.48
N HIS D 109 0.01 35.91 5.68
CA HIS D 109 0.91 35.12 4.83
C HIS D 109 0.37 33.72 4.65
N MET D 110 0.93 32.98 3.71
CA MET D 110 0.33 31.74 3.26
C MET D 110 1.29 30.56 3.32
N PRO D 111 1.49 29.99 4.52
CA PRO D 111 2.46 28.91 4.65
C PRO D 111 1.85 27.61 4.14
N ILE D 112 1.64 27.55 2.83
CA ILE D 112 0.91 26.46 2.17
C ILE D 112 1.88 25.69 1.26
N THR D 113 1.72 24.36 1.23
CA THR D 113 2.50 23.48 0.36
C THR D 113 1.50 22.64 -0.43
N ILE D 114 1.51 22.83 -1.75
CA ILE D 114 0.67 22.06 -2.63
C ILE D 114 1.49 20.91 -3.19
N ARG D 115 1.08 19.69 -2.82
CA ARG D 115 1.67 18.47 -3.32
C ARG D 115 0.82 18.10 -4.51
N SER D 116 1.44 17.83 -5.66
CA SER D 116 0.68 17.28 -6.79
C SER D 116 1.55 16.36 -7.64
N PRO D 117 1.06 15.15 -7.94
CA PRO D 117 1.71 14.26 -8.88
C PRO D 117 1.53 14.66 -10.32
N PHE D 118 2.52 14.36 -11.15
CA PHE D 118 2.47 14.63 -12.57
C PHE D 118 3.39 13.64 -13.25
N GLY D 119 3.42 13.66 -14.58
CA GLY D 119 4.51 13.03 -15.33
C GLY D 119 4.15 11.73 -16.03
N GLY D 120 4.90 11.41 -17.09
CA GLY D 120 4.58 10.26 -17.92
C GLY D 120 5.54 9.09 -17.93
N GLY D 121 5.14 8.02 -18.61
CA GLY D 121 5.95 6.82 -18.76
C GLY D 121 5.22 5.62 -18.18
N VAL D 122 3.98 5.82 -17.76
CA VAL D 122 3.19 4.77 -17.13
C VAL D 122 1.82 4.54 -17.81
N HIS D 123 1.64 5.13 -18.99
CA HIS D 123 0.39 4.99 -19.77
C HIS D 123 -0.88 5.41 -19.01
N THR D 124 -0.83 6.59 -18.39
CA THR D 124 -1.98 7.17 -17.69
C THR D 124 -3.02 7.64 -18.71
N PRO D 125 -4.31 7.75 -18.30
CA PRO D 125 -5.31 8.39 -19.18
C PRO D 125 -5.07 9.88 -19.36
N GLU D 126 -5.98 10.54 -20.10
CA GLU D 126 -5.83 11.96 -20.48
C GLU D 126 -5.66 12.92 -19.29
N LEU D 127 -4.76 13.89 -19.46
CA LEU D 127 -4.58 15.00 -18.51
C LEU D 127 -4.16 14.58 -17.10
N HIS D 128 -3.46 13.44 -17.07
CA HIS D 128 -2.86 12.96 -15.87
C HIS D 128 -1.37 13.30 -15.85
N SER D 129 -0.72 13.19 -17.01
CA SER D 129 0.75 13.19 -17.08
C SER D 129 1.43 14.49 -17.51
N ASP D 130 0.63 15.50 -17.86
CA ASP D 130 1.17 16.75 -18.38
C ASP D 130 2.13 17.43 -17.41
N SER D 131 3.20 17.99 -17.98
CA SER D 131 4.16 18.80 -17.25
C SER D 131 3.78 20.28 -17.32
N LEU D 132 3.23 20.80 -16.22
CA LEU D 132 2.71 22.17 -16.20
C LEU D 132 3.45 23.06 -15.20
N GLU D 133 4.66 22.67 -14.84
CA GLU D 133 5.51 23.48 -13.97
C GLU D 133 5.82 24.85 -14.58
N GLY D 134 5.87 24.92 -15.91
CA GLY D 134 6.14 26.17 -16.61
C GLY D 134 5.13 27.26 -16.28
N LEU D 135 3.89 26.84 -16.04
CA LEU D 135 2.81 27.77 -15.73
C LEU D 135 3.00 28.40 -14.35
N VAL D 136 3.15 27.59 -13.32
CA VAL D 136 3.35 28.10 -11.94
C VAL D 136 4.69 28.81 -11.71
N ALA D 137 5.72 28.45 -12.47
CA ALA D 137 7.00 29.15 -12.37
C ALA D 137 6.95 30.62 -12.80
N GLN D 138 5.95 30.98 -13.59
CA GLN D 138 5.75 32.37 -14.04
C GLN D 138 5.02 33.31 -13.03
N GLN D 139 4.66 32.79 -11.86
CA GLN D 139 3.87 33.54 -10.91
C GLN D 139 4.75 34.02 -9.76
N PRO D 140 4.91 35.34 -9.64
CA PRO D 140 5.58 35.94 -8.49
C PRO D 140 4.92 35.52 -7.17
N GLY D 141 5.75 35.17 -6.18
CA GLY D 141 5.24 34.82 -4.87
C GLY D 141 5.03 33.33 -4.71
N LEU D 142 5.24 32.58 -5.78
CA LEU D 142 5.35 31.14 -5.71
C LEU D 142 6.81 30.70 -5.68
N LYS D 143 7.07 29.56 -5.04
CA LYS D 143 8.26 28.77 -5.31
C LYS D 143 7.89 27.36 -5.74
N VAL D 144 8.65 26.81 -6.68
CA VAL D 144 8.29 25.54 -7.32
C VAL D 144 9.41 24.51 -7.18
N VAL D 145 9.07 23.36 -6.60
CA VAL D 145 10.08 22.38 -6.22
C VAL D 145 9.76 21.03 -6.84
N ILE D 146 10.77 20.39 -7.43
CA ILE D 146 10.57 19.12 -8.14
C ILE D 146 11.72 18.12 -7.85
N PRO D 147 11.54 17.21 -6.86
CA PRO D 147 12.64 16.30 -6.52
C PRO D 147 12.80 15.14 -7.52
N SER D 148 13.98 14.52 -7.56
CA SER D 148 14.13 13.33 -8.43
C SER D 148 14.53 12.08 -7.64
N THR D 149 14.85 12.28 -6.37
CA THR D 149 15.36 11.18 -5.57
C THR D 149 14.61 11.10 -4.26
N PRO D 150 14.56 9.90 -3.64
CA PRO D 150 14.07 9.76 -2.28
C PRO D 150 14.70 10.77 -1.31
N TYR D 151 16.02 10.91 -1.35
CA TYR D 151 16.73 11.76 -0.39
C TYR D 151 16.39 13.26 -0.54
N ASP D 152 16.23 13.70 -1.80
CA ASP D 152 15.92 15.09 -2.10
C ASP D 152 14.49 15.38 -1.74
N ALA D 153 13.61 14.41 -2.02
CA ALA D 153 12.17 14.55 -1.77
C ALA D 153 11.84 14.82 -0.33
N LYS D 154 12.49 14.10 0.58
CA LYS D 154 12.28 14.27 2.01
C LYS D 154 12.79 15.62 2.52
N GLY D 155 14.04 15.96 2.21
CA GLY D 155 14.63 17.21 2.71
C GLY D 155 13.96 18.43 2.10
N LEU D 156 13.58 18.35 0.84
CA LEU D 156 12.90 19.44 0.15
C LEU D 156 11.45 19.62 0.64
N LEU D 157 10.75 18.52 0.94
CA LEU D 157 9.38 18.59 1.46
C LEU D 157 9.34 19.16 2.87
N ILE D 158 10.25 18.72 3.73
CA ILE D 158 10.35 19.30 5.07
C ILE D 158 10.59 20.81 4.98
N SER D 159 11.56 21.23 4.15
CA SER D 159 11.79 22.63 3.79
C SER D 159 10.53 23.33 3.26
N ALA D 160 9.86 22.72 2.29
CA ALA D 160 8.63 23.25 1.68
C ALA D 160 7.55 23.52 2.73
N ILE D 161 7.35 22.57 3.64
CA ILE D 161 6.35 22.70 4.68
C ILE D 161 6.67 23.83 5.68
N ARG D 162 7.94 23.99 6.04
CA ARG D 162 8.37 25.00 7.02
C ARG D 162 8.46 26.40 6.43
N ASP D 163 8.48 26.46 5.10
CA ASP D 163 8.50 27.73 4.39
C ASP D 163 7.17 28.43 4.62
N ASN D 164 7.24 29.72 4.96
CA ASN D 164 6.09 30.55 5.32
C ASN D 164 5.45 31.26 4.14
N ASP D 165 5.77 30.77 2.93
CA ASP D 165 5.15 31.27 1.72
C ASP D 165 4.78 30.04 0.87
N PRO D 166 3.89 30.23 -0.13
CA PRO D 166 3.43 29.05 -0.88
C PRO D 166 4.51 28.34 -1.68
N VAL D 167 4.46 27.01 -1.66
CA VAL D 167 5.40 26.16 -2.37
C VAL D 167 4.61 25.08 -3.08
N ILE D 168 4.83 24.97 -4.40
CA ILE D 168 4.31 23.87 -5.21
C ILE D 168 5.37 22.77 -5.27
N PHE D 169 4.97 21.57 -4.84
CA PHE D 169 5.86 20.43 -4.71
C PHE D 169 5.33 19.38 -5.66
N LEU D 170 6.00 19.26 -6.81
CA LEU D 170 5.51 18.41 -7.88
C LEU D 170 6.22 17.07 -7.82
N GLU D 171 5.43 16.00 -7.82
CA GLU D 171 5.92 14.66 -7.52
C GLU D 171 5.74 13.81 -8.77
N HIS D 172 6.85 13.44 -9.41
CA HIS D 172 6.78 12.62 -10.62
C HIS D 172 6.35 11.16 -10.36
N LEU D 173 5.25 10.78 -10.99
CA LEU D 173 4.62 9.45 -10.86
C LEU D 173 5.53 8.28 -11.15
N LYS D 174 6.39 8.45 -12.15
CA LYS D 174 7.30 7.38 -12.57
C LYS D 174 8.40 7.16 -11.52
N LEU D 175 8.66 8.17 -10.71
CA LEU D 175 9.74 8.19 -9.76
C LEU D 175 9.29 7.81 -8.35
N TYR D 176 7.99 7.56 -8.17
CA TYR D 176 7.45 7.27 -6.84
C TYR D 176 8.11 6.03 -6.27
N ARG D 177 8.16 4.97 -7.08
CA ARG D 177 8.57 3.64 -6.63
C ARG D 177 9.59 2.99 -7.58
N SER D 178 10.31 3.81 -8.34
CA SER D 178 11.13 3.31 -9.45
C SER D 178 12.46 2.74 -8.96
N PHE D 179 12.94 3.25 -7.84
CA PHE D 179 14.18 2.83 -7.22
C PHE D 179 14.26 3.26 -5.74
N ARG D 180 15.20 2.65 -5.02
CA ARG D 180 15.38 2.92 -3.61
C ARG D 180 16.72 3.58 -3.40
N GLN D 181 16.83 4.30 -2.28
CA GLN D 181 18.03 5.03 -1.96
C GLN D 181 18.10 5.16 -0.46
N GLU D 182 19.30 5.20 0.08
CA GLU D 182 19.51 5.50 1.48
C GLU D 182 19.05 6.91 1.81
N VAL D 183 18.13 7.00 2.76
CA VAL D 183 17.58 8.27 3.22
C VAL D 183 17.66 8.30 4.75
N PRO D 184 18.39 9.26 5.34
CA PRO D 184 18.52 9.29 6.80
C PRO D 184 17.14 9.28 7.50
N GLU D 185 17.10 8.63 8.67
CA GLU D 185 15.89 8.60 9.49
C GLU D 185 15.76 9.94 10.20
N GLY D 186 14.52 10.32 10.52
CA GLY D 186 14.28 11.56 11.23
C GLY D 186 14.39 12.76 10.32
N GLU D 187 14.46 13.94 10.92
CA GLU D 187 14.39 15.16 10.15
C GLU D 187 15.75 15.66 9.67
N TYR D 188 15.75 16.14 8.44
CA TYR D 188 16.81 16.99 7.89
C TYR D 188 16.11 17.90 6.86
N THR D 189 16.72 19.04 6.54
CA THR D 189 16.22 19.93 5.49
C THR D 189 17.23 20.04 4.34
N ILE D 190 16.72 20.38 3.15
CA ILE D 190 17.53 20.82 2.02
C ILE D 190 17.03 22.22 1.59
N PRO D 191 17.96 23.17 1.33
CA PRO D 191 17.52 24.51 0.94
C PRO D 191 16.68 24.53 -0.33
N ILE D 192 15.65 25.37 -0.31
CA ILE D 192 14.87 25.60 -1.52
C ILE D 192 15.66 26.59 -2.39
N GLY D 193 15.68 26.37 -3.70
CA GLY D 193 16.42 27.22 -4.62
C GLY D 193 17.87 26.80 -4.76
N LYS D 194 18.16 25.53 -4.48
CA LYS D 194 19.53 25.04 -4.45
C LYS D 194 19.65 23.75 -5.27
N ALA D 195 20.45 23.81 -6.35
CA ALA D 195 20.72 22.67 -7.21
C ALA D 195 21.81 21.77 -6.62
N ASP D 196 22.05 20.62 -7.23
CA ASP D 196 23.27 19.88 -6.97
C ASP D 196 23.76 19.12 -8.17
N ILE D 197 25.05 18.80 -8.13
CA ILE D 197 25.72 17.99 -9.16
C ILE D 197 25.51 16.53 -8.81
N LYS D 198 24.79 15.83 -9.67
CA LYS D 198 24.52 14.40 -9.50
C LYS D 198 25.63 13.55 -10.13
N ARG D 199 26.32 14.15 -11.11
CA ARG D 199 27.53 13.57 -11.69
C ARG D 199 28.48 14.68 -12.07
N GLU D 200 29.68 14.65 -11.51
CA GLU D 200 30.74 15.59 -11.89
C GLU D 200 31.28 15.29 -13.29
N GLY D 201 31.56 16.35 -14.04
CA GLY D 201 32.05 16.22 -15.42
C GLY D 201 32.84 17.44 -15.86
N LYS D 202 33.50 17.34 -17.02
CA LYS D 202 34.41 18.40 -17.46
C LYS D 202 34.20 18.90 -18.89
N ASP D 203 33.41 18.19 -19.69
CA ASP D 203 33.21 18.51 -21.12
C ASP D 203 31.88 19.20 -21.48
N ILE D 204 30.78 18.77 -20.87
CA ILE D 204 29.46 19.33 -21.14
C ILE D 204 28.59 19.33 -19.86
N THR D 205 27.82 20.41 -19.68
CA THR D 205 26.88 20.52 -18.55
C THR D 205 25.51 20.07 -19.03
N ILE D 206 24.93 19.11 -18.32
CA ILE D 206 23.56 18.70 -18.62
C ILE D 206 22.66 19.10 -17.45
N ILE D 207 21.81 20.09 -17.69
CA ILE D 207 20.94 20.62 -16.67
C ILE D 207 19.58 19.98 -16.82
N ALA D 208 19.08 19.38 -15.74
CA ALA D 208 17.81 18.64 -15.81
C ALA D 208 17.02 18.75 -14.52
N TYR D 209 15.78 18.25 -14.56
CA TYR D 209 14.91 18.16 -13.36
C TYR D 209 13.84 17.10 -13.56
N GLY D 210 13.27 16.58 -12.46
CA GLY D 210 12.19 15.57 -12.55
C GLY D 210 12.74 14.26 -13.07
N ALA D 211 11.97 13.55 -13.91
CA ALA D 211 12.38 12.28 -14.49
C ALA D 211 13.53 12.40 -15.49
N MET D 212 13.82 13.63 -15.92
CA MET D 212 14.86 13.80 -16.92
C MET D 212 16.25 13.74 -16.30
N VAL D 213 16.34 13.84 -14.97
CA VAL D 213 17.61 13.68 -14.28
C VAL D 213 18.19 12.27 -14.48
N HIS D 214 17.42 11.24 -14.14
CA HIS D 214 17.79 9.85 -14.41
C HIS D 214 18.14 9.61 -15.86
N GLU D 215 17.37 10.21 -16.79
CA GLU D 215 17.66 10.11 -18.23
C GLU D 215 19.00 10.75 -18.63
N SER D 216 19.33 11.86 -17.98
CA SER D 216 20.61 12.55 -18.16
C SER D 216 21.78 11.81 -17.50
N LEU D 217 21.52 11.09 -16.41
CA LEU D 217 22.53 10.26 -15.77
C LEU D 217 22.83 9.02 -16.61
N LYS D 218 21.80 8.53 -17.28
CA LYS D 218 21.91 7.38 -18.17
C LYS D 218 22.64 7.78 -19.45
N ALA D 219 22.35 8.97 -19.96
CA ALA D 219 23.02 9.51 -21.13
C ALA D 219 24.49 9.75 -20.83
N ALA D 220 24.77 10.31 -19.66
CA ALA D 220 26.13 10.60 -19.22
C ALA D 220 27.05 9.36 -19.12
N ALA D 221 26.48 8.23 -18.70
CA ALA D 221 27.22 6.95 -18.63
C ALA D 221 27.55 6.41 -20.02
N GLU D 222 26.61 6.54 -20.96
CA GLU D 222 26.86 6.21 -22.36
C GLU D 222 27.91 7.11 -23.01
N LEU D 223 27.87 8.40 -22.70
CA LEU D 223 28.84 9.37 -23.22
C LEU D 223 30.25 9.10 -22.70
N GLU D 224 30.38 8.66 -21.45
CA GLU D 224 31.67 8.35 -20.87
C GLU D 224 32.37 7.15 -21.54
N LYS D 225 31.59 6.23 -22.12
CA LYS D 225 32.12 5.12 -22.89
C LYS D 225 32.82 5.60 -24.17
N GLU D 226 32.40 6.77 -24.67
CA GLU D 226 33.02 7.45 -25.81
C GLU D 226 33.97 8.58 -25.40
N GLY D 227 34.32 8.62 -24.12
CA GLY D 227 35.25 9.64 -23.62
C GLY D 227 34.71 11.06 -23.50
N ILE D 228 33.38 11.20 -23.57
CA ILE D 228 32.72 12.49 -23.36
C ILE D 228 32.21 12.57 -21.89
N SER D 229 32.81 13.48 -21.12
CA SER D 229 32.56 13.65 -19.70
C SER D 229 31.48 14.70 -19.35
N ALA D 230 30.27 14.21 -19.03
CA ALA D 230 29.14 15.12 -18.75
C ALA D 230 28.94 15.41 -17.27
N GLU D 231 28.67 16.67 -16.96
CA GLU D 231 28.34 17.08 -15.60
C GLU D 231 26.83 17.21 -15.53
N VAL D 232 26.19 16.36 -14.72
CA VAL D 232 24.73 16.38 -14.58
C VAL D 232 24.33 17.26 -13.39
N VAL D 233 23.64 18.36 -13.70
CA VAL D 233 23.08 19.26 -12.69
C VAL D 233 21.59 19.00 -12.51
N ASP D 234 21.20 18.58 -11.32
CA ASP D 234 19.78 18.45 -10.96
C ASP D 234 19.35 19.78 -10.34
N LEU D 235 18.43 20.47 -11.00
CA LEU D 235 17.97 21.76 -10.52
C LEU D 235 17.29 21.71 -9.14
N ARG D 236 16.48 20.66 -8.91
CA ARG D 236 15.73 20.45 -7.65
C ARG D 236 14.59 21.46 -7.39
N THR D 237 14.90 22.74 -7.48
CA THR D 237 13.92 23.81 -7.46
C THR D 237 13.95 24.48 -8.81
N VAL D 238 12.80 24.56 -9.48
CA VAL D 238 12.73 25.15 -10.81
C VAL D 238 12.35 26.62 -10.75
N GLN D 239 12.06 27.10 -9.54
CA GLN D 239 11.87 28.53 -9.31
C GLN D 239 11.85 28.86 -7.81
N PRO D 240 12.94 29.43 -7.33
CA PRO D 240 13.89 30.14 -8.20
C PRO D 240 15.07 29.26 -8.59
N LEU D 241 15.81 29.66 -9.63
CA LEU D 241 16.95 28.90 -10.11
C LEU D 241 18.16 29.10 -9.21
N ASP D 242 18.94 28.04 -9.01
CA ASP D 242 20.25 28.16 -8.38
C ASP D 242 21.24 28.63 -9.43
N ILE D 243 21.27 29.94 -9.64
CA ILE D 243 22.13 30.60 -10.63
C ILE D 243 23.61 30.26 -10.40
N GLU D 244 24.09 30.41 -9.17
CA GLU D 244 25.49 30.11 -8.82
C GLU D 244 25.97 28.73 -9.28
N THR D 245 25.18 27.68 -9.03
CA THR D 245 25.58 26.32 -9.37
C THR D 245 25.56 26.07 -10.87
N ILE D 246 24.56 26.64 -11.55
CA ILE D 246 24.40 26.46 -12.99
C ILE D 246 25.53 27.17 -13.72
N ILE D 247 25.81 28.43 -13.36
CA ILE D 247 26.82 29.23 -14.05
C ILE D 247 28.21 28.66 -13.79
N GLY D 248 28.47 28.32 -12.53
CA GLY D 248 29.74 27.69 -12.13
C GLY D 248 30.03 26.43 -12.91
N SER D 249 29.01 25.62 -13.16
CA SER D 249 29.16 24.42 -13.95
C SER D 249 29.50 24.75 -15.41
N VAL D 250 28.82 25.75 -15.97
CA VAL D 250 28.96 26.12 -17.39
C VAL D 250 30.32 26.80 -17.69
N GLU D 251 30.78 27.60 -16.74
CA GLU D 251 32.10 28.25 -16.79
C GLU D 251 33.23 27.23 -16.77
N LYS D 252 33.05 26.15 -16.02
CA LYS D 252 34.01 25.06 -15.98
C LYS D 252 34.04 24.29 -17.30
N THR D 253 32.89 23.89 -17.83
CA THR D 253 32.84 22.99 -18.99
C THR D 253 32.83 23.67 -20.34
N GLY D 254 32.21 24.83 -20.42
CA GLY D 254 32.16 25.61 -21.66
C GLY D 254 31.04 25.26 -22.60
N ARG D 255 30.29 24.21 -22.26
CA ARG D 255 29.16 23.73 -23.10
C ARG D 255 28.00 23.29 -22.20
N ALA D 256 26.77 23.40 -22.73
CA ALA D 256 25.58 23.12 -21.93
C ALA D 256 24.36 22.74 -22.72
N ILE D 257 23.60 21.80 -22.15
CA ILE D 257 22.25 21.51 -22.62
C ILE D 257 21.25 21.53 -21.45
N VAL D 258 19.99 21.79 -21.77
CA VAL D 258 18.94 21.82 -20.75
C VAL D 258 17.88 20.81 -21.15
N VAL D 259 17.52 19.95 -20.19
CA VAL D 259 16.67 18.80 -20.46
C VAL D 259 15.36 18.84 -19.68
N GLN D 260 14.25 18.74 -20.42
CA GLN D 260 12.94 18.67 -19.79
C GLN D 260 12.06 17.70 -20.55
N GLU D 261 11.06 17.18 -19.84
CA GLU D 261 10.03 16.29 -20.37
C GLU D 261 8.92 17.08 -21.04
N ALA D 262 8.67 18.30 -20.54
CA ALA D 262 7.64 19.18 -21.08
C ALA D 262 7.86 19.54 -22.57
N GLN D 263 6.77 19.84 -23.29
CA GLN D 263 6.86 20.34 -24.66
C GLN D 263 7.82 21.51 -24.73
N ARG D 264 8.47 21.65 -25.88
CA ARG D 264 9.46 22.70 -26.09
C ARG D 264 8.99 24.13 -25.79
N GLN D 265 7.72 24.43 -26.05
CA GLN D 265 7.14 25.76 -25.79
C GLN D 265 6.73 25.91 -24.33
N ALA D 266 6.91 24.85 -23.53
CA ALA D 266 6.48 24.84 -22.15
C ALA D 266 7.67 24.58 -21.21
N GLY D 267 7.42 24.16 -19.98
CA GLY D 267 8.50 23.86 -19.06
C GLY D 267 9.28 25.10 -18.67
N ILE D 268 10.53 24.93 -18.25
CA ILE D 268 11.34 26.07 -17.77
C ILE D 268 12.71 26.17 -18.47
N ALA D 269 12.92 25.36 -19.52
CA ALA D 269 14.24 25.31 -20.22
C ALA D 269 14.65 26.63 -20.83
N ALA D 270 13.70 27.36 -21.42
CA ALA D 270 14.02 28.67 -22.01
C ALA D 270 14.61 29.66 -20.99
N ASN D 271 14.05 29.66 -19.78
CA ASN D 271 14.58 30.46 -18.67
C ASN D 271 16.01 30.13 -18.35
N VAL D 272 16.32 28.84 -18.30
CA VAL D 272 17.67 28.44 -17.93
C VAL D 272 18.66 28.91 -19.00
N VAL D 273 18.32 28.68 -20.27
CA VAL D 273 19.13 29.12 -21.42
C VAL D 273 19.40 30.63 -21.38
N ALA D 274 18.31 31.42 -21.32
CA ALA D 274 18.36 32.89 -21.13
C ALA D 274 19.26 33.34 -19.99
N GLU D 275 19.15 32.70 -18.83
CA GLU D 275 20.04 33.01 -17.70
C GLU D 275 21.51 32.73 -18.04
N ILE D 276 21.77 31.65 -18.80
CA ILE D 276 23.14 31.30 -19.17
C ILE D 276 23.72 32.32 -20.16
N ASN D 277 23.01 32.51 -21.28
CA ASN D 277 23.27 33.61 -22.22
C ASN D 277 23.65 34.94 -21.55
N GLU D 278 22.94 35.27 -20.47
CA GLU D 278 23.08 36.55 -19.80
C GLU D 278 24.33 36.65 -18.95
N ARG D 279 24.72 35.53 -18.33
CA ARG D 279 25.74 35.55 -17.29
C ARG D 279 27.06 34.85 -17.66
N ALA D 280 27.06 34.06 -18.72
CA ALA D 280 28.26 33.27 -19.02
C ALA D 280 28.48 33.04 -20.49
N ILE D 281 27.92 33.90 -21.35
CA ILE D 281 28.03 33.76 -22.80
C ILE D 281 29.52 33.69 -23.27
N LEU D 282 30.40 34.41 -22.55
CA LEU D 282 31.84 34.41 -22.81
C LEU D 282 32.53 33.08 -22.54
N SER D 283 31.86 32.17 -21.84
CA SER D 283 32.41 30.85 -21.57
C SER D 283 31.98 29.85 -22.65
N LEU D 284 30.98 30.21 -23.43
CA LEU D 284 30.37 29.25 -24.30
C LEU D 284 31.20 28.94 -25.54
N GLU D 285 31.49 27.65 -25.72
CA GLU D 285 32.14 27.14 -26.92
C GLU D 285 31.09 26.85 -27.97
N ALA D 286 29.84 26.77 -27.53
CA ALA D 286 28.74 26.37 -28.39
C ALA D 286 27.44 26.92 -27.79
N PRO D 287 26.34 26.96 -28.58
CA PRO D 287 25.08 27.44 -28.06
C PRO D 287 24.50 26.44 -27.06
N VAL D 288 23.59 26.93 -26.22
CA VAL D 288 22.91 26.10 -25.24
C VAL D 288 21.68 25.50 -25.92
N LEU D 289 21.65 24.18 -26.02
CA LEU D 289 20.55 23.52 -26.71
C LEU D 289 19.59 22.83 -25.73
N ARG D 290 18.38 22.52 -26.20
CA ARG D 290 17.33 22.01 -25.33
C ARG D 290 16.80 20.69 -25.83
N VAL D 291 16.65 19.77 -24.88
CA VAL D 291 15.89 18.55 -25.08
C VAL D 291 14.50 18.76 -24.46
N ALA D 292 13.46 18.48 -25.25
CA ALA D 292 12.09 18.76 -24.88
C ALA D 292 11.18 17.99 -25.79
N ALA D 293 9.94 17.76 -25.35
CA ALA D 293 8.94 17.06 -26.13
C ALA D 293 8.51 17.88 -27.33
N PRO D 294 7.95 17.24 -28.37
CA PRO D 294 7.31 17.94 -29.47
C PRO D 294 6.21 18.87 -28.99
N ASP D 295 5.95 19.95 -29.73
CA ASP D 295 4.95 20.94 -29.31
C ASP D 295 3.52 20.51 -29.67
N THR D 296 3.13 19.35 -29.16
CA THR D 296 1.79 18.84 -29.35
C THR D 296 1.20 18.64 -27.95
N VAL D 297 -0.12 18.45 -27.88
CA VAL D 297 -0.79 18.01 -26.67
C VAL D 297 -0.09 16.75 -26.19
N TYR D 298 -0.12 16.49 -24.89
CA TYR D 298 0.50 15.30 -24.31
C TYR D 298 -0.06 14.08 -25.06
N PRO D 299 0.80 13.11 -25.39
CA PRO D 299 0.38 12.05 -26.31
C PRO D 299 -0.66 11.09 -25.76
N PHE D 300 -1.53 10.65 -26.66
CA PHE D 300 -2.33 9.45 -26.44
C PHE D 300 -1.39 8.36 -25.91
N ALA D 301 -1.86 7.66 -24.88
CA ALA D 301 -1.04 6.73 -24.09
C ALA D 301 -0.09 5.85 -24.90
N GLN D 302 -0.58 5.15 -25.92
CA GLN D 302 0.25 4.25 -26.72
C GLN D 302 1.45 4.93 -27.39
N ALA D 303 1.33 6.22 -27.64
CA ALA D 303 2.37 7.00 -28.30
C ALA D 303 3.48 7.58 -27.38
N GLU D 304 3.41 7.30 -26.07
CA GLU D 304 4.35 7.87 -25.10
C GLU D 304 5.83 7.59 -25.41
N SER D 305 6.15 6.34 -25.79
CA SER D 305 7.55 5.94 -25.96
C SER D 305 8.28 6.67 -27.09
N VAL D 306 7.57 6.94 -28.18
CA VAL D 306 8.15 7.69 -29.30
C VAL D 306 8.16 9.22 -29.08
N TRP D 307 7.30 9.70 -28.19
CA TRP D 307 7.06 11.15 -27.99
C TRP D 307 7.91 11.72 -26.85
N LEU D 308 7.91 11.04 -25.71
CA LEU D 308 8.67 11.47 -24.52
C LEU D 308 10.17 11.52 -24.78
N PRO D 309 10.83 12.61 -24.34
CA PRO D 309 12.28 12.69 -24.37
C PRO D 309 12.91 11.65 -23.44
N ASN D 310 13.94 10.97 -23.95
CA ASN D 310 14.67 9.99 -23.16
C ASN D 310 16.19 10.18 -23.30
N PHE D 311 16.95 9.29 -22.67
CA PHE D 311 18.40 9.39 -22.61
C PHE D 311 19.06 9.44 -23.98
N LYS D 312 18.43 8.83 -24.98
CA LYS D 312 18.96 8.87 -26.36
C LYS D 312 18.89 10.27 -26.98
N ASP D 313 17.76 10.95 -26.81
CA ASP D 313 17.63 12.36 -27.14
C ASP D 313 18.70 13.18 -26.45
N VAL D 314 18.93 12.91 -25.16
CA VAL D 314 19.98 13.60 -24.42
C VAL D 314 21.36 13.31 -25.03
N ILE D 315 21.64 12.05 -25.35
CA ILE D 315 22.93 11.66 -25.99
C ILE D 315 23.12 12.41 -27.31
N GLU D 316 22.09 12.40 -28.15
CA GLU D 316 22.11 13.04 -29.44
C GLU D 316 22.38 14.55 -29.36
N THR D 317 21.62 15.26 -28.52
CA THR D 317 21.76 16.72 -28.40
C THR D 317 23.08 17.12 -27.74
N ALA D 318 23.55 16.31 -26.81
CA ALA D 318 24.86 16.52 -26.21
C ALA D 318 25.98 16.47 -27.26
N LYS D 319 25.92 15.47 -28.15
CA LYS D 319 26.88 15.33 -29.25
C LYS D 319 26.78 16.47 -30.26
N LYS D 320 25.55 16.85 -30.61
CA LYS D 320 25.32 18.03 -31.43
C LYS D 320 26.13 19.21 -30.87
N VAL D 321 26.09 19.37 -29.55
CA VAL D 321 26.82 20.44 -28.86
C VAL D 321 28.36 20.26 -28.86
N MET D 322 28.82 19.03 -28.63
CA MET D 322 30.23 18.68 -28.71
C MET D 322 30.79 18.96 -30.13
N ASN D 323 30.02 18.61 -31.15
CA ASN D 323 30.43 18.79 -32.55
C ASN D 323 30.04 20.14 -33.17
N PHE D 324 29.61 21.10 -32.36
CA PHE D 324 29.15 22.37 -32.92
C PHE D 324 30.23 23.08 -33.69
N PHE E 5 31.93 -36.56 -22.73
CA PHE E 5 32.82 -36.12 -21.62
C PHE E 5 32.33 -36.67 -20.28
N GLN E 6 33.12 -36.43 -19.23
CA GLN E 6 32.77 -36.81 -17.87
C GLN E 6 33.11 -35.67 -16.92
N PHE E 7 32.18 -35.34 -16.03
CA PHE E 7 32.36 -34.25 -15.07
C PHE E 7 33.38 -34.64 -14.02
N PRO E 8 34.37 -33.75 -13.76
CA PRO E 8 35.43 -34.04 -12.78
C PRO E 8 34.86 -34.14 -11.36
N PHE E 9 34.11 -35.22 -11.10
CA PHE E 9 33.43 -35.43 -9.82
C PHE E 9 34.41 -35.89 -8.75
N ALA E 10 35.17 -36.93 -9.06
CA ALA E 10 36.16 -37.48 -8.13
C ALA E 10 37.26 -36.47 -7.84
N GLU E 11 37.62 -35.67 -8.85
CA GLU E 11 38.60 -34.59 -8.69
C GLU E 11 38.04 -33.50 -7.80
N GLN E 12 36.74 -33.22 -7.96
CA GLN E 12 36.05 -32.22 -7.14
C GLN E 12 36.05 -32.60 -5.65
N LEU E 13 35.71 -33.85 -5.38
CA LEU E 13 35.52 -34.32 -4.00
C LEU E 13 36.83 -34.35 -3.24
N GLU E 14 37.92 -34.70 -3.95
CA GLU E 14 39.27 -34.72 -3.39
C GLU E 14 39.80 -33.30 -3.18
N LYS E 15 39.67 -32.45 -4.19
CA LYS E 15 40.16 -31.07 -4.12
C LYS E 15 39.49 -30.19 -3.04
N VAL E 16 38.23 -30.48 -2.70
CA VAL E 16 37.59 -29.77 -1.57
C VAL E 16 38.09 -30.32 -0.21
N ALA E 17 38.44 -31.60 -0.17
CA ALA E 17 39.01 -32.23 1.03
C ALA E 17 40.43 -31.73 1.32
N GLU E 18 41.24 -31.63 0.27
CA GLU E 18 42.55 -30.94 0.28
C GLU E 18 42.57 -29.70 1.17
N GLN E 19 41.48 -28.93 1.17
CA GLN E 19 41.43 -27.62 1.84
C GLN E 19 41.21 -27.74 3.34
N PHE E 20 40.97 -28.95 3.82
CA PHE E 20 40.74 -29.16 5.26
C PHE E 20 41.69 -30.21 5.86
N PRO E 21 43.00 -29.92 5.85
CA PRO E 21 43.92 -30.85 6.51
C PRO E 21 44.05 -30.54 8.01
N THR E 22 44.17 -31.59 8.83
CA THR E 22 44.28 -31.48 10.29
C THR E 22 45.36 -30.46 10.72
N PHE E 23 45.01 -29.59 11.66
CA PHE E 23 45.93 -28.56 12.15
C PHE E 23 46.57 -29.02 13.45
N GLN E 24 47.90 -29.02 13.49
CA GLN E 24 48.63 -29.51 14.64
C GLN E 24 49.86 -28.67 14.94
N ILE E 25 50.08 -28.38 16.22
CA ILE E 25 51.25 -27.65 16.67
C ILE E 25 52.20 -28.58 17.47
N LEU E 26 51.65 -29.25 18.49
CA LEU E 26 52.36 -30.32 19.20
C LEU E 26 52.01 -31.73 18.69
N ASN E 27 53.00 -32.61 18.61
CA ASN E 27 52.71 -34.01 18.30
C ASN E 27 52.58 -34.84 19.57
N GLU E 28 52.30 -36.13 19.43
CA GLU E 28 52.18 -37.04 20.58
C GLU E 28 53.28 -36.84 21.64
N GLU E 29 54.45 -36.40 21.22
CA GLU E 29 55.66 -36.38 22.06
C GLU E 29 56.08 -34.99 22.53
N GLY E 30 55.16 -34.03 22.47
CA GLY E 30 55.45 -32.67 22.92
C GLY E 30 56.42 -31.92 22.02
N GLU E 31 56.64 -32.45 20.81
CA GLU E 31 57.47 -31.79 19.80
C GLU E 31 56.66 -30.69 19.11
N VAL E 32 57.18 -29.46 19.09
CA VAL E 32 56.59 -28.40 18.29
C VAL E 32 56.88 -28.70 16.81
N VAL E 33 55.89 -29.24 16.11
CA VAL E 33 56.03 -29.66 14.72
C VAL E 33 55.51 -28.61 13.72
N ASN E 34 55.24 -27.41 14.24
CA ASN E 34 54.67 -26.31 13.47
C ASN E 34 54.92 -25.01 14.24
N GLU E 35 56.12 -24.46 14.10
CA GLU E 35 56.59 -23.35 14.93
C GLU E 35 55.97 -21.99 14.58
N GLU E 36 55.73 -21.75 13.30
CA GLU E 36 55.15 -20.48 12.83
C GLU E 36 53.76 -20.22 13.40
N ALA E 37 52.97 -21.29 13.52
CA ALA E 37 51.60 -21.19 14.03
C ALA E 37 51.53 -20.99 15.54
N MET E 38 52.62 -21.29 16.24
CA MET E 38 52.60 -21.42 17.70
C MET E 38 52.08 -20.17 18.41
N PRO E 39 51.07 -20.36 19.30
CA PRO E 39 50.47 -19.29 20.10
C PRO E 39 51.46 -18.51 20.95
N GLU E 40 51.21 -17.22 21.13
CA GLU E 40 52.03 -16.43 22.05
C GLU E 40 51.42 -16.47 23.45
N LEU E 41 51.92 -17.39 24.28
CA LEU E 41 51.43 -17.56 25.65
C LEU E 41 52.52 -17.45 26.70
N SER E 42 52.33 -16.56 27.68
CA SER E 42 53.30 -16.36 28.75
C SER E 42 53.45 -17.65 29.56
N ASP E 43 54.65 -17.86 30.11
CA ASP E 43 54.96 -19.10 30.83
C ASP E 43 53.92 -19.40 31.90
N GLU E 44 53.50 -18.36 32.60
CA GLU E 44 52.45 -18.41 33.61
C GLU E 44 51.07 -18.84 33.04
N GLN E 45 50.75 -18.42 31.84
N GLN E 45 50.76 -18.40 31.83
CA GLN E 45 49.47 -18.78 31.22
CA GLN E 45 49.51 -18.73 31.15
C GLN E 45 49.49 -20.19 30.63
C GLN E 45 49.50 -20.19 30.68
N LEU E 46 50.67 -20.68 30.26
CA LEU E 46 50.84 -22.07 29.82
C LEU E 46 50.64 -23.02 31.00
N LYS E 47 50.97 -22.53 32.19
CA LYS E 47 50.89 -23.30 33.42
C LYS E 47 49.46 -23.32 33.93
N GLU E 48 48.80 -22.17 33.87
CA GLU E 48 47.39 -22.04 34.28
C GLU E 48 46.51 -22.91 33.43
N LEU E 49 46.89 -23.05 32.16
CA LEU E 49 46.23 -23.97 31.24
C LEU E 49 46.41 -25.40 31.69
N MET E 50 47.60 -25.71 32.20
CA MET E 50 47.90 -27.07 32.68
C MET E 50 47.14 -27.35 33.98
N ARG E 51 47.24 -26.44 34.95
CA ARG E 51 46.46 -26.59 36.19
C ARG E 51 45.00 -26.87 35.85
N ARG E 52 44.42 -26.05 34.97
CA ARG E 52 43.01 -26.21 34.51
C ARG E 52 42.72 -27.57 33.91
N MET E 53 43.53 -27.99 32.94
CA MET E 53 43.37 -29.29 32.27
C MET E 53 43.51 -30.46 33.24
N VAL E 54 44.38 -30.27 34.25
CA VAL E 54 44.61 -31.27 35.29
C VAL E 54 43.40 -31.39 36.19
N TYR E 55 42.94 -30.23 36.68
CA TYR E 55 41.80 -30.14 37.59
C TYR E 55 40.54 -30.71 36.95
N THR E 56 40.40 -30.48 35.65
CA THR E 56 39.28 -31.01 34.86
C THR E 56 39.35 -32.54 34.71
N ARG E 57 40.54 -33.10 34.51
CA ARG E 57 40.73 -34.56 34.50
C ARG E 57 40.29 -35.20 35.83
N ILE E 58 40.69 -34.60 36.94
CA ILE E 58 40.32 -35.09 38.27
C ILE E 58 38.81 -34.95 38.48
N LEU E 59 38.23 -33.85 38.00
CA LEU E 59 36.77 -33.67 38.04
C LEU E 59 36.00 -34.79 37.32
N ASP E 60 36.54 -35.27 36.20
CA ASP E 60 35.89 -36.33 35.41
C ASP E 60 35.98 -37.68 36.13
N GLN E 61 37.19 -38.03 36.58
CA GLN E 61 37.44 -39.26 37.30
C GLN E 61 36.55 -39.39 38.54
N ARG E 62 36.50 -38.33 39.33
CA ARG E 62 35.65 -38.24 40.51
C ARG E 62 34.15 -38.26 40.15
N SER E 63 33.80 -37.71 38.98
CA SER E 63 32.41 -37.69 38.52
C SER E 63 31.93 -39.06 38.04
N ILE E 64 32.79 -39.81 37.36
CA ILE E 64 32.48 -41.18 36.99
C ILE E 64 32.16 -41.97 38.28
N SER E 65 33.11 -41.96 39.21
CA SER E 65 32.98 -42.68 40.49
C SER E 65 31.70 -42.29 41.20
N LEU E 66 31.48 -40.98 41.34
CA LEU E 66 30.28 -40.46 42.00
C LEU E 66 28.98 -40.91 41.32
N ASN E 67 28.98 -40.95 39.99
CA ASN E 67 27.86 -41.47 39.22
C ASN E 67 27.64 -42.98 39.41
N ARG E 68 28.72 -43.75 39.43
CA ARG E 68 28.63 -45.20 39.69
C ARG E 68 28.08 -45.46 41.09
N GLN E 69 28.44 -44.60 42.03
CA GLN E 69 27.98 -44.66 43.41
C GLN E 69 26.56 -44.13 43.60
N GLY E 70 25.88 -43.81 42.49
CA GLY E 70 24.56 -43.20 42.52
C GLY E 70 24.50 -41.85 43.22
N ARG E 71 25.64 -41.16 43.29
CA ARG E 71 25.72 -39.82 43.93
C ARG E 71 25.64 -38.69 42.88
N LEU E 72 25.71 -39.08 41.61
CA LEU E 72 25.44 -38.19 40.49
C LEU E 72 24.44 -38.84 39.56
N GLY E 73 23.56 -38.02 38.98
CA GLY E 73 22.64 -38.49 37.96
C GLY E 73 23.34 -38.58 36.61
N PHE E 74 22.64 -38.18 35.55
CA PHE E 74 23.19 -38.13 34.20
C PHE E 74 24.57 -37.49 34.23
N TYR E 75 25.58 -38.24 33.80
CA TYR E 75 26.92 -37.68 33.65
C TYR E 75 27.52 -38.04 32.30
N ALA E 76 27.89 -37.01 31.54
CA ALA E 76 28.51 -37.19 30.23
C ALA E 76 30.04 -37.07 30.34
N PRO E 77 30.76 -38.22 30.28
CA PRO E 77 32.22 -38.30 30.43
C PRO E 77 33.00 -37.42 29.46
N THR E 78 34.17 -36.97 29.88
CA THR E 78 34.97 -36.08 29.04
C THR E 78 36.48 -36.29 29.22
N ALA E 79 36.87 -37.51 29.56
CA ALA E 79 38.29 -37.87 29.68
C ALA E 79 38.88 -38.00 28.27
N GLY E 80 40.01 -37.33 28.06
CA GLY E 80 40.69 -37.28 26.76
C GLY E 80 40.30 -36.09 25.88
N GLN E 81 39.61 -35.10 26.46
CA GLN E 81 39.07 -33.98 25.69
C GLN E 81 39.35 -32.63 26.34
N GLU E 82 40.26 -32.60 27.32
CA GLU E 82 40.55 -31.37 28.06
C GLU E 82 41.22 -30.31 27.20
N ALA E 83 41.85 -30.73 26.11
CA ALA E 83 42.47 -29.78 25.17
C ALA E 83 41.35 -29.04 24.44
N SER E 84 40.44 -29.82 23.87
CA SER E 84 39.23 -29.34 23.20
C SER E 84 38.33 -28.43 24.06
N GLN E 85 38.20 -28.73 25.35
CA GLN E 85 37.30 -27.96 26.20
C GLN E 85 37.99 -26.84 26.95
N ILE E 86 39.19 -27.15 27.45
CA ILE E 86 39.87 -26.18 28.25
C ILE E 86 40.73 -25.26 27.40
N ALA E 87 41.39 -25.78 26.36
CA ALA E 87 42.21 -24.91 25.49
C ALA E 87 41.35 -23.90 24.69
N SER E 88 40.22 -24.39 24.16
CA SER E 88 39.23 -23.53 23.51
C SER E 88 38.72 -22.48 24.49
N HIS E 89 38.29 -22.91 25.68
CA HIS E 89 37.82 -21.94 26.67
C HIS E 89 38.88 -20.92 27.00
N PHE E 90 40.13 -21.34 27.02
CA PHE E 90 41.23 -20.49 27.45
C PHE E 90 41.39 -19.28 26.52
N ALA E 91 40.88 -19.42 25.30
CA ALA E 91 41.07 -18.40 24.28
C ALA E 91 40.03 -17.29 24.41
N LEU E 92 39.11 -17.46 25.36
CA LEU E 92 38.00 -16.54 25.52
C LEU E 92 38.28 -15.50 26.60
N GLU E 93 37.49 -14.42 26.61
CA GLU E 93 37.37 -13.58 27.79
C GLU E 93 36.00 -13.76 28.45
N LYS E 94 35.83 -13.14 29.61
CA LYS E 94 34.59 -13.31 30.40
C LYS E 94 33.32 -12.68 29.80
N GLU E 95 33.50 -11.67 28.95
CA GLU E 95 32.40 -10.98 28.24
C GLU E 95 31.81 -11.87 27.14
N ASP E 96 32.59 -12.86 26.71
CA ASP E 96 32.17 -13.84 25.73
C ASP E 96 31.08 -14.72 26.34
N PHE E 97 30.12 -15.11 25.50
CA PHE E 97 28.96 -15.86 25.94
C PHE E 97 29.06 -17.29 25.43
N ILE E 98 28.88 -18.26 26.31
CA ILE E 98 29.01 -19.68 25.95
C ILE E 98 27.65 -20.39 25.97
N LEU E 99 27.40 -21.14 24.90
CA LEU E 99 26.19 -21.95 24.76
C LEU E 99 26.61 -23.39 24.66
N PRO E 100 26.74 -24.06 25.83
CA PRO E 100 27.21 -25.44 25.94
C PRO E 100 26.21 -26.45 25.37
N GLY E 101 26.71 -27.55 24.81
CA GLY E 101 25.89 -28.74 24.56
C GLY E 101 25.87 -29.53 25.86
N TYR E 102 25.28 -30.73 25.85
CA TYR E 102 25.09 -31.46 27.10
C TYR E 102 26.37 -31.84 27.87
N ARG E 103 27.45 -32.12 27.16
CA ARG E 103 28.72 -32.55 27.78
C ARG E 103 29.63 -31.41 28.18
N ASP E 104 29.26 -30.19 27.84
CA ASP E 104 30.20 -29.06 27.93
C ASP E 104 30.12 -28.31 29.27
N VAL E 105 30.12 -29.07 30.37
CA VAL E 105 30.11 -28.49 31.73
C VAL E 105 31.47 -27.91 32.16
N PRO E 106 32.59 -28.58 31.84
CA PRO E 106 33.90 -27.97 32.15
C PRO E 106 34.01 -26.50 31.71
N GLN E 107 33.65 -26.21 30.45
CA GLN E 107 33.73 -24.84 29.89
C GLN E 107 33.00 -23.82 30.75
N ILE E 108 31.84 -24.19 31.26
CA ILE E 108 31.02 -23.23 31.97
C ILE E 108 31.39 -23.07 33.43
N ILE E 109 31.96 -24.11 34.03
CA ILE E 109 32.53 -23.99 35.38
C ILE E 109 33.71 -23.01 35.32
N TRP E 110 34.65 -23.27 34.42
CA TRP E 110 35.76 -22.34 34.21
C TRP E 110 35.36 -20.89 33.88
N HIS E 111 34.15 -20.71 33.33
CA HIS E 111 33.64 -19.37 32.97
C HIS E 111 32.92 -18.70 34.14
N GLY E 112 32.68 -19.46 35.21
CA GLY E 112 32.12 -18.87 36.43
C GLY E 112 30.91 -19.55 37.04
N LEU E 113 30.64 -20.80 36.64
CA LEU E 113 29.54 -21.54 37.24
C LEU E 113 30.04 -22.28 38.48
N PRO E 114 29.54 -21.92 39.67
CA PRO E 114 29.97 -22.62 40.89
C PRO E 114 29.85 -24.13 40.69
N LEU E 115 30.90 -24.86 41.07
CA LEU E 115 30.97 -26.31 40.86
C LEU E 115 29.81 -27.09 41.49
N TYR E 116 29.28 -26.58 42.61
CA TYR E 116 28.13 -27.24 43.26
C TYR E 116 26.87 -27.15 42.39
N GLN E 117 26.73 -26.08 41.62
CA GLN E 117 25.64 -25.95 40.66
C GLN E 117 25.80 -26.95 39.52
N ALA E 118 27.02 -27.16 39.05
CA ALA E 118 27.30 -28.19 38.05
C ALA E 118 26.92 -29.62 38.49
N PHE E 119 26.96 -29.84 39.81
CA PHE E 119 26.61 -31.15 40.38
C PHE E 119 25.09 -31.23 40.54
N LEU E 120 24.49 -30.12 40.94
CA LEU E 120 23.04 -29.98 41.03
C LEU E 120 22.35 -30.11 39.66
N PHE E 121 22.98 -29.59 38.60
CA PHE E 121 22.51 -29.82 37.23
C PHE E 121 22.46 -31.31 36.86
N SER E 122 23.50 -32.06 37.25
CA SER E 122 23.63 -33.48 36.88
C SER E 122 22.64 -34.37 37.64
N ARG E 123 22.16 -33.89 38.79
CA ARG E 123 21.17 -34.59 39.59
C ARG E 123 19.72 -34.19 39.26
N GLY E 124 19.58 -33.15 38.46
CA GLY E 124 18.28 -32.70 37.99
C GLY E 124 17.60 -31.85 39.03
N HIS E 125 18.22 -30.70 39.32
CA HIS E 125 17.72 -29.77 40.32
C HIS E 125 17.80 -28.37 39.73
N PHE E 126 16.70 -27.63 39.82
CA PHE E 126 16.59 -26.31 39.16
C PHE E 126 17.62 -25.27 39.61
N HIS E 127 18.26 -25.50 40.76
CA HIS E 127 19.21 -24.52 41.28
C HIS E 127 20.57 -24.60 40.59
N GLY E 128 20.93 -25.78 40.09
CA GLY E 128 22.14 -25.94 39.29
C GLY E 128 22.11 -25.11 38.01
N ASN E 129 20.91 -24.69 37.61
CA ASN E 129 20.70 -23.97 36.36
C ASN E 129 20.53 -22.48 36.61
N GLN E 130 20.56 -22.09 37.89
CA GLN E 130 20.43 -20.69 38.29
C GLN E 130 21.74 -19.90 38.22
N ILE E 131 22.37 -19.97 37.04
CA ILE E 131 23.61 -19.25 36.70
C ILE E 131 23.73 -17.90 37.43
N PRO E 132 24.90 -17.62 38.05
CA PRO E 132 25.07 -16.30 38.74
C PRO E 132 25.04 -15.11 37.78
N GLU E 133 24.46 -13.98 38.21
CA GLU E 133 24.38 -12.79 37.37
C GLU E 133 25.77 -12.33 36.93
N GLY E 134 25.91 -12.03 35.63
CA GLY E 134 27.20 -11.62 35.08
C GLY E 134 28.10 -12.78 34.70
N VAL E 135 27.64 -14.01 34.93
CA VAL E 135 28.30 -15.18 34.37
C VAL E 135 27.59 -15.47 33.06
N ASN E 136 28.32 -15.33 31.95
CA ASN E 136 27.74 -15.39 30.61
C ASN E 136 27.70 -16.79 30.04
N VAL E 137 26.86 -17.63 30.63
CA VAL E 137 26.64 -18.98 30.13
C VAL E 137 25.16 -19.31 30.26
N LEU E 138 24.72 -20.23 29.41
CA LEU E 138 23.46 -20.92 29.55
C LEU E 138 23.75 -22.25 30.23
N PRO E 139 22.74 -22.86 30.88
CA PRO E 139 22.87 -24.26 31.30
C PRO E 139 23.09 -25.17 30.10
N PRO E 140 23.69 -26.36 30.31
CA PRO E 140 23.88 -27.28 29.20
C PRO E 140 22.58 -27.59 28.44
N GLN E 141 22.68 -27.67 27.11
CA GLN E 141 21.53 -27.83 26.21
C GLN E 141 21.17 -29.30 25.91
N ILE E 142 19.95 -29.69 26.30
CA ILE E 142 19.47 -31.06 26.12
C ILE E 142 19.26 -31.39 24.66
N ILE E 143 18.55 -30.51 23.96
CA ILE E 143 18.20 -30.72 22.54
C ILE E 143 19.39 -30.51 21.60
N ILE E 144 19.95 -31.61 21.11
CA ILE E 144 21.12 -31.55 20.21
C ILE E 144 20.97 -30.48 19.12
N GLY E 145 21.93 -29.56 19.05
CA GLY E 145 21.96 -28.57 17.97
C GLY E 145 21.16 -27.29 18.16
N ALA E 146 20.24 -27.26 19.12
CA ALA E 146 19.44 -26.07 19.34
C ALA E 146 20.34 -24.89 19.70
N GLN E 147 21.44 -25.19 20.38
CA GLN E 147 22.43 -24.19 20.80
C GLN E 147 23.10 -23.45 19.63
N TYR E 148 23.14 -24.08 18.46
CA TYR E 148 23.73 -23.46 17.26
C TYR E 148 23.00 -22.23 16.71
N ILE E 149 21.69 -22.32 16.53
CA ILE E 149 20.94 -21.16 16.06
C ILE E 149 20.81 -20.10 17.15
N GLN E 150 20.76 -20.53 18.40
CA GLN E 150 20.68 -19.57 19.50
C GLN E 150 21.95 -18.68 19.55
N ALA E 151 23.08 -19.28 19.20
CA ALA E 151 24.37 -18.61 19.23
C ALA E 151 24.47 -17.56 18.14
N ALA E 152 23.96 -17.89 16.95
CA ALA E 152 23.80 -16.90 15.86
C ALA E 152 23.11 -15.64 16.39
N GLY E 153 22.00 -15.84 17.10
CA GLY E 153 21.27 -14.75 17.73
C GLY E 153 22.07 -14.00 18.79
N VAL E 154 22.81 -14.74 19.62
CA VAL E 154 23.64 -14.11 20.67
C VAL E 154 24.71 -13.26 20.01
N ALA E 155 25.45 -13.86 19.08
CA ALA E 155 26.47 -13.17 18.31
C ALA E 155 25.90 -11.90 17.67
N LEU E 156 24.75 -12.01 17.00
CA LEU E 156 24.09 -10.84 16.41
C LEU E 156 23.78 -9.78 17.46
N GLY E 157 23.27 -10.20 18.62
CA GLY E 157 23.00 -9.27 19.72
C GLY E 157 24.27 -8.56 20.19
N LEU E 158 25.37 -9.31 20.25
CA LEU E 158 26.67 -8.77 20.63
C LEU E 158 27.13 -7.72 19.62
N LYS E 159 26.99 -8.03 18.33
CA LYS E 159 27.29 -7.12 17.24
C LYS E 159 26.46 -5.83 17.31
N MET E 160 25.19 -5.95 17.70
CA MET E 160 24.28 -4.81 17.75
C MET E 160 24.58 -3.89 18.94
N ARG E 161 25.05 -4.48 20.03
CA ARG E 161 25.44 -3.70 21.20
C ARG E 161 26.80 -3.03 20.99
N GLY E 162 27.47 -3.35 19.88
CA GLY E 162 28.81 -2.87 19.61
C GLY E 162 29.90 -3.55 20.44
N LYS E 163 29.49 -4.46 21.33
CA LYS E 163 30.41 -5.20 22.21
C LYS E 163 31.47 -6.00 21.46
N LYS E 164 32.71 -5.92 21.94
CA LYS E 164 33.85 -6.60 21.31
C LYS E 164 34.05 -7.94 21.99
N ALA E 165 33.05 -8.80 21.75
CA ALA E 165 32.95 -10.10 22.38
C ALA E 165 32.34 -11.03 21.36
N VAL E 166 32.41 -12.33 21.66
CA VAL E 166 31.88 -13.37 20.78
C VAL E 166 30.86 -14.28 21.49
N ALA E 167 30.08 -15.00 20.70
CA ALA E 167 29.32 -16.13 21.20
C ALA E 167 30.05 -17.39 20.77
N ILE E 168 30.17 -18.35 21.67
CA ILE E 168 30.83 -19.59 21.29
C ILE E 168 29.94 -20.74 21.67
N THR E 169 29.94 -21.78 20.86
CA THR E 169 29.03 -22.88 21.12
C THR E 169 29.71 -24.17 20.69
N TYR E 170 29.32 -25.26 21.32
CA TYR E 170 29.90 -26.58 21.08
C TYR E 170 28.80 -27.58 20.83
N THR E 171 29.00 -28.43 19.83
CA THR E 171 28.19 -29.63 19.61
C THR E 171 29.09 -30.79 19.19
N GLY E 172 28.51 -31.99 19.06
CA GLY E 172 29.26 -33.19 18.66
C GLY E 172 29.18 -33.53 17.18
N ASP E 173 29.77 -34.67 16.82
CA ASP E 173 29.73 -35.16 15.43
C ASP E 173 28.33 -35.57 14.97
N GLY E 174 27.39 -35.70 15.91
CA GLY E 174 26.00 -36.04 15.60
C GLY E 174 25.12 -34.80 15.47
N GLY E 175 25.56 -33.71 16.09
CA GLY E 175 24.90 -32.43 15.95
C GLY E 175 24.92 -31.90 14.52
N THR E 176 25.94 -32.28 13.75
CA THR E 176 26.15 -31.81 12.37
C THR E 176 25.11 -32.34 11.37
N SER E 177 24.33 -33.34 11.79
CA SER E 177 23.24 -33.87 10.95
C SER E 177 21.91 -33.17 11.22
N GLN E 178 21.91 -32.20 12.12
CA GLN E 178 20.68 -31.46 12.46
C GLN E 178 20.47 -30.20 11.60
N GLY E 179 19.22 -29.77 11.50
CA GLY E 179 18.85 -28.59 10.71
C GLY E 179 19.31 -27.30 11.36
N ASN E 180 19.17 -27.23 12.68
CA ASN E 180 19.69 -26.12 13.46
C ASN E 180 21.20 -25.90 13.28
N PHE E 181 21.95 -26.96 13.04
CA PHE E 181 23.39 -26.85 12.74
C PHE E 181 23.63 -26.00 11.50
N TYR E 182 23.01 -26.42 10.39
CA TYR E 182 23.13 -25.71 9.12
C TYR E 182 22.54 -24.32 9.21
N GLN E 183 21.37 -24.20 9.81
CA GLN E 183 20.74 -22.88 9.99
C GLN E 183 21.57 -21.94 10.87
N GLY E 184 22.18 -22.50 11.91
CA GLY E 184 23.00 -21.70 12.82
C GLY E 184 24.18 -21.09 12.11
N ILE E 185 24.96 -21.92 11.42
CA ILE E 185 26.15 -21.45 10.70
C ILE E 185 25.77 -20.54 9.54
N ASN E 186 24.61 -20.82 8.93
CA ASN E 186 24.15 -20.02 7.80
C ASN E 186 23.64 -18.63 8.21
N PHE E 187 22.85 -18.56 9.30
CA PHE E 187 22.37 -17.28 9.85
C PHE E 187 23.53 -16.40 10.35
N ALA E 188 24.45 -16.99 11.11
CA ALA E 188 25.65 -16.31 11.56
C ALA E 188 26.45 -15.81 10.35
N GLY E 189 26.60 -16.67 9.34
CA GLY E 189 27.28 -16.31 8.10
C GLY E 189 26.64 -15.11 7.42
N ALA E 190 25.32 -15.14 7.26
CA ALA E 190 24.63 -14.08 6.52
C ALA E 190 24.56 -12.72 7.25
N PHE E 191 24.65 -12.73 8.58
CA PHE E 191 24.70 -11.48 9.35
C PHE E 191 26.13 -11.05 9.69
N LYS E 192 27.13 -11.80 9.20
CA LYS E 192 28.54 -11.63 9.64
C LYS E 192 28.64 -11.56 11.16
N ALA E 193 27.98 -12.50 11.85
CA ALA E 193 27.87 -12.42 13.30
C ALA E 193 29.13 -12.99 13.99
N PRO E 194 29.59 -12.36 15.09
CA PRO E 194 30.77 -12.87 15.83
C PRO E 194 30.52 -14.18 16.63
N ALA E 195 30.48 -15.32 15.93
CA ALA E 195 30.26 -16.60 16.60
C ALA E 195 31.32 -17.63 16.25
N ILE E 196 31.70 -18.45 17.24
CA ILE E 196 32.61 -19.55 16.96
C ILE E 196 31.84 -20.84 17.15
N PHE E 197 31.83 -21.70 16.14
CA PHE E 197 31.13 -22.99 16.24
C PHE E 197 32.13 -24.13 16.33
N VAL E 198 32.11 -24.85 17.45
CA VAL E 198 32.96 -26.02 17.61
C VAL E 198 32.19 -27.31 17.42
N VAL E 199 32.76 -28.21 16.64
CA VAL E 199 32.24 -29.55 16.46
C VAL E 199 33.28 -30.51 17.04
N GLN E 200 32.97 -31.08 18.20
CA GLN E 200 33.89 -32.01 18.88
C GLN E 200 33.61 -33.41 18.41
N ASN E 201 34.59 -34.00 17.71
CA ASN E 201 34.39 -35.25 16.99
C ASN E 201 35.23 -36.43 17.49
N ASN E 202 34.57 -37.35 18.18
CA ASN E 202 35.18 -38.64 18.54
C ASN E 202 34.59 -39.81 17.73
N ARG E 203 34.45 -39.57 16.42
CA ARG E 203 34.30 -40.65 15.43
C ARG E 203 35.68 -40.91 14.81
N PHE E 204 36.69 -40.30 15.43
CA PHE E 204 38.10 -40.69 15.24
C PHE E 204 38.37 -41.94 16.09
N ALA E 205 37.55 -42.96 15.86
CA ALA E 205 37.68 -44.30 16.46
C ALA E 205 36.96 -45.32 15.57
N ALA E 216 30.68 -37.07 4.07
CA ALA E 216 31.73 -36.08 3.97
C ALA E 216 33.02 -36.60 4.64
N LYS E 217 34.15 -36.48 3.94
CA LYS E 217 35.46 -36.92 4.46
C LYS E 217 35.85 -36.20 5.76
N THR E 218 35.40 -34.95 5.89
CA THR E 218 35.57 -34.18 7.13
C THR E 218 34.24 -33.57 7.58
N LEU E 219 34.19 -33.08 8.82
CA LEU E 219 33.06 -32.27 9.26
C LEU E 219 33.36 -30.77 9.15
N ALA E 220 34.64 -30.43 8.95
CA ALA E 220 35.05 -29.03 8.78
C ALA E 220 34.50 -28.47 7.48
N GLN E 221 34.36 -29.33 6.47
CA GLN E 221 33.92 -28.93 5.13
C GLN E 221 32.44 -28.53 5.03
N LYS E 222 31.62 -28.99 5.97
CA LYS E 222 30.24 -28.55 6.09
C LYS E 222 30.13 -27.03 6.17
N ALA E 223 31.21 -26.37 6.61
CA ALA E 223 31.34 -24.91 6.59
C ALA E 223 31.09 -24.35 5.19
N VAL E 224 31.55 -25.07 4.18
CA VAL E 224 31.35 -24.70 2.77
C VAL E 224 29.88 -24.42 2.45
N ALA E 225 28.96 -25.13 3.11
CA ALA E 225 27.52 -24.90 2.95
C ALA E 225 27.08 -23.48 3.31
N ALA E 226 27.71 -22.91 4.35
CA ALA E 226 27.42 -21.56 4.82
C ALA E 226 28.27 -20.50 4.13
N GLY E 227 29.38 -20.92 3.53
CA GLY E 227 30.34 -19.99 2.93
C GLY E 227 31.30 -19.40 3.95
N ILE E 228 31.47 -20.08 5.06
CA ILE E 228 32.31 -19.60 6.15
C ILE E 228 33.52 -20.52 6.28
N PRO E 229 34.63 -20.00 6.85
CA PRO E 229 35.83 -20.82 6.97
C PRO E 229 35.61 -22.00 7.90
N GLY E 230 36.31 -23.10 7.62
CA GLY E 230 36.25 -24.29 8.45
C GLY E 230 37.66 -24.75 8.75
N ILE E 231 37.90 -25.18 9.98
CA ILE E 231 39.22 -25.68 10.37
C ILE E 231 39.10 -27.04 11.01
N GLN E 232 39.85 -28.02 10.49
CA GLN E 232 40.00 -29.27 11.21
C GLN E 232 41.26 -29.21 12.04
N VAL E 233 41.10 -29.39 13.36
CA VAL E 233 42.23 -29.31 14.28
C VAL E 233 42.36 -30.57 15.12
N ASP E 234 43.59 -30.87 15.55
CA ASP E 234 43.86 -31.98 16.46
C ASP E 234 43.31 -31.64 17.84
N GLY E 235 42.28 -32.37 18.25
CA GLY E 235 41.60 -32.11 19.53
C GLY E 235 42.38 -32.50 20.76
N MET E 236 43.47 -33.24 20.58
CA MET E 236 44.34 -33.65 21.69
C MET E 236 45.47 -32.65 21.94
N ASP E 237 45.47 -31.56 21.19
CA ASP E 237 46.59 -30.63 21.15
C ASP E 237 46.10 -29.30 21.71
N PRO E 238 46.48 -29.00 22.97
CA PRO E 238 46.02 -27.79 23.62
C PRO E 238 46.45 -26.50 22.90
N LEU E 239 47.50 -26.57 22.10
CA LEU E 239 48.00 -25.39 21.40
C LEU E 239 47.37 -25.23 20.02
N ALA E 240 47.15 -26.33 19.31
CA ALA E 240 46.42 -26.27 18.05
C ALA E 240 44.96 -25.84 18.26
N VAL E 241 44.34 -26.34 19.34
CA VAL E 241 42.98 -25.96 19.69
C VAL E 241 42.93 -24.50 20.11
N TYR E 242 43.81 -24.09 21.04
CA TYR E 242 43.87 -22.68 21.45
C TYR E 242 44.04 -21.76 20.24
N ALA E 243 44.90 -22.16 19.31
CA ALA E 243 45.32 -21.28 18.22
C ALA E 243 44.19 -21.04 17.22
N ALA E 244 43.49 -22.12 16.85
CA ALA E 244 42.33 -22.03 15.98
C ALA E 244 41.23 -21.17 16.59
N VAL E 245 40.96 -21.36 17.88
CA VAL E 245 39.92 -20.58 18.57
C VAL E 245 40.30 -19.12 18.73
N LYS E 246 41.59 -18.85 18.93
CA LYS E 246 42.06 -17.47 19.04
C LYS E 246 41.94 -16.75 17.68
N ALA E 247 42.30 -17.45 16.62
CA ALA E 247 42.19 -16.93 15.26
C ALA E 247 40.73 -16.63 14.92
N ALA E 248 39.85 -17.60 15.18
CA ALA E 248 38.40 -17.45 15.05
C ALA E 248 37.90 -16.25 15.85
N ARG E 249 38.37 -16.12 17.08
CA ARG E 249 37.94 -15.02 17.93
C ARG E 249 38.28 -13.64 17.30
N GLU E 250 39.57 -13.46 16.93
CA GLU E 250 40.04 -12.22 16.30
C GLU E 250 39.28 -11.92 15.01
N ARG E 251 39.14 -12.94 14.15
CA ARG E 251 38.36 -12.81 12.93
C ARG E 251 36.91 -12.33 13.20
N ALA E 252 36.27 -12.93 14.22
CA ALA E 252 34.92 -12.54 14.66
C ALA E 252 34.81 -11.11 15.26
N ILE E 253 35.74 -10.73 16.14
CA ILE E 253 35.69 -9.36 16.71
C ILE E 253 36.11 -8.26 15.71
N ASN E 254 36.83 -8.60 14.62
CA ASN E 254 37.11 -7.64 13.57
C ASN E 254 35.94 -7.48 12.60
N GLY E 255 34.89 -8.28 12.77
CA GLY E 255 33.66 -8.13 12.00
C GLY E 255 33.62 -8.99 10.76
N GLU E 256 34.52 -9.97 10.70
CA GLU E 256 34.66 -10.82 9.52
C GLU E 256 33.80 -12.09 9.55
N GLY E 257 32.88 -12.16 10.51
CA GLY E 257 31.95 -13.26 10.58
C GLY E 257 32.44 -14.43 11.40
N PRO E 258 31.69 -15.55 11.35
CA PRO E 258 31.93 -16.74 12.16
C PRO E 258 33.05 -17.64 11.64
N THR E 259 33.31 -18.74 12.36
CA THR E 259 34.24 -19.79 11.93
C THR E 259 33.77 -21.10 12.55
N LEU E 260 33.89 -22.18 11.78
CA LEU E 260 33.58 -23.51 12.25
C LEU E 260 34.87 -24.28 12.55
N ILE E 261 35.01 -24.72 13.79
CA ILE E 261 36.18 -25.50 14.21
C ILE E 261 35.78 -26.94 14.54
N GLU E 262 36.31 -27.88 13.76
CA GLU E 262 36.27 -29.30 14.12
C GLU E 262 37.49 -29.69 14.93
N THR E 263 37.28 -30.10 16.18
CA THR E 263 38.32 -30.75 16.97
C THR E 263 38.27 -32.27 16.81
N LEU E 264 39.33 -32.84 16.26
CA LEU E 264 39.48 -34.29 16.22
C LEU E 264 39.98 -34.83 17.56
N CYS E 265 39.14 -35.59 18.24
CA CYS E 265 39.56 -36.32 19.43
C CYS E 265 38.61 -37.49 19.72
N LYS E 292 48.92 -42.43 24.33
CA LYS E 292 49.71 -41.26 24.65
C LYS E 292 49.53 -40.17 23.59
N LYS E 293 48.47 -40.29 22.80
CA LYS E 293 47.66 -39.14 22.41
C LYS E 293 47.39 -38.24 23.61
N ASP E 294 46.81 -38.81 24.66
CA ASP E 294 46.28 -38.01 25.77
C ASP E 294 46.87 -36.62 25.78
N PRO E 295 46.01 -35.61 25.73
CA PRO E 295 46.45 -34.21 25.72
C PRO E 295 47.36 -33.83 26.89
N LEU E 296 47.06 -34.36 28.08
CA LEU E 296 47.86 -34.10 29.27
C LEU E 296 49.32 -34.56 29.11
N VAL E 297 49.50 -35.70 28.42
CA VAL E 297 50.83 -36.22 28.13
C VAL E 297 51.65 -35.19 27.34
N ARG E 298 51.33 -35.03 26.06
CA ARG E 298 52.17 -34.24 25.16
C ARG E 298 52.40 -32.83 25.69
N PHE E 299 51.42 -32.32 26.43
CA PHE E 299 51.50 -30.98 26.99
C PHE E 299 52.35 -30.96 28.26
N ARG E 300 52.40 -32.10 28.95
CA ARG E 300 53.25 -32.24 30.12
C ARG E 300 54.66 -32.68 29.73
N LYS E 301 54.77 -33.34 28.59
CA LYS E 301 56.05 -33.46 27.89
C LYS E 301 56.52 -32.09 27.38
N PHE E 302 55.59 -31.36 26.75
CA PHE E 302 55.93 -30.07 26.16
C PHE E 302 56.77 -29.23 27.10
N LEU E 303 56.18 -28.81 28.21
CA LEU E 303 56.65 -27.63 28.93
C LEU E 303 57.65 -28.01 30.02
N GLU E 304 57.76 -29.31 30.29
CA GLU E 304 58.83 -29.83 31.14
C GLU E 304 60.17 -29.67 30.43
N ALA E 305 60.23 -30.16 29.16
CA ALA E 305 61.39 -29.88 28.32
C ALA E 305 61.67 -28.38 28.27
N LYS E 306 60.87 -27.62 29.01
CA LYS E 306 60.99 -26.18 29.16
C LYS E 306 61.09 -25.81 30.66
N GLY E 307 60.88 -26.81 31.52
CA GLY E 307 61.03 -26.64 32.98
C GLY E 307 60.04 -25.68 33.59
N LEU E 308 58.75 -25.85 33.24
CA LEU E 308 57.67 -25.02 33.80
C LEU E 308 56.58 -25.85 34.48
N TRP E 309 56.77 -27.17 34.48
CA TRP E 309 55.82 -28.09 35.14
C TRP E 309 56.52 -29.15 36.00
N SER E 310 56.35 -29.02 37.31
CA SER E 310 56.84 -29.99 38.29
C SER E 310 55.73 -30.91 38.77
N GLU E 311 56.10 -32.05 39.35
CA GLU E 311 55.15 -32.96 39.98
C GLU E 311 54.56 -32.37 41.26
N GLU E 312 55.32 -31.49 41.89
CA GLU E 312 54.87 -30.75 43.08
C GLU E 312 53.67 -29.88 42.74
N GLU E 313 53.71 -29.25 41.56
CA GLU E 313 52.58 -28.47 41.03
C GLU E 313 51.39 -29.39 40.76
N GLU E 314 51.60 -30.39 39.88
CA GLU E 314 50.57 -31.34 39.52
C GLU E 314 49.81 -31.90 40.73
N ASN E 315 50.55 -32.43 41.71
CA ASN E 315 49.96 -33.02 42.91
C ASN E 315 49.19 -32.00 43.73
N ASN E 316 49.65 -30.77 43.67
CA ASN E 316 49.03 -29.68 44.41
C ASN E 316 47.67 -29.30 43.82
N VAL E 317 47.58 -29.31 42.49
CA VAL E 317 46.35 -29.06 41.76
C VAL E 317 45.34 -30.17 42.06
N ILE E 318 45.79 -31.42 41.91
CA ILE E 318 44.96 -32.61 42.18
C ILE E 318 44.30 -32.60 43.58
N GLU E 319 45.08 -32.35 44.63
CA GLU E 319 44.54 -32.29 45.99
C GLU E 319 43.58 -31.12 46.17
N GLN E 320 43.91 -29.99 45.55
CA GLN E 320 43.04 -28.82 45.56
C GLN E 320 41.68 -29.15 44.92
N ALA E 321 41.73 -29.81 43.77
CA ALA E 321 40.53 -30.29 43.06
C ALA E 321 39.68 -31.18 43.94
N LYS E 322 40.31 -32.17 44.56
CA LYS E 322 39.61 -33.16 45.41
C LYS E 322 38.94 -32.53 46.63
N GLU E 323 39.64 -31.60 47.27
CA GLU E 323 39.06 -30.78 48.34
C GLU E 323 37.87 -29.93 47.84
N GLU E 324 38.02 -29.34 46.65
CA GLU E 324 36.97 -28.49 46.08
C GLU E 324 35.75 -29.28 45.58
N ILE E 325 35.98 -30.52 45.16
CA ILE E 325 34.91 -31.39 44.69
C ILE E 325 34.05 -31.90 45.85
N LYS E 326 34.70 -32.30 46.95
CA LYS E 326 33.99 -32.75 48.15
C LYS E 326 33.22 -31.61 48.80
N GLU E 327 33.82 -30.42 48.79
CA GLU E 327 33.14 -29.21 49.26
C GLU E 327 31.87 -28.95 48.45
N ALA E 328 31.99 -29.00 47.12
CA ALA E 328 30.87 -28.79 46.21
C ALA E 328 29.78 -29.84 46.42
N ILE E 329 30.17 -31.11 46.46
CA ILE E 329 29.26 -32.24 46.62
C ILE E 329 28.47 -32.19 47.94
N LYS E 330 29.08 -31.59 48.97
CA LYS E 330 28.42 -31.40 50.26
C LYS E 330 27.47 -30.22 50.21
N LYS E 331 27.88 -29.17 49.50
CA LYS E 331 27.04 -28.00 49.28
C LYS E 331 25.80 -28.37 48.47
N ALA E 332 25.98 -29.23 47.47
CA ALA E 332 24.89 -29.78 46.66
C ALA E 332 23.86 -30.53 47.51
N ASP E 333 24.34 -31.47 48.32
CA ASP E 333 23.49 -32.29 49.21
C ASP E 333 22.65 -31.48 50.21
N GLU E 334 23.12 -30.29 50.55
CA GLU E 334 22.46 -29.44 51.53
C GLU E 334 21.45 -28.44 50.94
N THR E 335 21.24 -28.52 49.63
CA THR E 335 20.24 -27.69 48.96
C THR E 335 18.86 -28.27 49.25
N PRO E 336 17.92 -27.44 49.73
CA PRO E 336 16.57 -27.91 49.96
C PRO E 336 15.98 -28.53 48.67
N LYS E 337 15.21 -29.61 48.83
CA LYS E 337 14.60 -30.34 47.71
C LYS E 337 13.60 -29.48 46.96
N GLN E 338 13.39 -29.78 45.68
CA GLN E 338 12.42 -29.01 44.88
C GLN E 338 10.99 -29.42 45.22
N LYS E 339 10.13 -28.43 45.39
CA LYS E 339 8.70 -28.62 45.55
C LYS E 339 8.00 -28.19 44.26
N VAL E 340 6.82 -28.76 43.99
CA VAL E 340 6.02 -28.36 42.85
C VAL E 340 5.79 -26.84 42.82
N THR E 341 5.61 -26.23 44.00
CA THR E 341 5.41 -24.76 44.05
C THR E 341 6.61 -23.99 43.50
N ASP E 342 7.81 -24.54 43.64
CA ASP E 342 9.00 -23.92 43.05
C ASP E 342 8.93 -24.00 41.52
N LEU E 343 8.52 -25.17 41.01
CA LEU E 343 8.40 -25.42 39.56
C LEU E 343 7.36 -24.51 38.94
N ILE E 344 6.22 -24.36 39.59
CA ILE E 344 5.20 -23.38 39.19
C ILE E 344 5.73 -21.94 39.18
N SER E 345 6.46 -21.56 40.21
CA SER E 345 6.85 -20.14 40.40
C SER E 345 7.74 -19.61 39.28
N ILE E 346 8.60 -20.49 38.78
CA ILE E 346 9.61 -20.14 37.78
C ILE E 346 9.17 -20.27 36.30
N MET E 347 7.86 -20.46 36.08
CA MET E 347 7.32 -20.70 34.74
C MET E 347 7.17 -19.38 34.00
N PHE E 348 6.56 -18.41 34.69
CA PHE E 348 6.33 -17.06 34.22
C PHE E 348 6.77 -16.04 35.29
N GLU E 349 6.84 -14.76 34.90
CA GLU E 349 7.03 -13.67 35.85
C GLU E 349 5.75 -13.47 36.64
N GLU E 350 4.63 -13.34 35.93
CA GLU E 350 3.32 -13.30 36.57
C GLU E 350 2.53 -14.53 36.18
N LEU E 351 2.16 -15.34 37.17
CA LEU E 351 1.36 -16.54 36.92
C LEU E 351 0.02 -16.24 36.24
N PRO E 352 -0.29 -16.99 35.17
CA PRO E 352 -1.61 -17.00 34.54
C PRO E 352 -2.60 -17.66 35.49
N PHE E 353 -3.89 -17.44 35.24
CA PHE E 353 -4.96 -18.00 36.06
C PHE E 353 -4.77 -19.47 36.45
N ASN E 354 -4.60 -20.36 35.46
CA ASN E 354 -4.46 -21.80 35.74
C ASN E 354 -3.38 -22.12 36.77
N LEU E 355 -2.25 -21.44 36.67
CA LEU E 355 -1.13 -21.74 37.56
C LEU E 355 -1.22 -21.09 38.95
N LYS E 356 -2.02 -20.01 39.08
CA LYS E 356 -2.36 -19.45 40.38
C LYS E 356 -3.19 -20.48 41.15
N GLU E 357 -4.20 -21.03 40.46
CA GLU E 357 -5.05 -22.11 40.98
C GLU E 357 -4.21 -23.30 41.43
N GLN E 358 -3.36 -23.79 40.53
CA GLN E 358 -2.50 -24.93 40.82
C GLN E 358 -1.45 -24.64 41.88
N TYR E 359 -0.98 -23.39 41.96
CA TYR E 359 -0.10 -22.99 43.06
C TYR E 359 -0.76 -23.20 44.42
N GLU E 360 -2.01 -22.78 44.54
CA GLU E 360 -2.76 -22.94 45.79
C GLU E 360 -2.97 -24.39 46.17
N ILE E 361 -3.31 -25.24 45.20
CA ILE E 361 -3.47 -26.68 45.43
C ILE E 361 -2.19 -27.30 46.02
N TYR E 362 -1.05 -26.94 45.45
CA TYR E 362 0.22 -27.55 45.80
C TYR E 362 0.84 -26.95 47.06
N LYS E 363 0.50 -25.68 47.33
CA LYS E 363 0.86 -25.01 48.59
C LYS E 363 0.17 -25.75 49.74
N GLU E 364 -1.16 -25.91 49.66
CA GLU E 364 -1.93 -26.68 50.63
C GLU E 364 -1.38 -28.10 50.77
N LYS E 365 -1.17 -28.80 49.65
CA LYS E 365 -0.51 -30.10 49.68
C LYS E 365 0.77 -30.07 50.51
N GLU E 366 1.57 -29.03 50.33
CA GLU E 366 2.89 -28.93 50.99
C GLU E 366 2.82 -28.53 52.46
N SER E 367 1.61 -28.18 52.93
CA SER E 367 1.36 -27.91 54.35
C SER E 367 1.06 -29.20 55.11
N LYS E 368 1.33 -30.34 54.47
CA LYS E 368 1.14 -31.69 55.02
C LYS E 368 -0.33 -32.00 55.30
N ALA F 1 -8.77 7.37 15.93
CA ALA F 1 -8.91 7.36 14.44
C ALA F 1 -9.47 6.04 13.94
N GLN F 2 -10.09 6.06 12.76
CA GLN F 2 -10.58 4.83 12.14
C GLN F 2 -9.38 4.03 11.63
N MET F 3 -9.25 2.79 12.07
CA MET F 3 -8.13 1.93 11.70
C MET F 3 -8.63 0.56 11.31
N THR F 4 -7.96 -0.07 10.36
CA THR F 4 -8.21 -1.49 10.10
C THR F 4 -7.37 -2.25 11.13
N MET F 5 -7.48 -3.58 11.16
CA MET F 5 -6.76 -4.31 12.18
C MET F 5 -5.27 -4.26 11.93
N VAL F 6 -4.87 -4.36 10.66
CA VAL F 6 -3.45 -4.26 10.29
C VAL F 6 -2.83 -2.90 10.67
N GLN F 7 -3.56 -1.80 10.44
CA GLN F 7 -3.15 -0.46 10.87
C GLN F 7 -2.95 -0.41 12.35
N ALA F 8 -3.89 -0.99 13.10
CA ALA F 8 -3.79 -0.99 14.54
C ALA F 8 -2.55 -1.76 15.01
N ILE F 9 -2.24 -2.84 14.31
CA ILE F 9 -1.00 -3.59 14.55
C ILE F 9 0.23 -2.70 14.29
N THR F 10 0.28 -2.06 13.13
CA THR F 10 1.37 -1.13 12.80
C THR F 10 1.52 -0.04 13.88
N ASP F 11 0.40 0.52 14.33
CA ASP F 11 0.42 1.55 15.38
C ASP F 11 1.02 1.03 16.68
N ALA F 12 0.67 -0.19 17.06
CA ALA F 12 1.22 -0.76 18.30
C ALA F 12 2.74 -0.99 18.19
N LEU F 13 3.17 -1.47 17.03
CA LEU F 13 4.59 -1.70 16.74
C LEU F 13 5.38 -0.38 16.76
N ARG F 14 4.83 0.67 16.14
CA ARG F 14 5.46 2.00 16.19
C ARG F 14 5.60 2.51 17.62
N ILE F 15 4.52 2.41 18.38
CA ILE F 15 4.50 2.87 19.78
C ILE F 15 5.56 2.17 20.61
N GLU F 16 5.73 0.86 20.43
CA GLU F 16 6.68 0.09 21.23
C GLU F 16 8.15 0.32 20.86
N LEU F 17 8.40 0.49 19.57
CA LEU F 17 9.71 0.91 19.05
C LEU F 17 10.13 2.26 19.62
N LYS F 18 9.23 3.23 19.61
CA LYS F 18 9.49 4.55 20.20
C LYS F 18 9.75 4.44 21.70
N ASN F 19 8.95 3.62 22.37
CA ASN F 19 8.95 3.51 23.83
C ASN F 19 10.15 2.77 24.39
N ASP F 20 10.51 1.67 23.76
CA ASP F 20 11.50 0.76 24.29
C ASP F 20 12.59 0.59 23.27
N PRO F 21 13.82 1.10 23.57
CA PRO F 21 14.95 1.00 22.64
C PRO F 21 15.36 -0.44 22.41
N ASN F 22 14.90 -1.36 23.26
CA ASN F 22 15.23 -2.78 23.12
C ASN F 22 14.35 -3.56 22.16
N VAL F 23 13.20 -3.00 21.81
CA VAL F 23 12.28 -3.60 20.86
C VAL F 23 12.91 -3.70 19.46
N LEU F 24 12.95 -4.94 18.95
CA LEU F 24 13.38 -5.23 17.58
C LEU F 24 12.26 -5.91 16.83
N ILE F 25 12.16 -5.64 15.54
CA ILE F 25 11.17 -6.30 14.68
C ILE F 25 11.92 -6.92 13.52
N PHE F 26 11.73 -8.23 13.31
CA PHE F 26 12.42 -8.90 12.23
C PHE F 26 11.65 -10.09 11.71
N GLY F 27 12.02 -10.59 10.53
CA GLY F 27 11.35 -11.71 9.87
C GLY F 27 11.61 -11.69 8.37
N GLU F 28 11.13 -12.68 7.64
CA GLU F 28 11.17 -12.66 6.17
C GLU F 28 10.31 -11.49 5.66
N ASP F 29 10.96 -10.51 5.02
CA ASP F 29 10.29 -9.42 4.30
C ASP F 29 9.61 -8.32 5.13
N VAL F 30 9.97 -8.22 6.39
CA VAL F 30 9.37 -7.20 7.25
C VAL F 30 10.02 -5.83 7.08
N GLY F 31 11.26 -5.80 6.59
CA GLY F 31 12.06 -4.57 6.53
C GLY F 31 11.71 -3.60 5.43
N VAL F 32 12.40 -3.69 4.30
CA VAL F 32 12.22 -2.75 3.17
C VAL F 32 10.80 -2.81 2.56
N ASN F 33 10.28 -4.03 2.40
CA ASN F 33 8.97 -4.27 1.79
C ASN F 33 7.76 -3.96 2.67
N GLY F 34 7.99 -3.89 3.99
CA GLY F 34 6.92 -3.62 4.93
C GLY F 34 6.02 -4.80 5.18
N GLY F 35 6.45 -5.99 4.78
CA GLY F 35 5.72 -7.21 5.01
C GLY F 35 4.81 -7.60 3.87
N VAL F 36 4.56 -8.90 3.76
CA VAL F 36 3.70 -9.46 2.73
C VAL F 36 2.26 -8.97 2.85
N PHE F 37 1.89 -8.42 4.01
CA PHE F 37 0.54 -7.91 4.27
C PHE F 37 0.54 -6.46 4.70
N ARG F 38 1.70 -5.83 4.56
CA ARG F 38 1.91 -4.43 4.94
C ARG F 38 1.86 -4.11 6.44
N ALA F 39 1.95 -5.13 7.30
CA ALA F 39 1.84 -4.88 8.75
C ALA F 39 2.99 -4.05 9.35
N THR F 40 4.16 -4.07 8.72
CA THR F 40 5.31 -3.35 9.25
C THR F 40 5.77 -2.17 8.37
N GLU F 41 4.87 -1.77 7.45
CA GLU F 41 5.12 -0.69 6.49
C GLU F 41 5.55 0.59 7.16
N GLY F 42 6.70 1.12 6.72
CA GLY F 42 7.23 2.40 7.21
C GLY F 42 7.95 2.37 8.54
N LEU F 43 8.02 1.20 9.16
CA LEU F 43 8.69 1.08 10.45
C LEU F 43 10.19 1.18 10.28
N GLN F 44 10.74 0.50 9.28
CA GLN F 44 12.17 0.62 8.97
C GLN F 44 12.59 2.04 8.59
N ALA F 45 11.79 2.72 7.77
CA ALA F 45 12.03 4.12 7.37
C ALA F 45 12.07 5.08 8.57
N GLU F 46 11.18 4.87 9.55
CA GLU F 46 11.20 5.68 10.75
C GLU F 46 12.29 5.26 11.74
N PHE F 47 12.53 3.96 11.86
CA PHE F 47 13.31 3.45 13.00
C PHE F 47 14.72 2.94 12.70
N GLY F 48 14.96 2.54 11.46
CA GLY F 48 16.28 2.13 10.98
C GLY F 48 16.43 0.63 10.75
N GLU F 49 17.47 0.25 10.02
CA GLU F 49 17.76 -1.15 9.68
C GLU F 49 18.29 -1.97 10.86
N ASP F 50 18.65 -1.29 11.95
CA ASP F 50 19.10 -1.95 13.17
C ASP F 50 17.96 -2.24 14.17
N ARG F 51 16.80 -1.63 13.94
CA ARG F 51 15.59 -1.86 14.74
C ARG F 51 14.62 -2.78 14.00
N VAL F 52 14.47 -2.58 12.69
CA VAL F 52 13.52 -3.32 11.84
C VAL F 52 14.32 -3.86 10.67
N PHE F 53 14.34 -5.18 10.52
CA PHE F 53 15.28 -5.84 9.61
C PHE F 53 14.81 -7.21 9.09
N ASP F 54 15.27 -7.58 7.90
CA ASP F 54 14.91 -8.84 7.23
C ASP F 54 15.83 -10.00 7.63
N THR F 55 15.35 -11.24 7.43
CA THR F 55 16.14 -12.45 7.69
C THR F 55 16.19 -13.39 6.47
N PRO F 56 17.13 -14.37 6.47
CA PRO F 56 17.09 -15.54 5.59
C PRO F 56 15.78 -16.35 5.66
N LEU F 57 15.52 -17.14 4.63
CA LEU F 57 14.24 -17.86 4.50
C LEU F 57 14.24 -19.23 5.22
N ALA F 58 14.11 -19.19 6.56
CA ALA F 58 14.03 -20.39 7.39
C ALA F 58 13.37 -20.02 8.70
N GLU F 59 12.11 -20.39 8.81
CA GLU F 59 11.23 -20.05 9.93
C GLU F 59 11.81 -20.45 11.29
N SER F 60 12.36 -21.67 11.36
CA SER F 60 12.93 -22.19 12.60
C SER F 60 14.16 -21.38 13.05
N GLY F 61 14.85 -20.82 12.06
CA GLY F 61 15.99 -19.97 12.30
C GLY F 61 15.60 -18.66 12.98
N ILE F 62 14.45 -18.11 12.60
CA ILE F 62 14.01 -16.82 13.13
C ILE F 62 13.73 -16.93 14.63
N GLY F 63 13.06 -18.01 15.05
CA GLY F 63 12.83 -18.27 16.48
C GLY F 63 14.11 -18.38 17.33
N GLY F 64 15.08 -19.15 16.86
CA GLY F 64 16.38 -19.28 17.52
C GLY F 64 17.20 -18.00 17.53
N LEU F 65 17.10 -17.22 16.45
CA LEU F 65 17.63 -15.86 16.41
C LEU F 65 17.01 -14.99 17.48
N ALA F 66 15.69 -15.12 17.64
CA ALA F 66 14.95 -14.34 18.62
C ALA F 66 15.41 -14.71 20.05
N ILE F 67 15.64 -16.00 20.28
CA ILE F 67 16.15 -16.47 21.59
C ILE F 67 17.50 -15.82 21.92
N GLY F 68 18.45 -15.92 21.01
CA GLY F 68 19.77 -15.31 21.19
C GLY F 68 19.73 -13.82 21.44
N LEU F 69 18.90 -13.11 20.67
CA LEU F 69 18.68 -11.68 20.87
C LEU F 69 18.12 -11.33 22.27
N ALA F 70 17.17 -12.13 22.76
CA ALA F 70 16.63 -11.98 24.12
C ALA F 70 17.67 -12.20 25.20
N LEU F 71 18.57 -13.18 24.98
CA LEU F 71 19.67 -13.44 25.89
C LEU F 71 20.60 -12.23 26.01
N GLN F 72 20.58 -11.40 24.98
CA GLN F 72 21.38 -10.19 24.95
C GLN F 72 20.59 -8.94 25.28
N GLY F 73 19.47 -9.11 25.99
CA GLY F 73 18.72 -8.00 26.58
C GLY F 73 17.78 -7.25 25.65
N PHE F 74 17.66 -7.72 24.40
CA PHE F 74 16.67 -7.18 23.47
C PHE F 74 15.27 -7.74 23.74
N ARG F 75 14.25 -7.02 23.27
CA ARG F 75 12.87 -7.44 23.43
C ARG F 75 12.33 -7.79 22.05
N PRO F 76 12.62 -9.02 21.59
CA PRO F 76 12.34 -9.39 20.18
C PRO F 76 10.86 -9.51 19.81
N VAL F 77 10.48 -8.93 18.68
CA VAL F 77 9.14 -9.11 18.08
C VAL F 77 9.31 -9.73 16.67
N PRO F 78 9.64 -11.03 16.63
CA PRO F 78 9.72 -11.70 15.34
C PRO F 78 8.35 -11.93 14.68
N GLU F 79 8.34 -11.90 13.34
CA GLU F 79 7.19 -12.34 12.57
C GLU F 79 7.55 -13.66 11.95
N ILE F 80 6.71 -14.67 12.20
CA ILE F 80 6.92 -16.00 11.66
C ILE F 80 5.67 -16.35 10.89
N TYR F 87 5.83 -25.83 10.77
CA TYR F 87 5.75 -26.80 11.84
C TYR F 87 7.03 -26.86 12.65
N GLU F 88 8.16 -26.56 12.00
CA GLU F 88 9.49 -26.65 12.61
C GLU F 88 9.76 -25.57 13.66
N VAL F 89 9.03 -24.47 13.56
CA VAL F 89 9.17 -23.34 14.48
C VAL F 89 8.83 -23.73 15.91
N MET F 90 8.04 -24.79 16.07
CA MET F 90 7.62 -25.25 17.39
C MET F 90 8.76 -25.80 18.26
N ASP F 91 9.81 -26.38 17.69
CA ASP F 91 10.95 -26.74 18.53
C ASP F 91 11.49 -25.49 19.24
N SER F 92 11.58 -24.36 18.54
CA SER F 92 12.19 -23.20 19.15
C SER F 92 11.20 -22.42 20.00
N ILE F 93 9.95 -22.34 19.56
CA ILE F 93 8.93 -21.63 20.34
C ILE F 93 8.51 -22.38 21.60
N CYS F 94 8.06 -23.62 21.41
CA CYS F 94 7.57 -24.48 22.47
C CYS F 94 8.68 -25.27 23.13
N GLY F 95 9.64 -25.75 22.34
CA GLY F 95 10.71 -26.58 22.87
C GLY F 95 11.80 -25.78 23.55
N GLN F 96 11.91 -24.49 23.21
CA GLN F 96 12.93 -23.62 23.83
C GLN F 96 12.37 -22.36 24.51
N MET F 97 11.84 -21.39 23.76
CA MET F 97 11.54 -20.11 24.40
C MET F 97 10.56 -20.20 25.58
N ALA F 98 9.56 -21.07 25.45
CA ALA F 98 8.60 -21.24 26.53
C ALA F 98 9.23 -21.91 27.77
N ARG F 99 10.43 -22.45 27.63
CA ARG F 99 11.00 -23.31 28.67
C ARG F 99 12.20 -22.69 29.37
N ILE F 100 12.69 -21.59 28.82
CA ILE F 100 13.92 -20.97 29.28
C ILE F 100 13.88 -20.34 30.70
N ARG F 101 12.79 -19.68 31.07
CA ARG F 101 12.67 -19.13 32.41
C ARG F 101 12.71 -20.23 33.47
N TYR F 102 11.93 -21.28 33.23
CA TYR F 102 11.88 -22.43 34.11
C TYR F 102 13.22 -23.16 34.13
N ARG F 103 13.80 -23.33 32.96
CA ARG F 103 15.06 -24.05 32.77
C ARG F 103 16.30 -23.34 33.34
N THR F 104 16.17 -22.06 33.70
CA THR F 104 17.28 -21.29 34.25
C THR F 104 16.89 -20.71 35.60
N GLY F 105 15.85 -21.31 36.21
CA GLY F 105 15.27 -20.82 37.43
C GLY F 105 15.01 -19.32 37.50
N GLY F 106 14.71 -18.70 36.37
CA GLY F 106 14.38 -17.26 36.34
C GLY F 106 15.56 -16.33 36.14
N ARG F 107 16.75 -16.89 36.01
CA ARG F 107 17.95 -16.09 35.75
C ARG F 107 17.94 -15.53 34.31
N TYR F 108 17.31 -16.27 33.41
CA TYR F 108 17.05 -15.78 32.06
C TYR F 108 15.55 -15.81 31.79
N HIS F 109 15.08 -14.97 30.87
CA HIS F 109 13.67 -14.97 30.49
C HIS F 109 13.54 -14.58 29.01
N MET F 110 12.35 -14.75 28.46
CA MET F 110 12.14 -14.64 27.01
C MET F 110 11.05 -13.64 26.65
N PRO F 111 11.39 -12.33 26.71
CA PRO F 111 10.40 -11.28 26.45
C PRO F 111 10.13 -11.13 24.96
N ILE F 112 9.59 -12.18 24.35
CA ILE F 112 9.42 -12.34 22.90
C ILE F 112 7.95 -12.39 22.50
N THR F 113 7.60 -11.66 21.45
CA THR F 113 6.27 -11.72 20.86
C THR F 113 6.41 -12.23 19.45
N ILE F 114 5.85 -13.41 19.20
CA ILE F 114 5.84 -13.97 17.85
C ILE F 114 4.55 -13.56 17.18
N ARG F 115 4.64 -12.63 16.22
CA ARG F 115 3.50 -12.27 15.41
C ARG F 115 3.37 -13.33 14.33
N SER F 116 2.19 -13.93 14.23
CA SER F 116 2.00 -15.01 13.26
C SER F 116 0.68 -14.88 12.50
N PRO F 117 0.74 -14.48 11.22
CA PRO F 117 -0.44 -14.51 10.34
C PRO F 117 -0.96 -15.92 10.10
N PHE F 118 -2.27 -16.09 10.07
CA PHE F 118 -2.88 -17.38 9.83
C PHE F 118 -4.29 -17.20 9.25
N GLY F 119 -4.94 -18.30 8.87
CA GLY F 119 -6.38 -18.34 8.59
C GLY F 119 -6.83 -17.97 7.18
N HIS F 128 -1.23 -22.79 4.09
CA HIS F 128 -1.30 -21.41 4.57
C HIS F 128 -2.41 -21.25 5.62
N SER F 129 -3.62 -21.68 5.27
CA SER F 129 -4.83 -21.30 6.01
C SER F 129 -5.16 -22.06 7.33
N ASP F 130 -4.28 -22.97 7.76
CA ASP F 130 -4.54 -23.81 8.93
C ASP F 130 -4.60 -23.11 10.29
N SER F 131 -5.61 -23.45 11.10
CA SER F 131 -5.74 -22.98 12.48
C SER F 131 -4.98 -23.92 13.46
N LEU F 132 -3.78 -23.53 13.86
CA LEU F 132 -2.94 -24.37 14.72
C LEU F 132 -2.80 -23.86 16.17
N GLU F 133 -3.73 -23.04 16.64
CA GLU F 133 -3.68 -22.53 18.02
C GLU F 133 -3.80 -23.62 19.08
N GLY F 134 -4.44 -24.74 18.70
CA GLY F 134 -4.63 -25.85 19.60
C GLY F 134 -3.35 -26.55 19.99
N LEU F 135 -2.32 -26.41 19.15
CA LEU F 135 -1.03 -27.00 19.42
C LEU F 135 -0.20 -26.15 20.36
N VAL F 136 -0.14 -24.85 20.10
CA VAL F 136 0.66 -23.94 20.93
C VAL F 136 0.07 -23.78 22.32
N ALA F 137 -1.26 -23.87 22.42
CA ALA F 137 -1.98 -23.75 23.68
C ALA F 137 -1.73 -24.94 24.64
N GLN F 138 -1.01 -25.95 24.18
CA GLN F 138 -0.67 -27.13 24.97
C GLN F 138 0.70 -27.00 25.61
N GLN F 139 1.36 -25.86 25.38
CA GLN F 139 2.71 -25.59 25.89
C GLN F 139 2.74 -24.67 27.11
N PRO F 140 3.11 -25.21 28.29
CA PRO F 140 3.39 -24.42 29.50
C PRO F 140 4.46 -23.35 29.25
N GLY F 141 4.24 -22.14 29.75
CA GLY F 141 5.25 -21.08 29.62
C GLY F 141 5.06 -20.18 28.41
N LEU F 142 3.96 -20.41 27.69
CA LEU F 142 3.54 -19.63 26.52
C LEU F 142 2.16 -19.05 26.77
N LYS F 143 1.91 -17.85 26.26
CA LYS F 143 0.56 -17.35 26.23
C LYS F 143 0.17 -17.18 24.77
N VAL F 144 -1.13 -17.35 24.47
CA VAL F 144 -1.62 -17.34 23.07
C VAL F 144 -2.77 -16.37 22.89
N VAL F 145 -2.53 -15.34 22.07
CA VAL F 145 -3.45 -14.23 21.94
C VAL F 145 -3.92 -14.12 20.52
N ILE F 146 -5.24 -13.95 20.35
CA ILE F 146 -5.89 -13.91 19.05
C ILE F 146 -6.93 -12.80 19.01
N PRO F 147 -6.53 -11.62 18.50
CA PRO F 147 -7.46 -10.48 18.40
C PRO F 147 -8.44 -10.66 17.25
N SER F 148 -9.61 -10.03 17.38
CA SER F 148 -10.65 -10.10 16.34
C SER F 148 -11.03 -8.70 15.86
N THR F 149 -10.53 -7.66 16.54
CA THR F 149 -10.84 -6.27 16.20
C THR F 149 -9.59 -5.37 16.21
N PRO F 150 -9.64 -4.25 15.44
CA PRO F 150 -8.59 -3.23 15.49
C PRO F 150 -8.32 -2.74 16.93
N TYR F 151 -9.38 -2.47 17.70
CA TYR F 151 -9.22 -1.99 19.07
C TYR F 151 -8.44 -2.98 19.90
N ASP F 152 -8.82 -4.26 19.82
CA ASP F 152 -8.21 -5.32 20.63
C ASP F 152 -6.78 -5.62 20.23
N ALA F 153 -6.52 -5.65 18.93
CA ALA F 153 -5.16 -5.91 18.42
C ALA F 153 -4.13 -4.94 19.02
N LYS F 154 -4.42 -3.64 18.93
CA LYS F 154 -3.47 -2.64 19.38
C LYS F 154 -3.18 -2.82 20.86
N GLY F 155 -4.23 -2.98 21.66
CA GLY F 155 -4.07 -3.02 23.12
C GLY F 155 -3.37 -4.28 23.55
N LEU F 156 -3.78 -5.40 22.94
CA LEU F 156 -3.22 -6.72 23.21
C LEU F 156 -1.76 -6.86 22.76
N LEU F 157 -1.42 -6.23 21.64
CA LEU F 157 -0.05 -6.29 21.14
C LEU F 157 0.95 -5.54 22.02
N ILE F 158 0.57 -4.33 22.45
CA ILE F 158 1.37 -3.55 23.39
C ILE F 158 1.60 -4.36 24.68
N SER F 159 0.52 -4.89 25.25
CA SER F 159 0.63 -5.81 26.40
C SER F 159 1.52 -7.00 26.12
N ALA F 160 1.37 -7.56 24.92
CA ALA F 160 2.16 -8.73 24.53
C ALA F 160 3.62 -8.38 24.52
N ILE F 161 3.95 -7.23 23.92
CA ILE F 161 5.35 -6.83 23.75
C ILE F 161 6.00 -6.54 25.12
N ARG F 162 5.26 -5.84 25.99
CA ARG F 162 5.69 -5.57 27.37
C ARG F 162 5.76 -6.80 28.26
N ASP F 163 5.00 -7.85 27.94
CA ASP F 163 5.01 -9.09 28.72
C ASP F 163 6.42 -9.66 28.71
N ASN F 164 6.87 -10.18 29.85
CA ASN F 164 8.24 -10.63 29.93
C ASN F 164 8.46 -12.12 29.68
N ASP F 165 7.40 -12.79 29.24
CA ASP F 165 7.47 -14.18 28.76
C ASP F 165 6.94 -14.29 27.33
N PRO F 166 7.18 -15.46 26.66
CA PRO F 166 6.78 -15.58 25.24
C PRO F 166 5.29 -15.52 25.01
N VAL F 167 4.88 -14.69 24.06
CA VAL F 167 3.48 -14.56 23.68
C VAL F 167 3.39 -14.80 22.17
N ILE F 168 2.51 -15.72 21.75
CA ILE F 168 2.18 -15.92 20.32
C ILE F 168 0.97 -15.06 20.04
N PHE F 169 1.09 -14.17 19.05
CA PHE F 169 0.06 -13.22 18.68
C PHE F 169 -0.39 -13.62 17.27
N LEU F 170 -1.55 -14.27 17.19
CA LEU F 170 -2.02 -14.87 15.93
C LEU F 170 -2.94 -13.91 15.26
N GLU F 171 -2.58 -13.54 14.02
CA GLU F 171 -3.29 -12.52 13.26
C GLU F 171 -3.99 -13.14 12.06
N HIS F 172 -5.32 -13.14 12.11
CA HIS F 172 -6.12 -13.76 11.06
C HIS F 172 -6.15 -12.94 9.79
N LEU F 173 -5.80 -13.57 8.68
CA LEU F 173 -5.74 -12.91 7.37
C LEU F 173 -7.02 -12.18 6.97
N LYS F 174 -8.15 -12.79 7.29
CA LYS F 174 -9.44 -12.19 6.93
C LYS F 174 -9.75 -10.93 7.79
N LEU F 175 -9.14 -10.82 8.95
CA LEU F 175 -9.48 -9.74 9.86
C LEU F 175 -8.60 -8.50 9.71
N TYR F 176 -7.49 -8.65 9.01
CA TYR F 176 -6.49 -7.59 8.78
C TYR F 176 -7.13 -6.29 8.30
N ARG F 177 -8.03 -6.40 7.32
CA ARG F 177 -8.71 -5.25 6.72
C ARG F 177 -10.21 -5.47 6.54
N SER F 178 -10.83 -6.28 7.38
CA SER F 178 -12.23 -6.65 7.13
C SER F 178 -13.21 -5.50 7.38
N PHE F 179 -12.88 -4.65 8.38
CA PHE F 179 -13.66 -3.47 8.72
C PHE F 179 -12.78 -2.46 9.49
N ARG F 180 -13.30 -1.24 9.70
CA ARG F 180 -12.57 -0.21 10.43
C ARG F 180 -13.22 0.10 11.77
N GLN F 181 -12.44 0.60 12.71
CA GLN F 181 -12.93 0.89 14.04
C GLN F 181 -12.20 2.07 14.65
N GLU F 182 -12.88 2.82 15.51
CA GLU F 182 -12.24 3.89 16.24
C GLU F 182 -11.20 3.29 17.15
N VAL F 183 -9.96 3.75 17.02
CA VAL F 183 -8.89 3.26 17.88
C VAL F 183 -8.23 4.46 18.51
N PRO F 184 -8.20 4.52 19.85
CA PRO F 184 -7.47 5.63 20.46
C PRO F 184 -6.05 5.76 19.89
N GLU F 185 -5.55 6.98 19.81
CA GLU F 185 -4.17 7.21 19.44
C GLU F 185 -3.34 7.12 20.70
N GLY F 186 -2.05 6.90 20.55
CA GLY F 186 -1.19 6.82 21.73
C GLY F 186 -1.34 5.48 22.40
N GLU F 187 -0.62 5.29 23.50
CA GLU F 187 -0.57 4.01 24.16
C GLU F 187 -1.83 3.69 24.99
N TYR F 188 -2.24 2.42 24.90
CA TYR F 188 -3.13 1.81 25.86
C TYR F 188 -2.85 0.31 25.84
N THR F 189 -3.16 -0.36 26.94
CA THR F 189 -3.02 -1.79 27.02
C THR F 189 -4.34 -2.46 27.39
N ILE F 190 -4.49 -3.71 26.93
CA ILE F 190 -5.57 -4.59 27.34
C ILE F 190 -4.87 -5.76 28.01
N PRO F 191 -5.38 -6.21 29.18
CA PRO F 191 -4.68 -7.33 29.81
C PRO F 191 -4.77 -8.64 28.99
N ILE F 192 -3.72 -9.43 29.05
CA ILE F 192 -3.70 -10.78 28.51
C ILE F 192 -4.42 -11.73 29.47
N GLY F 193 -5.22 -12.65 28.91
CA GLY F 193 -5.99 -13.62 29.71
C GLY F 193 -7.36 -13.08 30.08
N LYS F 194 -7.82 -12.08 29.33
CA LYS F 194 -9.06 -11.36 29.62
C LYS F 194 -9.99 -11.34 28.39
N ALA F 195 -11.14 -11.99 28.50
CA ALA F 195 -12.18 -11.95 27.46
C ALA F 195 -13.00 -10.66 27.59
N ASP F 196 -13.89 -10.44 26.63
CA ASP F 196 -14.88 -9.41 26.78
C ASP F 196 -16.18 -9.78 26.08
N ILE F 197 -17.24 -9.07 26.45
CA ILE F 197 -18.57 -9.32 25.96
C ILE F 197 -18.74 -8.41 24.76
N LYS F 198 -18.89 -9.01 23.59
CA LYS F 198 -19.01 -8.26 22.36
C LYS F 198 -20.47 -7.96 22.08
N ARG F 199 -21.35 -8.70 22.77
CA ARG F 199 -22.79 -8.52 22.71
C ARG F 199 -23.45 -9.18 23.93
N GLU F 200 -24.12 -8.36 24.73
CA GLU F 200 -24.86 -8.87 25.88
C GLU F 200 -26.08 -9.62 25.38
N GLY F 201 -26.40 -10.70 26.10
CA GLY F 201 -27.58 -11.50 25.81
C GLY F 201 -27.99 -12.23 27.07
N LYS F 202 -29.18 -12.84 27.04
CA LYS F 202 -29.73 -13.48 28.24
C LYS F 202 -30.10 -14.97 28.09
N ASP F 203 -30.16 -15.46 26.87
CA ASP F 203 -30.64 -16.82 26.59
C ASP F 203 -29.54 -17.87 26.31
N ILE F 204 -28.44 -17.45 25.68
CA ILE F 204 -27.36 -18.37 25.34
C ILE F 204 -26.01 -17.66 25.26
N THR F 205 -25.00 -18.36 25.75
CA THR F 205 -23.63 -17.93 25.66
C THR F 205 -22.99 -18.55 24.40
N ILE F 206 -22.48 -17.68 23.56
CA ILE F 206 -21.67 -18.09 22.41
C ILE F 206 -20.24 -17.63 22.65
N ILE F 207 -19.35 -18.60 22.87
CA ILE F 207 -17.94 -18.33 23.10
C ILE F 207 -17.19 -18.53 21.78
N ALA F 208 -16.43 -17.52 21.37
CA ALA F 208 -15.78 -17.52 20.09
C ALA F 208 -14.43 -16.80 20.13
N TYR F 209 -13.65 -17.01 19.07
CA TYR F 209 -12.38 -16.30 18.90
C TYR F 209 -12.02 -16.24 17.43
N GLY F 210 -11.13 -15.30 17.11
CA GLY F 210 -10.60 -15.15 15.76
C GLY F 210 -11.71 -14.74 14.84
N ALA F 211 -11.68 -15.30 13.62
CA ALA F 211 -12.69 -14.95 12.62
C ALA F 211 -14.09 -15.40 13.05
N MET F 212 -14.21 -16.26 14.06
CA MET F 212 -15.54 -16.71 14.50
C MET F 212 -16.31 -15.69 15.35
N VAL F 213 -15.61 -14.73 15.94
CA VAL F 213 -16.28 -13.65 16.68
C VAL F 213 -17.31 -12.95 15.78
N HIS F 214 -16.87 -12.43 14.64
CA HIS F 214 -17.80 -11.86 13.66
C HIS F 214 -18.92 -12.83 13.25
N GLU F 215 -18.57 -14.09 12.98
CA GLU F 215 -19.59 -15.08 12.60
C GLU F 215 -20.62 -15.29 13.70
N SER F 216 -20.17 -15.15 14.95
CA SER F 216 -21.05 -15.31 16.10
C SER F 216 -21.91 -14.07 16.34
N LEU F 217 -21.36 -12.89 16.03
CA LEU F 217 -22.09 -11.64 16.16
C LEU F 217 -23.17 -11.62 15.10
N LYS F 218 -22.81 -12.07 13.91
CA LYS F 218 -23.77 -12.19 12.81
C LYS F 218 -24.89 -13.18 13.17
N ALA F 219 -24.53 -14.35 13.72
CA ALA F 219 -25.51 -15.32 14.19
C ALA F 219 -26.40 -14.72 15.29
N ALA F 220 -25.81 -14.03 16.27
CA ALA F 220 -26.56 -13.34 17.33
C ALA F 220 -27.65 -12.40 16.78
N ALA F 221 -27.28 -11.58 15.80
CA ALA F 221 -28.23 -10.67 15.11
C ALA F 221 -29.43 -11.41 14.47
N GLU F 222 -29.16 -12.56 13.83
CA GLU F 222 -30.21 -13.37 13.22
C GLU F 222 -31.11 -14.04 14.25
N LEU F 223 -30.51 -14.54 15.34
CA LEU F 223 -31.26 -15.12 16.46
C LEU F 223 -32.21 -14.13 17.14
N GLU F 224 -31.77 -12.88 17.27
CA GLU F 224 -32.56 -11.82 17.90
C GLU F 224 -33.82 -11.49 17.10
N LYS F 225 -33.80 -11.77 15.80
CA LYS F 225 -34.99 -11.62 14.94
C LYS F 225 -36.07 -12.66 15.28
N GLU F 226 -35.68 -13.73 15.98
CA GLU F 226 -36.57 -14.80 16.42
C GLU F 226 -36.79 -14.82 17.92
N GLY F 227 -36.40 -13.75 18.60
CA GLY F 227 -36.57 -13.62 20.03
C GLY F 227 -35.51 -14.33 20.85
N ILE F 228 -34.47 -14.87 20.20
CA ILE F 228 -33.41 -15.59 20.92
C ILE F 228 -32.24 -14.64 21.17
N SER F 229 -31.96 -14.38 22.45
CA SER F 229 -30.94 -13.41 22.84
C SER F 229 -29.59 -14.03 23.15
N ALA F 230 -28.63 -13.91 22.23
CA ALA F 230 -27.30 -14.49 22.42
C ALA F 230 -26.27 -13.52 23.02
N GLU F 231 -25.57 -13.97 24.05
CA GLU F 231 -24.40 -13.25 24.57
C GLU F 231 -23.15 -13.76 23.85
N VAL F 232 -22.41 -12.85 23.20
CA VAL F 232 -21.20 -13.24 22.47
C VAL F 232 -19.97 -12.90 23.29
N VAL F 233 -19.23 -13.94 23.68
CA VAL F 233 -18.00 -13.78 24.43
C VAL F 233 -16.81 -14.01 23.48
N ASP F 234 -16.00 -12.97 23.31
CA ASP F 234 -14.73 -13.06 22.58
C ASP F 234 -13.63 -13.35 23.55
N LEU F 235 -13.07 -14.55 23.45
CA LEU F 235 -12.00 -14.97 24.35
C LEU F 235 -10.78 -14.05 24.39
N ARG F 236 -10.38 -13.52 23.22
CA ARG F 236 -9.19 -12.66 23.06
C ARG F 236 -7.87 -13.38 23.31
N THR F 237 -7.76 -14.06 24.44
CA THR F 237 -6.62 -14.90 24.79
C THR F 237 -7.18 -16.31 24.92
N VAL F 238 -6.56 -17.26 24.24
CA VAL F 238 -7.08 -18.63 24.29
C VAL F 238 -6.28 -19.50 25.26
N GLN F 239 -5.13 -19.00 25.68
CA GLN F 239 -4.31 -19.63 26.70
C GLN F 239 -3.49 -18.54 27.38
N PRO F 240 -3.83 -18.18 28.63
CA PRO F 240 -4.88 -18.76 29.48
C PRO F 240 -6.28 -18.25 29.18
N LEU F 241 -7.28 -19.08 29.39
CA LEU F 241 -8.68 -18.64 29.31
C LEU F 241 -9.06 -17.70 30.45
N ASP F 242 -9.96 -16.76 30.17
CA ASP F 242 -10.57 -15.91 31.19
C ASP F 242 -11.75 -16.65 31.78
N ILE F 243 -11.46 -17.51 32.74
CA ILE F 243 -12.44 -18.34 33.42
C ILE F 243 -13.58 -17.51 34.00
N GLU F 244 -13.25 -16.48 34.78
CA GLU F 244 -14.24 -15.64 35.45
C GLU F 244 -15.34 -15.14 34.50
N THR F 245 -14.94 -14.49 33.41
CA THR F 245 -15.89 -13.99 32.40
C THR F 245 -16.71 -15.08 31.74
N ILE F 246 -16.10 -16.23 31.49
CA ILE F 246 -16.77 -17.33 30.78
C ILE F 246 -17.88 -17.93 31.64
N ILE F 247 -17.49 -18.29 32.85
CA ILE F 247 -18.36 -18.90 33.82
C ILE F 247 -19.46 -17.92 34.19
N GLY F 248 -19.09 -16.67 34.46
CA GLY F 248 -20.07 -15.62 34.76
C GLY F 248 -21.20 -15.56 33.77
N SER F 249 -20.85 -15.64 32.49
CA SER F 249 -21.82 -15.57 31.39
C SER F 249 -22.74 -16.80 31.32
N VAL F 250 -22.17 -18.00 31.46
CA VAL F 250 -22.95 -19.25 31.40
C VAL F 250 -23.84 -19.37 32.64
N GLU F 251 -23.33 -18.90 33.78
CA GLU F 251 -24.15 -18.87 34.99
C GLU F 251 -25.37 -17.98 34.79
N LYS F 252 -25.23 -16.91 34.02
CA LYS F 252 -26.35 -16.03 33.70
C LYS F 252 -27.36 -16.61 32.72
N THR F 253 -26.89 -17.25 31.65
CA THR F 253 -27.80 -17.69 30.58
C THR F 253 -28.28 -19.14 30.76
N GLY F 254 -27.44 -20.00 31.32
CA GLY F 254 -27.79 -21.39 31.53
C GLY F 254 -27.55 -22.26 30.30
N ARG F 255 -27.15 -21.64 29.18
CA ARG F 255 -26.85 -22.33 27.91
C ARG F 255 -25.58 -21.78 27.23
N ALA F 256 -24.83 -22.67 26.58
CA ALA F 256 -23.60 -22.29 25.86
C ALA F 256 -23.23 -23.17 24.66
N ILE F 257 -22.67 -22.51 23.65
CA ILE F 257 -21.91 -23.17 22.60
C ILE F 257 -20.51 -22.54 22.46
N VAL F 258 -19.57 -23.30 21.91
CA VAL F 258 -18.23 -22.83 21.67
C VAL F 258 -17.94 -22.96 20.17
N VAL F 259 -17.45 -21.88 19.57
CA VAL F 259 -17.32 -21.80 18.13
C VAL F 259 -15.85 -21.59 17.74
N GLN F 260 -15.34 -22.48 16.88
CA GLN F 260 -14.00 -22.33 16.32
C GLN F 260 -14.02 -22.62 14.81
N GLU F 261 -13.01 -22.13 14.13
CA GLU F 261 -12.83 -22.32 12.71
C GLU F 261 -12.07 -23.65 12.48
N ALA F 262 -11.23 -24.02 13.45
CA ALA F 262 -10.40 -25.23 13.37
C ALA F 262 -11.25 -26.47 13.34
N GLN F 263 -10.66 -27.57 12.88
CA GLN F 263 -11.29 -28.88 12.85
C GLN F 263 -11.69 -29.26 14.26
N ARG F 264 -12.81 -30.00 14.39
CA ARG F 264 -13.34 -30.45 15.66
C ARG F 264 -12.31 -31.07 16.59
N GLN F 265 -11.37 -31.82 16.04
CA GLN F 265 -10.30 -32.47 16.82
C GLN F 265 -9.11 -31.54 17.16
N ALA F 266 -9.17 -30.30 16.68
CA ALA F 266 -8.09 -29.34 16.86
C ALA F 266 -8.65 -28.12 17.60
N GLY F 267 -7.96 -26.99 17.55
CA GLY F 267 -8.43 -25.79 18.28
C GLY F 267 -8.46 -25.98 19.78
N ILE F 268 -9.18 -25.10 20.48
CA ILE F 268 -9.22 -25.08 21.95
C ILE F 268 -10.64 -25.33 22.52
N ALA F 269 -11.61 -25.59 21.64
CA ALA F 269 -13.01 -25.67 22.06
C ALA F 269 -13.26 -26.73 23.11
N ALA F 270 -12.63 -27.90 22.98
CA ALA F 270 -12.76 -28.94 24.02
C ALA F 270 -12.31 -28.45 25.41
N ASN F 271 -11.21 -27.70 25.45
CA ASN F 271 -10.72 -27.08 26.69
C ASN F 271 -11.77 -26.23 27.38
N VAL F 272 -12.42 -25.36 26.59
CA VAL F 272 -13.45 -24.47 27.10
C VAL F 272 -14.66 -25.26 27.62
N VAL F 273 -15.14 -26.23 26.83
CA VAL F 273 -16.24 -27.10 27.27
C VAL F 273 -15.91 -27.84 28.58
N ALA F 274 -14.71 -28.36 28.70
CA ALA F 274 -14.29 -29.07 29.91
C ALA F 274 -14.23 -28.15 31.14
N GLU F 275 -13.84 -26.89 30.93
CA GLU F 275 -13.79 -25.89 32.00
C GLU F 275 -15.19 -25.50 32.50
N ILE F 276 -16.13 -25.37 31.59
CA ILE F 276 -17.51 -25.09 31.93
C ILE F 276 -18.19 -26.27 32.67
N ASN F 277 -17.97 -27.49 32.20
CA ASN F 277 -18.43 -28.70 32.87
CA ASN F 277 -18.46 -28.66 32.90
C ASN F 277 -17.91 -28.74 34.32
N GLU F 278 -16.65 -28.36 34.48
CA GLU F 278 -15.99 -28.40 35.75
C GLU F 278 -16.57 -27.40 36.78
N ARG F 279 -16.96 -26.23 36.31
CA ARG F 279 -17.13 -25.07 37.18
C ARG F 279 -18.56 -24.55 37.20
N ALA F 280 -19.37 -24.98 36.25
CA ALA F 280 -20.73 -24.47 36.15
C ALA F 280 -21.78 -25.47 35.65
N ILE F 281 -21.56 -26.76 35.83
CA ILE F 281 -22.52 -27.77 35.34
C ILE F 281 -23.89 -27.67 36.03
N LEU F 282 -23.91 -27.18 37.28
CA LEU F 282 -25.16 -26.99 38.00
C LEU F 282 -26.01 -25.88 37.42
N SER F 283 -25.43 -25.07 36.54
CA SER F 283 -26.18 -23.99 35.88
C SER F 283 -26.69 -24.37 34.51
N LEU F 284 -26.29 -25.53 33.99
CA LEU F 284 -26.61 -25.89 32.62
C LEU F 284 -28.00 -26.45 32.41
N GLU F 285 -28.70 -25.86 31.45
CA GLU F 285 -29.99 -26.35 30.99
C GLU F 285 -29.80 -27.35 29.86
N ALA F 286 -28.58 -27.42 29.33
CA ALA F 286 -28.28 -28.21 28.13
C ALA F 286 -26.78 -28.48 28.02
N PRO F 287 -26.37 -29.45 27.17
CA PRO F 287 -24.93 -29.65 27.02
C PRO F 287 -24.31 -28.47 26.28
N VAL F 288 -23.02 -28.24 26.52
CA VAL F 288 -22.26 -27.24 25.79
C VAL F 288 -21.76 -27.90 24.51
N LEU F 289 -22.35 -27.50 23.37
CA LEU F 289 -22.00 -28.04 22.06
C LEU F 289 -20.94 -27.20 21.35
N ARG F 290 -20.27 -27.81 20.37
CA ARG F 290 -19.21 -27.15 19.65
C ARG F 290 -19.57 -26.93 18.20
N VAL F 291 -19.18 -25.76 17.70
CA VAL F 291 -19.19 -25.49 16.25
C VAL F 291 -17.73 -25.53 15.79
N ALA F 292 -17.41 -26.41 14.84
CA ALA F 292 -16.04 -26.56 14.34
C ALA F 292 -16.04 -27.10 12.89
N ALA F 293 -14.90 -27.05 12.22
CA ALA F 293 -14.73 -27.64 10.90
C ALA F 293 -14.74 -29.16 10.93
N PRO F 294 -15.02 -29.79 9.78
CA PRO F 294 -14.88 -31.23 9.72
C PRO F 294 -13.44 -31.67 9.93
N ASP F 295 -13.27 -32.91 10.39
CA ASP F 295 -11.96 -33.43 10.71
C ASP F 295 -11.20 -33.92 9.48
N THR F 296 -10.99 -33.00 8.53
CA THR F 296 -10.22 -33.27 7.31
C THR F 296 -9.09 -32.26 7.23
N VAL F 297 -8.17 -32.54 6.31
CA VAL F 297 -7.15 -31.58 5.92
C VAL F 297 -7.88 -30.34 5.46
N TYR F 298 -7.27 -29.17 5.65
CA TYR F 298 -7.86 -27.91 5.27
C TYR F 298 -8.20 -27.96 3.76
N PRO F 299 -9.45 -27.62 3.41
CA PRO F 299 -9.96 -27.97 2.10
C PRO F 299 -9.23 -27.26 0.96
N PHE F 300 -9.11 -27.98 -0.15
CA PHE F 300 -8.70 -27.42 -1.44
C PHE F 300 -9.44 -26.12 -1.70
N ALA F 301 -8.70 -25.07 -2.06
CA ALA F 301 -9.24 -23.72 -2.24
C ALA F 301 -10.74 -23.63 -2.59
N GLN F 302 -11.18 -24.33 -3.62
CA GLN F 302 -12.56 -24.20 -4.11
C GLN F 302 -13.66 -24.74 -3.15
N ALA F 303 -13.30 -25.66 -2.28
CA ALA F 303 -14.25 -26.23 -1.33
C ALA F 303 -14.34 -25.44 -0.02
N GLU F 304 -13.44 -24.46 0.15
CA GLU F 304 -13.35 -23.65 1.37
C GLU F 304 -14.72 -23.20 1.92
N SER F 305 -15.52 -22.57 1.07
CA SER F 305 -16.79 -21.95 1.50
C SER F 305 -17.81 -22.92 2.09
N VAL F 306 -17.86 -24.14 1.57
CA VAL F 306 -18.72 -25.19 2.15
C VAL F 306 -18.15 -25.87 3.41
N TRP F 307 -16.84 -25.81 3.60
CA TRP F 307 -16.18 -26.55 4.69
C TRP F 307 -16.04 -25.70 5.99
N LEU F 308 -15.59 -24.46 5.85
CA LEU F 308 -15.43 -23.54 6.97
C LEU F 308 -16.72 -23.25 7.70
N PRO F 309 -16.70 -23.36 9.06
CA PRO F 309 -17.85 -22.92 9.87
C PRO F 309 -18.17 -21.46 9.60
N ASN F 310 -19.45 -21.10 9.66
CA ASN F 310 -19.88 -19.72 9.51
C ASN F 310 -21.13 -19.46 10.37
N PHE F 311 -21.73 -18.28 10.24
CA PHE F 311 -22.86 -17.86 11.08
C PHE F 311 -24.04 -18.83 11.02
N LYS F 312 -24.27 -19.42 9.86
CA LYS F 312 -25.37 -20.39 9.69
C LYS F 312 -25.18 -21.63 10.57
N ASP F 313 -23.93 -22.09 10.69
CA ASP F 313 -23.61 -23.19 11.60
C ASP F 313 -23.79 -22.79 13.06
N VAL F 314 -23.38 -21.57 13.40
CA VAL F 314 -23.59 -21.04 14.76
C VAL F 314 -25.08 -20.97 15.11
N ILE F 315 -25.87 -20.40 14.20
CA ILE F 315 -27.34 -20.36 14.32
C ILE F 315 -27.96 -21.74 14.59
N GLU F 316 -27.63 -22.71 13.74
CA GLU F 316 -28.16 -24.06 13.83
C GLU F 316 -27.82 -24.74 15.16
N THR F 317 -26.55 -24.62 15.57
CA THR F 317 -26.09 -25.25 16.80
C THR F 317 -26.66 -24.57 18.04
N ALA F 318 -26.76 -23.23 18.02
CA ALA F 318 -27.40 -22.48 19.12
C ALA F 318 -28.86 -22.90 19.31
N LYS F 319 -29.60 -23.04 18.21
CA LYS F 319 -31.00 -23.51 18.25
C LYS F 319 -31.12 -24.95 18.74
N LYS F 320 -30.12 -25.77 18.47
CA LYS F 320 -30.07 -27.14 18.97
C LYS F 320 -29.93 -27.11 20.49
N VAL F 321 -29.13 -26.17 21.00
CA VAL F 321 -29.03 -25.98 22.45
C VAL F 321 -30.31 -25.38 23.07
N MET F 322 -30.96 -24.45 22.36
CA MET F 322 -32.21 -23.86 22.81
C MET F 322 -33.29 -24.92 22.95
N ASN F 323 -33.39 -25.79 21.93
CA ASN F 323 -34.44 -26.81 21.80
C ASN F 323 -34.13 -28.13 22.46
N PHE F 324 -33.03 -28.20 23.21
CA PHE F 324 -32.60 -29.45 23.83
C PHE F 324 -33.68 -29.95 24.80
N PHE G 5 51.04 -15.18 12.63
CA PHE G 5 50.48 -16.34 11.86
C PHE G 5 49.05 -16.07 11.38
N GLN G 6 48.81 -16.37 10.10
CA GLN G 6 47.49 -16.23 9.50
C GLN G 6 46.98 -17.57 9.02
N PHE G 7 45.78 -17.93 9.48
CA PHE G 7 45.06 -19.02 8.86
C PHE G 7 44.70 -18.62 7.43
N PRO G 8 45.03 -19.49 6.46
CA PRO G 8 44.76 -19.23 5.04
C PRO G 8 43.27 -19.34 4.66
N PHE G 9 42.42 -18.62 5.39
CA PHE G 9 40.97 -18.62 5.17
C PHE G 9 40.60 -18.06 3.81
N ALA G 10 41.34 -17.02 3.40
CA ALA G 10 41.09 -16.33 2.12
C ALA G 10 41.16 -17.28 0.94
N GLU G 11 42.21 -18.11 0.89
CA GLU G 11 42.43 -19.01 -0.23
C GLU G 11 41.63 -20.31 -0.13
N GLN G 12 41.24 -20.69 1.09
CA GLN G 12 40.35 -21.82 1.27
C GLN G 12 39.06 -21.54 0.54
N LEU G 13 38.47 -20.37 0.81
CA LEU G 13 37.28 -19.88 0.13
C LEU G 13 37.46 -19.80 -1.39
N GLU G 14 38.59 -19.26 -1.82
CA GLU G 14 38.98 -19.26 -3.24
C GLU G 14 39.07 -20.66 -3.85
N LYS G 15 39.79 -21.56 -3.19
CA LYS G 15 40.06 -22.89 -3.75
C LYS G 15 38.83 -23.81 -3.85
N VAL G 16 37.89 -23.66 -2.92
CA VAL G 16 36.62 -24.39 -2.91
C VAL G 16 35.74 -23.90 -4.05
N ALA G 17 35.77 -22.59 -4.29
CA ALA G 17 35.01 -21.94 -5.35
C ALA G 17 35.42 -22.43 -6.73
N GLU G 18 36.70 -22.78 -6.87
CA GLU G 18 37.28 -23.22 -8.14
C GLU G 18 36.72 -24.56 -8.59
N GLN G 19 36.10 -25.26 -7.64
CA GLN G 19 35.52 -26.58 -7.89
C GLN G 19 34.09 -26.48 -8.39
N PHE G 20 33.55 -25.27 -8.38
CA PHE G 20 32.17 -25.05 -8.79
C PHE G 20 32.08 -23.95 -9.85
N PRO G 21 32.66 -24.20 -11.03
CA PRO G 21 32.53 -23.24 -12.12
C PRO G 21 31.26 -23.49 -12.92
N THR G 22 30.70 -22.41 -13.49
CA THR G 22 29.47 -22.52 -14.25
C THR G 22 29.69 -23.31 -15.51
N PHE G 23 29.04 -24.48 -15.57
CA PHE G 23 29.07 -25.35 -16.74
C PHE G 23 28.21 -24.70 -17.81
N GLN G 24 28.77 -24.58 -19.01
CA GLN G 24 28.06 -23.97 -20.13
C GLN G 24 28.45 -24.63 -21.46
N ILE G 25 27.49 -24.67 -22.39
CA ILE G 25 27.73 -25.18 -23.73
C ILE G 25 27.40 -24.11 -24.79
N LEU G 26 26.28 -23.40 -24.61
CA LEU G 26 25.80 -22.42 -25.58
C LEU G 26 25.69 -21.00 -25.02
N ASN G 27 26.51 -20.10 -25.56
CA ASN G 27 26.45 -18.69 -25.21
C ASN G 27 25.19 -18.01 -25.73
N GLU G 28 24.94 -16.78 -25.25
CA GLU G 28 23.76 -16.00 -25.62
C GLU G 28 23.49 -15.94 -27.14
N GLU G 29 24.53 -16.13 -27.94
CA GLU G 29 24.45 -16.02 -29.40
C GLU G 29 24.26 -17.38 -30.08
N GLY G 30 23.92 -18.41 -29.31
CA GLY G 30 23.63 -19.72 -29.87
C GLY G 30 24.85 -20.43 -30.45
N GLU G 31 26.03 -20.04 -29.95
CA GLU G 31 27.29 -20.60 -30.41
C GLU G 31 27.85 -21.58 -29.39
N VAL G 32 28.37 -22.70 -29.89
CA VAL G 32 28.97 -23.75 -29.06
C VAL G 32 30.32 -23.30 -28.51
N VAL G 33 30.38 -23.09 -27.19
CA VAL G 33 31.63 -22.72 -26.50
C VAL G 33 32.33 -23.92 -25.82
N ASN G 34 31.68 -25.08 -25.85
CA ASN G 34 32.26 -26.30 -25.25
C ASN G 34 31.83 -27.55 -26.00
N GLU G 35 32.40 -27.75 -27.19
CA GLU G 35 32.01 -28.88 -28.04
C GLU G 35 32.45 -30.24 -27.46
N GLU G 36 33.41 -30.21 -26.55
CA GLU G 36 33.89 -31.41 -25.88
C GLU G 36 32.79 -32.07 -25.02
N ALA G 37 32.05 -31.25 -24.28
CA ALA G 37 31.03 -31.74 -23.36
C ALA G 37 29.61 -31.76 -23.97
N MET G 38 29.54 -31.44 -25.26
CA MET G 38 28.29 -31.46 -26.03
C MET G 38 27.54 -32.79 -25.86
N PRO G 39 26.22 -32.71 -25.56
CA PRO G 39 25.43 -33.94 -25.48
C PRO G 39 25.09 -34.48 -26.88
N GLU G 40 24.98 -35.80 -26.98
CA GLU G 40 24.66 -36.43 -28.24
C GLU G 40 23.16 -36.54 -28.40
N LEU G 41 22.61 -35.59 -29.15
CA LEU G 41 21.18 -35.59 -29.48
C LEU G 41 21.02 -35.59 -30.98
N SER G 42 19.97 -36.25 -31.46
CA SER G 42 19.62 -36.23 -32.87
C SER G 42 19.04 -34.87 -33.24
N ASP G 43 18.78 -34.66 -34.53
CA ASP G 43 18.15 -33.44 -35.05
C ASP G 43 16.69 -33.39 -34.64
N GLU G 44 16.06 -34.56 -34.56
CA GLU G 44 14.66 -34.64 -34.18
C GLU G 44 14.46 -34.27 -32.70
N GLN G 45 15.40 -34.71 -31.87
CA GLN G 45 15.37 -34.42 -30.44
C GLN G 45 15.68 -32.96 -30.19
N LEU G 46 16.71 -32.43 -30.87
CA LEU G 46 17.00 -31.00 -30.81
C LEU G 46 15.76 -30.17 -31.15
N LYS G 47 14.98 -30.62 -32.12
CA LYS G 47 13.75 -29.93 -32.53
C LYS G 47 12.62 -30.11 -31.53
N GLU G 48 12.42 -31.35 -31.05
CA GLU G 48 11.40 -31.67 -30.03
C GLU G 48 11.58 -30.83 -28.76
N LEU G 49 12.83 -30.73 -28.31
CA LEU G 49 13.21 -29.92 -27.17
C LEU G 49 12.78 -28.46 -27.36
N MET G 50 13.02 -27.91 -28.55
CA MET G 50 12.61 -26.54 -28.85
C MET G 50 11.09 -26.42 -28.87
N ARG G 51 10.42 -27.37 -29.52
CA ARG G 51 8.96 -27.41 -29.50
C ARG G 51 8.44 -27.32 -28.04
N ARG G 52 8.92 -28.22 -27.18
CA ARG G 52 8.53 -28.27 -25.75
C ARG G 52 8.75 -26.96 -25.01
N MET G 53 9.94 -26.38 -25.16
CA MET G 53 10.27 -25.09 -24.57
C MET G 53 9.36 -23.97 -25.06
N VAL G 54 9.12 -23.92 -26.39
CA VAL G 54 8.20 -22.94 -26.99
C VAL G 54 6.79 -23.12 -26.45
N TYR G 55 6.37 -24.38 -26.34
CA TYR G 55 5.05 -24.74 -25.83
C TYR G 55 4.89 -24.29 -24.37
N THR G 56 5.90 -24.58 -23.56
CA THR G 56 5.89 -24.21 -22.15
C THR G 56 5.85 -22.68 -21.98
N ARG G 57 6.67 -21.97 -22.76
CA ARG G 57 6.64 -20.50 -22.75
C ARG G 57 5.21 -20.02 -22.97
N ILE G 58 4.53 -20.59 -23.96
CA ILE G 58 3.17 -20.19 -24.31
C ILE G 58 2.23 -20.54 -23.15
N LEU G 59 2.36 -21.77 -22.62
CA LEU G 59 1.61 -22.17 -21.41
C LEU G 59 1.71 -21.12 -20.29
N ASP G 60 2.92 -20.61 -20.05
CA ASP G 60 3.13 -19.59 -19.00
C ASP G 60 2.42 -18.28 -19.33
N GLN G 61 2.59 -17.78 -20.56
CA GLN G 61 1.91 -16.56 -21.00
C GLN G 61 0.39 -16.70 -20.89
N ARG G 62 -0.11 -17.88 -21.24
CA ARG G 62 -1.55 -18.16 -21.20
C ARG G 62 -2.06 -18.32 -19.76
N SER G 63 -1.28 -19.00 -18.92
CA SER G 63 -1.60 -19.14 -17.49
C SER G 63 -1.63 -17.80 -16.74
N ILE G 64 -0.63 -16.95 -16.96
CA ILE G 64 -0.60 -15.62 -16.32
C ILE G 64 -1.88 -14.87 -16.69
N SER G 65 -2.13 -14.83 -18.00
CA SER G 65 -3.36 -14.26 -18.58
C SER G 65 -4.60 -14.84 -17.90
N LEU G 66 -4.65 -16.17 -17.79
CA LEU G 66 -5.79 -16.88 -17.21
C LEU G 66 -5.99 -16.60 -15.72
N ASN G 67 -4.90 -16.58 -14.97
CA ASN G 67 -4.91 -16.23 -13.55
C ASN G 67 -5.56 -14.86 -13.37
N ARG G 68 -5.08 -13.88 -14.14
CA ARG G 68 -5.57 -12.50 -14.10
C ARG G 68 -7.08 -12.39 -14.41
N GLN G 69 -7.58 -13.28 -15.27
CA GLN G 69 -9.00 -13.38 -15.57
C GLN G 69 -9.81 -14.07 -14.47
N GLY G 70 -9.14 -14.51 -13.40
CA GLY G 70 -9.78 -15.27 -12.32
C GLY G 70 -10.18 -16.68 -12.73
N ARG G 71 -9.51 -17.21 -13.76
CA ARG G 71 -9.85 -18.49 -14.38
C ARG G 71 -8.92 -19.61 -13.91
N LEU G 72 -7.80 -19.21 -13.32
CA LEU G 72 -6.92 -20.08 -12.57
C LEU G 72 -6.74 -19.44 -11.18
N GLY G 73 -6.38 -20.27 -10.20
CA GLY G 73 -6.14 -19.80 -8.84
C GLY G 73 -4.67 -19.48 -8.63
N PHE G 74 -4.04 -20.28 -7.78
CA PHE G 74 -2.60 -20.20 -7.55
C PHE G 74 -1.77 -20.52 -8.81
N TYR G 75 -1.10 -19.50 -9.35
CA TYR G 75 -0.14 -19.73 -10.43
C TYR G 75 1.25 -19.13 -10.16
N ALA G 76 2.29 -19.96 -10.35
CA ALA G 76 3.68 -19.53 -10.25
C ALA G 76 4.38 -19.47 -11.63
N PRO G 77 4.56 -18.24 -12.18
CA PRO G 77 5.19 -18.00 -13.50
C PRO G 77 6.55 -18.69 -13.72
N THR G 78 6.80 -19.15 -14.95
CA THR G 78 7.99 -19.95 -15.28
C THR G 78 8.86 -19.35 -16.39
N ALA G 79 8.38 -18.29 -17.06
CA ALA G 79 9.06 -17.76 -18.25
C ALA G 79 10.52 -17.41 -17.99
N GLY G 80 11.40 -17.96 -18.82
CA GLY G 80 12.86 -17.80 -18.66
C GLY G 80 13.51 -19.08 -18.13
N GLN G 81 12.69 -19.96 -17.56
CA GLN G 81 13.20 -21.17 -16.92
C GLN G 81 13.05 -22.42 -17.77
N GLU G 82 12.55 -22.26 -18.98
CA GLU G 82 12.20 -23.42 -19.82
C GLU G 82 13.35 -24.40 -20.00
N ALA G 83 14.58 -23.88 -20.10
CA ALA G 83 15.75 -24.75 -20.25
C ALA G 83 15.96 -25.60 -19.00
N SER G 84 15.90 -24.96 -17.83
CA SER G 84 16.06 -25.65 -16.55
C SER G 84 14.95 -26.69 -16.32
N GLN G 85 13.72 -26.33 -16.65
CA GLN G 85 12.58 -27.22 -16.44
C GLN G 85 12.47 -28.30 -17.53
N ILE G 86 12.49 -27.88 -18.80
CA ILE G 86 12.21 -28.79 -19.91
C ILE G 86 13.41 -29.64 -20.32
N ALA G 87 14.57 -29.01 -20.44
CA ALA G 87 15.79 -29.75 -20.74
C ALA G 87 16.19 -30.77 -19.66
N SER G 88 15.98 -30.45 -18.38
CA SER G 88 16.21 -31.42 -17.30
C SER G 88 15.22 -32.60 -17.44
N HIS G 89 13.97 -32.29 -17.75
CA HIS G 89 13.00 -33.36 -17.99
C HIS G 89 13.39 -34.23 -19.18
N PHE G 90 13.85 -33.57 -20.24
CA PHE G 90 14.22 -34.25 -21.49
C PHE G 90 15.26 -35.34 -21.26
N ALA G 91 16.06 -35.20 -20.19
CA ALA G 91 17.08 -36.20 -19.87
C ALA G 91 16.54 -37.41 -19.08
N LEU G 92 15.25 -37.39 -18.77
CA LEU G 92 14.64 -38.46 -17.98
C LEU G 92 13.95 -39.51 -18.85
N GLU G 93 13.61 -40.62 -18.23
CA GLU G 93 12.79 -41.66 -18.82
C GLU G 93 11.51 -41.81 -18.01
N LYS G 94 10.47 -42.39 -18.64
CA LYS G 94 9.15 -42.49 -18.03
C LYS G 94 9.10 -43.22 -16.68
N GLU G 95 10.08 -44.07 -16.41
CA GLU G 95 10.15 -44.81 -15.14
C GLU G 95 10.68 -43.97 -13.98
N ASP G 96 11.34 -42.86 -14.31
CA ASP G 96 11.83 -41.94 -13.29
C ASP G 96 10.67 -41.31 -12.54
N PHE G 97 10.82 -41.18 -11.23
CA PHE G 97 9.81 -40.56 -10.35
C PHE G 97 10.14 -39.08 -10.12
N ILE G 98 9.17 -38.20 -10.35
CA ILE G 98 9.39 -36.77 -10.17
C ILE G 98 8.70 -36.23 -8.91
N LEU G 99 9.46 -35.51 -8.09
CA LEU G 99 8.93 -34.84 -6.89
C LEU G 99 9.08 -33.32 -7.05
N PRO G 100 8.07 -32.69 -7.68
CA PRO G 100 8.13 -31.27 -8.05
C PRO G 100 7.86 -30.35 -6.85
N GLY G 101 8.45 -29.16 -6.90
CA GLY G 101 8.07 -28.07 -6.00
C GLY G 101 6.86 -27.40 -6.59
N TYR G 102 6.42 -26.29 -6.00
CA TYR G 102 5.16 -25.66 -6.39
C TYR G 102 5.20 -25.08 -7.79
N ARG G 103 6.39 -24.74 -8.26
CA ARG G 103 6.59 -24.09 -9.56
C ARG G 103 6.69 -25.10 -10.71
N ASP G 104 6.94 -26.37 -10.37
CA ASP G 104 7.40 -27.35 -11.33
C ASP G 104 6.29 -28.16 -12.03
N VAL G 105 5.21 -27.46 -12.40
CA VAL G 105 4.12 -28.11 -13.12
C VAL G 105 4.53 -28.54 -14.56
N PRO G 106 5.30 -27.71 -15.30
CA PRO G 106 5.71 -28.16 -16.64
C PRO G 106 6.39 -29.53 -16.67
N GLN G 107 7.29 -29.81 -15.74
CA GLN G 107 7.97 -31.11 -15.72
C GLN G 107 7.01 -32.28 -15.64
N ILE G 108 5.96 -32.13 -14.83
CA ILE G 108 5.02 -33.22 -14.62
C ILE G 108 3.97 -33.32 -15.73
N ILE G 109 3.69 -32.20 -16.38
CA ILE G 109 2.87 -32.22 -17.59
C ILE G 109 3.57 -33.04 -18.67
N TRP G 110 4.83 -32.75 -18.95
CA TRP G 110 5.60 -33.52 -19.94
C TRP G 110 5.84 -34.98 -19.55
N HIS G 111 5.66 -35.30 -18.27
CA HIS G 111 5.90 -36.64 -17.76
C HIS G 111 4.61 -37.47 -17.80
N GLY G 112 3.52 -36.85 -18.21
CA GLY G 112 2.27 -37.57 -18.39
C GLY G 112 1.04 -37.06 -17.68
N LEU G 113 1.15 -36.00 -16.86
CA LEU G 113 -0.04 -35.44 -16.21
C LEU G 113 -0.88 -34.64 -17.20
N PRO G 114 -2.14 -35.04 -17.44
CA PRO G 114 -2.99 -34.29 -18.36
C PRO G 114 -3.06 -32.81 -17.96
N LEU G 115 -2.96 -31.93 -18.96
CA LEU G 115 -2.93 -30.49 -18.75
C LEU G 115 -4.14 -29.96 -17.98
N TYR G 116 -5.30 -30.57 -18.20
CA TYR G 116 -6.51 -30.16 -17.47
C TYR G 116 -6.44 -30.49 -15.96
N GLN G 117 -5.75 -31.58 -15.60
CA GLN G 117 -5.44 -31.89 -14.20
C GLN G 117 -4.44 -30.89 -13.59
N ALA G 118 -3.52 -30.38 -14.41
CA ALA G 118 -2.62 -29.34 -13.95
C ALA G 118 -3.36 -28.04 -13.63
N PHE G 119 -4.31 -27.65 -14.49
CA PHE G 119 -5.15 -26.48 -14.24
C PHE G 119 -6.07 -26.62 -13.03
N LEU G 120 -6.61 -27.83 -12.82
CA LEU G 120 -7.41 -28.12 -11.63
C LEU G 120 -6.57 -28.01 -10.35
N PHE G 121 -5.27 -28.31 -10.44
CA PHE G 121 -4.37 -28.15 -9.30
C PHE G 121 -4.27 -26.68 -8.93
N SER G 122 -4.01 -25.84 -9.94
CA SER G 122 -3.95 -24.40 -9.77
C SER G 122 -5.20 -23.88 -9.05
N ARG G 123 -6.36 -24.37 -9.45
CA ARG G 123 -7.65 -23.96 -8.88
C ARG G 123 -7.90 -24.45 -7.47
N GLY G 124 -7.22 -25.53 -7.09
CA GLY G 124 -7.46 -26.20 -5.81
C GLY G 124 -8.68 -27.10 -5.86
N HIS G 125 -8.53 -28.23 -6.58
CA HIS G 125 -9.56 -29.27 -6.70
C HIS G 125 -8.83 -30.61 -6.61
N PHE G 126 -9.43 -31.57 -5.91
CA PHE G 126 -8.69 -32.79 -5.56
C PHE G 126 -8.37 -33.68 -6.76
N HIS G 127 -9.23 -33.61 -7.78
CA HIS G 127 -9.04 -34.37 -9.03
C HIS G 127 -7.81 -33.88 -9.77
N GLY G 128 -7.43 -32.62 -9.54
CA GLY G 128 -6.20 -32.07 -10.10
C GLY G 128 -4.98 -32.82 -9.59
N ASN G 129 -5.12 -33.40 -8.40
CA ASN G 129 -4.05 -34.19 -7.81
C ASN G 129 -4.20 -35.70 -8.03
N GLN G 130 -5.23 -36.09 -8.79
CA GLN G 130 -5.47 -37.54 -9.03
C GLN G 130 -4.63 -38.11 -10.17
N ILE G 131 -3.32 -38.12 -9.94
CA ILE G 131 -2.34 -38.62 -10.89
C ILE G 131 -2.80 -39.94 -11.54
N PRO G 132 -2.75 -40.02 -12.89
CA PRO G 132 -3.08 -41.25 -13.58
C PRO G 132 -2.15 -42.39 -13.18
N GLU G 133 -2.68 -43.62 -13.16
CA GLU G 133 -1.83 -44.80 -13.01
C GLU G 133 -0.74 -44.78 -14.09
N GLY G 134 0.47 -45.17 -13.71
CA GLY G 134 1.59 -45.18 -14.65
C GLY G 134 2.38 -43.90 -14.80
N VAL G 135 1.77 -42.75 -14.48
CA VAL G 135 2.48 -41.46 -14.49
C VAL G 135 3.21 -41.26 -13.16
N ASN G 136 4.54 -41.28 -13.20
CA ASN G 136 5.39 -41.33 -12.00
C ASN G 136 5.75 -39.96 -11.45
N VAL G 137 4.75 -39.25 -10.95
CA VAL G 137 4.94 -37.94 -10.37
C VAL G 137 4.08 -37.83 -9.12
N LEU G 138 4.43 -36.86 -8.28
CA LEU G 138 3.54 -36.41 -7.20
C LEU G 138 2.95 -35.08 -7.64
N PRO G 139 1.85 -34.64 -6.99
CA PRO G 139 1.35 -33.26 -7.10
C PRO G 139 2.42 -32.30 -6.60
N PRO G 140 2.42 -31.04 -7.10
CA PRO G 140 3.43 -30.08 -6.65
C PRO G 140 3.43 -29.90 -5.13
N GLN G 141 4.62 -29.88 -4.56
CA GLN G 141 4.82 -29.75 -3.11
C GLN G 141 4.69 -28.29 -2.63
N ILE G 142 3.70 -28.05 -1.76
CA ILE G 142 3.47 -26.72 -1.20
C ILE G 142 4.52 -26.35 -0.14
N ILE G 143 4.92 -27.34 0.67
CA ILE G 143 5.84 -27.09 1.77
C ILE G 143 7.29 -27.11 1.28
N ILE G 144 7.83 -25.90 1.10
CA ILE G 144 9.18 -25.72 0.59
C ILE G 144 10.18 -26.71 1.22
N GLY G 145 10.86 -27.48 0.37
CA GLY G 145 11.91 -28.39 0.83
C GLY G 145 11.48 -29.78 1.26
N ALA G 146 10.18 -30.01 1.44
CA ALA G 146 9.72 -31.34 1.89
C ALA G 146 9.98 -32.38 0.81
N GLN G 147 9.96 -31.95 -0.45
CA GLN G 147 10.20 -32.82 -1.60
C GLN G 147 11.60 -33.42 -1.58
N TYR G 148 12.53 -32.80 -0.85
CA TYR G 148 13.91 -33.29 -0.78
C TYR G 148 14.11 -34.60 -0.04
N ILE G 149 13.60 -34.68 1.19
CA ILE G 149 13.73 -35.91 1.99
C ILE G 149 12.89 -37.02 1.41
N GLN G 150 11.71 -36.64 0.92
CA GLN G 150 10.81 -37.58 0.29
C GLN G 150 11.53 -38.25 -0.90
N ALA G 151 12.31 -37.46 -1.64
CA ALA G 151 13.04 -37.94 -2.84
C ALA G 151 14.09 -38.97 -2.47
N ALA G 152 14.69 -38.81 -1.28
CA ALA G 152 15.68 -39.79 -0.81
C ALA G 152 15.03 -41.14 -0.57
N GLY G 153 13.77 -41.10 -0.10
CA GLY G 153 13.02 -42.29 0.22
C GLY G 153 12.60 -43.00 -1.04
N VAL G 154 12.16 -42.24 -2.04
CA VAL G 154 11.69 -42.81 -3.30
C VAL G 154 12.89 -43.49 -3.94
N ALA G 155 14.01 -42.78 -3.97
CA ALA G 155 15.25 -43.30 -4.54
C ALA G 155 15.69 -44.62 -3.90
N LEU G 156 15.57 -44.71 -2.58
CA LEU G 156 15.90 -45.95 -1.89
C LEU G 156 14.87 -47.03 -2.21
N GLY G 157 13.62 -46.62 -2.32
CA GLY G 157 12.58 -47.53 -2.79
C GLY G 157 12.95 -48.11 -4.16
N LEU G 158 13.30 -47.25 -5.12
CA LEU G 158 13.62 -47.68 -6.48
C LEU G 158 14.75 -48.71 -6.46
N LYS G 159 15.83 -48.38 -5.76
CA LYS G 159 16.98 -49.25 -5.59
C LYS G 159 16.57 -50.60 -4.97
N MET G 160 15.78 -50.55 -3.91
CA MET G 160 15.37 -51.76 -3.23
C MET G 160 14.50 -52.66 -4.11
N ARG G 161 13.70 -52.06 -4.99
CA ARG G 161 12.85 -52.86 -5.87
C ARG G 161 13.59 -53.40 -7.12
N GLY G 162 14.85 -53.01 -7.26
CA GLY G 162 15.65 -53.43 -8.40
C GLY G 162 15.27 -52.67 -9.65
N LYS G 163 14.47 -51.60 -9.48
CA LYS G 163 14.10 -50.72 -10.58
C LYS G 163 15.28 -49.92 -11.04
N LYS G 164 15.49 -49.85 -12.35
CA LYS G 164 16.53 -48.99 -12.92
C LYS G 164 15.93 -47.64 -13.31
N ALA G 165 15.92 -46.74 -12.33
CA ALA G 165 15.23 -45.47 -12.44
C ALA G 165 15.77 -44.55 -11.39
N VAL G 166 15.49 -43.26 -11.55
CA VAL G 166 15.90 -42.26 -10.57
C VAL G 166 14.67 -41.58 -9.97
N ALA G 167 14.86 -40.97 -8.81
CA ALA G 167 13.93 -39.98 -8.32
C ALA G 167 14.59 -38.63 -8.60
N ILE G 168 13.81 -37.67 -9.08
CA ILE G 168 14.35 -36.34 -9.32
C ILE G 168 13.43 -35.33 -8.66
N THR G 169 14.04 -34.33 -8.04
CA THR G 169 13.27 -33.33 -7.32
C THR G 169 13.84 -31.94 -7.57
N TYR G 170 12.99 -30.93 -7.47
CA TYR G 170 13.37 -29.57 -7.84
C TYR G 170 13.05 -28.61 -6.69
N THR G 171 13.91 -27.64 -6.45
CA THR G 171 13.59 -26.58 -5.50
C THR G 171 14.20 -25.25 -5.90
N GLY G 172 13.78 -24.17 -5.25
CA GLY G 172 14.32 -22.84 -5.53
C GLY G 172 15.47 -22.52 -4.59
N ASP G 173 16.14 -21.38 -4.85
CA ASP G 173 17.28 -20.92 -4.05
C ASP G 173 16.94 -20.62 -2.60
N GLY G 174 15.67 -20.32 -2.32
CA GLY G 174 15.17 -20.11 -0.97
C GLY G 174 15.02 -21.40 -0.18
N GLY G 175 14.78 -22.50 -0.89
CA GLY G 175 14.65 -23.83 -0.28
C GLY G 175 15.94 -24.49 0.15
N THR G 176 17.06 -23.89 -0.24
CA THR G 176 18.38 -24.31 0.24
C THR G 176 18.62 -23.87 1.70
N SER G 177 17.71 -23.03 2.22
CA SER G 177 17.75 -22.58 3.61
C SER G 177 17.05 -23.52 4.59
N GLN G 178 16.42 -24.57 4.07
CA GLN G 178 15.63 -25.48 4.91
C GLN G 178 16.45 -26.68 5.37
N GLY G 179 16.06 -27.25 6.50
CA GLY G 179 16.73 -28.43 7.03
C GLY G 179 16.44 -29.68 6.24
N ASN G 180 15.21 -29.78 5.72
CA ASN G 180 14.87 -30.91 4.85
C ASN G 180 15.73 -30.99 3.59
N PHE G 181 16.30 -29.86 3.16
CA PHE G 181 17.23 -29.80 2.03
C PHE G 181 18.48 -30.60 2.33
N TYR G 182 19.12 -30.30 3.47
CA TYR G 182 20.34 -30.98 3.89
C TYR G 182 20.13 -32.43 4.24
N GLN G 183 19.05 -32.74 4.92
CA GLN G 183 18.71 -34.13 5.24
C GLN G 183 18.35 -34.90 3.97
N GLY G 184 17.71 -34.22 3.03
CA GLY G 184 17.43 -34.77 1.72
C GLY G 184 18.71 -35.25 1.08
N ILE G 185 19.65 -34.35 0.82
CA ILE G 185 20.94 -34.74 0.19
C ILE G 185 21.81 -35.69 1.03
N ASN G 186 21.83 -35.52 2.34
CA ASN G 186 22.59 -36.42 3.22
C ASN G 186 22.04 -37.85 3.29
N PHE G 187 20.72 -37.99 3.49
CA PHE G 187 20.11 -39.34 3.48
C PHE G 187 20.36 -40.08 2.15
N ALA G 188 20.26 -39.37 1.02
CA ALA G 188 20.50 -39.97 -0.31
C ALA G 188 21.97 -40.34 -0.53
N GLY G 189 22.88 -39.50 -0.04
CA GLY G 189 24.31 -39.81 -0.07
C GLY G 189 24.66 -41.00 0.80
N ALA G 190 24.15 -41.01 2.04
CA ALA G 190 24.41 -42.12 2.98
C ALA G 190 24.04 -43.47 2.37
N PHE G 191 22.84 -43.58 1.82
CA PHE G 191 22.35 -44.84 1.22
C PHE G 191 22.82 -45.08 -0.22
N LYS G 192 23.60 -44.15 -0.78
CA LYS G 192 23.96 -44.16 -2.22
C LYS G 192 22.73 -44.36 -3.11
N ALA G 193 21.73 -43.52 -2.90
CA ALA G 193 20.42 -43.68 -3.50
C ALA G 193 20.36 -42.91 -4.81
N PRO G 194 19.72 -43.51 -5.84
CA PRO G 194 19.59 -42.88 -7.16
C PRO G 194 18.67 -41.65 -7.16
N ALA G 195 19.21 -40.54 -6.68
CA ALA G 195 18.44 -39.31 -6.63
C ALA G 195 19.19 -38.15 -7.28
N ILE G 196 18.46 -37.35 -8.04
CA ILE G 196 19.01 -36.14 -8.61
C ILE G 196 18.28 -34.99 -7.96
N PHE G 197 19.05 -34.07 -7.38
CA PHE G 197 18.51 -32.88 -6.70
C PHE G 197 18.83 -31.66 -7.55
N VAL G 198 17.79 -30.93 -7.93
CA VAL G 198 17.95 -29.75 -8.74
C VAL G 198 17.55 -28.53 -7.92
N VAL G 199 18.42 -27.52 -7.93
CA VAL G 199 18.15 -26.24 -7.29
C VAL G 199 18.15 -25.14 -8.33
N GLN G 200 16.97 -24.60 -8.57
CA GLN G 200 16.81 -23.58 -9.59
C GLN G 200 16.97 -22.23 -8.91
N ASN G 201 18.14 -21.64 -9.11
CA ASN G 201 18.48 -20.35 -8.53
C ASN G 201 17.80 -19.26 -9.36
N ASN G 202 16.58 -18.92 -8.96
CA ASN G 202 15.68 -18.10 -9.76
C ASN G 202 16.07 -16.63 -9.82
N ARG G 203 17.00 -16.22 -8.94
CA ARG G 203 17.72 -14.97 -9.12
C ARG G 203 18.67 -14.63 -7.98
N PHE G 204 19.97 -14.59 -8.31
CA PHE G 204 20.96 -13.81 -7.56
C PHE G 204 20.88 -12.41 -8.18
N ALA G 205 19.74 -11.74 -7.94
CA ALA G 205 19.39 -10.49 -8.62
C ALA G 205 20.30 -9.34 -8.21
N GLN G 213 20.12 -14.86 2.36
CA GLN G 213 20.16 -16.31 2.13
C GLN G 213 21.42 -16.92 2.75
N THR G 214 22.58 -16.59 2.17
CA THR G 214 23.87 -17.17 2.53
C THR G 214 25.03 -16.33 1.99
N VAL G 215 26.22 -16.52 2.54
CA VAL G 215 27.44 -15.94 1.96
C VAL G 215 28.22 -16.97 1.12
N ALA G 216 27.61 -18.12 0.89
CA ALA G 216 28.16 -19.12 -0.04
C ALA G 216 28.14 -18.51 -1.44
N LYS G 217 29.27 -18.60 -2.15
CA LYS G 217 29.40 -17.98 -3.46
C LYS G 217 28.61 -18.74 -4.53
N THR G 218 28.36 -20.04 -4.30
CA THR G 218 27.45 -20.83 -5.13
C THR G 218 26.48 -21.60 -4.23
N LEU G 219 25.37 -22.07 -4.79
CA LEU G 219 24.48 -22.94 -4.03
C LEU G 219 24.87 -24.41 -4.21
N ALA G 220 25.51 -24.70 -5.35
CA ALA G 220 25.94 -26.04 -5.70
C ALA G 220 26.98 -26.60 -4.72
N GLN G 221 27.72 -25.69 -4.11
CA GLN G 221 28.78 -26.07 -3.18
C GLN G 221 28.22 -26.63 -1.89
N LYS G 222 26.92 -26.43 -1.67
CA LYS G 222 26.26 -26.94 -0.47
C LYS G 222 26.19 -28.48 -0.51
N ALA G 223 26.45 -29.06 -1.68
CA ALA G 223 26.53 -30.52 -1.84
C ALA G 223 27.74 -31.06 -1.12
N VAL G 224 28.72 -30.19 -0.88
CA VAL G 224 29.94 -30.55 -0.14
C VAL G 224 29.61 -30.98 1.29
N ALA G 225 28.54 -30.41 1.85
CA ALA G 225 28.10 -30.75 3.21
C ALA G 225 27.74 -32.23 3.37
N ALA G 226 27.19 -32.82 2.30
CA ALA G 226 26.80 -34.23 2.29
C ALA G 226 27.85 -35.12 1.64
N GLY G 227 28.92 -34.51 1.13
CA GLY G 227 29.98 -35.23 0.42
C GLY G 227 29.52 -35.85 -0.89
N ILE G 228 28.50 -35.26 -1.51
CA ILE G 228 28.06 -35.68 -2.85
C ILE G 228 28.48 -34.62 -3.88
N PRO G 229 28.63 -35.02 -5.16
CA PRO G 229 29.03 -34.03 -6.15
C PRO G 229 28.00 -32.93 -6.33
N GLY G 230 28.48 -31.76 -6.75
CA GLY G 230 27.64 -30.61 -7.00
C GLY G 230 28.11 -29.97 -8.29
N ILE G 231 27.15 -29.60 -9.14
CA ILE G 231 27.45 -28.90 -10.40
C ILE G 231 26.64 -27.62 -10.47
N GLN G 232 27.31 -26.55 -10.86
CA GLN G 232 26.60 -25.33 -11.21
C GLN G 232 26.51 -25.26 -12.73
N VAL G 233 25.31 -24.99 -13.26
CA VAL G 233 25.12 -24.89 -14.71
C VAL G 233 24.41 -23.59 -15.10
N ASP G 234 24.70 -23.09 -16.30
CA ASP G 234 23.91 -22.01 -16.89
C ASP G 234 22.50 -22.56 -17.09
N GLY G 235 21.53 -21.92 -16.44
CA GLY G 235 20.17 -22.43 -16.44
C GLY G 235 19.33 -21.92 -17.60
N MET G 236 19.96 -21.06 -18.42
CA MET G 236 19.41 -20.57 -19.67
C MET G 236 19.92 -21.38 -20.85
N ASP G 237 20.65 -22.46 -20.58
CA ASP G 237 21.31 -23.24 -21.61
C ASP G 237 20.74 -24.67 -21.66
N PRO G 238 19.81 -24.92 -22.62
CA PRO G 238 19.18 -26.23 -22.82
C PRO G 238 20.17 -27.38 -22.98
N LEU G 239 21.32 -27.13 -23.60
CA LEU G 239 22.32 -28.19 -23.79
C LEU G 239 23.13 -28.49 -22.53
N ALA G 240 23.47 -27.44 -21.77
CA ALA G 240 24.17 -27.62 -20.50
C ALA G 240 23.28 -28.37 -19.49
N VAL G 241 22.09 -27.82 -19.22
CA VAL G 241 21.13 -28.46 -18.32
C VAL G 241 20.94 -29.93 -18.68
N TYR G 242 20.71 -30.22 -19.97
CA TYR G 242 20.45 -31.60 -20.40
C TYR G 242 21.59 -32.54 -20.07
N ALA G 243 22.81 -32.11 -20.34
CA ALA G 243 23.98 -32.97 -20.19
C ALA G 243 24.30 -33.21 -18.71
N ALA G 244 24.18 -32.16 -17.90
CA ALA G 244 24.33 -32.26 -16.43
C ALA G 244 23.36 -33.29 -15.83
N VAL G 245 22.08 -33.17 -16.19
CA VAL G 245 21.06 -34.07 -15.66
C VAL G 245 21.27 -35.47 -16.21
N LYS G 246 21.60 -35.56 -17.50
CA LYS G 246 21.84 -36.88 -18.11
C LYS G 246 22.98 -37.60 -17.38
N ALA G 247 24.04 -36.86 -17.07
CA ALA G 247 25.22 -37.39 -16.37
C ALA G 247 24.87 -37.90 -14.97
N ALA G 248 24.09 -37.09 -14.23
CA ALA G 248 23.62 -37.42 -12.88
C ALA G 248 22.78 -38.69 -12.91
N ARG G 249 21.86 -38.75 -13.88
CA ARG G 249 21.04 -39.96 -14.11
C ARG G 249 21.90 -41.21 -14.31
N GLU G 250 22.90 -41.10 -15.18
CA GLU G 250 23.77 -42.22 -15.50
C GLU G 250 24.56 -42.66 -14.28
N ARG G 251 25.10 -41.69 -13.57
CA ARG G 251 25.82 -41.93 -12.32
C ARG G 251 24.92 -42.59 -11.26
N ALA G 252 23.71 -42.07 -11.10
CA ALA G 252 22.71 -42.66 -10.18
C ALA G 252 22.29 -44.09 -10.57
N ILE G 253 21.94 -44.28 -11.83
CA ILE G 253 21.57 -45.60 -12.33
C ILE G 253 22.71 -46.60 -12.15
N ASN G 254 23.93 -46.07 -12.07
CA ASN G 254 25.12 -46.91 -12.06
C ASN G 254 25.47 -47.41 -10.66
N GLY G 255 24.78 -46.88 -9.65
CA GLY G 255 24.98 -47.30 -8.28
C GLY G 255 25.86 -46.36 -7.50
N GLU G 256 26.14 -45.20 -8.08
CA GLU G 256 27.16 -44.29 -7.55
C GLU G 256 26.58 -43.13 -6.74
N GLY G 257 25.26 -43.10 -6.62
CA GLY G 257 24.60 -42.21 -5.68
C GLY G 257 24.17 -40.90 -6.29
N PRO G 258 23.70 -39.96 -5.45
CA PRO G 258 23.07 -38.71 -5.88
C PRO G 258 24.04 -37.64 -6.39
N THR G 259 23.46 -36.63 -7.05
CA THR G 259 24.16 -35.44 -7.56
C THR G 259 23.23 -34.25 -7.31
N LEU G 260 23.81 -33.12 -6.89
CA LEU G 260 23.07 -31.85 -6.80
C LEU G 260 23.43 -30.94 -7.96
N ILE G 261 22.41 -30.40 -8.62
CA ILE G 261 22.60 -29.54 -9.79
C ILE G 261 21.97 -28.18 -9.53
N GLU G 262 22.80 -27.15 -9.51
CA GLU G 262 22.27 -25.80 -9.44
C GLU G 262 22.19 -25.22 -10.86
N THR G 263 21.02 -24.71 -11.20
CA THR G 263 20.84 -24.05 -12.48
C THR G 263 20.67 -22.55 -12.24
N LEU G 264 21.43 -21.73 -12.95
CA LEU G 264 21.34 -20.28 -12.79
C LEU G 264 20.40 -19.68 -13.82
N CYS G 265 19.25 -19.19 -13.37
CA CYS G 265 18.28 -18.57 -14.28
C CYS G 265 17.48 -17.43 -13.65
N LYS G 292 18.77 -10.94 -24.14
CA LYS G 292 19.15 -11.95 -25.13
C LYS G 292 19.61 -13.23 -24.43
N LYS G 293 19.44 -13.24 -23.10
CA LYS G 293 19.75 -14.37 -22.23
C LYS G 293 18.73 -15.51 -22.40
N ASP G 294 17.51 -15.13 -22.77
CA ASP G 294 16.38 -16.04 -22.99
C ASP G 294 16.81 -17.36 -23.63
N PRO G 295 16.48 -18.50 -22.97
CA PRO G 295 16.84 -19.81 -23.51
C PRO G 295 16.24 -20.07 -24.89
N LEU G 296 15.06 -19.52 -25.17
CA LEU G 296 14.47 -19.61 -26.50
C LEU G 296 15.31 -18.89 -27.58
N VAL G 297 15.86 -17.72 -27.22
CA VAL G 297 16.68 -16.92 -28.15
C VAL G 297 17.95 -17.63 -28.63
N ARG G 298 18.76 -18.17 -27.72
CA ARG G 298 19.99 -18.87 -28.11
C ARG G 298 19.73 -20.22 -28.78
N PHE G 299 18.68 -20.93 -28.37
CA PHE G 299 18.45 -22.26 -28.93
C PHE G 299 17.87 -22.17 -30.34
N ARG G 300 17.05 -21.15 -30.56
CA ARG G 300 16.56 -20.83 -31.90
C ARG G 300 17.70 -20.45 -32.84
N LYS G 301 18.62 -19.58 -32.36
CA LYS G 301 19.83 -19.23 -33.13
C LYS G 301 20.71 -20.45 -33.45
N PHE G 302 20.86 -21.34 -32.47
CA PHE G 302 21.65 -22.54 -32.63
C PHE G 302 21.08 -23.46 -33.72
N LEU G 303 19.76 -23.66 -33.66
CA LEU G 303 19.05 -24.55 -34.59
C LEU G 303 18.94 -23.98 -36.01
N GLU G 304 18.64 -22.68 -36.10
CA GLU G 304 18.48 -21.98 -37.38
C GLU G 304 19.77 -21.85 -38.19
N ALA G 305 20.92 -21.88 -37.51
CA ALA G 305 22.21 -21.95 -38.21
C ALA G 305 22.52 -23.36 -38.75
N LYS G 306 21.79 -24.37 -38.26
CA LYS G 306 21.97 -25.75 -38.69
C LYS G 306 20.79 -26.16 -39.57
N GLY G 307 19.88 -25.21 -39.82
CA GLY G 307 18.71 -25.43 -40.66
C GLY G 307 17.79 -26.48 -40.07
N LEU G 308 17.35 -26.24 -38.83
CA LEU G 308 16.52 -27.20 -38.09
C LEU G 308 15.29 -26.54 -37.44
N TRP G 309 15.18 -25.23 -37.57
CA TRP G 309 14.05 -24.50 -37.02
C TRP G 309 13.55 -23.42 -38.00
N SER G 310 12.26 -23.11 -37.92
CA SER G 310 11.65 -22.11 -38.79
C SER G 310 10.52 -21.36 -38.08
N GLU G 311 10.13 -20.22 -38.65
CA GLU G 311 8.99 -19.43 -38.15
C GLU G 311 7.66 -20.12 -38.41
N GLU G 312 7.65 -21.02 -39.40
CA GLU G 312 6.48 -21.85 -39.69
C GLU G 312 6.33 -22.88 -38.58
N GLU G 313 7.39 -23.65 -38.33
CA GLU G 313 7.43 -24.66 -37.28
C GLU G 313 7.10 -24.10 -35.90
N GLU G 314 7.65 -22.91 -35.60
CA GLU G 314 7.38 -22.17 -34.37
C GLU G 314 5.92 -21.74 -34.22
N ASN G 315 5.34 -21.16 -35.28
N ASN G 315 5.35 -21.16 -35.27
CA ASN G 315 3.92 -20.81 -35.27
CA ASN G 315 3.92 -20.81 -35.29
C ASN G 315 2.99 -22.02 -35.14
C ASN G 315 3.04 -22.04 -35.06
N ASN G 316 3.41 -23.15 -35.71
CA ASN G 316 2.70 -24.43 -35.56
C ASN G 316 2.62 -24.89 -34.10
N VAL G 317 3.77 -24.84 -33.40
CA VAL G 317 3.82 -25.17 -31.97
C VAL G 317 2.94 -24.22 -31.16
N ILE G 318 2.98 -22.94 -31.50
CA ILE G 318 2.22 -21.93 -30.75
C ILE G 318 0.70 -22.13 -30.83
N GLU G 319 0.19 -22.37 -32.04
CA GLU G 319 -1.26 -22.52 -32.23
C GLU G 319 -1.77 -23.79 -31.57
N GLN G 320 -0.94 -24.83 -31.61
CA GLN G 320 -1.25 -26.10 -30.96
C GLN G 320 -1.36 -25.92 -29.44
N ALA G 321 -0.32 -25.38 -28.83
CA ALA G 321 -0.36 -25.00 -27.41
C ALA G 321 -1.63 -24.24 -27.10
N LYS G 322 -1.87 -23.13 -27.80
CA LYS G 322 -3.03 -22.27 -27.58
C LYS G 322 -4.35 -23.04 -27.65
N GLU G 323 -4.34 -24.09 -28.46
CA GLU G 323 -5.53 -24.90 -28.74
C GLU G 323 -5.75 -25.94 -27.65
N GLU G 324 -4.66 -26.58 -27.22
CA GLU G 324 -4.73 -27.60 -26.18
C GLU G 324 -5.10 -26.99 -24.84
N ILE G 325 -4.53 -25.81 -24.57
CA ILE G 325 -4.80 -25.02 -23.37
C ILE G 325 -6.27 -24.62 -23.28
N LYS G 326 -6.81 -24.13 -24.40
CA LYS G 326 -8.25 -23.88 -24.52
C LYS G 326 -9.11 -25.09 -24.14
N GLU G 327 -8.78 -26.26 -24.69
CA GLU G 327 -9.50 -27.48 -24.35
C GLU G 327 -9.32 -27.91 -22.88
N ALA G 328 -8.06 -27.95 -22.42
CA ALA G 328 -7.75 -28.30 -21.02
C ALA G 328 -8.55 -27.47 -20.01
N ILE G 329 -8.70 -26.19 -20.31
CA ILE G 329 -9.54 -25.28 -19.51
C ILE G 329 -11.02 -25.62 -19.55
N LYS G 330 -11.55 -25.86 -20.74
CA LYS G 330 -12.92 -26.31 -20.92
C LYS G 330 -13.19 -27.59 -20.12
N LYS G 331 -12.21 -28.49 -20.12
CA LYS G 331 -12.30 -29.77 -19.41
C LYS G 331 -12.27 -29.55 -17.88
N ALA G 332 -11.43 -28.62 -17.44
CA ALA G 332 -11.32 -28.22 -16.02
C ALA G 332 -12.64 -27.65 -15.49
N ASP G 333 -13.28 -26.76 -16.26
CA ASP G 333 -14.58 -26.16 -15.90
C ASP G 333 -15.69 -27.18 -15.86
N GLU G 334 -15.58 -28.22 -16.68
CA GLU G 334 -16.59 -29.27 -16.73
C GLU G 334 -16.51 -30.24 -15.54
N THR G 335 -15.49 -30.11 -14.71
CA THR G 335 -15.34 -30.96 -13.53
C THR G 335 -16.34 -30.54 -12.45
N PRO G 336 -17.08 -31.52 -11.88
CA PRO G 336 -18.05 -31.21 -10.82
C PRO G 336 -17.36 -30.65 -9.56
N LYS G 337 -18.05 -29.75 -8.87
CA LYS G 337 -17.53 -29.17 -7.63
C LYS G 337 -17.42 -30.23 -6.53
N GLN G 338 -16.49 -30.02 -5.63
CA GLN G 338 -16.24 -30.93 -4.52
C GLN G 338 -17.28 -30.67 -3.43
N LYS G 339 -17.75 -31.76 -2.81
CA LYS G 339 -18.63 -31.70 -1.64
C LYS G 339 -17.81 -32.12 -0.41
N VAL G 340 -18.28 -31.77 0.79
CA VAL G 340 -17.55 -32.11 2.01
C VAL G 340 -17.44 -33.62 2.18
N THR G 341 -18.50 -34.35 1.82
CA THR G 341 -18.46 -35.81 1.84
C THR G 341 -17.29 -36.39 1.02
N ASP G 342 -16.88 -35.71 -0.05
CA ASP G 342 -15.75 -36.16 -0.87
C ASP G 342 -14.45 -35.96 -0.10
N LEU G 343 -14.37 -34.83 0.62
CA LEU G 343 -13.19 -34.49 1.42
C LEU G 343 -13.02 -35.47 2.57
N ILE G 344 -14.12 -35.79 3.24
CA ILE G 344 -14.15 -36.83 4.27
C ILE G 344 -13.74 -38.22 3.72
N SER G 345 -14.29 -38.58 2.55
CA SER G 345 -14.08 -39.91 1.94
C SER G 345 -12.63 -40.23 1.68
N ILE G 346 -11.85 -39.24 1.24
CA ILE G 346 -10.47 -39.47 0.85
C ILE G 346 -9.44 -39.33 1.96
N MET G 347 -9.90 -39.20 3.20
CA MET G 347 -8.99 -39.02 4.34
C MET G 347 -8.27 -40.31 4.75
N PHE G 348 -9.05 -41.39 4.79
CA PHE G 348 -8.62 -42.74 5.17
C PHE G 348 -9.28 -43.76 4.22
N GLU G 349 -8.73 -44.99 4.18
CA GLU G 349 -9.36 -46.12 3.48
C GLU G 349 -10.65 -46.49 4.18
N GLU G 350 -10.59 -46.67 5.50
CA GLU G 350 -11.78 -46.89 6.32
C GLU G 350 -11.90 -45.77 7.34
N LEU G 351 -13.01 -45.06 7.27
CA LEU G 351 -13.27 -43.90 8.09
C LEU G 351 -13.35 -44.26 9.58
N PRO G 352 -12.62 -43.50 10.43
CA PRO G 352 -12.82 -43.58 11.88
C PRO G 352 -14.17 -43.04 12.34
N PHE G 353 -14.57 -43.42 13.54
CA PHE G 353 -15.88 -43.12 14.10
C PHE G 353 -16.30 -41.66 13.91
N ASN G 354 -15.39 -40.73 14.22
CA ASN G 354 -15.70 -39.31 14.17
C ASN G 354 -16.04 -38.90 12.75
N LEU G 355 -15.28 -39.40 11.77
CA LEU G 355 -15.55 -39.12 10.35
C LEU G 355 -16.79 -39.85 9.79
N LYS G 356 -17.11 -41.02 10.32
CA LYS G 356 -18.38 -41.70 9.99
C LYS G 356 -19.59 -40.88 10.42
N GLU G 357 -19.53 -40.36 11.64
CA GLU G 357 -20.58 -39.44 12.14
C GLU G 357 -20.71 -38.23 11.23
N GLN G 358 -19.57 -37.64 10.89
CA GLN G 358 -19.52 -36.41 10.14
C GLN G 358 -19.93 -36.59 8.67
N TYR G 359 -19.64 -37.77 8.11
CA TYR G 359 -20.06 -38.08 6.74
C TYR G 359 -21.57 -38.00 6.66
N GLU G 360 -22.24 -38.57 7.67
CA GLU G 360 -23.71 -38.55 7.79
C GLU G 360 -24.31 -37.14 7.89
N ILE G 361 -23.70 -36.30 8.71
CA ILE G 361 -24.08 -34.89 8.86
C ILE G 361 -24.00 -34.16 7.50
N TYR G 362 -22.92 -34.34 6.77
CA TYR G 362 -22.80 -33.66 5.50
C TYR G 362 -23.60 -34.27 4.35
N LYS G 363 -23.72 -35.60 4.31
CA LYS G 363 -24.64 -36.26 3.40
C LYS G 363 -26.06 -35.65 3.51
N GLU G 364 -26.57 -35.55 4.74
CA GLU G 364 -27.90 -34.96 5.01
C GLU G 364 -27.99 -33.50 4.59
N LYS G 365 -26.89 -32.74 4.73
CA LYS G 365 -26.86 -31.35 4.28
C LYS G 365 -26.91 -31.26 2.76
N GLU G 366 -26.17 -32.17 2.11
CA GLU G 366 -26.02 -32.16 0.66
C GLU G 366 -27.29 -32.62 -0.05
N SER G 367 -28.11 -33.42 0.63
CA SER G 367 -29.39 -33.84 0.10
C SER G 367 -30.43 -32.72 0.19
N LYS G 368 -29.94 -31.51 0.49
CA LYS G 368 -30.74 -30.30 0.74
C LYS G 368 -31.23 -30.24 2.20
N ALA H 1 2.30 -67.47 25.76
CA ALA H 1 3.55 -67.32 26.55
C ALA H 1 3.51 -66.04 27.34
N GLN H 2 4.18 -66.04 28.48
CA GLN H 2 4.33 -64.86 29.32
C GLN H 2 5.28 -63.94 28.59
N MET H 3 4.87 -62.70 28.35
CA MET H 3 5.81 -61.73 27.76
C MET H 3 5.77 -60.40 28.50
N THR H 4 6.88 -59.66 28.43
CA THR H 4 6.85 -58.22 28.73
C THR H 4 6.30 -57.49 27.52
N MET H 5 5.99 -56.20 27.68
CA MET H 5 5.45 -55.39 26.57
C MET H 5 6.42 -55.31 25.41
N VAL H 6 7.69 -55.05 25.73
CA VAL H 6 8.74 -54.98 24.70
C VAL H 6 8.92 -56.30 23.90
N GLN H 7 8.75 -57.44 24.59
CA GLN H 7 8.79 -58.75 23.95
C GLN H 7 7.56 -58.96 23.06
N ALA H 8 6.40 -58.48 23.52
CA ALA H 8 5.17 -58.58 22.75
C ALA H 8 5.25 -57.72 21.47
N ILE H 9 5.96 -56.61 21.56
CA ILE H 9 6.15 -55.67 20.45
C ILE H 9 7.09 -56.29 19.42
N THR H 10 8.20 -56.83 19.91
CA THR H 10 9.17 -57.54 19.08
C THR H 10 8.51 -58.71 18.31
N ASP H 11 7.61 -59.42 18.97
CA ASP H 11 6.88 -60.55 18.43
C ASP H 11 5.92 -60.13 17.32
N ALA H 12 5.26 -58.99 17.50
CA ALA H 12 4.41 -58.40 16.48
C ALA H 12 5.23 -58.02 15.23
N LEU H 13 6.39 -57.41 15.45
CA LEU H 13 7.24 -57.00 14.36
C LEU H 13 7.73 -58.22 13.55
N ARG H 14 8.02 -59.32 14.24
CA ARG H 14 8.51 -60.54 13.59
C ARG H 14 7.41 -61.21 12.78
N ILE H 15 6.23 -61.33 13.37
CA ILE H 15 5.07 -61.88 12.66
C ILE H 15 4.78 -61.08 11.39
N GLU H 16 4.90 -59.76 11.47
CA GLU H 16 4.55 -58.92 10.34
C GLU H 16 5.63 -58.92 9.27
N LEU H 17 6.88 -58.96 9.70
CA LEU H 17 8.01 -59.17 8.78
C LEU H 17 7.87 -60.49 7.96
N LYS H 18 7.56 -61.60 8.65
CA LYS H 18 7.30 -62.89 8.00
C LYS H 18 6.06 -62.90 7.08
N ASN H 19 5.01 -62.23 7.53
CA ASN H 19 3.71 -62.23 6.86
C ASN H 19 3.65 -61.34 5.61
N ASP H 20 4.48 -60.30 5.59
CA ASP H 20 4.37 -59.29 4.56
C ASP H 20 5.75 -58.80 4.14
N PRO H 21 6.22 -59.19 2.94
CA PRO H 21 7.55 -58.86 2.44
C PRO H 21 7.80 -57.35 2.25
N ASN H 22 6.71 -56.59 2.16
CA ASN H 22 6.81 -55.14 2.01
C ASN H 22 7.09 -54.36 3.30
N VAL H 23 6.91 -55.02 4.44
CA VAL H 23 7.20 -54.40 5.76
C VAL H 23 8.68 -54.08 5.90
N LEU H 24 8.97 -52.84 6.25
CA LEU H 24 10.35 -52.45 6.58
C LEU H 24 10.42 -51.86 7.97
N ILE H 25 11.51 -52.15 8.66
CA ILE H 25 11.79 -51.62 9.99
C ILE H 25 13.10 -50.86 9.95
N PHE H 26 13.06 -49.60 10.37
CA PHE H 26 14.23 -48.75 10.31
C PHE H 26 14.18 -47.58 11.31
N GLY H 27 15.34 -46.95 11.52
CA GLY H 27 15.52 -45.88 12.48
C GLY H 27 16.95 -45.90 13.01
N GLU H 28 17.29 -44.95 13.87
CA GLU H 28 18.60 -44.92 14.53
C GLU H 28 18.76 -46.15 15.42
N ASP H 29 19.86 -46.88 15.23
CA ASP H 29 20.24 -48.00 16.12
C ASP H 29 19.29 -49.21 16.19
N VAL H 30 18.37 -49.33 15.25
CA VAL H 30 17.45 -50.48 15.25
C VAL H 30 18.08 -51.79 14.76
N GLY H 31 19.17 -51.67 14.02
CA GLY H 31 19.74 -52.82 13.31
C GLY H 31 20.56 -53.76 14.15
N VAL H 32 21.88 -53.68 13.96
CA VAL H 32 22.86 -54.52 14.64
C VAL H 32 22.73 -54.38 16.17
N ASN H 33 22.48 -53.16 16.62
CA ASN H 33 22.34 -52.82 18.04
C ASN H 33 21.01 -53.28 18.66
N GLY H 34 20.01 -53.57 17.82
CA GLY H 34 18.70 -54.05 18.25
C GLY H 34 17.81 -53.02 18.95
N GLY H 35 18.23 -51.75 18.90
CA GLY H 35 17.46 -50.69 19.53
C GLY H 35 17.93 -50.42 20.95
N VAL H 36 17.83 -49.17 21.36
CA VAL H 36 18.28 -48.71 22.67
C VAL H 36 17.44 -49.26 23.83
N PHE H 37 16.34 -49.95 23.50
CA PHE H 37 15.47 -50.65 24.48
C PHE H 37 15.23 -52.09 24.08
N ARG H 38 15.94 -52.52 23.04
CA ARG H 38 15.94 -53.90 22.57
C ARG H 38 14.65 -54.34 21.86
N ALA H 39 13.81 -53.38 21.49
CA ALA H 39 12.54 -53.67 20.81
C ALA H 39 12.72 -54.32 19.43
N THR H 40 13.84 -54.05 18.76
CA THR H 40 14.10 -54.64 17.45
C THR H 40 15.17 -55.75 17.50
N GLU H 41 15.48 -56.22 18.71
CA GLU H 41 16.59 -57.15 18.96
C GLU H 41 16.43 -58.46 18.20
N GLY H 42 17.47 -58.82 17.46
CA GLY H 42 17.50 -60.06 16.69
C GLY H 42 16.70 -60.05 15.40
N LEU H 43 16.10 -58.91 15.06
CA LEU H 43 15.26 -58.85 13.86
C LEU H 43 16.11 -58.70 12.59
N GLN H 44 17.16 -57.89 12.65
CA GLN H 44 18.07 -57.77 11.52
C GLN H 44 18.80 -59.10 11.23
N ALA H 45 19.13 -59.83 12.31
CA ALA H 45 19.80 -61.13 12.18
C ALA H 45 18.91 -62.16 11.48
N GLU H 46 17.62 -62.18 11.80
CA GLU H 46 16.68 -63.14 11.20
C GLU H 46 16.20 -62.71 9.81
N PHE H 47 16.07 -61.40 9.58
CA PHE H 47 15.43 -60.92 8.35
C PHE H 47 16.35 -60.21 7.36
N GLY H 48 17.52 -59.80 7.84
CA GLY H 48 18.52 -59.17 6.98
C GLY H 48 18.44 -57.66 6.94
N GLU H 49 19.57 -57.05 6.57
CA GLU H 49 19.74 -55.60 6.52
C GLU H 49 18.92 -54.92 5.43
N ASP H 50 18.27 -55.71 4.59
CA ASP H 50 17.41 -55.12 3.58
C ASP H 50 15.96 -54.99 4.06
N ARG H 51 15.63 -55.64 5.19
CA ARG H 51 14.31 -55.49 5.81
C ARG H 51 14.35 -54.63 7.10
N VAL H 52 15.48 -54.73 7.81
CA VAL H 52 15.68 -54.07 9.10
C VAL H 52 17.03 -53.36 9.03
N PHE H 53 17.01 -52.03 9.09
CA PHE H 53 18.22 -51.26 8.85
C PHE H 53 18.31 -49.95 9.66
N ASP H 54 19.53 -49.47 9.84
CA ASP H 54 19.81 -48.21 10.54
C ASP H 54 19.79 -47.03 9.60
N THR H 55 19.54 -45.84 10.15
CA THR H 55 19.52 -44.60 9.37
C THR H 55 20.51 -43.60 9.98
N PRO H 56 20.91 -42.55 9.21
CA PRO H 56 21.64 -41.39 9.77
C PRO H 56 20.84 -40.68 10.87
N LEU H 57 21.53 -39.84 11.64
CA LEU H 57 20.99 -39.33 12.92
C LEU H 57 20.12 -38.07 12.79
N ALA H 58 19.06 -38.16 12.00
CA ALA H 58 18.11 -37.06 11.90
C ALA H 58 16.68 -37.60 11.89
N GLU H 59 15.96 -37.31 12.97
CA GLU H 59 14.61 -37.81 13.24
C GLU H 59 13.61 -37.29 12.20
N SER H 60 13.82 -36.05 11.77
CA SER H 60 13.05 -35.45 10.68
C SER H 60 13.26 -36.21 9.37
N GLY H 61 14.47 -36.73 9.21
CA GLY H 61 14.85 -37.43 8.00
C GLY H 61 14.14 -38.75 7.90
N ILE H 62 13.90 -39.40 9.04
CA ILE H 62 13.35 -40.76 9.05
C ILE H 62 11.91 -40.78 8.55
N GLY H 63 11.15 -39.76 8.93
CA GLY H 63 9.77 -39.60 8.48
C GLY H 63 9.68 -39.44 6.96
N GLY H 64 10.50 -38.55 6.41
CA GLY H 64 10.59 -38.33 4.96
C GLY H 64 11.00 -39.59 4.20
N LEU H 65 12.02 -40.27 4.72
CA LEU H 65 12.41 -41.58 4.21
C LEU H 65 11.22 -42.53 4.13
N ALA H 66 10.46 -42.65 5.23
CA ALA H 66 9.26 -43.49 5.27
C ALA H 66 8.23 -43.11 4.22
N ILE H 67 8.02 -41.81 4.02
CA ILE H 67 7.11 -41.35 2.97
C ILE H 67 7.56 -41.88 1.60
N GLY H 68 8.83 -41.64 1.24
CA GLY H 68 9.34 -42.08 -0.06
C GLY H 68 9.25 -43.58 -0.24
N LEU H 69 9.54 -44.34 0.80
CA LEU H 69 9.42 -45.79 0.77
C LEU H 69 7.97 -46.24 0.59
N ALA H 70 7.02 -45.49 1.16
CA ALA H 70 5.61 -45.79 1.00
C ALA H 70 5.13 -45.51 -0.42
N LEU H 71 5.71 -44.49 -1.05
CA LEU H 71 5.40 -44.17 -2.45
C LEU H 71 5.90 -45.26 -3.40
N GLN H 72 6.83 -46.07 -2.90
CA GLN H 72 7.40 -47.16 -3.67
C GLN H 72 6.83 -48.51 -3.24
N GLY H 73 5.67 -48.47 -2.60
CA GLY H 73 4.90 -49.67 -2.32
C GLY H 73 5.32 -50.43 -1.09
N PHE H 74 6.23 -49.88 -0.29
CA PHE H 74 6.59 -50.55 0.96
C PHE H 74 5.58 -50.21 2.10
N ARG H 75 5.60 -51.04 3.14
CA ARG H 75 4.82 -50.82 4.36
C ARG H 75 5.81 -50.41 5.48
N PRO H 76 6.17 -49.12 5.56
CA PRO H 76 7.24 -48.74 6.48
C PRO H 76 6.84 -48.69 7.95
N VAL H 77 7.71 -49.22 8.81
CA VAL H 77 7.54 -49.18 10.26
C VAL H 77 8.77 -48.55 10.86
N PRO H 78 8.92 -47.21 10.72
CA PRO H 78 10.03 -46.51 11.30
C PRO H 78 9.94 -46.39 12.83
N GLU H 79 11.10 -46.34 13.47
CA GLU H 79 11.18 -46.01 14.88
C GLU H 79 11.76 -44.60 15.05
N ILE H 80 11.00 -43.69 15.64
CA ILE H 80 11.53 -42.38 16.00
C ILE H 80 12.10 -42.38 17.43
N GLN H 81 13.42 -42.57 17.52
CA GLN H 81 14.15 -42.96 18.76
C GLN H 81 13.73 -42.30 20.08
N PHE H 82 13.14 -41.11 19.99
CA PHE H 82 12.44 -40.47 21.12
C PHE H 82 11.44 -39.43 20.63
N PHE H 83 10.38 -39.25 21.43
CA PHE H 83 9.29 -38.38 21.04
C PHE H 83 9.34 -37.01 21.72
N GLY H 84 9.96 -36.98 22.91
CA GLY H 84 10.07 -35.76 23.72
C GLY H 84 10.76 -34.58 23.08
N PHE H 85 11.59 -34.84 22.06
CA PHE H 85 12.26 -33.79 21.29
C PHE H 85 11.90 -33.82 19.79
N VAL H 86 10.85 -34.58 19.47
CA VAL H 86 10.45 -34.81 18.09
C VAL H 86 9.52 -33.72 17.52
N TYR H 87 9.83 -32.46 17.83
CA TYR H 87 9.01 -31.36 17.33
C TYR H 87 9.13 -31.18 15.81
N GLU H 88 10.26 -31.64 15.27
CA GLU H 88 10.61 -31.51 13.85
C GLU H 88 9.94 -32.56 12.94
N VAL H 89 9.69 -33.73 13.51
CA VAL H 89 9.12 -34.86 12.77
C VAL H 89 7.63 -34.65 12.42
N MET H 90 6.95 -33.85 13.23
CA MET H 90 5.55 -33.48 12.98
C MET H 90 5.32 -32.88 11.60
N ASP H 91 6.28 -32.13 11.06
CA ASP H 91 6.11 -31.65 9.68
C ASP H 91 5.92 -32.86 8.76
N SER H 92 6.75 -33.90 8.91
CA SER H 92 6.63 -35.07 8.06
C SER H 92 5.43 -35.95 8.44
N ILE H 93 5.19 -36.13 9.73
CA ILE H 93 4.10 -37.03 10.18
C ILE H 93 2.71 -36.40 9.99
N CYS H 94 2.59 -35.15 10.41
CA CYS H 94 1.32 -34.47 10.42
C CYS H 94 1.16 -33.61 9.19
N GLY H 95 2.24 -32.94 8.79
CA GLY H 95 2.20 -32.03 7.64
C GLY H 95 2.26 -32.77 6.31
N GLN H 96 2.75 -34.01 6.34
CA GLN H 96 2.91 -34.78 5.11
C GLN H 96 2.19 -36.14 5.09
N MET H 97 2.58 -37.08 5.96
CA MET H 97 2.02 -38.45 5.93
C MET H 97 0.53 -38.49 6.06
N ALA H 98 0.04 -37.74 7.04
CA ALA H 98 -1.39 -37.73 7.36
C ALA H 98 -2.21 -37.14 6.23
N ARG H 99 -1.57 -36.41 5.34
CA ARG H 99 -2.28 -35.64 4.33
C ARG H 99 -2.21 -36.18 2.91
N ILE H 100 -1.34 -37.15 2.67
CA ILE H 100 -1.06 -37.64 1.33
C ILE H 100 -2.25 -38.32 0.62
N ARG H 101 -3.00 -39.15 1.33
CA ARG H 101 -4.12 -39.79 0.67
C ARG H 101 -5.14 -38.73 0.26
N TYR H 102 -5.44 -37.82 1.18
CA TYR H 102 -6.33 -36.71 0.90
C TYR H 102 -5.80 -35.87 -0.27
N ARG H 103 -4.54 -35.50 -0.20
CA ARG H 103 -3.92 -34.59 -1.17
C ARG H 103 -3.79 -35.16 -2.58
N THR H 104 -3.85 -36.47 -2.71
CA THR H 104 -3.69 -37.15 -4.01
C THR H 104 -4.99 -37.82 -4.39
N GLY H 105 -6.06 -37.45 -3.68
CA GLY H 105 -7.38 -38.04 -3.88
C GLY H 105 -7.38 -39.55 -3.86
N GLY H 106 -6.53 -40.14 -3.03
CA GLY H 106 -6.43 -41.61 -2.92
C GLY H 106 -5.52 -42.33 -3.91
N ARG H 107 -4.93 -41.59 -4.84
CA ARG H 107 -3.99 -42.17 -5.79
C ARG H 107 -2.76 -42.73 -5.08
N TYR H 108 -2.36 -42.10 -3.98
CA TYR H 108 -1.28 -42.58 -3.13
C TYR H 108 -1.80 -42.74 -1.71
N HIS H 109 -1.12 -43.54 -0.89
CA HIS H 109 -1.47 -43.67 0.54
C HIS H 109 -0.24 -43.99 1.35
N MET H 110 -0.33 -43.85 2.68
CA MET H 110 0.82 -43.99 3.58
C MET H 110 0.58 -45.07 4.62
N PRO H 111 0.83 -46.33 4.24
CA PRO H 111 0.68 -47.44 5.17
C PRO H 111 1.89 -47.50 6.13
N ILE H 112 2.03 -46.45 6.94
CA ILE H 112 3.18 -46.27 7.83
C ILE H 112 2.77 -46.42 9.29
N THR H 113 3.62 -47.11 10.05
CA THR H 113 3.47 -47.19 11.49
C THR H 113 4.67 -46.56 12.19
N ILE H 114 4.45 -45.45 12.89
CA ILE H 114 5.53 -44.82 13.65
C ILE H 114 5.53 -45.30 15.10
N ARG H 115 6.50 -46.16 15.40
CA ARG H 115 6.74 -46.61 16.77
C ARG H 115 7.56 -45.50 17.41
N SER H 116 7.05 -44.95 18.51
CA SER H 116 7.74 -43.87 19.17
C SER H 116 7.74 -44.03 20.68
N PRO H 117 8.86 -44.51 21.27
CA PRO H 117 9.09 -44.52 22.72
C PRO H 117 8.94 -43.17 23.38
N PHE H 118 8.25 -43.13 24.50
CA PHE H 118 8.06 -41.89 25.24
C PHE H 118 7.97 -42.20 26.76
N GLY H 119 7.85 -41.15 27.57
CA GLY H 119 7.51 -41.30 29.00
C GLY H 119 8.67 -41.37 29.99
N GLY H 120 8.34 -41.38 31.28
CA GLY H 120 9.35 -41.43 32.35
C GLY H 120 8.98 -42.21 33.61
N GLY H 121 10.01 -42.48 34.42
CA GLY H 121 9.88 -43.26 35.65
C GLY H 121 10.65 -44.57 35.58
N SER H 129 11.27 -36.74 28.20
CA SER H 129 10.28 -37.60 28.84
C SER H 129 8.81 -37.17 28.61
N ASP H 130 8.55 -36.17 27.77
CA ASP H 130 7.19 -35.56 27.64
C ASP H 130 6.12 -36.36 26.91
N SER H 131 4.90 -36.25 27.42
CA SER H 131 3.71 -36.83 26.81
C SER H 131 3.12 -35.84 25.79
N LEU H 132 3.37 -36.10 24.51
CA LEU H 132 2.99 -35.18 23.41
C LEU H 132 1.89 -35.73 22.50
N GLU H 133 1.19 -36.76 22.99
CA GLU H 133 0.02 -37.32 22.33
C GLU H 133 -1.08 -36.28 22.08
N GLY H 134 -1.14 -35.26 22.93
CA GLY H 134 -2.09 -34.18 22.76
C GLY H 134 -1.93 -33.45 21.44
N LEU H 135 -0.71 -33.41 20.92
CA LEU H 135 -0.39 -32.70 19.67
C LEU H 135 -0.76 -33.50 18.38
N VAL H 136 -0.34 -34.76 18.33
CA VAL H 136 -0.60 -35.62 17.17
C VAL H 136 -2.08 -35.96 17.03
N ALA H 137 -2.78 -35.98 18.16
CA ALA H 137 -4.23 -36.26 18.17
C ALA H 137 -5.05 -35.13 17.55
N GLN H 138 -4.40 -34.00 17.25
CA GLN H 138 -5.11 -32.88 16.61
C GLN H 138 -4.98 -32.89 15.08
N GLN H 139 -4.26 -33.88 14.54
CA GLN H 139 -4.04 -33.96 13.10
C GLN H 139 -5.03 -34.88 12.36
N PRO H 140 -5.93 -34.31 11.54
CA PRO H 140 -6.76 -35.22 10.73
C PRO H 140 -5.89 -36.11 9.83
N GLY H 141 -6.28 -37.38 9.68
CA GLY H 141 -5.58 -38.31 8.76
C GLY H 141 -4.62 -39.26 9.45
N LEU H 142 -4.55 -39.16 10.78
CA LEU H 142 -3.62 -39.90 11.63
C LEU H 142 -4.41 -40.63 12.70
N LYS H 143 -3.96 -41.82 13.09
CA LYS H 143 -4.51 -42.54 14.25
C LYS H 143 -3.41 -42.67 15.32
N VAL H 144 -3.78 -42.53 16.58
CA VAL H 144 -2.82 -42.52 17.70
C VAL H 144 -3.13 -43.62 18.70
N VAL H 145 -2.17 -44.52 18.90
CA VAL H 145 -2.39 -45.71 19.70
C VAL H 145 -1.35 -45.78 20.81
N ILE H 146 -1.82 -46.10 22.01
CA ILE H 146 -0.99 -46.13 23.20
C ILE H 146 -1.34 -47.35 24.04
N PRO H 147 -0.62 -48.47 23.83
CA PRO H 147 -0.88 -49.70 24.58
C PRO H 147 -0.39 -49.58 26.04
N SER H 148 -1.06 -50.29 26.96
CA SER H 148 -0.66 -50.25 28.37
C SER H 148 -0.24 -51.62 28.92
N THR H 149 -0.47 -52.68 28.12
CA THR H 149 -0.16 -54.08 28.51
C THR H 149 0.50 -54.80 27.34
N PRO H 150 1.27 -55.88 27.63
CA PRO H 150 1.84 -56.71 26.57
C PRO H 150 0.82 -57.25 25.58
N TYR H 151 -0.32 -57.71 26.09
CA TYR H 151 -1.34 -58.30 25.24
C TYR H 151 -1.90 -57.25 24.26
N ASP H 152 -2.14 -56.05 24.78
CA ASP H 152 -2.68 -54.98 23.94
C ASP H 152 -1.64 -54.55 22.90
N ALA H 153 -0.39 -54.44 23.34
CA ALA H 153 0.71 -54.00 22.47
C ALA H 153 0.83 -54.79 21.17
N LYS H 154 0.86 -56.12 21.29
CA LYS H 154 1.06 -57.00 20.14
C LYS H 154 -0.08 -56.88 19.15
N GLY H 155 -1.30 -57.07 19.62
CA GLY H 155 -2.48 -57.02 18.76
C GLY H 155 -2.72 -55.65 18.13
N LEU H 156 -2.54 -54.59 18.92
CA LEU H 156 -2.67 -53.22 18.41
C LEU H 156 -1.58 -52.87 17.38
N LEU H 157 -0.38 -53.39 17.56
CA LEU H 157 0.72 -53.13 16.64
C LEU H 157 0.55 -53.87 15.29
N ILE H 158 0.14 -55.13 15.36
CA ILE H 158 -0.18 -55.91 14.17
C ILE H 158 -1.29 -55.21 13.38
N SER H 159 -2.37 -54.83 14.06
CA SER H 159 -3.41 -53.98 13.48
C SER H 159 -2.87 -52.69 12.85
N ALA H 160 -2.01 -51.99 13.61
CA ALA H 160 -1.44 -50.71 13.18
C ALA H 160 -0.62 -50.88 11.90
N ILE H 161 0.19 -51.93 11.85
CA ILE H 161 1.04 -52.19 10.69
C ILE H 161 0.17 -52.50 9.46
N ARG H 162 -0.91 -53.26 9.67
CA ARG H 162 -1.82 -53.65 8.60
C ARG H 162 -2.69 -52.52 8.11
N ASP H 163 -2.81 -51.46 8.92
CA ASP H 163 -3.66 -50.32 8.63
C ASP H 163 -3.04 -49.58 7.46
N ASN H 164 -3.85 -49.21 6.48
CA ASN H 164 -3.32 -48.57 5.28
C ASN H 164 -3.18 -47.05 5.32
N ASP H 165 -3.26 -46.47 6.53
CA ASP H 165 -3.00 -45.03 6.75
C ASP H 165 -2.01 -44.86 7.93
N PRO H 166 -1.44 -43.64 8.15
CA PRO H 166 -0.44 -43.47 9.23
C PRO H 166 -0.98 -43.76 10.64
N VAL H 167 -0.26 -44.58 11.39
CA VAL H 167 -0.58 -44.80 12.79
C VAL H 167 0.63 -44.45 13.66
N ILE H 168 0.43 -43.59 14.67
CA ILE H 168 1.48 -43.29 15.68
C ILE H 168 1.27 -44.24 16.83
N PHE H 169 2.28 -45.03 17.11
CA PHE H 169 2.21 -46.09 18.10
C PHE H 169 3.16 -45.67 19.22
N LEU H 170 2.57 -45.13 20.30
CA LEU H 170 3.37 -44.51 21.38
C LEU H 170 3.69 -45.53 22.46
N GLU H 171 4.98 -45.73 22.73
CA GLU H 171 5.42 -46.80 23.62
C GLU H 171 6.03 -46.22 24.90
N HIS H 172 5.31 -46.31 26.01
CA HIS H 172 5.75 -45.76 27.30
C HIS H 172 6.91 -46.58 27.89
N LEU H 173 8.03 -45.91 28.15
CA LEU H 173 9.27 -46.56 28.65
C LEU H 173 9.09 -47.35 29.93
N LYS H 174 8.32 -46.79 30.87
CA LYS H 174 7.98 -47.48 32.13
C LYS H 174 7.23 -48.80 31.90
N LEU H 175 6.48 -48.89 30.81
CA LEU H 175 5.62 -50.04 30.57
C LEU H 175 6.28 -51.12 29.70
N TYR H 176 7.46 -50.83 29.18
CA TYR H 176 8.22 -51.79 28.40
C TYR H 176 8.44 -53.12 29.12
N ARG H 177 8.76 -53.03 30.42
CA ARG H 177 9.04 -54.22 31.22
C ARG H 177 8.29 -54.23 32.54
N SER H 178 7.29 -53.36 32.67
CA SER H 178 6.57 -53.16 33.94
C SER H 178 5.90 -54.43 34.48
N PHE H 179 5.46 -55.31 33.60
CA PHE H 179 4.97 -56.62 34.02
C PHE H 179 4.87 -57.65 32.90
N ARG H 180 4.97 -58.92 33.28
CA ARG H 180 4.80 -60.02 32.35
C ARG H 180 3.33 -60.46 32.35
N GLN H 181 2.88 -60.96 31.20
CA GLN H 181 1.49 -61.32 31.00
C GLN H 181 1.42 -62.38 29.90
N GLU H 182 0.40 -63.24 29.96
CA GLU H 182 0.18 -64.26 28.96
C GLU H 182 -0.27 -63.62 27.63
N VAL H 183 0.55 -63.81 26.60
CA VAL H 183 0.26 -63.28 25.28
C VAL H 183 0.24 -64.45 24.31
N PRO H 184 -0.92 -64.71 23.66
CA PRO H 184 -1.04 -65.76 22.64
C PRO H 184 0.11 -65.70 21.63
N GLU H 185 0.67 -66.86 21.31
CA GLU H 185 1.68 -66.95 20.26
C GLU H 185 0.96 -66.82 18.91
N GLY H 186 1.70 -66.51 17.85
CA GLY H 186 1.04 -66.37 16.54
C GLY H 186 0.18 -65.12 16.47
N GLU H 187 -0.34 -64.81 15.28
CA GLU H 187 -1.00 -63.54 15.07
C GLU H 187 -2.43 -63.47 15.59
N TYR H 188 -2.76 -62.29 16.11
CA TYR H 188 -4.11 -61.91 16.44
C TYR H 188 -4.14 -60.39 16.34
N THR H 189 -5.33 -59.82 16.20
CA THR H 189 -5.44 -58.39 16.10
C THR H 189 -6.39 -57.88 17.15
N ILE H 190 -6.17 -56.62 17.52
CA ILE H 190 -7.12 -55.85 18.32
C ILE H 190 -7.46 -54.66 17.45
N PRO H 191 -8.76 -54.31 17.33
CA PRO H 191 -9.09 -53.19 16.46
C PRO H 191 -8.56 -51.86 16.98
N ILE H 192 -8.22 -50.96 16.05
CA ILE H 192 -7.91 -49.59 16.39
C ILE H 192 -9.20 -48.79 16.58
N GLY H 193 -9.25 -47.98 17.64
CA GLY H 193 -10.41 -47.16 17.95
C GLY H 193 -11.33 -47.78 18.98
N LYS H 194 -10.83 -48.79 19.67
CA LYS H 194 -11.65 -49.65 20.55
C LYS H 194 -11.04 -49.73 21.95
N ALA H 195 -11.80 -49.27 22.94
CA ALA H 195 -11.37 -49.30 24.36
C ALA H 195 -11.70 -50.65 24.99
N ASP H 196 -11.22 -50.90 26.22
CA ASP H 196 -11.70 -52.06 26.96
C ASP H 196 -11.75 -51.82 28.46
N ILE H 197 -12.72 -52.49 29.08
CA ILE H 197 -12.95 -52.42 30.50
C ILE H 197 -11.90 -53.29 31.18
N LYS H 198 -10.98 -52.64 31.90
CA LYS H 198 -9.91 -53.35 32.56
C LYS H 198 -10.37 -53.85 33.94
N ARG H 199 -11.36 -53.17 34.49
CA ARG H 199 -12.01 -53.57 35.72
C ARG H 199 -13.45 -53.13 35.66
N GLU H 200 -14.37 -54.03 36.00
CA GLU H 200 -15.81 -53.75 35.99
C GLU H 200 -16.21 -52.98 37.25
N GLY H 201 -17.20 -52.11 37.13
CA GLY H 201 -17.63 -51.31 38.28
C GLY H 201 -18.93 -50.59 38.07
N LYS H 202 -19.46 -49.99 39.14
CA LYS H 202 -20.83 -49.49 39.15
C LYS H 202 -20.98 -48.04 39.63
N ASP H 203 -19.98 -47.53 40.34
CA ASP H 203 -20.16 -46.24 41.00
C ASP H 203 -19.53 -45.04 40.27
N ILE H 204 -18.45 -45.30 39.55
CA ILE H 204 -17.66 -44.24 38.90
C ILE H 204 -16.83 -44.84 37.76
N THR H 205 -16.87 -44.16 36.61
CA THR H 205 -16.04 -44.51 35.47
C THR H 205 -14.71 -43.75 35.58
N ILE H 206 -13.61 -44.50 35.48
CA ILE H 206 -12.28 -43.91 35.45
C ILE H 206 -11.66 -44.20 34.08
N ILE H 207 -11.47 -43.14 33.30
CA ILE H 207 -10.98 -43.24 31.93
C ILE H 207 -9.49 -42.91 31.89
N ALA H 208 -8.69 -43.87 31.46
CA ALA H 208 -7.25 -43.73 31.48
C ALA H 208 -6.59 -44.26 30.21
N TYR H 209 -5.30 -43.93 30.03
CA TYR H 209 -4.44 -44.52 29.03
C TYR H 209 -2.96 -44.47 29.44
N GLY H 210 -2.11 -45.23 28.75
CA GLY H 210 -0.67 -45.20 28.97
C GLY H 210 -0.38 -45.73 30.36
N ALA H 211 0.55 -45.08 31.07
CA ALA H 211 0.96 -45.51 32.41
C ALA H 211 -0.08 -45.26 33.51
N MET H 212 -1.12 -44.50 33.17
CA MET H 212 -2.21 -44.19 34.10
C MET H 212 -3.31 -45.26 34.18
N VAL H 213 -3.25 -46.29 33.33
CA VAL H 213 -4.15 -47.43 33.48
C VAL H 213 -3.80 -48.19 34.75
N HIS H 214 -2.51 -48.50 34.94
CA HIS H 214 -2.05 -49.15 36.16
C HIS H 214 -2.34 -48.32 37.40
N GLU H 215 -2.07 -47.02 37.34
CA GLU H 215 -2.38 -46.11 38.45
C GLU H 215 -3.85 -46.13 38.79
N SER H 216 -4.71 -46.24 37.77
CA SER H 216 -6.14 -46.27 37.97
C SER H 216 -6.62 -47.59 38.57
N LEU H 217 -6.04 -48.69 38.12
CA LEU H 217 -6.36 -50.01 38.67
C LEU H 217 -5.89 -50.16 40.12
N LYS H 218 -4.75 -49.57 40.43
CA LYS H 218 -4.22 -49.55 41.80
C LYS H 218 -5.12 -48.71 42.67
N ALA H 219 -5.52 -47.54 42.14
CA ALA H 219 -6.51 -46.68 42.78
C ALA H 219 -7.86 -47.38 43.03
N ALA H 220 -8.33 -48.14 42.03
CA ALA H 220 -9.65 -48.80 42.10
C ALA H 220 -9.70 -49.95 43.12
N ALA H 221 -8.55 -50.53 43.44
CA ALA H 221 -8.44 -51.55 44.48
C ALA H 221 -8.52 -50.93 45.89
N GLU H 222 -7.91 -49.75 46.06
CA GLU H 222 -8.00 -49.03 47.33
C GLU H 222 -9.38 -48.41 47.54
N LEU H 223 -10.02 -47.95 46.45
CA LEU H 223 -11.40 -47.42 46.54
C LEU H 223 -12.42 -48.52 46.83
N GLU H 224 -12.11 -49.75 46.42
CA GLU H 224 -12.89 -50.93 46.79
C GLU H 224 -12.97 -51.07 48.32
N LYS H 225 -11.79 -51.12 48.96
CA LYS H 225 -11.67 -51.16 50.43
C LYS H 225 -12.51 -50.09 51.16
N GLU H 226 -12.95 -49.07 50.41
CA GLU H 226 -13.74 -47.95 50.94
C GLU H 226 -15.19 -47.96 50.45
N GLY H 227 -15.63 -49.04 49.82
CA GLY H 227 -17.02 -49.14 49.36
C GLY H 227 -17.35 -48.33 48.12
N ILE H 228 -16.33 -48.06 47.29
CA ILE H 228 -16.53 -47.37 46.00
C ILE H 228 -16.11 -48.29 44.88
N SER H 229 -17.05 -48.60 43.99
CA SER H 229 -16.77 -49.51 42.90
C SER H 229 -16.45 -48.74 41.60
N ALA H 230 -15.17 -48.72 41.23
CA ALA H 230 -14.75 -48.01 40.03
C ALA H 230 -14.62 -48.92 38.83
N GLU H 231 -15.16 -48.46 37.72
CA GLU H 231 -14.94 -49.08 36.42
C GLU H 231 -13.79 -48.41 35.67
N VAL H 232 -12.72 -49.16 35.42
CA VAL H 232 -11.54 -48.64 34.73
C VAL H 232 -11.56 -48.97 33.24
N VAL H 233 -11.63 -47.92 32.43
CA VAL H 233 -11.64 -48.01 30.98
C VAL H 233 -10.27 -47.63 30.44
N ASP H 234 -9.58 -48.58 29.79
CA ASP H 234 -8.36 -48.27 29.03
C ASP H 234 -8.75 -47.80 27.64
N LEU H 235 -8.39 -46.56 27.32
CA LEU H 235 -8.72 -46.02 26.00
C LEU H 235 -8.10 -46.84 24.89
N ARG H 236 -6.82 -47.17 25.06
CA ARG H 236 -6.01 -47.91 24.09
C ARG H 236 -5.66 -47.07 22.88
N THR H 237 -6.69 -46.54 22.22
CA THR H 237 -6.50 -45.64 21.08
C THR H 237 -7.03 -44.31 21.55
N VAL H 238 -6.22 -43.26 21.44
CA VAL H 238 -6.66 -41.95 21.92
C VAL H 238 -7.23 -41.07 20.84
N GLN H 239 -6.93 -41.43 19.60
CA GLN H 239 -7.57 -40.80 18.43
C GLN H 239 -7.65 -41.82 17.27
N PRO H 240 -8.87 -42.27 16.92
CA PRO H 240 -10.18 -41.85 17.44
C PRO H 240 -10.51 -42.53 18.76
N LEU H 241 -11.35 -41.87 19.55
CA LEU H 241 -11.85 -42.44 20.77
C LEU H 241 -12.94 -43.47 20.51
N ASP H 242 -13.03 -44.45 21.41
CA ASP H 242 -14.10 -45.44 21.39
C ASP H 242 -15.24 -44.84 22.17
N ILE H 243 -16.02 -44.00 21.50
CA ILE H 243 -17.17 -43.31 22.06
C ILE H 243 -18.19 -44.26 22.71
N GLU H 244 -18.53 -45.36 22.03
CA GLU H 244 -19.54 -46.30 22.53
C GLU H 244 -19.20 -46.91 23.89
N THR H 245 -17.94 -47.31 24.09
CA THR H 245 -17.48 -47.87 25.37
C THR H 245 -17.46 -46.81 26.47
N ILE H 246 -16.92 -45.64 26.13
CA ILE H 246 -16.87 -44.51 27.07
C ILE H 246 -18.28 -44.10 27.50
N ILE H 247 -19.16 -43.80 26.55
CA ILE H 247 -20.51 -43.37 26.87
C ILE H 247 -21.29 -44.49 27.59
N GLY H 248 -21.14 -45.72 27.12
CA GLY H 248 -21.78 -46.86 27.78
C GLY H 248 -21.44 -47.02 29.25
N SER H 249 -20.16 -46.85 29.58
CA SER H 249 -19.74 -46.92 30.97
C SER H 249 -20.29 -45.77 31.82
N VAL H 250 -20.34 -44.56 31.25
CA VAL H 250 -20.78 -43.37 32.00
C VAL H 250 -22.30 -43.40 32.23
N GLU H 251 -23.03 -43.98 31.28
CA GLU H 251 -24.49 -44.10 31.37
C GLU H 251 -24.88 -45.05 32.51
N LYS H 252 -24.08 -46.08 32.72
CA LYS H 252 -24.23 -46.98 33.87
C LYS H 252 -23.93 -46.27 35.19
N THR H 253 -22.71 -45.76 35.32
CA THR H 253 -22.19 -45.26 36.59
C THR H 253 -22.72 -43.88 36.97
N GLY H 254 -22.94 -43.02 35.98
CA GLY H 254 -23.39 -41.63 36.21
C GLY H 254 -22.29 -40.71 36.72
N ARG H 255 -21.07 -41.23 36.83
CA ARG H 255 -19.92 -40.47 37.34
C ARG H 255 -18.67 -40.84 36.57
N ALA H 256 -17.78 -39.87 36.35
CA ALA H 256 -16.54 -40.11 35.60
C ALA H 256 -15.39 -39.16 35.94
N ILE H 257 -14.18 -39.69 35.85
CA ILE H 257 -12.96 -38.88 35.85
C ILE H 257 -12.10 -39.37 34.69
N VAL H 258 -11.23 -38.48 34.21
CA VAL H 258 -10.33 -38.80 33.11
C VAL H 258 -8.93 -38.56 33.64
N VAL H 259 -8.03 -39.50 33.38
CA VAL H 259 -6.73 -39.55 34.04
C VAL H 259 -5.60 -39.56 33.00
N GLN H 260 -4.73 -38.56 33.05
CA GLN H 260 -3.58 -38.53 32.14
C GLN H 260 -2.35 -38.11 32.91
N GLU H 261 -1.21 -38.50 32.37
CA GLU H 261 0.10 -38.18 32.92
C GLU H 261 0.60 -36.81 32.41
N ALA H 262 0.11 -36.40 31.23
CA ALA H 262 0.47 -35.13 30.62
C ALA H 262 -0.05 -33.96 31.44
N GLN H 263 0.55 -32.78 31.24
CA GLN H 263 0.10 -31.55 31.86
C GLN H 263 -1.37 -31.32 31.55
N ARG H 264 -2.04 -30.61 32.45
CA ARG H 264 -3.47 -30.38 32.32
C ARG H 264 -3.85 -29.63 31.04
N GLN H 265 -2.95 -28.83 30.47
CA GLN H 265 -3.29 -28.10 29.24
C GLN H 265 -2.95 -28.91 27.99
N ALA H 266 -2.35 -30.07 28.21
CA ALA H 266 -1.83 -30.97 27.20
C ALA H 266 -2.64 -32.28 27.22
N GLY H 267 -2.13 -33.35 26.61
CA GLY H 267 -2.84 -34.63 26.59
C GLY H 267 -4.19 -34.56 25.90
N ILE H 268 -5.07 -35.52 26.18
CA ILE H 268 -6.36 -35.61 25.50
C ILE H 268 -7.58 -35.66 26.43
N ALA H 269 -7.35 -35.43 27.73
CA ALA H 269 -8.44 -35.50 28.72
C ALA H 269 -9.57 -34.51 28.49
N ALA H 270 -9.25 -33.29 28.03
CA ALA H 270 -10.27 -32.31 27.66
C ALA H 270 -11.21 -32.79 26.53
N ASN H 271 -10.67 -33.53 25.54
CA ASN H 271 -11.49 -34.07 24.45
C ASN H 271 -12.49 -35.08 25.00
N VAL H 272 -12.01 -35.97 25.87
CA VAL H 272 -12.85 -36.98 26.50
C VAL H 272 -13.98 -36.35 27.31
N VAL H 273 -13.66 -35.36 28.13
CA VAL H 273 -14.66 -34.65 28.93
C VAL H 273 -15.70 -33.99 28.03
N ALA H 274 -15.20 -33.25 27.04
CA ALA H 274 -16.06 -32.59 26.05
C ALA H 274 -17.06 -33.55 25.41
N GLU H 275 -16.61 -34.76 25.03
CA GLU H 275 -17.49 -35.76 24.40
C GLU H 275 -18.53 -36.37 25.35
N ILE H 276 -18.10 -36.67 26.58
CA ILE H 276 -19.02 -37.11 27.64
C ILE H 276 -20.14 -36.09 27.86
N ASN H 277 -19.79 -34.85 28.18
CA ASN H 277 -20.74 -33.72 28.27
C ASN H 277 -21.66 -33.59 27.07
N GLU H 278 -21.16 -33.96 25.90
CA GLU H 278 -21.93 -33.79 24.68
C GLU H 278 -22.98 -34.89 24.56
N ARG H 279 -22.59 -36.10 24.92
CA ARG H 279 -23.37 -37.28 24.60
C ARG H 279 -24.07 -37.91 25.80
N ALA H 280 -23.62 -37.60 27.01
CA ALA H 280 -24.14 -38.25 28.22
C ALA H 280 -24.34 -37.31 29.41
N ILE H 281 -24.69 -36.05 29.16
CA ILE H 281 -24.90 -35.10 30.26
C ILE H 281 -26.13 -35.46 31.10
N LEU H 282 -27.13 -36.06 30.45
CA LEU H 282 -28.37 -36.49 31.12
C LEU H 282 -28.18 -37.69 32.04
N SER H 283 -26.97 -38.28 32.07
CA SER H 283 -26.65 -39.37 33.00
C SER H 283 -25.72 -38.92 34.13
N LEU H 284 -25.26 -37.67 34.07
CA LEU H 284 -24.25 -37.23 35.03
C LEU H 284 -24.84 -36.77 36.36
N GLU H 285 -24.21 -37.25 37.44
CA GLU H 285 -24.58 -36.92 38.81
C GLU H 285 -23.62 -35.88 39.32
N ALA H 286 -22.49 -35.75 38.62
CA ALA H 286 -21.36 -34.90 39.03
C ALA H 286 -20.56 -34.45 37.80
N PRO H 287 -19.87 -33.30 37.88
CA PRO H 287 -18.96 -32.91 36.79
C PRO H 287 -17.88 -33.96 36.56
N VAL H 288 -17.49 -34.17 35.29
CA VAL H 288 -16.36 -35.07 34.98
C VAL H 288 -15.07 -34.33 35.27
N LEU H 289 -14.29 -34.85 36.21
CA LEU H 289 -13.07 -34.16 36.62
C LEU H 289 -11.87 -34.84 35.99
N ARG H 290 -10.73 -34.17 36.06
CA ARG H 290 -9.51 -34.64 35.40
C ARG H 290 -8.36 -34.75 36.36
N VAL H 291 -7.60 -35.84 36.24
CA VAL H 291 -6.33 -35.99 36.92
C VAL H 291 -5.26 -35.71 35.86
N ALA H 292 -4.35 -34.80 36.18
CA ALA H 292 -3.35 -34.34 35.23
C ALA H 292 -2.17 -33.74 35.97
N ALA H 293 -1.05 -33.69 35.30
CA ALA H 293 0.13 -33.04 35.79
C ALA H 293 -0.01 -31.50 35.88
N PRO H 294 0.75 -30.85 36.77
CA PRO H 294 0.76 -29.39 36.83
C PRO H 294 1.13 -28.80 35.49
N ASP H 295 0.66 -27.58 35.22
CA ASP H 295 0.96 -26.94 33.95
C ASP H 295 2.34 -26.27 33.90
N THR H 296 3.38 -27.10 34.07
CA THR H 296 4.76 -26.63 34.02
C THR H 296 5.52 -27.46 32.98
N VAL H 297 6.75 -27.05 32.67
CA VAL H 297 7.68 -27.87 31.89
C VAL H 297 7.91 -29.17 32.68
N TYR H 298 8.19 -30.27 31.97
CA TYR H 298 8.44 -31.56 32.60
C TYR H 298 9.48 -31.40 33.72
N PRO H 299 9.24 -32.03 34.89
CA PRO H 299 10.07 -31.77 36.06
C PRO H 299 11.52 -32.18 35.88
N PHE H 300 12.42 -31.37 36.40
CA PHE H 300 13.80 -31.79 36.70
C PHE H 300 13.74 -33.16 37.40
N ALA H 301 14.69 -34.05 37.08
CA ALA H 301 14.55 -35.46 37.44
C ALA H 301 14.22 -35.68 38.92
N GLN H 302 14.91 -34.94 39.79
CA GLN H 302 14.78 -35.12 41.24
C GLN H 302 13.35 -34.87 41.71
N ALA H 303 12.59 -34.06 40.95
CA ALA H 303 11.22 -33.69 41.33
C ALA H 303 10.12 -34.51 40.63
N GLU H 304 10.50 -35.55 39.90
CA GLU H 304 9.55 -36.38 39.14
C GLU H 304 8.43 -36.95 39.99
N SER H 305 8.79 -37.51 41.14
CA SER H 305 7.87 -38.32 41.96
C SER H 305 6.75 -37.51 42.61
N VAL H 306 7.04 -36.25 42.91
CA VAL H 306 6.04 -35.32 43.46
C VAL H 306 5.19 -34.60 42.40
N TRP H 307 5.68 -34.56 41.17
CA TRP H 307 4.99 -33.85 40.06
C TRP H 307 3.99 -34.74 39.29
N LEU H 308 4.45 -35.94 38.91
CA LEU H 308 3.67 -36.90 38.14
C LEU H 308 2.44 -37.39 38.87
N PRO H 309 1.27 -37.43 38.18
CA PRO H 309 0.07 -37.98 38.80
C PRO H 309 0.27 -39.46 39.11
N ASN H 310 -0.36 -39.94 40.18
CA ASN H 310 -0.35 -41.36 40.51
C ASN H 310 -1.67 -41.85 41.09
N PHE H 311 -1.68 -43.07 41.61
CA PHE H 311 -2.91 -43.69 42.14
C PHE H 311 -3.56 -42.87 43.26
N LYS H 312 -2.74 -42.18 44.04
CA LYS H 312 -3.22 -41.37 45.14
C LYS H 312 -3.99 -40.17 44.65
N ASP H 313 -3.50 -39.57 43.55
CA ASP H 313 -4.24 -38.49 42.89
C ASP H 313 -5.57 -38.99 42.34
N VAL H 314 -5.57 -40.17 41.71
CA VAL H 314 -6.80 -40.78 41.20
C VAL H 314 -7.82 -41.04 42.32
N ILE H 315 -7.38 -41.71 43.40
CA ILE H 315 -8.19 -41.94 44.61
C ILE H 315 -8.87 -40.64 45.06
N GLU H 316 -8.05 -39.60 45.24
CA GLU H 316 -8.52 -38.31 45.75
C GLU H 316 -9.56 -37.61 44.86
N THR H 317 -9.37 -37.67 43.53
CA THR H 317 -10.28 -37.00 42.60
C THR H 317 -11.57 -37.79 42.40
N ALA H 318 -11.46 -39.12 42.43
CA ALA H 318 -12.62 -40.01 42.39
C ALA H 318 -13.52 -39.76 43.61
N LYS H 319 -12.90 -39.63 44.78
CA LYS H 319 -13.65 -39.26 46.00
C LYS H 319 -14.30 -37.88 45.90
N LYS H 320 -13.56 -36.89 45.40
CA LYS H 320 -14.14 -35.56 45.18
C LYS H 320 -15.40 -35.70 44.31
N VAL H 321 -15.34 -36.59 43.31
CA VAL H 321 -16.46 -36.83 42.41
C VAL H 321 -17.61 -37.54 43.13
N MET H 322 -17.30 -38.63 43.83
CA MET H 322 -18.29 -39.37 44.66
C MET H 322 -19.03 -38.48 45.67
N ASN H 323 -18.32 -37.51 46.25
CA ASN H 323 -18.89 -36.63 47.27
C ASN H 323 -19.46 -35.34 46.73
N PHE H 324 -19.44 -35.17 45.41
CA PHE H 324 -19.95 -33.93 44.81
C PHE H 324 -21.31 -33.62 45.36
N ARG I 6 30.35 37.21 -44.68
CA ARG I 6 29.76 37.40 -43.33
C ARG I 6 30.41 36.46 -42.30
N VAL I 7 31.15 37.04 -41.36
CA VAL I 7 31.92 36.26 -40.38
C VAL I 7 31.04 35.49 -39.37
N ILE I 8 31.54 34.33 -38.94
CA ILE I 8 30.93 33.57 -37.86
C ILE I 8 31.96 33.31 -36.75
N ALA I 9 31.62 33.72 -35.52
CA ALA I 9 32.50 33.58 -34.38
C ALA I 9 31.73 33.69 -33.07
N MET I 10 31.97 32.71 -32.21
CA MET I 10 31.41 32.67 -30.86
C MET I 10 31.75 33.96 -30.11
N PRO I 11 30.85 34.40 -29.22
CA PRO I 11 31.00 35.62 -28.41
C PRO I 11 32.36 35.78 -27.73
N SER I 12 32.91 34.70 -27.20
CA SER I 12 34.17 34.76 -26.45
C SER I 12 35.33 35.18 -27.34
N VAL I 13 35.22 34.85 -28.64
CA VAL I 13 36.18 35.18 -29.71
C VAL I 13 36.03 36.64 -30.16
N ARG I 14 34.83 36.98 -30.65
CA ARG I 14 34.46 38.37 -30.99
C ARG I 14 34.89 39.39 -29.93
N LYS I 15 34.73 39.00 -28.66
CA LYS I 15 35.16 39.80 -27.52
C LYS I 15 36.66 39.78 -27.30
N TYR I 16 37.28 38.62 -27.52
CA TYR I 16 38.72 38.46 -27.36
C TYR I 16 39.39 39.33 -28.41
N ALA I 17 38.81 39.31 -29.60
CA ALA I 17 39.25 40.14 -30.71
C ALA I 17 39.13 41.63 -30.37
N ARG I 18 37.90 42.09 -30.09
CA ARG I 18 37.64 43.50 -29.83
C ARG I 18 38.59 44.13 -28.80
N GLU I 19 38.76 43.48 -27.65
CA GLU I 19 39.59 44.03 -26.56
C GLU I 19 41.08 44.07 -26.91
N LYS I 20 41.46 43.33 -27.95
CA LYS I 20 42.84 43.25 -28.40
C LYS I 20 43.03 43.96 -29.74
N GLY I 21 42.05 44.79 -30.10
CA GLY I 21 42.12 45.66 -31.28
C GLY I 21 42.18 44.93 -32.60
N VAL I 22 41.62 43.72 -32.65
CA VAL I 22 41.65 42.88 -33.84
C VAL I 22 40.31 42.92 -34.59
N ASP I 23 40.37 43.33 -35.86
CA ASP I 23 39.20 43.30 -36.74
C ASP I 23 39.00 41.87 -37.25
N ILE I 24 37.88 41.27 -36.87
CA ILE I 24 37.56 39.87 -37.14
C ILE I 24 37.37 39.60 -38.63
N ARG I 25 36.82 40.59 -39.34
CA ARG I 25 36.57 40.49 -40.78
C ARG I 25 37.86 40.24 -41.57
N LEU I 26 38.97 40.72 -41.00
CA LEU I 26 40.29 40.51 -41.59
C LEU I 26 40.86 39.13 -41.30
N VAL I 27 40.58 38.58 -40.12
CA VAL I 27 41.19 37.32 -39.67
C VAL I 27 40.60 36.08 -40.36
N GLN I 28 41.48 35.30 -40.97
CA GLN I 28 41.14 34.01 -41.59
C GLN I 28 40.79 32.99 -40.50
N GLY I 29 39.65 32.31 -40.66
CA GLY I 29 39.15 31.40 -39.65
C GLY I 29 39.42 29.94 -39.97
N THR I 30 39.96 29.22 -38.99
CA THR I 30 40.33 27.81 -39.19
C THR I 30 39.27 26.82 -38.72
N GLY I 31 38.33 27.28 -37.89
CA GLY I 31 37.23 26.45 -37.40
C GLY I 31 36.26 26.02 -38.48
N LYS I 32 35.33 25.15 -38.11
CA LYS I 32 34.36 24.55 -39.04
C LYS I 32 33.54 25.60 -39.81
N ASN I 33 33.36 25.34 -41.11
CA ASN I 33 32.66 26.24 -42.05
C ASN I 33 33.20 27.69 -42.14
N GLY I 34 34.45 27.87 -41.73
CA GLY I 34 35.10 29.17 -41.73
C GLY I 34 35.16 29.87 -40.38
N ARG I 35 34.57 29.26 -39.35
CA ARG I 35 34.52 29.85 -38.00
C ARG I 35 35.85 30.43 -37.56
N VAL I 36 35.80 31.67 -37.08
CA VAL I 36 37.00 32.28 -36.56
C VAL I 36 37.18 31.79 -35.13
N LEU I 37 38.28 31.07 -34.91
CA LEU I 37 38.61 30.53 -33.60
C LEU I 37 39.45 31.50 -32.80
N LYS I 38 39.63 31.23 -31.51
CA LYS I 38 40.36 32.14 -30.62
C LYS I 38 41.87 32.16 -30.90
N GLU I 39 42.45 30.99 -31.19
CA GLU I 39 43.89 30.92 -31.44
C GLU I 39 44.26 31.43 -32.85
N ASP I 40 43.23 31.70 -33.67
CA ASP I 40 43.38 32.40 -34.95
C ASP I 40 43.56 33.92 -34.76
N ILE I 41 42.93 34.47 -33.72
CA ILE I 41 43.11 35.87 -33.34
C ILE I 41 44.55 36.05 -32.86
N ASP I 42 45.01 35.09 -32.07
CA ASP I 42 46.41 34.99 -31.63
C ASP I 42 47.39 34.76 -32.79
N ALA I 43 46.98 33.96 -33.78
CA ALA I 43 47.79 33.70 -34.98
C ALA I 43 47.92 34.94 -35.87
N PHE I 44 46.83 35.69 -35.99
CA PHE I 44 46.83 36.99 -36.67
C PHE I 44 47.71 37.96 -35.90
N LEU I 45 47.55 37.98 -34.57
CA LEU I 45 48.39 38.80 -33.71
C LEU I 45 49.81 38.23 -33.64
N ARG J 6 -30.87 -18.24 42.74
CA ARG J 6 -29.79 -19.09 42.17
C ARG J 6 -29.94 -20.56 42.62
N VAL J 7 -30.54 -21.36 41.73
CA VAL J 7 -30.71 -22.80 41.96
C VAL J 7 -29.56 -23.64 41.38
N ILE J 8 -29.23 -24.73 42.09
CA ILE J 8 -28.23 -25.70 41.62
C ILE J 8 -28.83 -27.11 41.46
N ALA J 9 -28.73 -27.66 40.25
CA ALA J 9 -29.21 -29.00 39.92
C ALA J 9 -28.55 -29.54 38.65
N MET J 10 -28.07 -30.78 38.73
CA MET J 10 -27.42 -31.48 37.63
C MET J 10 -28.32 -31.60 36.41
N PRO J 11 -27.72 -31.53 35.21
CA PRO J 11 -28.49 -31.23 34.01
C PRO J 11 -29.62 -32.22 33.69
N SER J 12 -29.53 -33.44 34.23
CA SER J 12 -30.55 -34.44 34.01
C SER J 12 -31.70 -34.30 35.00
N VAL J 13 -31.46 -33.56 36.08
CA VAL J 13 -32.50 -33.14 37.03
C VAL J 13 -33.30 -32.00 36.39
N ARG J 14 -32.57 -31.05 35.79
CA ARG J 14 -33.15 -29.91 35.06
C ARG J 14 -33.89 -30.35 33.82
N LYS J 15 -33.48 -31.46 33.22
CA LYS J 15 -34.13 -31.97 32.03
C LYS J 15 -35.33 -32.82 32.40
N TYR J 16 -35.26 -33.50 33.54
CA TYR J 16 -36.37 -34.29 34.06
C TYR J 16 -37.49 -33.34 34.46
N ALA J 17 -37.14 -32.29 35.21
CA ALA J 17 -38.09 -31.22 35.54
C ALA J 17 -38.68 -30.50 34.32
N ARG J 18 -37.95 -30.48 33.20
CA ARG J 18 -38.42 -29.80 32.00
C ARG J 18 -39.46 -30.62 31.22
N GLU J 19 -39.09 -31.86 30.84
CA GLU J 19 -39.96 -32.76 30.06
C GLU J 19 -41.34 -32.95 30.69
N LYS J 20 -41.38 -32.89 32.02
CA LYS J 20 -42.57 -33.19 32.78
C LYS J 20 -43.33 -31.94 33.23
N GLY J 21 -42.83 -30.77 32.85
CA GLY J 21 -43.51 -29.48 33.09
C GLY J 21 -43.42 -28.92 34.49
N VAL J 22 -42.37 -29.28 35.24
CA VAL J 22 -42.16 -28.79 36.60
C VAL J 22 -41.27 -27.54 36.60
N ASP J 23 -41.50 -26.67 37.58
CA ASP J 23 -40.68 -25.48 37.76
C ASP J 23 -39.71 -25.68 38.91
N ILE J 24 -38.43 -25.82 38.57
CA ILE J 24 -37.34 -26.11 39.53
C ILE J 24 -37.21 -25.03 40.61
N ARG J 25 -37.57 -23.80 40.26
CA ARG J 25 -37.60 -22.68 41.19
C ARG J 25 -38.59 -22.92 42.34
N LEU J 26 -39.60 -23.76 42.08
CA LEU J 26 -40.62 -24.14 43.07
C LEU J 26 -40.20 -25.31 43.97
N VAL J 27 -39.36 -26.20 43.43
CA VAL J 27 -38.95 -27.43 44.14
C VAL J 27 -37.88 -27.18 45.22
N GLN J 28 -38.09 -27.77 46.41
CA GLN J 28 -37.14 -27.68 47.53
C GLN J 28 -36.10 -28.82 47.49
N GLY J 29 -34.85 -28.43 47.31
CA GLY J 29 -33.78 -29.40 47.12
C GLY J 29 -33.27 -30.03 48.40
N THR J 30 -33.08 -31.35 48.37
CA THR J 30 -32.62 -32.07 49.54
C THR J 30 -31.16 -32.53 49.41
N GLY J 31 -30.48 -32.03 48.38
CA GLY J 31 -29.06 -32.35 48.15
C GLY J 31 -28.11 -31.38 48.82
N LYS J 32 -26.82 -31.68 48.75
CA LYS J 32 -25.77 -30.86 49.36
C LYS J 32 -25.87 -29.39 48.96
N ASN J 33 -25.88 -28.50 49.96
CA ASN J 33 -26.03 -27.05 49.77
C ASN J 33 -27.33 -26.58 49.09
N GLY J 34 -28.38 -27.39 49.21
CA GLY J 34 -29.68 -27.06 48.66
C GLY J 34 -29.94 -27.61 47.27
N ARG J 35 -29.02 -28.44 46.77
CA ARG J 35 -29.12 -29.01 45.43
C ARG J 35 -30.41 -29.79 45.24
N VAL J 36 -30.98 -29.67 44.03
CA VAL J 36 -32.29 -30.22 43.72
C VAL J 36 -32.09 -31.58 43.09
N LEU J 37 -32.74 -32.59 43.68
CA LEU J 37 -32.49 -33.99 43.29
C LEU J 37 -33.64 -34.57 42.47
N LYS J 38 -33.34 -35.62 41.73
CA LYS J 38 -34.31 -36.32 40.86
C LYS J 38 -35.64 -36.67 41.56
N GLU J 39 -35.57 -37.21 42.78
CA GLU J 39 -36.78 -37.61 43.50
C GLU J 39 -37.40 -36.50 44.38
N ASP J 40 -36.77 -35.32 44.38
CA ASP J 40 -37.37 -34.07 44.88
C ASP J 40 -38.36 -33.50 43.87
N ILE J 41 -38.10 -33.75 42.59
CA ILE J 41 -39.02 -33.41 41.51
C ILE J 41 -40.22 -34.36 41.56
N ASP J 42 -39.93 -35.62 41.90
CA ASP J 42 -40.95 -36.67 42.03
C ASP J 42 -41.84 -36.50 43.27
N ALA J 43 -41.22 -36.16 44.39
CA ALA J 43 -41.96 -35.77 45.59
C ALA J 43 -42.83 -34.54 45.34
N PHE J 44 -42.34 -33.61 44.52
CA PHE J 44 -43.10 -32.43 44.12
C PHE J 44 -44.32 -32.81 43.30
N LEU J 45 -44.15 -33.78 42.40
CA LEU J 45 -45.25 -34.26 41.57
C LEU J 45 -46.22 -35.15 42.36
N ALA J 46 -45.87 -35.44 43.62
CA ALA J 46 -46.71 -36.23 44.53
C ALA J 46 -47.30 -35.36 45.64
N GLY J 47 -48.10 -34.36 45.25
CA GLY J 47 -48.77 -33.46 46.18
C GLY J 47 -47.87 -32.40 46.79
N GLY J 48 -47.68 -32.37 48.01
MG MG K . -19.78 7.65 -7.89
N1' TPP L . -10.69 15.98 -10.69
C2' TPP L . -11.06 16.26 -11.96
CM2 TPP L . -11.42 17.67 -12.34
N3' TPP L . -11.11 15.28 -12.91
C4' TPP L . -10.79 14.01 -12.61
N4' TPP L . -10.86 13.02 -13.62
C5' TPP L . -10.39 13.68 -11.20
C6' TPP L . -10.36 14.74 -10.29
C7' TPP L . -9.99 12.28 -10.74
N3 TPP L . -11.14 11.39 -10.63
C2 TPP L . -11.42 10.46 -11.59
S1 TPP L . -12.78 9.50 -11.28
C5 TPP L . -13.04 10.33 -9.83
C4 TPP L . -12.00 11.38 -9.60
CM4 TPP L . -11.94 12.28 -8.39
C6 TPP L . -14.26 9.88 -9.04
C7 TPP L . -15.50 10.54 -9.64
O7 TPP L . -16.66 10.08 -8.97
PA TPP L . -18.05 10.26 -9.56
O1A TPP L . -19.03 9.88 -8.49
O2A TPP L . -18.27 11.70 -9.98
O3A TPP L . -18.22 9.35 -10.78
PB TPP L . -17.98 7.83 -10.79
O1B TPP L . -16.51 7.62 -11.10
O2B TPP L . -18.32 7.16 -9.50
O3B TPP L . -18.81 7.19 -11.87
MG MG M . -25.59 43.71 -8.64
N1' TPP N . -15.32 38.77 -13.40
C2' TPP N . -14.63 38.54 -12.26
CM2 TPP N . -14.34 37.13 -11.83
N3' TPP N . -14.19 39.56 -11.49
C4' TPP N . -14.42 40.84 -11.82
N4' TPP N . -13.94 41.87 -11.01
C5' TPP N . -15.18 41.12 -13.08
C6' TPP N . -15.60 40.01 -13.82
C7' TPP N . -15.49 42.54 -13.54
N3 TPP N . -16.69 43.04 -12.85
C2 TPP N . -16.60 43.92 -11.81
S1 TPP N . -18.08 44.37 -11.11
C5 TPP N . -18.91 43.38 -12.19
C4 TPP N . -17.97 42.68 -13.12
CM4 TPP N . -18.46 41.74 -14.22
C6 TPP N . -20.42 43.39 -11.99
C7 TPP N . -20.66 42.58 -10.71
O7 TPP N . -22.02 42.66 -10.30
PA TPP N . -22.56 42.06 -9.00
O1A TPP N . -21.99 40.67 -8.80
O2A TPP N . -24.06 41.95 -9.16
O3A TPP N . -22.21 42.95 -7.81
PB TPP N . -22.46 44.47 -7.73
O1B TPP N . -22.65 44.84 -6.26
O2B TPP N . -23.67 44.88 -8.54
O3B TPP N . -21.28 45.24 -8.28
MG MG O . 31.04 -36.47 19.57
N1' TPP P . 18.68 -36.82 18.64
C2' TPP P . 18.27 -35.92 19.54
CM2 TPP P . 17.71 -34.60 19.07
N3' TPP P . 18.35 -36.16 20.86
C4' TPP P . 18.85 -37.33 21.32
N4' TPP P . 18.92 -37.56 22.70
C5' TPP P . 19.31 -38.34 20.33
C6' TPP P . 19.19 -38.02 18.98
C7' TPP P . 19.89 -39.67 20.76
N3 TPP P . 21.35 -39.52 20.93
C2 TPP P . 21.88 -38.85 21.98
S1 TPP P . 23.56 -38.77 22.03
C5 TPP P . 23.64 -39.67 20.61
C4 TPP P . 22.28 -40.03 20.11
CM4 TPP P . 22.02 -40.83 18.85
C6 TPP P . 25.04 -39.97 20.11
C7 TPP P . 25.50 -38.84 19.19
O7 TPP P . 26.38 -37.96 19.90
PA TPP P . 27.07 -36.81 19.22
O1A TPP P . 27.85 -37.32 18.03
O2A TPP P . 26.04 -35.82 18.76
O3A TPP P . 28.02 -36.10 20.15
PB TPP P . 28.98 -36.86 21.04
O1B TPP P . 29.67 -37.96 20.26
O2B TPP P . 28.24 -37.45 22.21
O3B TPP P . 30.02 -35.89 21.57
MG MG Q . 14.40 -16.90 -6.19
N1' TPP R . 6.40 -21.72 4.14
C2' TPP R . 6.28 -22.93 3.56
CM2 TPP R . 6.45 -24.15 4.42
N3' TPP R . 6.02 -23.07 2.25
C4' TPP R . 5.86 -21.99 1.46
N4' TPP R . 5.58 -22.15 0.10
C5' TPP R . 5.99 -20.64 2.08
C6' TPP R . 6.27 -20.58 3.44
C7' TPP R . 5.82 -19.35 1.29
N3 TPP R . 6.91 -19.12 0.33
C2 TPP R . 6.73 -19.29 -0.99
S1 TPP R . 8.07 -18.96 -1.97
C5 TPP R . 8.97 -18.56 -0.60
C4 TPP R . 8.16 -18.69 0.64
CM4 TPP R . 8.70 -18.40 2.02
C6 TPP R . 10.41 -18.13 -0.82
C7 TPP R . 10.87 -18.26 -2.27
O7 TPP R . 12.07 -19.03 -2.34
PA TPP R . 12.49 -19.78 -3.58
O1A TPP R . 12.87 -21.18 -3.18
O2A TPP R . 13.69 -19.09 -4.16
O3A TPP R . 11.34 -19.85 -4.58
PB TPP R . 11.44 -19.94 -6.10
O1B TPP R . 12.87 -20.12 -6.55
O2B TPP R . 10.89 -18.68 -6.70
O3B TPP R . 10.64 -21.12 -6.60
#